data_7THO
#
_entry.id   7THO
#
_cell.length_a   260.340
_cell.length_b   145.040
_cell.length_c   104.870
_cell.angle_alpha   90.000
_cell.angle_beta   90.000
_cell.angle_gamma   90.000
#
_symmetry.space_group_name_H-M   'P 21 21 2'
#
loop_
_entity.id
_entity.type
_entity.pdbx_description
1 polymer 'Integrin alpha-IIb'
2 polymer 'Integrin beta-3'
3 polymer 'Fab heavy chain'
4 polymer 'Fab light chain'
5 polymer Eptifibatide
6 branched beta-D-mannopyranose-(1-3)-beta-D-mannopyranose-(1-4)-2-acetamido-2-deoxy-beta-D-glucopyranose-(1-4)-2-acetamido-2-deoxy-beta-D-glucopyranose
7 branched 2-acetamido-2-deoxy-beta-D-glucopyranose-(1-4)-2-acetamido-2-deoxy-beta-D-glucopyranose
8 branched beta-D-mannopyranose-(1-4)-2-acetamido-2-deoxy-beta-D-glucopyranose-(1-4)-2-acetamido-2-deoxy-beta-D-glucopyranose
9 non-polymer 'CALCIUM ION'
10 non-polymer 'SULFATE ION'
11 non-polymer 'MAGNESIUM ION'
12 non-polymer 2-acetamido-2-deoxy-beta-D-glucopyranose
13 water water
#
loop_
_entity_poly.entity_id
_entity_poly.type
_entity_poly.pdbx_seq_one_letter_code
_entity_poly.pdbx_strand_id
1 'polypeptide(L)'
;LNLDPVQLTFYAGPNGSQFGFSLDFHKDSHGRVAIVVGAPRTLGPSQEETGGVFLCPWRAEGGQCPSLLFDLRDETRNVG
SQTLQTFKARQGLGASVVSWSDVIVACAPWQHWNVLEKTEEAEKTPVGSCFLAQPESGRRAEYSPCRGNTLSRIYVENDF
SWDKRYCEAGFSSVVTQAGELVLGAPGGYYFLGLLAQAPVADIFSSYRPGILLWHVSSQSLSFDSSNPEYFDGYWGYSVA
VGEFDGDLNTTEYVVGAPTWSWTLGAVEILDSYYQRLHRLRGEQMASYFGHSVAVTDVNGDGRHDLLVGAPLYMESRADR
KLAEVGRVYLFLQPRGPHALGAPSLLLTGTQLYGRFGSAIAPLGDLDRDGYNDIAVAAPYGGPSGRGQVLVFLGQSEGLR
SRPSQVLDSPFPTGSAFGFSLRGAVDIDDNGYPDLIVGAYGANQVAVYRAQPVV
;
A,C
2 'polypeptide(L)'
;GPNICTTRGVSSCQQCLAVSPMCAWCSDEALPLGSPRCDLKENLLKDNCAPESIEFPVSEARVLEDRPLSDKGSGDSSQV
TQVSPQRIALRLRPDDSKNFSIQVRQVEDYPVDIYYLMDLSYSMKDDLWSIQNLGTKLATQMRKLTSNLRIGFGAFVDKP
VSPYMYISPPEALENPCYDMKTTCLPMFGYKHVLTLTDQVTRFNEEVKKQSVSRNRDAPEGGFDAIMQATVCDEKIGWRN
DASHLLVFTTDAKTHIALDGRLAGIVQPNDGQCHVGSDNHYSASTTMDYPSLGLMTEKLSQKNINLIFAVTENVVNLYQN
YSELIPGTTVGVLSMDSSNVLQLIVDAYGKIRSKVELEVRDLPEELSLSFNATCLNNEVIPGLKSCMGLKIGDTVSFSIE
AKVRGCPQEKEKSFTIKPVGFKDSLIVQVTFDCDCACQAQAEPNSHRCNNGNGTFECGVCRCGPGWLGSQC
;
B,D
3 'polypeptide(L)'
;EVQLQQSGAELVKPGASVKLSCTASGFNIKDTYVHWVKQRPEQGLEWIGRIDPANGYTKYDPKFQGKATITADTSSNTAY
LQLSSLTSEDTAVYYCVRPLYDYYAMDYWGQGTSVTVSSAKTTAPSVYPLAPVCTGSSVTLGCLVKGYFPEPVTLTWNSG
SLSSGVHTFPAVLQSDLYTLSSSVTVTSSTWPSQSITCNVAHPASSTKVDKKIEPR
;
E,H
4 'polypeptide(L)'
;DILMTQSPSSMSVSLGDTVSITCHASQGISSNIGWLQQKPGKSFMGLIYYGTNLVDGVPSRFSGSGSGADYSLTISSLDS
EDFADYYCVQYAQLPYTFGGGTKLEIKRADAAPTVSIFPPSSEQLTSGGASVVCFLNNFYPKDINVKWKIDGSERQNGVL
NSWTDQDSKDSTYSMSSTLTLTKDEYERHNSYTCEATHKTSTSPIVKSFNRNEC
;
F,L
5 'polypeptide(L)' (MPT)(HRG)GDWPC(NH2) M,N
#
# COMPACT_ATOMS: atom_id res chain seq x y z
N LEU A 1 -16.07 -36.63 -26.67
CA LEU A 1 -16.59 -37.99 -26.60
C LEU A 1 -16.76 -38.60 -27.98
N ASN A 2 -17.53 -37.93 -28.83
CA ASN A 2 -17.96 -38.49 -30.11
C ASN A 2 -17.35 -37.77 -31.31
N LEU A 3 -16.11 -37.30 -31.18
CA LEU A 3 -15.38 -36.84 -32.35
C LEU A 3 -14.72 -38.03 -33.02
N ASP A 4 -14.72 -38.03 -34.36
CA ASP A 4 -14.25 -39.17 -35.13
C ASP A 4 -12.75 -39.05 -35.36
N PRO A 5 -11.92 -39.86 -34.69
CA PRO A 5 -10.47 -39.78 -34.90
C PRO A 5 -9.93 -40.74 -35.95
N VAL A 6 -10.79 -41.45 -36.67
CA VAL A 6 -10.35 -42.39 -37.70
C VAL A 6 -10.27 -41.71 -39.06
N GLN A 7 -11.32 -41.01 -39.46
CA GLN A 7 -11.42 -40.38 -40.78
C GLN A 7 -11.32 -38.87 -40.61
N LEU A 8 -10.10 -38.38 -40.55
CA LEU A 8 -9.85 -36.95 -40.46
C LEU A 8 -9.80 -36.34 -41.85
N THR A 9 -9.75 -35.00 -41.89
CA THR A 9 -9.59 -34.26 -43.12
C THR A 9 -8.44 -33.28 -42.93
N PHE A 10 -7.52 -33.25 -43.90
CA PHE A 10 -6.29 -32.48 -43.77
C PHE A 10 -6.24 -31.40 -44.85
N TYR A 11 -6.03 -30.16 -44.42
CA TYR A 11 -5.69 -29.04 -45.30
C TYR A 11 -4.23 -28.68 -45.08
N ALA A 12 -3.54 -28.32 -46.15
CA ALA A 12 -2.11 -28.06 -46.08
C ALA A 12 -1.74 -26.84 -46.91
N GLY A 13 -0.72 -26.13 -46.46
CA GLY A 13 -0.22 -24.98 -47.16
C GLY A 13 1.25 -25.12 -47.52
N PRO A 14 1.86 -24.03 -47.96
CA PRO A 14 3.26 -24.10 -48.38
C PRO A 14 4.19 -24.43 -47.22
N ASN A 15 5.35 -24.97 -47.57
CA ASN A 15 6.34 -25.35 -46.57
C ASN A 15 6.94 -24.12 -45.92
N GLY A 16 6.99 -24.11 -44.60
CA GLY A 16 7.57 -23.01 -43.86
C GLY A 16 6.72 -21.77 -43.75
N SER A 17 5.43 -21.85 -44.08
CA SER A 17 4.54 -20.70 -44.01
C SER A 17 3.79 -20.60 -42.69
N GLN A 18 3.90 -21.61 -41.82
CA GLN A 18 3.14 -21.67 -40.58
C GLN A 18 1.64 -21.62 -40.85
N PHE A 19 1.22 -22.31 -41.92
CA PHE A 19 -0.19 -22.53 -42.21
C PHE A 19 -0.85 -23.25 -41.05
N GLY A 20 -1.88 -22.63 -40.48
CA GLY A 20 -2.54 -23.17 -39.32
C GLY A 20 -2.18 -22.53 -38.00
N PHE A 21 -1.35 -21.48 -38.02
CA PHE A 21 -1.09 -20.71 -36.81
C PHE A 21 -2.37 -20.16 -36.20
N SER A 22 -3.34 -19.81 -37.05
CA SER A 22 -4.65 -19.32 -36.62
C SER A 22 -5.69 -19.78 -37.64
N LEU A 23 -6.90 -20.00 -37.17
CA LEU A 23 -7.97 -20.50 -38.03
C LEU A 23 -9.31 -20.07 -37.47
N ASP A 24 -10.35 -20.25 -38.28
CA ASP A 24 -11.72 -19.96 -37.88
C ASP A 24 -12.67 -20.47 -38.95
N PHE A 25 -13.90 -20.76 -38.54
CA PHE A 25 -14.97 -21.06 -39.47
C PHE A 25 -15.49 -19.77 -40.10
N HIS A 26 -15.89 -19.87 -41.37
CA HIS A 26 -16.40 -18.73 -42.12
C HIS A 26 -17.67 -19.14 -42.87
N LYS A 27 -18.70 -18.29 -42.77
CA LYS A 27 -19.97 -18.52 -43.44
C LYS A 27 -20.21 -17.40 -44.45
N ASP A 28 -20.34 -17.76 -45.72
CA ASP A 28 -20.68 -16.75 -46.72
C ASP A 28 -22.16 -16.37 -46.59
N SER A 29 -22.60 -15.44 -47.44
CA SER A 29 -23.98 -14.96 -47.35
C SER A 29 -25.00 -16.06 -47.60
N HIS A 30 -24.59 -17.19 -48.18
CA HIS A 30 -25.48 -18.32 -48.41
C HIS A 30 -25.50 -19.30 -47.24
N GLY A 31 -24.62 -19.14 -46.25
CA GLY A 31 -24.51 -20.07 -45.16
C GLY A 31 -23.52 -21.19 -45.36
N ARG A 32 -22.85 -21.23 -46.51
CA ARG A 32 -21.85 -22.26 -46.78
C ARG A 32 -20.65 -22.05 -45.86
N VAL A 33 -20.30 -23.08 -45.08
CA VAL A 33 -19.23 -22.98 -44.10
C VAL A 33 -17.91 -23.33 -44.76
N ALA A 34 -16.92 -22.44 -44.62
CA ALA A 34 -15.56 -22.66 -45.06
C ALA A 34 -14.62 -22.47 -43.86
N ILE A 35 -13.33 -22.62 -44.11
CA ILE A 35 -12.30 -22.47 -43.07
C ILE A 35 -11.32 -21.41 -43.54
N VAL A 36 -11.17 -20.35 -42.74
CA VAL A 36 -10.14 -19.34 -42.97
C VAL A 36 -8.93 -19.70 -42.14
N VAL A 37 -7.76 -19.72 -42.77
CA VAL A 37 -6.51 -20.15 -42.14
C VAL A 37 -5.45 -19.08 -42.37
N GLY A 38 -4.76 -18.69 -41.31
CA GLY A 38 -3.66 -17.74 -41.39
C GLY A 38 -2.32 -18.46 -41.46
N ALA A 39 -1.43 -17.93 -42.30
CA ALA A 39 -0.09 -18.48 -42.49
C ALA A 39 0.90 -17.33 -42.41
N PRO A 40 1.32 -16.96 -41.20
CA PRO A 40 2.05 -15.68 -41.02
C PRO A 40 3.45 -15.66 -41.60
N ARG A 41 4.02 -16.79 -42.01
CA ARG A 41 5.35 -16.79 -42.62
C ARG A 41 5.29 -17.16 -44.09
N THR A 42 4.15 -16.93 -44.74
CA THR A 42 4.05 -17.13 -46.18
C THR A 42 4.91 -16.11 -46.91
N LEU A 43 5.54 -16.54 -48.00
CA LEU A 43 6.35 -15.65 -48.81
C LEU A 43 5.47 -14.63 -49.54
N GLY A 44 6.01 -13.43 -49.71
CA GLY A 44 5.31 -12.36 -50.39
C GLY A 44 5.81 -12.13 -51.79
N PRO A 45 5.73 -10.88 -52.26
CA PRO A 45 6.15 -10.58 -53.63
C PRO A 45 7.66 -10.42 -53.76
N SER A 46 8.29 -9.87 -52.73
CA SER A 46 9.74 -9.69 -52.69
C SER A 46 10.48 -10.97 -52.29
N GLN A 47 9.82 -12.13 -52.37
CA GLN A 47 10.36 -13.40 -51.87
C GLN A 47 10.78 -13.26 -50.40
N GLU A 48 10.06 -12.42 -49.67
CA GLU A 48 10.32 -12.13 -48.28
C GLU A 48 9.08 -12.45 -47.46
N GLU A 49 9.27 -13.05 -46.29
CA GLU A 49 8.15 -13.43 -45.45
C GLU A 49 7.28 -12.22 -45.14
N THR A 50 6.01 -12.28 -45.56
CA THR A 50 5.02 -11.29 -45.18
C THR A 50 3.78 -11.87 -44.54
N GLY A 51 3.50 -13.16 -44.70
CA GLY A 51 2.27 -13.75 -44.22
C GLY A 51 1.24 -13.85 -45.34
N GLY A 52 0.16 -14.56 -45.02
CA GLY A 52 -0.90 -14.75 -45.99
C GLY A 52 -2.05 -15.50 -45.36
N VAL A 53 -3.20 -15.40 -46.01
CA VAL A 53 -4.44 -15.98 -45.53
C VAL A 53 -5.01 -16.89 -46.61
N PHE A 54 -5.63 -17.99 -46.20
CA PHE A 54 -6.23 -18.95 -47.10
C PHE A 54 -7.67 -19.19 -46.69
N LEU A 55 -8.55 -19.38 -47.68
CA LEU A 55 -9.97 -19.61 -47.46
C LEU A 55 -10.31 -20.99 -48.01
N CYS A 56 -10.41 -21.97 -47.11
CA CYS A 56 -10.53 -23.36 -47.50
C CYS A 56 -12.00 -23.74 -47.63
N PRO A 57 -12.46 -24.20 -48.80
CA PRO A 57 -13.81 -24.75 -48.89
C PRO A 57 -13.86 -26.12 -48.23
N TRP A 58 -15.06 -26.48 -47.76
CA TRP A 58 -15.23 -27.75 -47.07
C TRP A 58 -15.24 -28.90 -48.07
N ARG A 59 -14.28 -29.82 -47.91
CA ARG A 59 -14.19 -31.03 -48.72
C ARG A 59 -13.73 -32.15 -47.81
N ALA A 60 -14.40 -33.31 -47.88
CA ALA A 60 -14.09 -34.41 -46.98
C ALA A 60 -12.64 -34.86 -47.10
N GLU A 61 -12.06 -34.76 -48.30
CA GLU A 61 -10.66 -35.13 -48.47
C GLU A 61 -9.70 -33.97 -48.19
N GLY A 62 -10.18 -32.74 -48.26
CA GLY A 62 -9.36 -31.59 -47.94
C GLY A 62 -8.47 -31.13 -49.08
N GLY A 63 -7.15 -31.15 -48.86
CA GLY A 63 -6.22 -30.78 -49.90
C GLY A 63 -5.66 -29.38 -49.72
N GLN A 64 -5.49 -28.66 -50.82
CA GLN A 64 -4.93 -27.31 -50.80
C GLN A 64 -6.01 -26.27 -51.01
N CYS A 65 -5.73 -25.06 -50.53
CA CYS A 65 -6.75 -24.02 -50.48
C CYS A 65 -6.34 -22.81 -51.32
N PRO A 66 -7.32 -22.08 -51.86
CA PRO A 66 -7.02 -20.83 -52.54
C PRO A 66 -6.72 -19.73 -51.54
N SER A 67 -5.90 -18.77 -51.98
CA SER A 67 -5.49 -17.69 -51.12
C SER A 67 -6.53 -16.57 -51.11
N LEU A 68 -6.61 -15.88 -49.98
CA LEU A 68 -7.38 -14.64 -49.85
C LEU A 68 -6.38 -13.50 -49.99
N LEU A 69 -6.35 -12.90 -51.18
CA LEU A 69 -5.28 -11.99 -51.53
C LEU A 69 -5.40 -10.65 -50.79
N PHE A 70 -4.25 -10.11 -50.37
CA PHE A 70 -4.18 -8.80 -49.74
C PHE A 70 -2.98 -8.05 -50.31
N ASP A 71 -3.04 -6.73 -50.19
CA ASP A 71 -1.94 -5.88 -50.66
C ASP A 71 -0.72 -6.07 -49.76
N LEU A 72 0.41 -6.47 -50.36
CA LEU A 72 1.63 -6.74 -49.61
C LEU A 72 2.75 -5.78 -49.99
N ARG A 73 2.43 -4.65 -50.60
CA ARG A 73 3.42 -3.67 -51.01
C ARG A 73 3.60 -2.61 -49.94
N ASP A 74 4.85 -2.26 -49.65
CA ASP A 74 5.12 -1.16 -48.72
C ASP A 74 4.60 0.14 -49.30
N GLU A 75 4.02 0.98 -48.44
CA GLU A 75 3.37 2.20 -48.85
C GLU A 75 4.13 3.41 -48.34
N THR A 76 4.04 4.51 -49.09
CA THR A 76 4.71 5.76 -48.73
C THR A 76 3.83 6.92 -49.18
N ARG A 77 3.64 7.91 -48.30
CA ARG A 77 2.82 9.07 -48.61
C ARG A 77 3.50 10.31 -48.05
N ASN A 78 3.76 11.29 -48.92
CA ASN A 78 4.37 12.56 -48.53
C ASN A 78 3.26 13.59 -48.43
N VAL A 79 2.87 13.90 -47.19
CA VAL A 79 1.72 14.77 -46.93
C VAL A 79 2.00 15.56 -45.66
N GLY A 80 1.52 16.80 -45.64
CA GLY A 80 1.66 17.64 -44.46
C GLY A 80 3.10 17.88 -44.04
N SER A 81 4.00 17.99 -45.02
CA SER A 81 5.43 18.15 -44.77
C SER A 81 6.00 16.99 -43.95
N GLN A 82 5.37 15.82 -44.07
CA GLN A 82 5.83 14.61 -43.41
C GLN A 82 5.84 13.47 -44.42
N THR A 83 6.50 12.37 -44.05
CA THR A 83 6.59 11.18 -44.88
C THR A 83 6.12 9.98 -44.07
N LEU A 84 5.03 9.36 -44.51
CA LEU A 84 4.48 8.19 -43.85
C LEU A 84 5.01 6.93 -44.51
N GLN A 85 5.30 5.91 -43.69
CA GLN A 85 5.94 4.69 -44.16
C GLN A 85 5.30 3.48 -43.50
N THR A 86 4.92 2.50 -44.31
CA THR A 86 4.44 1.21 -43.82
C THR A 86 5.38 0.12 -44.33
N PHE A 87 5.80 -0.76 -43.43
CA PHE A 87 6.73 -1.84 -43.75
C PHE A 87 6.03 -3.17 -43.46
N LYS A 88 5.78 -3.94 -44.50
CA LYS A 88 5.07 -5.21 -44.37
C LYS A 88 5.98 -6.43 -44.31
N ALA A 89 7.28 -6.24 -44.45
CA ALA A 89 8.21 -7.36 -44.35
C ALA A 89 8.17 -7.95 -42.95
N ARG A 90 7.99 -9.28 -42.88
N ARG A 90 8.00 -9.28 -42.87
CA ARG A 90 7.94 -10.02 -41.62
CA ARG A 90 7.93 -10.01 -41.61
C ARG A 90 6.81 -9.51 -40.71
C ARG A 90 6.82 -9.49 -40.71
N GLN A 91 5.72 -9.02 -41.31
CA GLN A 91 4.59 -8.52 -40.54
C GLN A 91 3.75 -9.64 -39.95
N GLY A 92 3.88 -10.86 -40.45
CA GLY A 92 3.12 -11.97 -39.93
C GLY A 92 1.63 -11.90 -40.20
N LEU A 93 1.24 -11.44 -41.40
CA LEU A 93 -0.17 -11.39 -41.77
C LEU A 93 -0.78 -12.78 -41.65
N GLY A 94 -1.87 -12.88 -40.89
CA GLY A 94 -2.47 -14.15 -40.57
C GLY A 94 -2.06 -14.74 -39.24
N ALA A 95 -1.33 -13.99 -38.40
CA ALA A 95 -1.06 -14.44 -37.04
C ALA A 95 -2.31 -14.47 -36.17
N SER A 96 -3.41 -13.91 -36.65
CA SER A 96 -4.71 -14.05 -36.03
C SER A 96 -5.76 -13.80 -37.09
N VAL A 97 -6.78 -14.65 -37.14
CA VAL A 97 -7.90 -14.48 -38.06
C VAL A 97 -9.20 -14.70 -37.29
N VAL A 98 -10.23 -13.97 -37.70
CA VAL A 98 -11.55 -14.09 -37.10
C VAL A 98 -12.57 -13.75 -38.17
N SER A 99 -13.71 -14.44 -38.12
CA SER A 99 -14.77 -14.28 -39.11
C SER A 99 -16.03 -13.81 -38.42
N TRP A 100 -16.73 -12.89 -39.08
CA TRP A 100 -18.01 -12.39 -38.61
C TRP A 100 -18.87 -12.05 -39.82
N SER A 101 -20.09 -12.58 -39.82
CA SER A 101 -21.04 -12.43 -40.94
C SER A 101 -20.34 -12.96 -42.20
N ASP A 102 -20.26 -12.20 -43.28
CA ASP A 102 -19.54 -12.60 -44.49
C ASP A 102 -18.25 -11.79 -44.64
N VAL A 103 -17.59 -11.50 -43.52
CA VAL A 103 -16.38 -10.69 -43.48
C VAL A 103 -15.30 -11.44 -42.73
N ILE A 104 -14.09 -11.41 -43.28
CA ILE A 104 -12.92 -12.05 -42.67
C ILE A 104 -11.96 -10.96 -42.23
N VAL A 105 -11.50 -11.05 -40.98
CA VAL A 105 -10.56 -10.10 -40.42
C VAL A 105 -9.25 -10.84 -40.14
N ALA A 106 -8.21 -10.49 -40.88
CA ALA A 106 -6.88 -11.06 -40.72
C ALA A 106 -5.91 -9.94 -40.36
N CYS A 107 -5.04 -10.22 -39.38
CA CYS A 107 -4.21 -9.18 -38.78
C CYS A 107 -2.74 -9.53 -38.88
N ALA A 108 -1.91 -8.51 -39.12
CA ALA A 108 -0.46 -8.61 -39.15
C ALA A 108 0.10 -7.86 -37.95
N PRO A 109 0.26 -8.52 -36.80
CA PRO A 109 0.61 -7.77 -35.57
C PRO A 109 1.99 -7.14 -35.60
N TRP A 110 2.91 -7.60 -36.45
CA TRP A 110 4.26 -7.06 -36.48
C TRP A 110 4.53 -6.22 -37.73
N GLN A 111 3.49 -5.69 -38.37
CA GLN A 111 3.70 -4.72 -39.44
C GLN A 111 4.25 -3.44 -38.83
N HIS A 112 5.27 -2.89 -39.48
CA HIS A 112 5.99 -1.74 -38.94
C HIS A 112 5.54 -0.44 -39.59
N TRP A 113 5.87 0.65 -38.92
CA TRP A 113 5.37 1.98 -39.27
C TRP A 113 6.40 3.01 -38.86
N ASN A 114 6.45 4.12 -39.60
CA ASN A 114 7.38 5.19 -39.28
C ASN A 114 6.92 6.47 -39.96
N VAL A 115 7.26 7.60 -39.35
CA VAL A 115 6.95 8.92 -39.88
C VAL A 115 8.22 9.75 -39.84
N LEU A 116 8.58 10.34 -40.98
CA LEU A 116 9.77 11.15 -41.11
C LEU A 116 9.38 12.61 -41.29
N GLU A 117 10.13 13.50 -40.64
CA GLU A 117 9.94 14.95 -40.76
C GLU A 117 11.32 15.59 -40.73
N LYS A 118 11.83 15.94 -41.90
CA LYS A 118 13.18 16.47 -42.07
C LYS A 118 14.22 15.51 -41.50
N THR A 119 14.88 15.92 -40.41
CA THR A 119 15.93 15.10 -39.80
C THR A 119 15.41 14.20 -38.68
N GLU A 120 14.15 14.35 -38.28
CA GLU A 120 13.59 13.58 -37.19
C GLU A 120 12.68 12.47 -37.70
N GLU A 121 12.26 11.61 -36.78
CA GLU A 121 11.38 10.50 -37.11
C GLU A 121 10.51 10.17 -35.91
N ALA A 122 9.55 9.27 -36.13
CA ALA A 122 8.70 8.75 -35.07
C ALA A 122 9.20 7.43 -34.49
N GLU A 123 10.24 6.85 -35.10
CA GLU A 123 10.83 5.54 -34.81
C GLU A 123 10.07 4.41 -35.52
N LYS A 124 10.79 3.61 -36.29
CA LYS A 124 10.24 2.47 -37.02
C LYS A 124 9.84 1.39 -36.03
N THR A 125 8.56 1.20 -35.80
CA THR A 125 8.07 0.38 -34.70
C THR A 125 6.89 -0.46 -35.15
N PRO A 126 6.62 -1.59 -34.47
CA PRO A 126 5.51 -2.45 -34.89
C PRO A 126 4.16 -2.02 -34.34
N VAL A 127 3.45 -1.13 -35.04
CA VAL A 127 2.10 -0.77 -34.61
C VAL A 127 1.07 -1.84 -34.97
N GLY A 128 1.42 -2.76 -35.86
CA GLY A 128 0.48 -3.75 -36.32
C GLY A 128 -0.58 -3.15 -37.24
N SER A 129 -1.43 -4.03 -37.76
CA SER A 129 -2.52 -3.64 -38.65
C SER A 129 -3.40 -4.86 -38.86
N CYS A 130 -4.64 -4.61 -39.29
CA CYS A 130 -5.56 -5.68 -39.64
C CYS A 130 -6.13 -5.41 -41.02
N PHE A 131 -6.26 -6.48 -41.80
CA PHE A 131 -6.78 -6.44 -43.16
C PHE A 131 -8.16 -7.08 -43.16
N LEU A 132 -9.16 -6.32 -43.60
CA LEU A 132 -10.54 -6.79 -43.65
C LEU A 132 -10.94 -7.07 -45.10
N ALA A 133 -11.67 -8.15 -45.31
CA ALA A 133 -12.08 -8.54 -46.65
C ALA A 133 -13.50 -9.06 -46.63
N GLN A 134 -14.19 -8.92 -47.76
CA GLN A 134 -15.51 -9.49 -48.00
C GLN A 134 -15.38 -10.37 -49.23
N PRO A 135 -15.11 -11.67 -49.05
CA PRO A 135 -14.74 -12.52 -50.20
C PRO A 135 -15.69 -12.47 -51.39
N GLU A 136 -16.99 -12.49 -51.14
CA GLU A 136 -17.95 -12.59 -52.25
C GLU A 136 -17.92 -11.33 -53.11
N SER A 137 -17.92 -10.16 -52.48
CA SER A 137 -17.93 -8.91 -53.23
C SER A 137 -16.55 -8.42 -53.62
N GLY A 138 -15.51 -8.85 -52.90
CA GLY A 138 -14.15 -8.39 -53.17
C GLY A 138 -13.76 -7.13 -52.44
N ARG A 139 -14.63 -6.57 -51.60
CA ARG A 139 -14.31 -5.35 -50.87
C ARG A 139 -13.13 -5.57 -49.94
N ARG A 140 -12.29 -4.55 -49.80
CA ARG A 140 -11.13 -4.59 -48.92
C ARG A 140 -11.10 -3.34 -48.05
N ALA A 141 -10.54 -3.49 -46.85
CA ALA A 141 -10.37 -2.37 -45.94
C ALA A 141 -9.28 -2.73 -44.94
N GLU A 142 -8.76 -1.69 -44.27
CA GLU A 142 -7.70 -1.85 -43.29
C GLU A 142 -8.05 -1.09 -42.02
N TYR A 143 -7.36 -1.44 -40.93
CA TYR A 143 -7.58 -0.81 -39.64
C TYR A 143 -6.31 -0.93 -38.82
N SER A 144 -5.69 0.20 -38.51
CA SER A 144 -4.42 0.24 -37.78
C SER A 144 -4.48 1.40 -36.80
N PRO A 145 -5.16 1.22 -35.67
CA PRO A 145 -5.49 2.35 -34.79
C PRO A 145 -4.32 2.92 -34.01
N CYS A 146 -3.13 2.30 -34.06
CA CYS A 146 -2.01 2.77 -33.29
C CYS A 146 -1.01 3.57 -34.10
N ARG A 147 -1.22 3.72 -35.40
CA ARG A 147 -0.39 4.60 -36.20
C ARG A 147 -0.57 6.04 -35.72
N GLY A 148 0.56 6.76 -35.63
CA GLY A 148 0.55 8.16 -35.25
C GLY A 148 1.55 8.94 -36.08
N ASN A 149 1.52 10.26 -35.89
CA ASN A 149 2.44 11.15 -36.60
C ASN A 149 3.20 12.04 -35.62
N THR A 150 3.42 11.55 -34.41
CA THR A 150 4.16 12.28 -33.39
C THR A 150 5.64 11.91 -33.45
N LEU A 151 6.50 12.93 -33.54
CA LEU A 151 7.93 12.69 -33.64
C LEU A 151 8.47 12.12 -32.33
N SER A 152 9.60 11.41 -32.43
CA SER A 152 10.17 10.73 -31.28
C SER A 152 10.51 11.72 -30.16
N ARG A 153 10.92 12.93 -30.52
CA ARG A 153 11.30 13.92 -29.51
C ARG A 153 10.14 14.22 -28.56
N ILE A 154 8.91 14.21 -29.07
CA ILE A 154 7.76 14.58 -28.24
C ILE A 154 7.51 13.53 -27.17
N TYR A 155 7.53 12.24 -27.56
CA TYR A 155 7.35 11.18 -26.58
C TYR A 155 8.39 11.26 -25.46
N VAL A 156 9.61 11.67 -25.78
CA VAL A 156 10.68 11.75 -24.79
C VAL A 156 10.46 12.95 -23.87
N GLU A 157 10.15 14.11 -24.45
CA GLU A 157 9.88 15.31 -23.67
C GLU A 157 8.60 15.19 -22.86
N ASN A 158 8.23 13.98 -22.44
CA ASN A 158 6.85 13.74 -22.02
C ASN A 158 6.68 12.47 -21.20
N ASP A 159 7.78 11.76 -20.94
CA ASP A 159 7.78 10.55 -20.11
C ASP A 159 6.98 9.41 -20.76
N PHE A 160 6.95 9.36 -22.10
CA PHE A 160 6.41 8.22 -22.84
C PHE A 160 4.97 7.91 -22.45
N SER A 161 4.14 8.96 -22.39
CA SER A 161 2.73 8.80 -22.10
C SER A 161 1.96 8.59 -23.39
N TRP A 162 0.98 7.68 -23.34
CA TRP A 162 0.11 7.38 -24.48
C TRP A 162 0.92 6.97 -25.70
N ASP A 163 1.92 6.11 -25.48
CA ASP A 163 2.86 5.66 -26.52
C ASP A 163 2.29 4.41 -27.16
N LYS A 164 1.71 4.54 -28.35
CA LYS A 164 1.11 3.43 -29.06
C LYS A 164 1.99 2.91 -30.19
N ARG A 165 3.28 3.20 -30.15
CA ARG A 165 4.15 2.86 -31.27
C ARG A 165 4.43 1.37 -31.39
N TYR A 166 4.30 0.61 -30.29
CA TYR A 166 4.61 -0.81 -30.30
C TYR A 166 3.39 -1.67 -30.01
N CYS A 167 2.18 -1.16 -30.28
CA CYS A 167 0.94 -1.85 -29.99
C CYS A 167 0.95 -3.32 -30.38
N GLU A 168 1.36 -3.60 -31.62
CA GLU A 168 1.12 -4.88 -32.25
C GLU A 168 -0.37 -5.20 -32.27
N ALA A 169 -1.13 -4.27 -32.86
CA ALA A 169 -2.57 -4.43 -32.96
C ALA A 169 -2.90 -5.64 -33.84
N GLY A 170 -3.88 -6.42 -33.39
CA GLY A 170 -4.26 -7.65 -34.05
C GLY A 170 -3.59 -8.89 -33.50
N PHE A 171 -2.67 -8.73 -32.54
CA PHE A 171 -2.09 -9.85 -31.80
C PHE A 171 -3.17 -10.85 -31.40
N SER A 172 -4.27 -10.35 -30.84
CA SER A 172 -5.48 -11.12 -30.60
C SER A 172 -6.67 -10.31 -31.09
N SER A 173 -7.74 -11.02 -31.43
CA SER A 173 -8.91 -10.36 -32.02
C SER A 173 -10.16 -11.13 -31.66
N VAL A 174 -11.30 -10.47 -31.87
CA VAL A 174 -12.63 -11.00 -31.60
C VAL A 174 -13.64 -9.97 -32.10
N VAL A 175 -14.82 -10.43 -32.50
CA VAL A 175 -15.89 -9.54 -32.96
C VAL A 175 -17.15 -9.85 -32.16
N THR A 176 -17.86 -8.80 -31.76
CA THR A 176 -19.11 -8.96 -31.04
C THR A 176 -20.25 -9.23 -32.01
N GLN A 177 -21.38 -9.69 -31.46
CA GLN A 177 -22.54 -10.01 -32.29
C GLN A 177 -22.98 -8.80 -33.12
N ALA A 178 -22.91 -7.61 -32.52
CA ALA A 178 -23.28 -6.40 -33.24
C ALA A 178 -22.32 -6.08 -34.39
N GLY A 179 -21.14 -6.68 -34.41
CA GLY A 179 -20.18 -6.42 -35.47
C GLY A 179 -19.16 -5.38 -35.10
N GLU A 180 -18.69 -5.41 -33.85
CA GLU A 180 -17.70 -4.48 -33.34
C GLU A 180 -16.38 -5.21 -33.17
N LEU A 181 -15.40 -4.88 -34.00
CA LEU A 181 -14.09 -5.52 -33.93
C LEU A 181 -13.35 -5.05 -32.67
N VAL A 182 -12.70 -6.00 -32.01
CA VAL A 182 -11.94 -5.73 -30.79
C VAL A 182 -10.56 -6.34 -30.98
N LEU A 183 -9.53 -5.48 -31.01
CA LEU A 183 -8.17 -5.92 -31.24
C LEU A 183 -7.37 -5.85 -29.94
N GLY A 184 -6.59 -6.89 -29.68
CA GLY A 184 -5.66 -6.88 -28.56
C GLY A 184 -4.30 -6.41 -29.01
N ALA A 185 -3.73 -5.46 -28.27
CA ALA A 185 -2.42 -4.88 -28.57
C ALA A 185 -1.57 -4.95 -27.31
N PRO A 186 -0.79 -6.02 -27.13
CA PRO A 186 -0.04 -6.19 -25.88
C PRO A 186 1.08 -5.21 -25.71
N GLY A 187 1.60 -4.63 -26.79
CA GLY A 187 2.67 -3.66 -26.68
C GLY A 187 2.23 -2.22 -26.56
N GLY A 188 0.93 -1.98 -26.50
CA GLY A 188 0.44 -0.62 -26.40
C GLY A 188 0.80 0.03 -25.07
N TYR A 189 1.02 1.34 -25.12
CA TYR A 189 1.39 2.14 -23.95
C TYR A 189 2.67 1.60 -23.30
N TYR A 190 3.72 1.51 -24.12
CA TYR A 190 5.02 1.01 -23.73
C TYR A 190 4.90 -0.35 -23.04
N PHE A 191 4.28 -1.28 -23.77
CA PHE A 191 4.14 -2.68 -23.38
C PHE A 191 3.27 -2.88 -22.16
N LEU A 192 2.45 -1.87 -21.81
CA LEU A 192 1.40 -2.07 -20.82
C LEU A 192 0.24 -2.86 -21.40
N GLY A 193 -0.11 -2.58 -22.65
CA GLY A 193 -1.19 -3.28 -23.31
C GLY A 193 -2.45 -2.44 -23.42
N LEU A 194 -3.13 -2.54 -24.57
CA LEU A 194 -4.36 -1.79 -24.76
C LEU A 194 -5.29 -2.57 -25.68
N LEU A 195 -6.56 -2.18 -25.69
CA LEU A 195 -7.55 -2.67 -26.63
C LEU A 195 -7.99 -1.56 -27.55
N ALA A 196 -8.32 -1.91 -28.78
CA ALA A 196 -8.89 -0.99 -29.76
C ALA A 196 -10.17 -1.60 -30.30
N GLN A 197 -11.24 -0.82 -30.32
CA GLN A 197 -12.55 -1.28 -30.75
C GLN A 197 -13.14 -0.30 -31.76
N ALA A 198 -13.80 -0.84 -32.79
CA ALA A 198 -14.46 -0.01 -33.79
C ALA A 198 -15.43 -0.87 -34.57
N PRO A 199 -16.60 -0.36 -34.93
CA PRO A 199 -17.54 -1.16 -35.74
C PRO A 199 -16.93 -1.54 -37.08
N VAL A 200 -17.21 -2.77 -37.52
CA VAL A 200 -16.72 -3.24 -38.81
C VAL A 200 -17.25 -2.37 -39.94
N ALA A 201 -18.53 -1.99 -39.85
CA ALA A 201 -19.14 -1.20 -40.92
C ALA A 201 -18.42 0.13 -41.11
N ASP A 202 -18.03 0.78 -40.01
CA ASP A 202 -17.38 2.08 -40.10
C ASP A 202 -15.95 1.95 -40.60
N ILE A 203 -15.27 0.86 -40.23
CA ILE A 203 -13.91 0.62 -40.72
C ILE A 203 -13.89 0.57 -42.24
N PHE A 204 -14.88 -0.11 -42.83
CA PHE A 204 -14.97 -0.19 -44.29
C PHE A 204 -15.27 1.18 -44.90
N SER A 205 -16.26 1.88 -44.34
CA SER A 205 -16.74 3.12 -44.95
C SER A 205 -15.77 4.29 -44.79
N SER A 206 -14.83 4.20 -43.86
CA SER A 206 -13.86 5.28 -43.63
C SER A 206 -12.52 5.01 -44.28
N TYR A 207 -12.26 3.80 -44.74
CA TYR A 207 -10.96 3.44 -45.30
C TYR A 207 -10.90 3.76 -46.79
N ARG A 208 -9.75 4.27 -47.23
CA ARG A 208 -9.43 4.47 -48.63
C ARG A 208 -7.96 4.11 -48.81
N PRO A 209 -7.60 3.42 -49.90
CA PRO A 209 -6.20 3.07 -50.12
C PRO A 209 -5.35 4.30 -50.35
N GLY A 210 -4.16 4.30 -49.72
CA GLY A 210 -3.20 5.37 -49.88
C GLY A 210 -3.23 6.44 -48.80
N ILE A 211 -4.32 6.50 -48.02
CA ILE A 211 -4.44 7.54 -47.00
C ILE A 211 -3.48 7.26 -45.86
N LEU A 212 -3.43 6.01 -45.40
CA LEU A 212 -2.53 5.52 -44.35
C LEU A 212 -2.92 6.04 -42.98
N LEU A 213 -3.27 7.33 -42.87
CA LEU A 213 -3.72 7.93 -41.62
C LEU A 213 -5.11 8.50 -41.83
N TRP A 214 -6.11 7.85 -41.25
CA TRP A 214 -7.49 8.31 -41.36
C TRP A 214 -8.18 8.15 -40.01
N HIS A 215 -9.27 8.91 -39.84
CA HIS A 215 -10.02 8.94 -38.60
C HIS A 215 -11.21 7.99 -38.66
N VAL A 216 -11.45 7.29 -37.57
CA VAL A 216 -12.64 6.45 -37.39
C VAL A 216 -13.31 6.93 -36.11
N SER A 217 -14.28 7.84 -36.26
CA SER A 217 -14.82 8.57 -35.11
C SER A 217 -15.43 7.63 -34.08
N SER A 218 -16.04 6.54 -34.53
CA SER A 218 -16.71 5.60 -33.64
C SER A 218 -15.75 4.63 -32.95
N GLN A 219 -14.44 4.81 -33.12
CA GLN A 219 -13.49 3.88 -32.51
C GLN A 219 -13.32 4.18 -31.03
N SER A 220 -12.84 3.18 -30.29
CA SER A 220 -12.71 3.28 -28.85
C SER A 220 -11.48 2.51 -28.39
N LEU A 221 -10.51 3.22 -27.82
CA LEU A 221 -9.29 2.62 -27.31
C LEU A 221 -9.31 2.64 -25.78
N SER A 222 -8.65 1.65 -25.18
CA SER A 222 -8.51 1.64 -23.74
C SER A 222 -7.53 2.73 -23.31
N PHE A 223 -7.32 2.85 -22.00
CA PHE A 223 -6.64 4.00 -21.43
C PHE A 223 -5.28 3.63 -20.86
N ASP A 224 -4.38 4.61 -20.86
CA ASP A 224 -3.05 4.48 -20.30
C ASP A 224 -3.12 4.52 -18.77
N SER A 225 -2.01 4.17 -18.14
CA SER A 225 -1.98 4.12 -16.67
C SER A 225 -0.55 4.34 -16.19
N SER A 226 -0.45 4.98 -15.02
CA SER A 226 0.81 5.13 -14.31
C SER A 226 1.05 4.00 -13.31
N ASN A 227 0.14 3.03 -13.24
CA ASN A 227 0.18 1.94 -12.27
C ASN A 227 1.25 0.92 -12.65
N PRO A 228 2.31 0.79 -11.85
CA PRO A 228 3.38 -0.17 -12.19
C PRO A 228 2.91 -1.61 -12.24
N GLU A 229 1.74 -1.93 -11.67
CA GLU A 229 1.23 -3.28 -11.74
C GLU A 229 0.85 -3.68 -13.16
N TYR A 230 0.55 -2.72 -14.03
CA TYR A 230 0.24 -3.01 -15.42
C TYR A 230 1.46 -2.93 -16.33
N PHE A 231 2.62 -2.55 -15.80
CA PHE A 231 3.82 -2.43 -16.62
C PHE A 231 4.26 -3.80 -17.11
N ASP A 232 4.53 -3.89 -18.42
CA ASP A 232 4.97 -5.13 -19.04
C ASP A 232 3.98 -6.28 -18.80
N GLY A 233 2.69 -5.95 -18.72
CA GLY A 233 1.67 -6.94 -18.48
C GLY A 233 1.06 -7.58 -19.71
N TYR A 234 1.30 -6.99 -20.87
CA TYR A 234 0.80 -7.52 -22.15
C TYR A 234 -0.72 -7.68 -22.12
N TRP A 235 -1.38 -6.72 -21.48
CA TRP A 235 -2.83 -6.59 -21.46
C TRP A 235 -3.38 -6.61 -22.89
N GLY A 236 -4.12 -7.65 -23.24
CA GLY A 236 -4.56 -7.85 -24.61
C GLY A 236 -3.82 -8.95 -25.36
N TYR A 237 -2.96 -9.71 -24.68
CA TYR A 237 -2.37 -10.90 -25.27
C TYR A 237 -3.45 -11.85 -25.77
N SER A 238 -4.57 -11.92 -25.04
CA SER A 238 -5.74 -12.71 -25.41
C SER A 238 -6.98 -11.88 -25.12
N VAL A 239 -8.02 -12.09 -25.95
CA VAL A 239 -9.26 -11.32 -25.81
CA VAL A 239 -9.26 -11.33 -25.83
C VAL A 239 -10.45 -12.23 -26.14
N ALA A 240 -11.59 -11.91 -25.55
CA ALA A 240 -12.86 -12.60 -25.78
C ALA A 240 -13.98 -11.65 -25.36
N VAL A 241 -15.22 -12.05 -25.65
CA VAL A 241 -16.40 -11.28 -25.31
C VAL A 241 -17.43 -12.21 -24.69
N GLY A 242 -18.40 -11.62 -24.02
CA GLY A 242 -19.45 -12.39 -23.39
C GLY A 242 -20.40 -11.52 -22.61
N GLU A 243 -21.24 -12.17 -21.81
CA GLU A 243 -22.31 -11.52 -21.06
C GLU A 243 -22.08 -11.81 -19.57
N PHE A 244 -21.65 -10.79 -18.83
CA PHE A 244 -21.30 -10.96 -17.41
C PHE A 244 -21.91 -9.91 -16.48
N ASP A 245 -22.90 -9.13 -16.94
CA ASP A 245 -23.51 -8.14 -16.07
C ASP A 245 -25.04 -8.20 -16.03
N GLY A 246 -25.65 -9.16 -16.72
CA GLY A 246 -27.09 -9.31 -16.79
C GLY A 246 -27.79 -8.44 -17.83
N ASP A 247 -27.20 -7.31 -18.19
CA ASP A 247 -27.78 -6.42 -19.20
C ASP A 247 -27.43 -6.95 -20.59
N LEU A 248 -28.45 -7.31 -21.36
CA LEU A 248 -28.22 -7.89 -22.67
C LEU A 248 -27.98 -6.85 -23.77
N ASN A 249 -28.18 -5.57 -23.49
CA ASN A 249 -27.84 -4.54 -24.46
C ASN A 249 -26.34 -4.23 -24.48
N THR A 250 -25.66 -4.46 -23.35
CA THR A 250 -24.24 -4.21 -23.23
C THR A 250 -23.45 -5.49 -23.48
N THR A 251 -22.27 -5.33 -24.07
CA THR A 251 -21.37 -6.45 -24.32
C THR A 251 -20.10 -6.25 -23.49
N GLU A 252 -19.71 -7.29 -22.76
CA GLU A 252 -18.57 -7.24 -21.87
C GLU A 252 -17.35 -7.89 -22.53
N TYR A 253 -16.18 -7.37 -22.21
CA TYR A 253 -14.93 -7.85 -22.78
C TYR A 253 -14.16 -8.67 -21.76
N VAL A 254 -13.42 -9.66 -22.25
CA VAL A 254 -12.54 -10.49 -21.42
C VAL A 254 -11.13 -10.32 -21.96
N VAL A 255 -10.22 -9.82 -21.11
CA VAL A 255 -8.86 -9.48 -21.52
C VAL A 255 -7.89 -10.29 -20.69
N GLY A 256 -6.91 -10.91 -21.35
CA GLY A 256 -5.84 -11.62 -20.68
C GLY A 256 -4.58 -10.76 -20.64
N ALA A 257 -3.95 -10.72 -19.47
CA ALA A 257 -2.70 -9.99 -19.25
C ALA A 257 -1.73 -10.96 -18.58
N PRO A 258 -1.01 -11.78 -19.37
CA PRO A 258 -0.31 -12.93 -18.80
C PRO A 258 0.91 -12.58 -17.97
N THR A 259 1.39 -11.35 -18.02
CA THR A 259 2.52 -10.92 -17.20
C THR A 259 2.17 -9.76 -16.29
N TRP A 260 0.91 -9.62 -15.93
CA TRP A 260 0.45 -8.53 -15.09
C TRP A 260 1.01 -8.66 -13.68
N SER A 261 1.34 -7.51 -13.07
CA SER A 261 1.85 -7.43 -11.70
C SER A 261 3.07 -8.34 -11.50
N TRP A 262 4.12 -8.04 -12.26
CA TRP A 262 5.40 -8.73 -12.15
C TRP A 262 5.25 -10.22 -12.41
N THR A 263 4.74 -10.53 -13.60
CA THR A 263 4.54 -11.89 -14.11
C THR A 263 3.64 -12.74 -13.23
N LEU A 264 2.79 -12.11 -12.40
CA LEU A 264 1.76 -12.89 -11.74
C LEU A 264 0.67 -13.31 -12.71
N GLY A 265 0.39 -12.50 -13.72
CA GLY A 265 -0.65 -12.81 -14.68
C GLY A 265 -2.04 -12.53 -14.14
N ALA A 266 -2.91 -12.00 -15.00
CA ALA A 266 -4.28 -11.70 -14.58
C ALA A 266 -5.20 -11.74 -15.78
N VAL A 267 -6.50 -11.77 -15.49
CA VAL A 267 -7.55 -11.69 -16.50
C VAL A 267 -8.61 -10.74 -15.96
N GLU A 268 -9.11 -9.86 -16.82
CA GLU A 268 -10.06 -8.83 -16.40
C GLU A 268 -11.30 -8.86 -17.29
N ILE A 269 -12.45 -8.65 -16.67
CA ILE A 269 -13.73 -8.52 -17.35
C ILE A 269 -14.13 -7.05 -17.33
N LEU A 270 -14.44 -6.49 -18.49
CA LEU A 270 -14.72 -5.07 -18.64
C LEU A 270 -16.08 -4.87 -19.28
N ASP A 271 -16.53 -3.62 -19.29
CA ASP A 271 -17.70 -3.24 -20.06
C ASP A 271 -17.24 -2.64 -21.38
N SER A 272 -18.18 -2.14 -22.18
CA SER A 272 -17.83 -1.53 -23.45
C SER A 272 -17.05 -0.21 -23.29
N TYR A 273 -17.02 0.36 -22.09
CA TYR A 273 -16.26 1.57 -21.82
C TYR A 273 -14.96 1.28 -21.06
N TYR A 274 -14.54 0.01 -21.01
CA TYR A 274 -13.29 -0.43 -20.40
C TYR A 274 -13.24 -0.23 -18.89
N GLN A 275 -14.40 -0.10 -18.24
CA GLN A 275 -14.46 -0.05 -16.79
C GLN A 275 -14.38 -1.48 -16.25
N ARG A 276 -13.40 -1.73 -15.38
CA ARG A 276 -13.12 -3.08 -14.91
C ARG A 276 -14.22 -3.57 -13.98
N LEU A 277 -14.86 -4.68 -14.36
CA LEU A 277 -15.89 -5.30 -13.53
C LEU A 277 -15.26 -6.28 -12.54
N HIS A 278 -14.56 -7.29 -13.04
CA HIS A 278 -13.87 -8.24 -12.17
CA HIS A 278 -13.89 -8.28 -12.20
C HIS A 278 -12.44 -8.43 -12.66
N ARG A 279 -11.57 -8.83 -11.74
CA ARG A 279 -10.19 -9.16 -12.04
C ARG A 279 -9.85 -10.49 -11.41
N LEU A 280 -9.32 -11.42 -12.21
CA LEU A 280 -8.92 -12.73 -11.74
C LEU A 280 -7.39 -12.79 -11.73
N ARG A 281 -6.82 -12.89 -10.55
CA ARG A 281 -5.37 -12.88 -10.40
C ARG A 281 -4.81 -14.28 -10.64
N GLY A 282 -3.59 -14.32 -11.14
CA GLY A 282 -2.90 -15.58 -11.34
C GLY A 282 -2.61 -16.28 -10.02
N GLU A 283 -2.24 -17.55 -10.14
CA GLU A 283 -1.95 -18.40 -9.00
C GLU A 283 -0.46 -18.56 -8.74
N GLN A 284 0.37 -18.45 -9.79
CA GLN A 284 1.78 -18.78 -9.70
C GLN A 284 2.52 -17.95 -10.74
N MET A 285 3.64 -17.35 -10.34
CA MET A 285 4.34 -16.43 -11.21
C MET A 285 4.98 -17.17 -12.38
N ALA A 286 4.99 -16.51 -13.54
CA ALA A 286 5.55 -17.00 -14.80
C ALA A 286 4.78 -18.19 -15.37
N SER A 287 3.63 -18.55 -14.79
CA SER A 287 2.79 -19.59 -15.35
C SER A 287 2.03 -19.12 -16.58
N TYR A 288 2.05 -17.81 -16.86
CA TYR A 288 1.34 -17.22 -17.99
C TYR A 288 -0.16 -17.42 -17.89
N PHE A 289 -0.69 -17.24 -16.67
CA PHE A 289 -2.13 -17.16 -16.46
C PHE A 289 -2.71 -16.01 -17.29
N GLY A 290 -3.63 -16.35 -18.19
CA GLY A 290 -4.18 -15.41 -19.14
C GLY A 290 -3.66 -15.57 -20.55
N HIS A 291 -2.86 -16.60 -20.82
CA HIS A 291 -2.38 -16.85 -22.17
C HIS A 291 -3.55 -17.07 -23.13
N SER A 292 -4.60 -17.73 -22.66
CA SER A 292 -5.79 -17.95 -23.46
C SER A 292 -7.02 -17.87 -22.56
N VAL A 293 -8.10 -17.30 -23.09
CA VAL A 293 -9.35 -17.17 -22.36
C VAL A 293 -10.49 -17.60 -23.27
N ALA A 294 -11.51 -18.23 -22.69
CA ALA A 294 -12.67 -18.71 -23.42
C ALA A 294 -13.93 -18.36 -22.64
N VAL A 295 -15.03 -18.21 -23.37
CA VAL A 295 -16.33 -17.85 -22.80
C VAL A 295 -17.37 -18.79 -23.37
N THR A 296 -18.05 -19.53 -22.49
CA THR A 296 -19.15 -20.42 -22.89
C THR A 296 -19.86 -20.89 -21.63
N ASP A 297 -21.15 -21.19 -21.78
CA ASP A 297 -21.99 -21.65 -20.67
C ASP A 297 -21.86 -23.16 -20.56
N VAL A 298 -21.13 -23.62 -19.55
CA VAL A 298 -20.84 -25.05 -19.45
C VAL A 298 -21.86 -25.81 -18.60
N ASN A 299 -22.47 -25.15 -17.60
CA ASN A 299 -23.42 -25.82 -16.72
C ASN A 299 -24.86 -25.62 -17.13
N GLY A 300 -25.12 -24.95 -18.25
CA GLY A 300 -26.45 -24.91 -18.80
C GLY A 300 -27.46 -24.13 -17.98
N ASP A 301 -27.01 -23.08 -17.29
CA ASP A 301 -27.91 -22.19 -16.58
C ASP A 301 -28.16 -20.88 -17.33
N GLY A 302 -27.65 -20.77 -18.57
CA GLY A 302 -27.83 -19.58 -19.36
C GLY A 302 -26.80 -18.49 -19.12
N ARG A 303 -25.92 -18.65 -18.14
CA ARG A 303 -24.93 -17.64 -17.81
C ARG A 303 -23.56 -18.07 -18.33
N HIS A 304 -22.95 -17.22 -19.15
CA HIS A 304 -21.61 -17.49 -19.65
C HIS A 304 -20.64 -17.75 -18.51
N ASP A 305 -19.80 -18.75 -18.68
CA ASP A 305 -18.75 -19.08 -17.73
C ASP A 305 -17.40 -18.77 -18.35
N LEU A 306 -16.39 -18.61 -17.50
CA LEU A 306 -15.07 -18.17 -17.92
C LEU A 306 -14.05 -19.30 -17.76
N LEU A 307 -13.17 -19.42 -18.74
CA LEU A 307 -12.09 -20.40 -18.73
C LEU A 307 -10.79 -19.69 -19.06
N VAL A 308 -9.77 -19.89 -18.22
CA VAL A 308 -8.48 -19.23 -18.35
C VAL A 308 -7.41 -20.31 -18.41
N GLY A 309 -6.47 -20.16 -19.34
CA GLY A 309 -5.37 -21.10 -19.49
C GLY A 309 -4.07 -20.53 -18.96
N ALA A 310 -3.31 -21.38 -18.28
CA ALA A 310 -1.98 -21.03 -17.75
C ALA A 310 -1.01 -22.12 -18.21
N PRO A 311 -0.48 -22.00 -19.42
CA PRO A 311 0.27 -23.12 -20.02
C PRO A 311 1.54 -23.49 -19.28
N LEU A 312 2.10 -22.58 -18.48
CA LEU A 312 3.38 -22.83 -17.83
C LEU A 312 3.25 -23.08 -16.33
N TYR A 313 2.04 -23.40 -15.86
CA TYR A 313 1.86 -23.71 -14.45
C TYR A 313 2.68 -24.94 -14.07
N MET A 314 3.44 -24.81 -12.99
CA MET A 314 4.25 -25.91 -12.46
C MET A 314 3.50 -26.56 -11.31
N GLU A 315 3.23 -27.86 -11.45
CA GLU A 315 2.46 -28.59 -10.45
C GLU A 315 3.39 -29.08 -9.34
N SER A 316 2.89 -29.01 -8.11
CA SER A 316 3.65 -29.49 -6.96
CA SER A 316 3.65 -29.49 -6.96
C SER A 316 3.62 -31.01 -6.92
N ARG A 317 4.78 -31.62 -6.71
CA ARG A 317 4.90 -33.07 -6.69
C ARG A 317 5.76 -33.50 -5.49
N ALA A 318 5.96 -34.82 -5.39
CA ALA A 318 6.63 -35.38 -4.22
C ALA A 318 8.05 -34.85 -4.09
N ASP A 319 8.47 -34.64 -2.83
CA ASP A 319 9.83 -34.24 -2.49
C ASP A 319 10.15 -32.83 -3.00
N ARG A 320 9.22 -31.91 -2.77
CA ARG A 320 9.41 -30.47 -3.03
C ARG A 320 9.76 -30.19 -4.49
N LYS A 321 9.34 -31.07 -5.40
CA LYS A 321 9.67 -30.95 -6.82
C LYS A 321 8.49 -30.32 -7.57
N LEU A 322 8.82 -29.41 -8.48
CA LEU A 322 7.83 -28.74 -9.33
C LEU A 322 7.97 -29.24 -10.75
N ALA A 323 6.83 -29.39 -11.44
CA ALA A 323 6.81 -29.94 -12.80
C ALA A 323 5.89 -29.11 -13.66
N GLU A 324 6.44 -28.45 -14.68
CA GLU A 324 5.66 -27.63 -15.59
C GLU A 324 4.76 -28.50 -16.45
N VAL A 325 3.45 -28.29 -16.37
CA VAL A 325 2.48 -29.10 -17.11
C VAL A 325 1.39 -28.23 -17.71
N GLY A 326 1.09 -27.10 -17.08
CA GLY A 326 -0.01 -26.25 -17.52
C GLY A 326 -1.29 -26.55 -16.77
N ARG A 327 -2.15 -25.53 -16.68
CA ARG A 327 -3.37 -25.62 -15.90
C ARG A 327 -4.45 -24.72 -16.49
N VAL A 328 -5.69 -25.17 -16.38
CA VAL A 328 -6.87 -24.43 -16.83
C VAL A 328 -7.79 -24.21 -15.62
N TYR A 329 -8.33 -23.00 -15.52
CA TYR A 329 -9.20 -22.61 -14.42
C TYR A 329 -10.62 -22.36 -14.93
N LEU A 330 -11.61 -22.85 -14.21
CA LEU A 330 -13.02 -22.69 -14.56
C LEU A 330 -13.71 -21.76 -13.56
N PHE A 331 -14.39 -20.75 -14.08
CA PHE A 331 -15.11 -19.77 -13.26
C PHE A 331 -16.57 -19.75 -13.72
N LEU A 332 -17.46 -20.24 -12.86
CA LEU A 332 -18.89 -20.24 -13.13
C LEU A 332 -19.50 -18.91 -12.69
N GLN A 333 -20.29 -18.31 -13.57
CA GLN A 333 -20.92 -17.04 -13.26
C GLN A 333 -22.05 -17.25 -12.26
N PRO A 334 -22.10 -16.49 -11.17
CA PRO A 334 -23.15 -16.69 -10.17
C PRO A 334 -24.45 -16.00 -10.56
N ARG A 335 -25.55 -16.55 -10.05
CA ARG A 335 -26.87 -15.99 -10.30
C ARG A 335 -26.94 -14.54 -9.84
N GLY A 336 -27.43 -13.67 -10.72
CA GLY A 336 -27.58 -12.27 -10.39
C GLY A 336 -26.30 -11.48 -10.52
N PRO A 337 -26.33 -10.23 -10.07
CA PRO A 337 -25.18 -9.32 -10.23
C PRO A 337 -24.15 -9.46 -9.11
N HIS A 338 -23.56 -10.64 -9.00
CA HIS A 338 -22.58 -10.93 -7.97
C HIS A 338 -21.22 -11.20 -8.61
N ALA A 339 -20.19 -11.25 -7.77
CA ALA A 339 -18.83 -11.39 -8.22
C ALA A 339 -18.45 -12.85 -8.41
N LEU A 340 -17.58 -13.09 -9.39
CA LEU A 340 -17.08 -14.43 -9.67
C LEU A 340 -16.16 -14.87 -8.53
N GLY A 341 -16.48 -16.00 -7.90
CA GLY A 341 -15.74 -16.47 -6.74
C GLY A 341 -14.41 -17.09 -7.08
N ALA A 342 -13.99 -18.03 -6.25
CA ALA A 342 -12.79 -18.80 -6.51
C ALA A 342 -13.03 -19.77 -7.66
N PRO A 343 -11.97 -20.32 -8.24
CA PRO A 343 -12.16 -21.29 -9.34
C PRO A 343 -13.06 -22.43 -8.92
N SER A 344 -14.05 -22.74 -9.77
CA SER A 344 -14.94 -23.86 -9.51
C SER A 344 -14.31 -25.20 -9.84
N LEU A 345 -13.23 -25.21 -10.62
CA LEU A 345 -12.60 -26.44 -11.06
C LEU A 345 -11.19 -26.13 -11.54
N LEU A 346 -10.25 -26.99 -11.19
CA LEU A 346 -8.86 -26.88 -11.65
C LEU A 346 -8.53 -28.10 -12.51
N LEU A 347 -8.16 -27.84 -13.77
CA LEU A 347 -7.70 -28.87 -14.67
C LEU A 347 -6.19 -28.70 -14.88
N THR A 348 -5.43 -29.76 -14.64
CA THR A 348 -3.99 -29.70 -14.66
C THR A 348 -3.44 -30.68 -15.69
N GLY A 349 -2.41 -30.25 -16.41
CA GLY A 349 -1.78 -31.11 -17.39
C GLY A 349 -1.05 -32.28 -16.74
N THR A 350 -0.66 -33.23 -17.59
CA THR A 350 0.02 -34.44 -17.16
C THR A 350 1.44 -34.52 -17.69
N GLN A 351 1.64 -34.23 -18.98
CA GLN A 351 2.94 -34.39 -19.60
C GLN A 351 3.82 -33.19 -19.30
N LEU A 352 5.05 -33.47 -18.86
CA LEU A 352 6.00 -32.39 -18.59
C LEU A 352 6.25 -31.58 -19.86
N TYR A 353 6.27 -30.26 -19.71
CA TYR A 353 6.45 -29.30 -20.80
C TYR A 353 5.35 -29.38 -21.85
N GLY A 354 4.25 -30.06 -21.55
CA GLY A 354 3.16 -30.21 -22.52
C GLY A 354 2.38 -28.93 -22.78
N ARG A 355 2.38 -28.00 -21.83
CA ARG A 355 1.68 -26.73 -21.97
C ARG A 355 0.17 -26.93 -22.14
N PHE A 356 -0.39 -27.76 -21.27
CA PHE A 356 -1.83 -27.93 -21.18
C PHE A 356 -2.48 -26.60 -20.83
N GLY A 357 -3.39 -26.14 -21.68
CA GLY A 357 -4.04 -24.86 -21.52
C GLY A 357 -3.56 -23.78 -22.47
N SER A 358 -2.71 -24.12 -23.44
CA SER A 358 -2.28 -23.12 -24.42
C SER A 358 -3.45 -22.59 -25.23
N ALA A 359 -4.45 -23.43 -25.50
CA ALA A 359 -5.63 -23.03 -26.26
C ALA A 359 -6.85 -23.75 -25.69
N ILE A 360 -7.99 -23.06 -25.70
CA ILE A 360 -9.23 -23.55 -25.13
C ILE A 360 -10.38 -23.17 -26.06
N ALA A 361 -10.96 -24.15 -26.74
CA ALA A 361 -12.02 -23.88 -27.70
C ALA A 361 -13.35 -24.41 -27.19
N PRO A 362 -14.37 -23.57 -27.03
CA PRO A 362 -15.72 -24.08 -26.81
C PRO A 362 -16.17 -24.90 -28.02
N LEU A 363 -16.79 -26.04 -27.73
CA LEU A 363 -17.24 -26.96 -28.76
C LEU A 363 -18.74 -26.88 -29.02
N GLY A 364 -19.47 -26.07 -28.26
CA GLY A 364 -20.91 -26.25 -28.27
C GLY A 364 -21.25 -27.53 -27.51
N ASP A 365 -22.44 -28.04 -27.79
CA ASP A 365 -22.87 -29.30 -27.18
C ASP A 365 -22.46 -30.43 -28.12
N LEU A 366 -21.34 -31.08 -27.80
CA LEU A 366 -20.78 -32.09 -28.69
C LEU A 366 -21.62 -33.36 -28.68
N ASP A 367 -21.93 -33.89 -27.49
CA ASP A 367 -22.66 -35.13 -27.37
C ASP A 367 -24.17 -34.94 -27.20
N ARG A 368 -24.64 -33.69 -27.33
CA ARG A 368 -26.07 -33.39 -27.41
C ARG A 368 -26.82 -33.81 -26.14
N ASP A 369 -26.16 -33.69 -24.99
CA ASP A 369 -26.79 -34.01 -23.72
C ASP A 369 -27.44 -32.81 -23.06
N GLY A 370 -27.21 -31.60 -23.57
CA GLY A 370 -27.79 -30.39 -23.01
C GLY A 370 -26.78 -29.41 -22.45
N TYR A 371 -25.51 -29.77 -22.32
CA TYR A 371 -24.49 -28.93 -21.72
C TYR A 371 -23.38 -28.68 -22.73
N ASN A 372 -22.98 -27.42 -22.88
CA ASN A 372 -21.86 -27.10 -23.75
C ASN A 372 -20.57 -27.69 -23.20
N ASP A 373 -19.66 -28.04 -24.10
CA ASP A 373 -18.41 -28.70 -23.78
C ASP A 373 -17.26 -27.89 -24.36
N ILE A 374 -16.03 -28.20 -23.91
CA ILE A 374 -14.85 -27.47 -24.34
C ILE A 374 -13.76 -28.45 -24.74
N ALA A 375 -12.72 -27.92 -25.39
CA ALA A 375 -11.53 -28.65 -25.76
C ALA A 375 -10.31 -27.87 -25.30
N VAL A 376 -9.33 -28.57 -24.76
CA VAL A 376 -8.09 -27.97 -24.27
C VAL A 376 -6.92 -28.57 -25.03
N ALA A 377 -5.98 -27.71 -25.42
CA ALA A 377 -4.82 -28.12 -26.19
C ALA A 377 -3.58 -28.18 -25.31
N ALA A 378 -2.78 -29.23 -25.50
CA ALA A 378 -1.43 -29.33 -24.95
C ALA A 378 -0.52 -29.57 -26.15
N PRO A 379 -0.05 -28.49 -26.80
CA PRO A 379 0.62 -28.66 -28.10
C PRO A 379 1.88 -29.50 -28.06
N TYR A 380 2.42 -29.79 -26.88
CA TYR A 380 3.58 -30.66 -26.74
C TYR A 380 3.31 -31.73 -25.68
N GLY A 381 2.03 -32.07 -25.50
CA GLY A 381 1.63 -33.08 -24.55
C GLY A 381 1.43 -34.44 -25.21
N GLY A 382 0.88 -35.36 -24.43
CA GLY A 382 0.79 -36.75 -24.83
C GLY A 382 2.06 -37.49 -24.48
N PRO A 383 1.99 -38.82 -24.41
CA PRO A 383 3.18 -39.60 -24.02
C PRO A 383 4.37 -39.42 -24.94
N SER A 384 4.16 -39.03 -26.20
CA SER A 384 5.25 -38.79 -27.13
C SER A 384 5.58 -37.31 -27.30
N GLY A 385 4.90 -36.43 -26.56
CA GLY A 385 5.15 -35.00 -26.68
C GLY A 385 4.88 -34.42 -28.04
N ARG A 386 4.14 -35.12 -28.89
CA ARG A 386 3.83 -34.64 -30.23
C ARG A 386 2.62 -33.71 -30.26
N GLY A 387 1.95 -33.51 -29.15
CA GLY A 387 0.77 -32.68 -29.13
C GLY A 387 -0.48 -33.51 -28.86
N GLN A 388 -1.44 -32.90 -28.19
CA GLN A 388 -2.62 -33.62 -27.73
C GLN A 388 -3.75 -32.63 -27.45
N VAL A 389 -4.97 -33.03 -27.79
CA VAL A 389 -6.16 -32.23 -27.54
C VAL A 389 -7.12 -33.07 -26.70
N LEU A 390 -7.60 -32.50 -25.61
CA LEU A 390 -8.47 -33.19 -24.66
C LEU A 390 -9.84 -32.54 -24.65
N VAL A 391 -10.89 -33.36 -24.60
CA VAL A 391 -12.27 -32.91 -24.59
C VAL A 391 -12.84 -33.10 -23.20
N PHE A 392 -13.46 -32.06 -22.66
CA PHE A 392 -14.15 -32.10 -21.38
C PHE A 392 -15.62 -31.75 -21.60
N LEU A 393 -16.51 -32.53 -20.98
CA LEU A 393 -17.94 -32.36 -21.17
C LEU A 393 -18.53 -31.52 -20.03
N GLY A 394 -19.51 -30.69 -20.38
CA GLY A 394 -20.19 -29.91 -19.38
C GLY A 394 -21.23 -30.73 -18.62
N GLN A 395 -21.43 -30.37 -17.36
CA GLN A 395 -22.40 -31.02 -16.50
C GLN A 395 -23.11 -29.95 -15.68
N SER A 396 -24.10 -30.39 -14.88
CA SER A 396 -24.91 -29.44 -14.11
C SER A 396 -24.07 -28.66 -13.12
N GLU A 397 -22.98 -29.25 -12.62
CA GLU A 397 -22.14 -28.60 -11.62
C GLU A 397 -20.87 -27.99 -12.22
N GLY A 398 -20.76 -27.94 -13.53
CA GLY A 398 -19.60 -27.37 -14.18
C GLY A 398 -19.06 -28.22 -15.31
N LEU A 399 -17.86 -28.76 -15.15
CA LEU A 399 -17.25 -29.65 -16.13
C LEU A 399 -16.85 -30.95 -15.47
N ARG A 400 -16.66 -31.98 -16.29
N ARG A 400 -16.66 -31.98 -16.29
CA ARG A 400 -16.18 -33.25 -15.78
CA ARG A 400 -16.17 -33.26 -15.80
C ARG A 400 -14.67 -33.21 -15.55
C ARG A 400 -14.67 -33.18 -15.54
N SER A 401 -14.24 -33.76 -14.42
CA SER A 401 -12.83 -33.68 -14.04
C SER A 401 -11.94 -34.45 -15.00
N ARG A 402 -12.42 -35.54 -15.57
CA ARG A 402 -11.62 -36.36 -16.47
C ARG A 402 -12.07 -36.18 -17.91
N PRO A 403 -11.16 -36.31 -18.88
CA PRO A 403 -11.54 -36.07 -20.27
C PRO A 403 -12.46 -37.16 -20.79
N SER A 404 -13.38 -36.77 -21.68
CA SER A 404 -14.25 -37.72 -22.35
C SER A 404 -13.64 -38.28 -23.62
N GLN A 405 -12.54 -37.70 -24.09
CA GLN A 405 -11.90 -38.10 -25.34
C GLN A 405 -10.58 -37.36 -25.47
N VAL A 406 -9.61 -38.03 -26.08
CA VAL A 406 -8.25 -37.50 -26.22
C VAL A 406 -7.79 -37.73 -27.66
N LEU A 407 -7.47 -36.63 -28.36
CA LEU A 407 -7.06 -36.67 -29.75
C LEU A 407 -5.55 -36.54 -29.82
N ASP A 408 -4.88 -37.64 -30.19
CA ASP A 408 -3.43 -37.62 -30.37
C ASP A 408 -3.07 -37.02 -31.72
N SER A 409 -1.94 -36.33 -31.76
CA SER A 409 -1.53 -35.63 -32.97
C SER A 409 -1.25 -36.61 -34.10
N PRO A 410 -1.84 -36.41 -35.28
CA PRO A 410 -1.46 -37.23 -36.44
C PRO A 410 -0.21 -36.73 -37.15
N PHE A 411 0.42 -35.68 -36.66
CA PHE A 411 1.57 -35.04 -37.28
C PHE A 411 2.85 -35.45 -36.58
N PRO A 412 4.02 -35.17 -37.19
CA PRO A 412 5.29 -35.49 -36.52
C PRO A 412 5.62 -34.53 -35.38
N THR A 413 6.76 -34.76 -34.73
CA THR A 413 7.20 -33.91 -33.64
C THR A 413 7.37 -32.47 -34.11
N GLY A 414 7.04 -31.52 -33.23
CA GLY A 414 7.23 -30.12 -33.50
C GLY A 414 6.11 -29.45 -34.27
N SER A 415 5.02 -30.15 -34.57
CA SER A 415 3.93 -29.57 -35.33
C SER A 415 3.19 -28.49 -34.57
N ALA A 416 3.33 -28.44 -33.24
CA ALA A 416 2.52 -27.58 -32.38
C ALA A 416 1.03 -27.86 -32.58
N PHE A 417 0.71 -29.13 -32.76
CA PHE A 417 -0.66 -29.60 -32.91
C PHE A 417 -1.53 -29.12 -31.75
N GLY A 418 -2.50 -28.26 -32.04
CA GLY A 418 -3.37 -27.71 -31.03
C GLY A 418 -3.10 -26.26 -30.67
N PHE A 419 -2.00 -25.67 -31.17
CA PHE A 419 -1.68 -24.28 -30.86
C PHE A 419 -2.84 -23.35 -31.16
N SER A 420 -3.67 -23.70 -32.14
CA SER A 420 -4.89 -22.97 -32.44
C SER A 420 -6.05 -23.96 -32.52
N LEU A 421 -7.21 -23.55 -32.02
CA LEU A 421 -8.39 -24.40 -31.98
C LEU A 421 -9.61 -23.59 -32.38
N ARG A 422 -10.66 -24.31 -32.78
CA ARG A 422 -11.95 -23.71 -33.11
C ARG A 422 -13.01 -24.80 -33.28
N GLY A 423 -14.15 -24.65 -32.61
CA GLY A 423 -15.22 -25.60 -32.73
C GLY A 423 -16.59 -24.95 -32.75
N ALA A 424 -17.61 -25.69 -32.30
CA ALA A 424 -18.98 -25.19 -32.16
C ALA A 424 -19.61 -24.78 -33.49
N VAL A 425 -19.16 -25.38 -34.60
CA VAL A 425 -19.72 -25.12 -35.92
C VAL A 425 -19.87 -26.43 -36.66
N ASP A 426 -21.06 -26.68 -37.19
CA ASP A 426 -21.37 -27.88 -37.97
C ASP A 426 -20.94 -27.63 -39.41
N ILE A 427 -19.76 -28.11 -39.78
CA ILE A 427 -19.20 -27.83 -41.10
C ILE A 427 -19.71 -28.79 -42.18
N ASP A 428 -20.11 -30.02 -41.81
CA ASP A 428 -20.63 -30.98 -42.77
C ASP A 428 -22.14 -31.13 -42.69
N ASP A 429 -22.81 -30.32 -41.86
CA ASP A 429 -24.26 -30.22 -41.82
C ASP A 429 -24.90 -31.56 -41.44
N ASN A 430 -24.32 -32.23 -40.44
CA ASN A 430 -24.84 -33.49 -39.95
C ASN A 430 -25.57 -33.37 -38.62
N GLY A 431 -25.63 -32.17 -38.04
CA GLY A 431 -26.31 -31.97 -36.77
C GLY A 431 -25.42 -32.00 -35.55
N TYR A 432 -24.11 -32.11 -35.72
CA TYR A 432 -23.18 -32.13 -34.60
C TYR A 432 -22.06 -31.13 -34.84
N PRO A 433 -21.65 -30.38 -33.81
CA PRO A 433 -20.58 -29.40 -34.00
C PRO A 433 -19.23 -30.06 -34.13
N ASP A 434 -18.37 -29.48 -34.96
CA ASP A 434 -17.10 -30.07 -35.34
C ASP A 434 -15.94 -29.21 -34.83
N LEU A 435 -14.75 -29.81 -34.85
CA LEU A 435 -13.54 -29.19 -34.32
C LEU A 435 -12.47 -29.15 -35.40
N ILE A 436 -11.85 -27.99 -35.59
CA ILE A 436 -10.70 -27.84 -36.47
C ILE A 436 -9.49 -27.52 -35.61
N VAL A 437 -8.37 -28.18 -35.89
CA VAL A 437 -7.16 -28.08 -35.08
C VAL A 437 -6.02 -27.64 -35.98
N GLY A 438 -5.35 -26.54 -35.61
CA GLY A 438 -4.21 -26.08 -36.35
C GLY A 438 -2.91 -26.67 -35.84
N ALA A 439 -1.96 -26.87 -36.76
CA ALA A 439 -0.64 -27.42 -36.46
C ALA A 439 0.36 -26.68 -37.36
N TYR A 440 0.70 -25.46 -36.96
CA TYR A 440 1.51 -24.60 -37.83
C TYR A 440 2.91 -25.16 -38.05
N GLY A 441 3.43 -25.93 -37.08
CA GLY A 441 4.73 -26.53 -37.26
C GLY A 441 4.79 -27.48 -38.45
N ALA A 442 3.66 -28.12 -38.78
CA ALA A 442 3.55 -28.96 -39.96
C ALA A 442 2.85 -28.27 -41.12
N ASN A 443 2.47 -27.00 -40.96
CA ASN A 443 1.78 -26.23 -42.00
C ASN A 443 0.51 -26.93 -42.47
N GLN A 444 -0.28 -27.40 -41.51
CA GLN A 444 -1.49 -28.15 -41.82
C GLN A 444 -2.58 -27.85 -40.81
N VAL A 445 -3.81 -28.19 -41.21
CA VAL A 445 -4.99 -28.09 -40.35
C VAL A 445 -5.74 -29.42 -40.44
N ALA A 446 -6.19 -29.91 -39.30
CA ALA A 446 -6.96 -31.14 -39.21
C ALA A 446 -8.39 -30.83 -38.80
N VAL A 447 -9.34 -31.53 -39.42
CA VAL A 447 -10.76 -31.33 -39.16
C VAL A 447 -11.30 -32.63 -38.56
N TYR A 448 -11.90 -32.52 -37.38
CA TYR A 448 -12.53 -33.65 -36.70
C TYR A 448 -14.03 -33.47 -36.79
N ARG A 449 -14.70 -34.43 -37.43
CA ARG A 449 -16.15 -34.41 -37.54
C ARG A 449 -16.76 -35.17 -36.38
N ALA A 450 -17.76 -34.57 -35.73
CA ALA A 450 -18.48 -35.23 -34.67
C ALA A 450 -19.55 -36.14 -35.26
N GLN A 451 -19.64 -37.35 -34.72
CA GLN A 451 -20.59 -38.36 -35.18
C GLN A 451 -21.52 -38.73 -34.05
N PRO A 452 -22.68 -39.35 -34.35
CA PRO A 452 -23.60 -39.76 -33.29
C PRO A 452 -22.91 -40.62 -32.24
N VAL A 453 -23.37 -40.50 -31.00
CA VAL A 453 -22.73 -41.16 -29.88
C VAL A 453 -22.93 -42.66 -29.98
N VAL A 454 -21.84 -43.40 -29.86
CA VAL A 454 -21.87 -44.86 -29.92
C VAL A 454 -22.47 -45.44 -28.64
N GLY B 1 4.88 -72.82 22.20
CA GLY B 1 3.89 -73.67 21.57
C GLY B 1 3.47 -73.18 20.20
N PRO B 2 2.20 -73.35 19.86
CA PRO B 2 1.72 -72.93 18.53
C PRO B 2 1.85 -71.43 18.35
N ASN B 3 2.52 -71.03 17.26
CA ASN B 3 2.71 -69.62 16.96
C ASN B 3 2.20 -69.28 15.56
N ILE B 4 2.54 -68.09 15.05
CA ILE B 4 2.00 -67.66 13.77
C ILE B 4 2.59 -68.44 12.60
N CYS B 5 3.71 -69.14 12.79
CA CYS B 5 4.26 -69.96 11.71
C CYS B 5 3.46 -71.24 11.50
N THR B 6 3.10 -71.92 12.60
CA THR B 6 2.35 -73.17 12.49
C THR B 6 0.87 -72.94 12.23
N THR B 7 0.30 -71.85 12.75
CA THR B 7 -1.13 -71.59 12.61
C THR B 7 -1.52 -71.07 11.22
N ARG B 8 -0.61 -71.09 10.26
CA ARG B 8 -0.93 -70.78 8.87
C ARG B 8 -0.94 -72.01 7.99
N GLY B 9 -0.38 -73.13 8.45
CA GLY B 9 -0.39 -74.37 7.68
C GLY B 9 0.32 -74.24 6.36
N VAL B 10 1.60 -73.87 6.40
CA VAL B 10 2.34 -73.67 5.17
C VAL B 10 2.47 -74.99 4.41
N SER B 11 2.84 -74.88 3.13
CA SER B 11 2.99 -76.04 2.27
C SER B 11 4.42 -76.36 1.90
N SER B 12 5.31 -75.36 1.92
CA SER B 12 6.69 -75.58 1.52
C SER B 12 7.60 -74.62 2.28
N CYS B 13 8.91 -74.80 2.09
CA CYS B 13 9.90 -73.94 2.75
C CYS B 13 9.74 -72.49 2.33
N GLN B 14 9.44 -72.26 1.05
CA GLN B 14 9.31 -70.90 0.54
C GLN B 14 8.20 -70.16 1.25
N GLN B 15 7.03 -70.78 1.39
CA GLN B 15 5.91 -70.13 2.06
C GLN B 15 6.16 -69.93 3.54
N CYS B 16 7.01 -70.76 4.15
CA CYS B 16 7.25 -70.64 5.59
C CYS B 16 8.05 -69.39 5.91
N LEU B 17 9.03 -69.03 5.08
CA LEU B 17 9.81 -67.82 5.33
C LEU B 17 8.99 -66.56 5.06
N ALA B 18 8.03 -66.64 4.13
CA ALA B 18 7.21 -65.47 3.82
C ALA B 18 6.22 -65.12 4.92
N VAL B 19 5.94 -66.05 5.83
CA VAL B 19 4.99 -65.78 6.91
C VAL B 19 5.52 -64.66 7.80
N SER B 20 6.75 -64.79 8.29
CA SER B 20 7.33 -63.83 9.21
C SER B 20 8.84 -63.97 9.19
N PRO B 21 9.58 -62.89 9.43
CA PRO B 21 11.05 -62.99 9.44
C PRO B 21 11.60 -63.84 10.58
N MET B 22 10.76 -64.40 11.44
CA MET B 22 11.19 -65.21 12.56
C MET B 22 10.96 -66.70 12.36
N CYS B 23 10.29 -67.11 11.28
CA CYS B 23 10.03 -68.52 11.06
C CYS B 23 11.24 -69.20 10.43
N ALA B 24 11.29 -70.53 10.57
CA ALA B 24 12.36 -71.34 10.03
C ALA B 24 11.77 -72.64 9.50
N TRP B 25 12.61 -73.41 8.79
CA TRP B 25 12.16 -74.65 8.16
C TRP B 25 13.15 -75.77 8.48
N CYS B 26 12.61 -76.96 8.72
CA CYS B 26 13.38 -78.15 9.06
C CYS B 26 13.25 -79.14 7.90
N SER B 27 14.35 -79.34 7.15
CA SER B 27 14.39 -80.29 6.05
C SER B 27 14.90 -81.66 6.48
N ASP B 28 14.71 -82.03 7.74
CA ASP B 28 15.23 -83.29 8.25
C ASP B 28 14.36 -84.45 7.79
N GLU B 29 15.02 -85.54 7.38
CA GLU B 29 14.28 -86.73 6.97
C GLU B 29 13.63 -87.44 8.15
N ALA B 30 14.25 -87.37 9.32
CA ALA B 30 13.77 -88.10 10.49
C ALA B 30 13.00 -87.18 11.43
N LEU B 31 11.93 -86.57 10.89
CA LEU B 31 11.11 -85.67 11.71
C LEU B 31 9.81 -86.36 12.08
N PRO B 32 9.37 -86.28 13.33
CA PRO B 32 8.14 -86.95 13.73
C PRO B 32 6.93 -86.50 12.92
N LEU B 33 5.90 -87.35 12.93
CA LEU B 33 4.70 -87.08 12.15
C LEU B 33 4.02 -85.79 12.60
N GLY B 34 3.61 -85.73 13.87
CA GLY B 34 2.94 -84.55 14.39
C GLY B 34 3.91 -83.44 14.77
N SER B 35 4.87 -83.16 13.89
CA SER B 35 5.88 -82.14 14.13
C SER B 35 5.85 -81.12 13.01
N PRO B 36 5.60 -79.85 13.30
CA PRO B 36 5.62 -78.83 12.23
C PRO B 36 7.06 -78.50 11.84
N ARG B 37 7.32 -78.46 10.54
CA ARG B 37 8.60 -78.01 10.03
C ARG B 37 8.72 -76.50 9.98
N CYS B 38 7.64 -75.77 10.26
CA CYS B 38 7.60 -74.31 10.15
C CYS B 38 7.34 -73.76 11.55
N ASP B 39 8.41 -73.66 12.34
CA ASP B 39 8.34 -73.17 13.70
C ASP B 39 9.53 -72.27 13.96
N LEU B 40 9.66 -71.81 15.20
CA LEU B 40 10.80 -70.99 15.58
C LEU B 40 12.08 -71.84 15.56
N LYS B 41 13.22 -71.16 15.43
CA LYS B 41 14.50 -71.86 15.41
C LYS B 41 14.76 -72.57 16.74
N GLU B 42 14.25 -72.02 17.84
CA GLU B 42 14.41 -72.68 19.13
C GLU B 42 13.53 -73.92 19.23
N ASN B 43 12.29 -73.84 18.71
CA ASN B 43 11.38 -74.97 18.81
C ASN B 43 11.88 -76.15 17.99
N LEU B 44 12.49 -75.89 16.84
CA LEU B 44 12.98 -76.98 16.00
C LEU B 44 14.10 -77.74 16.70
N LEU B 45 15.05 -77.03 17.29
CA LEU B 45 16.12 -77.68 18.04
C LEU B 45 15.61 -78.35 19.31
N LYS B 46 14.49 -77.87 19.87
CA LYS B 46 13.84 -78.58 20.96
C LYS B 46 13.07 -79.79 20.46
N ASP B 47 12.62 -79.77 19.20
CA ASP B 47 11.95 -80.89 18.57
C ASP B 47 12.92 -81.84 17.87
N ASN B 48 14.20 -81.80 18.21
CA ASN B 48 15.21 -82.72 17.70
C ASN B 48 15.30 -82.66 16.17
N CYS B 49 15.57 -81.46 15.65
CA CYS B 49 15.78 -81.27 14.22
C CYS B 49 17.27 -81.10 13.93
N ALA B 50 17.71 -81.68 12.83
CA ALA B 50 19.12 -81.65 12.45
C ALA B 50 19.57 -80.22 12.20
N PRO B 51 20.57 -79.71 12.92
CA PRO B 51 20.93 -78.28 12.82
C PRO B 51 21.23 -77.81 11.41
N GLU B 52 21.87 -78.64 10.59
CA GLU B 52 22.19 -78.21 9.23
C GLU B 52 20.98 -78.16 8.31
N SER B 53 19.89 -78.85 8.69
CA SER B 53 18.66 -78.84 7.92
C SER B 53 17.72 -77.70 8.30
N ILE B 54 18.22 -76.70 9.02
CA ILE B 54 17.44 -75.53 9.40
C ILE B 54 17.63 -74.45 8.34
N GLU B 55 16.53 -73.92 7.83
CA GLU B 55 16.54 -72.79 6.90
C GLU B 55 16.05 -71.56 7.65
N PHE B 56 16.97 -70.66 7.98
CA PHE B 56 16.65 -69.47 8.75
C PHE B 56 17.52 -68.31 8.29
N PRO B 57 17.11 -67.63 7.22
CA PRO B 57 17.85 -66.45 6.76
C PRO B 57 17.76 -65.32 7.78
N VAL B 58 18.84 -64.54 7.85
CA VAL B 58 18.95 -63.42 8.78
C VAL B 58 19.35 -62.19 8.00
N SER B 59 18.55 -61.13 8.11
CA SER B 59 18.86 -59.87 7.43
C SER B 59 20.15 -59.29 7.97
N GLU B 60 21.05 -58.91 7.05
CA GLU B 60 22.34 -58.36 7.43
C GLU B 60 22.63 -57.11 6.60
N ALA B 61 23.55 -56.29 7.12
CA ALA B 61 24.00 -55.07 6.45
C ALA B 61 25.51 -55.02 6.57
N ARG B 62 26.21 -55.34 5.48
CA ARG B 62 27.65 -55.40 5.45
C ARG B 62 28.20 -54.28 4.57
N VAL B 63 29.16 -53.53 5.10
CA VAL B 63 29.78 -52.44 4.36
C VAL B 63 30.83 -53.01 3.42
N LEU B 64 30.86 -52.47 2.19
CA LEU B 64 31.85 -52.85 1.20
C LEU B 64 32.96 -51.82 1.04
N GLU B 65 32.59 -50.55 0.90
CA GLU B 65 33.54 -49.45 0.80
C GLU B 65 33.30 -48.50 1.96
N ASP B 66 34.29 -48.38 2.84
CA ASP B 66 34.19 -47.58 4.06
C ASP B 66 35.34 -46.59 4.13
N ARG B 67 35.54 -45.83 3.06
CA ARG B 67 36.62 -44.87 3.02
C ARG B 67 36.34 -43.72 3.98
N PRO B 68 37.37 -43.17 4.63
CA PRO B 68 37.14 -42.12 5.62
C PRO B 68 36.86 -40.77 4.97
N LEU B 69 36.26 -39.88 5.75
CA LEU B 69 35.96 -38.53 5.29
C LEU B 69 37.25 -37.71 5.22
N SER B 70 37.51 -37.14 4.05
CA SER B 70 38.73 -36.36 3.87
C SER B 70 38.68 -35.08 4.71
N ASP B 71 39.83 -34.71 5.27
CA ASP B 71 39.91 -33.48 6.05
C ASP B 71 39.96 -32.25 5.14
N LYS B 72 40.75 -32.32 4.07
CA LYS B 72 40.90 -31.23 3.12
C LYS B 72 40.37 -31.66 1.75
N GLY B 73 39.79 -30.70 1.04
CA GLY B 73 39.28 -30.91 -0.30
C GLY B 73 40.24 -30.55 -1.40
N SER B 74 41.43 -30.04 -1.06
CA SER B 74 42.45 -29.75 -2.05
C SER B 74 43.23 -31.01 -2.39
N GLY B 75 44.10 -30.88 -3.40
CA GLY B 75 44.92 -32.00 -3.84
C GLY B 75 44.12 -33.08 -4.54
N ASP B 76 44.67 -33.60 -5.64
CA ASP B 76 44.05 -34.63 -6.46
C ASP B 76 42.78 -34.09 -7.15
N SER B 77 42.63 -34.37 -8.43
CA SER B 77 41.52 -33.83 -9.22
C SER B 77 40.73 -34.98 -9.84
N SER B 78 39.85 -35.62 -9.06
CA SER B 78 39.66 -35.36 -7.64
C SER B 78 39.09 -36.59 -6.95
N GLN B 79 39.81 -37.12 -5.96
CA GLN B 79 39.32 -38.27 -5.20
C GLN B 79 39.17 -37.90 -3.74
N VAL B 80 38.40 -36.85 -3.46
CA VAL B 80 38.02 -36.46 -2.12
C VAL B 80 36.78 -37.25 -1.72
N THR B 81 36.68 -37.59 -0.44
CA THR B 81 35.56 -38.36 0.08
C THR B 81 34.79 -37.51 1.08
N GLN B 82 33.52 -37.25 0.78
CA GLN B 82 32.63 -36.51 1.67
C GLN B 82 31.37 -37.29 2.01
N VAL B 83 31.29 -38.56 1.63
CA VAL B 83 30.18 -39.44 1.97
C VAL B 83 30.76 -40.77 2.44
N SER B 84 30.27 -41.25 3.59
CA SER B 84 30.77 -42.50 4.15
C SER B 84 29.64 -43.22 4.87
N PRO B 85 29.44 -44.54 4.61
CA PRO B 85 30.20 -45.30 3.62
C PRO B 85 29.80 -44.95 2.20
N GLN B 86 30.50 -45.51 1.21
CA GLN B 86 30.19 -45.26 -0.18
C GLN B 86 29.44 -46.40 -0.84
N ARG B 87 29.44 -47.59 -0.23
CA ARG B 87 28.78 -48.76 -0.79
C ARG B 87 28.58 -49.78 0.31
N ILE B 88 27.33 -50.23 0.49
CA ILE B 88 27.00 -51.25 1.47
C ILE B 88 26.08 -52.27 0.82
N ALA B 89 26.19 -53.52 1.27
CA ALA B 89 25.33 -54.60 0.81
C ALA B 89 24.22 -54.84 1.83
N LEU B 90 23.03 -55.16 1.33
CA LEU B 90 21.84 -55.29 2.16
C LEU B 90 21.12 -56.58 1.81
N ARG B 91 20.85 -57.41 2.82
CA ARG B 91 20.12 -58.66 2.66
C ARG B 91 18.83 -58.57 3.46
N LEU B 92 17.70 -58.85 2.81
CA LEU B 92 16.40 -58.72 3.44
C LEU B 92 15.51 -59.88 3.04
N ARG B 93 14.90 -60.53 4.03
CA ARG B 93 13.91 -61.57 3.81
C ARG B 93 12.51 -60.97 3.84
N PRO B 94 11.50 -61.69 3.34
CA PRO B 94 10.15 -61.10 3.20
C PRO B 94 9.66 -60.39 4.46
N ASP B 95 9.17 -59.16 4.26
CA ASP B 95 8.57 -58.31 5.28
C ASP B 95 9.53 -57.91 6.39
N ASP B 96 10.82 -58.24 6.25
CA ASP B 96 11.81 -57.86 7.25
C ASP B 96 12.35 -56.46 6.95
N SER B 97 13.11 -55.93 7.91
CA SER B 97 13.67 -54.59 7.76
C SER B 97 14.99 -54.50 8.50
N LYS B 98 16.02 -54.00 7.80
CA LYS B 98 17.34 -53.76 8.36
C LYS B 98 17.64 -52.26 8.27
N ASN B 99 18.57 -51.81 9.11
CA ASN B 99 18.96 -50.40 9.17
C ASN B 99 20.45 -50.24 8.93
N PHE B 100 20.85 -49.01 8.63
CA PHE B 100 22.25 -48.69 8.35
C PHE B 100 22.45 -47.20 8.55
N SER B 101 23.73 -46.80 8.52
CA SER B 101 24.15 -45.44 8.82
C SER B 101 24.71 -44.77 7.58
N ILE B 102 24.91 -43.45 7.69
CA ILE B 102 25.45 -42.64 6.61
C ILE B 102 25.98 -41.35 7.24
N GLN B 103 27.12 -40.88 6.73
CA GLN B 103 27.74 -39.66 7.21
C GLN B 103 28.13 -38.77 6.04
N VAL B 104 27.86 -37.47 6.17
CA VAL B 104 28.17 -36.47 5.15
C VAL B 104 28.93 -35.35 5.81
N ARG B 105 29.92 -34.80 5.09
CA ARG B 105 30.75 -33.72 5.62
C ARG B 105 30.91 -32.63 4.57
N GLN B 106 30.78 -31.38 5.01
CA GLN B 106 31.09 -30.20 4.19
C GLN B 106 32.60 -29.97 4.27
N VAL B 107 33.32 -30.54 3.31
CA VAL B 107 34.78 -30.52 3.36
C VAL B 107 35.30 -29.11 3.23
N GLU B 108 36.33 -28.79 4.02
CA GLU B 108 36.99 -27.49 3.92
C GLU B 108 37.92 -27.47 2.70
N ASP B 109 38.10 -26.26 2.16
CA ASP B 109 39.00 -26.02 1.03
C ASP B 109 38.59 -26.87 -0.19
N TYR B 110 37.36 -26.66 -0.63
CA TYR B 110 36.87 -27.34 -1.82
C TYR B 110 36.89 -26.39 -3.01
N PRO B 111 37.29 -26.88 -4.19
CA PRO B 111 37.39 -26.00 -5.36
C PRO B 111 36.07 -25.29 -5.66
N VAL B 112 36.17 -24.12 -6.29
CA VAL B 112 35.03 -23.27 -6.56
C VAL B 112 35.17 -22.65 -7.95
N ASP B 113 34.09 -22.71 -8.73
CA ASP B 113 33.97 -21.96 -9.98
C ASP B 113 32.96 -20.84 -9.77
N ILE B 114 33.29 -19.63 -10.20
CA ILE B 114 32.42 -18.47 -10.08
C ILE B 114 32.32 -17.81 -11.45
N TYR B 115 31.18 -17.97 -12.11
CA TYR B 115 30.94 -17.35 -13.41
C TYR B 115 30.04 -16.14 -13.21
N TYR B 116 30.58 -14.95 -13.47
CA TYR B 116 29.88 -13.69 -13.29
C TYR B 116 29.10 -13.39 -14.57
N LEU B 117 27.77 -13.42 -14.48
CA LEU B 117 26.89 -13.17 -15.62
C LEU B 117 26.20 -11.83 -15.39
N MET B 118 26.59 -10.83 -16.17
CA MET B 118 26.24 -9.45 -15.86
C MET B 118 25.30 -8.86 -16.90
N ASP B 119 24.33 -8.09 -16.41
CA ASP B 119 23.49 -7.26 -17.27
C ASP B 119 24.29 -6.06 -17.74
N LEU B 120 24.38 -5.89 -19.06
CA LEU B 120 25.06 -4.75 -19.65
C LEU B 120 24.12 -3.90 -20.51
N SER B 121 22.83 -3.91 -20.19
CA SER B 121 21.93 -2.98 -20.84
C SER B 121 22.20 -1.56 -20.35
N TYR B 122 21.62 -0.58 -21.04
CA TYR B 122 21.94 0.82 -20.75
C TYR B 122 21.60 1.20 -19.31
N SER B 123 20.63 0.53 -18.70
CA SER B 123 20.28 0.80 -17.32
C SER B 123 21.41 0.45 -16.34
N MET B 124 22.42 -0.29 -16.79
CA MET B 124 23.56 -0.68 -15.96
C MET B 124 24.80 0.16 -16.26
N LYS B 125 24.61 1.42 -16.66
CA LYS B 125 25.74 2.25 -17.09
C LYS B 125 26.75 2.43 -15.96
N ASP B 126 26.29 2.83 -14.77
CA ASP B 126 27.20 3.12 -13.67
C ASP B 126 27.68 1.87 -12.94
N ASP B 127 26.94 0.76 -13.03
CA ASP B 127 27.33 -0.46 -12.32
C ASP B 127 28.67 -1.00 -12.83
N LEU B 128 28.92 -0.85 -14.14
CA LEU B 128 30.12 -1.44 -14.73
C LEU B 128 31.39 -0.85 -14.13
N TRP B 129 31.34 0.39 -13.65
CA TRP B 129 32.52 1.05 -13.13
C TRP B 129 32.96 0.50 -11.77
N SER B 130 32.04 -0.05 -10.98
CA SER B 130 32.33 -0.42 -9.61
C SER B 130 32.88 -1.83 -9.44
N ILE B 131 33.16 -2.54 -10.54
CA ILE B 131 33.62 -3.92 -10.44
C ILE B 131 34.83 -4.17 -11.31
N GLN B 132 35.52 -3.11 -11.75
CA GLN B 132 36.67 -3.31 -12.61
C GLN B 132 37.90 -3.79 -11.85
N ASN B 133 37.85 -3.81 -10.51
CA ASN B 133 38.91 -4.41 -9.70
CA ASN B 133 38.90 -4.39 -9.68
C ASN B 133 38.40 -5.59 -8.89
N LEU B 134 37.25 -6.15 -9.30
CA LEU B 134 36.62 -7.21 -8.53
C LEU B 134 37.42 -8.51 -8.57
N GLY B 135 38.06 -8.81 -9.71
CA GLY B 135 38.72 -10.09 -9.87
C GLY B 135 39.80 -10.34 -8.83
N THR B 136 40.64 -9.34 -8.57
CA THR B 136 41.65 -9.50 -7.53
C THR B 136 41.06 -9.39 -6.14
N LYS B 137 40.16 -8.41 -5.94
CA LYS B 137 39.48 -8.29 -4.65
C LYS B 137 38.73 -9.58 -4.29
N LEU B 138 38.13 -10.23 -5.29
CA LEU B 138 37.38 -11.47 -5.03
C LEU B 138 38.33 -12.61 -4.70
N ALA B 139 39.50 -12.64 -5.35
CA ALA B 139 40.48 -13.69 -5.03
C ALA B 139 40.97 -13.54 -3.60
N THR B 140 41.12 -12.30 -3.12
CA THR B 140 41.63 -12.08 -1.78
C THR B 140 40.69 -12.62 -0.71
N GLN B 141 39.39 -12.47 -0.91
CA GLN B 141 38.43 -12.92 0.09
C GLN B 141 38.09 -14.40 -0.05
N MET B 142 38.16 -14.94 -1.27
CA MET B 142 37.97 -16.37 -1.45
C MET B 142 39.24 -17.17 -1.15
N ARG B 143 40.41 -16.52 -1.16
CA ARG B 143 41.65 -17.19 -0.75
C ARG B 143 41.57 -17.73 0.67
N LYS B 144 40.68 -17.19 1.50
CA LYS B 144 40.52 -17.64 2.87
C LYS B 144 39.65 -18.88 2.99
N LEU B 145 38.80 -19.15 1.99
CA LEU B 145 37.89 -20.29 2.04
C LEU B 145 38.26 -21.43 1.10
N THR B 146 39.11 -21.18 0.12
CA THR B 146 39.48 -22.22 -0.84
C THR B 146 40.79 -21.84 -1.50
N SER B 147 41.62 -22.85 -1.79
CA SER B 147 42.86 -22.64 -2.52
C SER B 147 42.67 -22.74 -4.03
N ASN B 148 41.67 -23.49 -4.47
CA ASN B 148 41.33 -23.60 -5.89
C ASN B 148 40.16 -22.67 -6.19
N LEU B 149 40.38 -21.73 -7.11
CA LEU B 149 39.33 -20.81 -7.52
C LEU B 149 39.53 -20.44 -8.98
N ARG B 150 38.45 -20.57 -9.76
CA ARG B 150 38.41 -20.12 -11.14
C ARG B 150 37.23 -19.17 -11.32
N ILE B 151 37.45 -18.09 -12.05
CA ILE B 151 36.42 -17.10 -12.30
C ILE B 151 36.31 -16.85 -13.79
N GLY B 152 35.09 -16.50 -14.22
CA GLY B 152 34.82 -16.21 -15.61
C GLY B 152 33.76 -15.13 -15.70
N PHE B 153 33.56 -14.61 -16.91
CA PHE B 153 32.69 -13.47 -17.12
C PHE B 153 31.82 -13.69 -18.34
N GLY B 154 30.60 -13.17 -18.27
CA GLY B 154 29.67 -13.21 -19.38
C GLY B 154 28.73 -12.03 -19.29
N ALA B 155 28.21 -11.61 -20.45
CA ALA B 155 27.37 -10.43 -20.54
C ALA B 155 26.13 -10.73 -21.35
N PHE B 156 25.05 -9.98 -21.07
CA PHE B 156 23.80 -10.13 -21.79
C PHE B 156 23.09 -8.79 -21.83
N VAL B 157 22.18 -8.65 -22.80
CA VAL B 157 21.27 -7.51 -22.87
C VAL B 157 19.86 -8.03 -23.07
N ASP B 158 19.52 -8.37 -24.31
CA ASP B 158 18.20 -8.89 -24.66
C ASP B 158 18.28 -9.40 -26.09
N LYS B 159 17.18 -9.98 -26.57
CA LYS B 159 17.11 -10.48 -27.93
C LYS B 159 17.25 -9.31 -28.91
N PRO B 160 18.29 -9.29 -29.75
CA PRO B 160 18.46 -8.16 -30.68
C PRO B 160 17.45 -8.19 -31.82
N VAL B 161 16.20 -7.83 -31.54
CA VAL B 161 15.14 -7.89 -32.53
C VAL B 161 14.03 -6.95 -32.09
N SER B 162 13.40 -6.30 -33.07
CA SER B 162 12.28 -5.42 -32.79
C SER B 162 11.17 -6.20 -32.10
N PRO B 163 10.45 -5.61 -31.13
CA PRO B 163 10.60 -4.21 -30.70
C PRO B 163 11.62 -3.99 -29.59
N TYR B 164 12.26 -5.06 -29.10
CA TYR B 164 13.27 -4.89 -28.07
C TYR B 164 14.40 -3.99 -28.54
N MET B 165 14.78 -4.12 -29.80
CA MET B 165 15.92 -3.40 -30.37
C MET B 165 15.45 -2.19 -31.16
N TYR B 166 16.18 -1.08 -31.03
CA TYR B 166 15.93 0.07 -31.86
C TYR B 166 16.41 -0.21 -33.28
N ILE B 167 15.54 0.02 -34.26
CA ILE B 167 15.84 -0.32 -35.64
C ILE B 167 15.78 0.90 -36.56
N SER B 168 15.88 2.11 -35.99
CA SER B 168 15.89 3.32 -36.80
C SER B 168 16.48 4.45 -35.97
N PRO B 169 17.26 5.37 -36.58
CA PRO B 169 17.71 5.40 -37.98
C PRO B 169 18.71 4.27 -38.30
N PRO B 170 19.11 4.12 -39.57
CA PRO B 170 20.13 3.10 -39.89
C PRO B 170 21.35 3.15 -38.99
N GLU B 171 21.76 4.35 -38.55
CA GLU B 171 22.91 4.47 -37.67
C GLU B 171 22.63 3.99 -36.26
N ALA B 172 21.36 3.86 -35.87
CA ALA B 172 21.02 3.37 -34.54
C ALA B 172 21.30 1.89 -34.35
N LEU B 173 21.52 1.13 -35.43
CA LEU B 173 21.85 -0.29 -35.30
C LEU B 173 23.29 -0.47 -34.84
N GLU B 174 24.23 0.26 -35.44
CA GLU B 174 25.63 0.23 -35.01
C GLU B 174 25.85 0.98 -33.70
N ASN B 175 24.97 1.94 -33.38
CA ASN B 175 25.12 2.75 -32.17
C ASN B 175 23.74 3.06 -31.63
N PRO B 176 23.22 2.21 -30.73
CA PRO B 176 21.86 2.43 -30.21
C PRO B 176 21.72 3.74 -29.43
N CYS B 177 22.81 4.35 -29.01
CA CYS B 177 22.79 5.67 -28.38
C CYS B 177 22.85 6.80 -29.42
N TYR B 178 22.44 6.53 -30.66
CA TYR B 178 22.59 7.51 -31.73
C TYR B 178 21.72 8.73 -31.49
N ASP B 179 20.47 8.54 -31.08
CA ASP B 179 19.60 9.69 -30.85
C ASP B 179 20.01 10.50 -29.64
N MET B 180 20.91 9.98 -28.82
CA MET B 180 21.57 10.75 -27.76
C MET B 180 22.95 11.17 -28.25
N LYS B 181 23.66 11.93 -27.42
CA LYS B 181 24.99 12.40 -27.76
C LYS B 181 26.10 11.45 -27.31
N THR B 182 25.79 10.17 -27.12
CA THR B 182 26.74 9.18 -26.63
C THR B 182 26.86 8.03 -27.61
N THR B 183 27.80 7.14 -27.32
CA THR B 183 28.04 5.94 -28.10
C THR B 183 27.97 4.72 -27.20
N CYS B 184 27.26 3.69 -27.63
CA CYS B 184 27.21 2.44 -26.92
C CYS B 184 27.38 1.30 -27.92
N LEU B 185 27.61 0.09 -27.38
CA LEU B 185 27.83 -1.07 -28.23
C LEU B 185 26.54 -1.44 -28.96
N PRO B 186 26.64 -1.99 -30.18
CA PRO B 186 25.47 -2.57 -30.82
C PRO B 186 24.85 -3.63 -29.92
N MET B 187 23.55 -3.86 -30.08
CA MET B 187 22.83 -4.72 -29.17
C MET B 187 23.21 -6.18 -29.38
N PHE B 188 23.23 -6.93 -28.28
CA PHE B 188 23.62 -8.33 -28.31
C PHE B 188 22.83 -9.11 -27.27
N GLY B 189 22.51 -10.35 -27.60
CA GLY B 189 21.76 -11.21 -26.70
C GLY B 189 22.55 -11.66 -25.50
N TYR B 190 23.51 -12.55 -25.72
CA TYR B 190 24.40 -13.03 -24.67
C TYR B 190 25.75 -13.37 -25.29
N LYS B 191 26.82 -12.83 -24.74
CA LYS B 191 28.17 -13.11 -25.20
C LYS B 191 29.01 -13.64 -24.06
N HIS B 192 29.70 -14.74 -24.31
CA HIS B 192 30.69 -15.26 -23.36
C HIS B 192 32.00 -14.52 -23.56
N VAL B 193 32.59 -14.04 -22.47
CA VAL B 193 33.78 -13.20 -22.53
C VAL B 193 35.02 -13.97 -22.04
N LEU B 194 34.97 -14.50 -20.81
CA LEU B 194 36.14 -15.09 -20.19
C LEU B 194 35.79 -16.47 -19.64
N THR B 195 36.46 -17.50 -20.17
CA THR B 195 36.32 -18.84 -19.65
C THR B 195 36.88 -18.91 -18.24
N LEU B 196 36.24 -19.73 -17.39
CA LEU B 196 36.69 -19.93 -16.02
C LEU B 196 38.19 -20.20 -15.96
N THR B 197 38.91 -19.33 -15.25
CA THR B 197 40.35 -19.41 -15.16
C THR B 197 40.81 -19.01 -13.77
N ASP B 198 41.97 -19.54 -13.37
CA ASP B 198 42.58 -19.18 -12.10
C ASP B 198 43.36 -17.87 -12.17
N GLN B 199 43.59 -17.34 -13.36
CA GLN B 199 44.28 -16.07 -13.55
C GLN B 199 43.28 -14.95 -13.35
N VAL B 200 43.26 -14.38 -12.14
CA VAL B 200 42.19 -13.44 -11.79
C VAL B 200 42.42 -12.08 -12.47
N THR B 201 43.67 -11.74 -12.81
CA THR B 201 43.90 -10.51 -13.54
C THR B 201 43.36 -10.56 -14.96
N ARG B 202 43.09 -11.76 -15.48
CA ARG B 202 42.37 -11.88 -16.74
C ARG B 202 40.93 -11.41 -16.60
N PHE B 203 40.35 -11.53 -15.41
CA PHE B 203 39.01 -11.00 -15.16
C PHE B 203 39.02 -9.48 -15.16
N ASN B 204 39.95 -8.87 -14.41
CA ASN B 204 40.03 -7.42 -14.33
C ASN B 204 40.19 -6.78 -15.70
N GLU B 205 41.13 -7.30 -16.49
CA GLU B 205 41.43 -6.67 -17.77
C GLU B 205 40.30 -6.83 -18.77
N GLU B 206 39.57 -7.95 -18.72
CA GLU B 206 38.42 -8.11 -19.60
C GLU B 206 37.30 -7.15 -19.22
N VAL B 207 37.02 -7.03 -17.92
CA VAL B 207 35.95 -6.15 -17.46
C VAL B 207 36.23 -4.70 -17.87
N LYS B 208 37.49 -4.28 -17.77
CA LYS B 208 37.85 -2.92 -18.15
C LYS B 208 37.60 -2.64 -19.62
N LYS B 209 37.50 -3.68 -20.45
CA LYS B 209 37.22 -3.51 -21.87
C LYS B 209 35.74 -3.65 -22.21
N GLN B 210 34.89 -3.93 -21.24
CA GLN B 210 33.47 -4.09 -21.49
C GLN B 210 32.75 -2.75 -21.46
N SER B 211 31.59 -2.71 -22.11
CA SER B 211 30.76 -1.51 -22.14
C SER B 211 29.32 -1.93 -22.40
N VAL B 212 28.40 -0.99 -22.16
CA VAL B 212 26.98 -1.28 -22.19
C VAL B 212 26.45 -1.09 -23.60
N SER B 213 25.28 -1.66 -23.85
CA SER B 213 24.49 -1.42 -25.04
C SER B 213 23.21 -0.69 -24.63
N ARG B 214 22.13 -0.87 -25.40
CA ARG B 214 20.87 -0.20 -25.09
C ARG B 214 19.72 -0.80 -25.88
N ASN B 215 18.59 -1.05 -25.22
CA ASN B 215 17.40 -1.55 -25.90
C ASN B 215 16.20 -0.78 -25.38
N ARG B 216 14.99 -1.22 -25.75
CA ARG B 216 13.80 -0.40 -25.54
C ARG B 216 13.05 -0.74 -24.26
N ASP B 217 12.68 -2.01 -24.07
CA ASP B 217 11.82 -2.38 -22.96
C ASP B 217 12.64 -2.70 -21.71
N ALA B 218 12.02 -2.43 -20.55
CA ALA B 218 12.73 -2.59 -19.28
C ALA B 218 13.18 -4.02 -19.00
N PRO B 219 12.33 -5.05 -19.08
CA PRO B 219 12.82 -6.41 -18.78
C PRO B 219 13.83 -6.87 -19.82
N GLU B 220 14.78 -7.69 -19.38
CA GLU B 220 15.90 -8.06 -20.22
C GLU B 220 15.95 -9.58 -20.43
N GLY B 221 16.85 -9.98 -21.33
CA GLY B 221 16.96 -11.38 -21.72
C GLY B 221 17.99 -12.15 -20.92
N GLY B 222 18.01 -11.94 -19.60
CA GLY B 222 18.98 -12.61 -18.77
C GLY B 222 18.78 -14.11 -18.66
N PHE B 223 17.53 -14.56 -18.71
CA PHE B 223 17.26 -16.00 -18.58
C PHE B 223 17.81 -16.76 -19.78
N ASP B 224 17.82 -16.14 -20.97
CA ASP B 224 18.56 -16.71 -22.10
C ASP B 224 20.01 -16.97 -21.71
N ALA B 225 20.64 -16.00 -21.05
CA ALA B 225 22.05 -16.13 -20.70
C ALA B 225 22.26 -17.18 -19.62
N ILE B 226 21.36 -17.24 -18.63
CA ILE B 226 21.48 -18.24 -17.58
C ILE B 226 21.44 -19.64 -18.16
N MET B 227 20.55 -19.86 -19.14
CA MET B 227 20.44 -21.17 -19.78
C MET B 227 21.73 -21.55 -20.49
N GLN B 228 22.25 -20.65 -21.33
CA GLN B 228 23.43 -20.97 -22.13
C GLN B 228 24.66 -21.15 -21.25
N ALA B 229 24.81 -20.30 -20.23
CA ALA B 229 25.95 -20.46 -19.32
C ALA B 229 25.90 -21.77 -18.55
N THR B 230 24.74 -22.43 -18.52
CA THR B 230 24.58 -23.70 -17.82
C THR B 230 24.85 -24.89 -18.73
N VAL B 231 24.26 -24.90 -19.93
CA VAL B 231 24.36 -26.06 -20.82
C VAL B 231 25.58 -26.03 -21.73
N CYS B 232 26.32 -24.92 -21.79
CA CYS B 232 27.54 -24.86 -22.60
C CYS B 232 28.75 -25.15 -21.70
N ASP B 233 28.79 -26.40 -21.24
CA ASP B 233 29.81 -26.83 -20.27
C ASP B 233 31.21 -26.53 -20.77
N GLU B 234 31.56 -27.05 -21.95
CA GLU B 234 32.94 -26.96 -22.43
C GLU B 234 33.38 -25.52 -22.57
N LYS B 235 32.47 -24.62 -22.96
CA LYS B 235 32.87 -23.25 -23.21
C LYS B 235 33.08 -22.47 -21.92
N ILE B 236 32.10 -22.52 -21.01
CA ILE B 236 32.23 -21.80 -19.75
C ILE B 236 33.37 -22.37 -18.92
N GLY B 237 33.48 -23.69 -18.87
CA GLY B 237 34.58 -24.35 -18.22
C GLY B 237 34.33 -24.85 -16.82
N TRP B 238 33.08 -25.20 -16.48
CA TRP B 238 32.81 -25.76 -15.16
C TRP B 238 33.64 -27.02 -14.95
N ARG B 239 34.17 -27.17 -13.73
CA ARG B 239 35.00 -28.32 -13.41
C ARG B 239 34.16 -29.42 -12.78
N ASN B 240 34.49 -30.67 -13.14
CA ASN B 240 33.72 -31.82 -12.68
C ASN B 240 33.76 -31.98 -11.16
N ASP B 241 34.69 -31.31 -10.47
CA ASP B 241 34.92 -31.51 -9.05
C ASP B 241 35.06 -30.14 -8.37
N ALA B 242 33.99 -29.36 -8.39
CA ALA B 242 34.04 -28.03 -7.81
C ALA B 242 32.62 -27.52 -7.61
N SER B 243 32.47 -26.62 -6.63
CA SER B 243 31.20 -25.94 -6.42
C SER B 243 31.00 -24.89 -7.50
N HIS B 244 29.87 -24.95 -8.18
CA HIS B 244 29.57 -24.10 -9.32
C HIS B 244 28.65 -22.96 -8.88
N LEU B 245 29.15 -21.73 -8.96
CA LEU B 245 28.38 -20.54 -8.61
C LEU B 245 28.15 -19.71 -9.86
N LEU B 246 26.88 -19.43 -10.17
CA LEU B 246 26.50 -18.61 -11.31
C LEU B 246 25.89 -17.32 -10.77
N VAL B 247 26.69 -16.26 -10.71
CA VAL B 247 26.24 -14.98 -10.17
C VAL B 247 25.54 -14.21 -11.28
N PHE B 248 24.26 -13.91 -11.06
CA PHE B 248 23.41 -13.22 -12.03
C PHE B 248 23.06 -11.84 -11.46
N THR B 249 23.52 -10.79 -12.13
CA THR B 249 23.35 -9.43 -11.66
C THR B 249 22.53 -8.64 -12.66
N THR B 250 21.49 -7.96 -12.17
CA THR B 250 20.64 -7.12 -13.00
C THR B 250 19.90 -6.13 -12.11
N ASP B 251 19.31 -5.12 -12.73
CA ASP B 251 18.58 -4.07 -12.02
C ASP B 251 17.13 -3.95 -12.49
N ALA B 252 16.62 -4.96 -13.18
CA ALA B 252 15.30 -4.85 -13.79
C ALA B 252 14.63 -6.22 -13.83
N LYS B 253 13.39 -6.24 -14.31
CA LYS B 253 12.68 -7.48 -14.52
C LYS B 253 13.39 -8.34 -15.56
N THR B 254 12.87 -9.54 -15.75
CA THR B 254 13.38 -10.47 -16.72
C THR B 254 12.26 -10.98 -17.61
N HIS B 255 12.59 -11.22 -18.87
CA HIS B 255 11.66 -11.89 -19.76
C HIS B 255 11.60 -13.37 -19.43
N ILE B 256 10.45 -13.97 -19.72
CA ILE B 256 10.18 -15.37 -19.40
C ILE B 256 9.65 -16.05 -20.66
N ALA B 257 9.48 -17.36 -20.57
CA ALA B 257 8.95 -18.11 -21.70
C ALA B 257 7.60 -17.56 -22.11
N LEU B 258 7.35 -17.56 -23.42
CA LEU B 258 6.17 -17.05 -24.13
C LEU B 258 6.20 -15.54 -24.28
N ASP B 259 7.16 -14.83 -23.67
CA ASP B 259 7.34 -13.42 -23.99
C ASP B 259 7.84 -13.22 -25.42
N GLY B 260 8.57 -14.21 -25.96
CA GLY B 260 9.17 -14.05 -27.27
C GLY B 260 8.18 -13.84 -28.39
N ARG B 261 6.90 -14.10 -28.14
CA ARG B 261 5.89 -13.92 -29.18
C ARG B 261 5.72 -12.46 -29.57
N LEU B 262 6.09 -11.51 -28.70
CA LEU B 262 6.07 -10.11 -29.09
C LEU B 262 7.14 -9.76 -30.11
N ALA B 263 8.10 -10.65 -30.36
CA ALA B 263 9.09 -10.46 -31.40
C ALA B 263 8.87 -11.38 -32.60
N GLY B 264 7.76 -12.11 -32.63
CA GLY B 264 7.52 -13.12 -33.64
C GLY B 264 8.11 -14.47 -33.35
N ILE B 265 8.79 -14.63 -32.21
CA ILE B 265 9.44 -15.87 -31.84
C ILE B 265 8.44 -16.76 -31.10
N VAL B 266 8.27 -17.99 -31.57
CA VAL B 266 7.29 -18.89 -30.96
C VAL B 266 7.91 -20.25 -30.70
N GLN B 267 9.07 -20.53 -31.28
CA GLN B 267 9.70 -21.83 -31.08
C GLN B 267 10.14 -21.98 -29.63
N PRO B 268 9.70 -23.01 -28.91
CA PRO B 268 10.13 -23.19 -27.52
C PRO B 268 11.64 -23.33 -27.41
N ASN B 269 12.14 -23.02 -26.22
CA ASN B 269 13.56 -23.20 -25.92
C ASN B 269 13.90 -24.68 -25.92
N ASP B 270 15.00 -25.04 -26.57
CA ASP B 270 15.38 -26.45 -26.64
C ASP B 270 16.38 -26.86 -25.55
N GLY B 271 16.86 -25.92 -24.75
CA GLY B 271 17.81 -26.24 -23.70
C GLY B 271 19.14 -26.77 -24.17
N GLN B 272 19.52 -26.52 -25.42
CA GLN B 272 20.78 -26.96 -25.98
C GLN B 272 21.73 -25.76 -26.15
N CYS B 273 23.01 -26.07 -26.28
CA CYS B 273 24.02 -25.02 -26.41
C CYS B 273 24.01 -24.48 -27.85
N HIS B 274 24.00 -23.16 -27.97
CA HIS B 274 24.01 -22.47 -29.26
C HIS B 274 25.00 -21.30 -29.23
N VAL B 275 26.11 -21.47 -28.52
CA VAL B 275 27.16 -20.46 -28.47
C VAL B 275 28.35 -21.01 -29.25
N GLY B 276 28.61 -20.44 -30.42
CA GLY B 276 29.64 -20.91 -31.31
C GLY B 276 31.01 -20.35 -31.01
N SER B 277 31.88 -20.41 -32.02
CA SER B 277 33.24 -19.92 -31.86
C SER B 277 33.28 -18.42 -31.63
N ASP B 278 32.32 -17.69 -32.19
CA ASP B 278 32.25 -16.24 -32.00
C ASP B 278 31.78 -15.84 -30.61
N ASN B 279 31.46 -16.81 -29.75
CA ASN B 279 31.11 -16.60 -28.35
C ASN B 279 29.80 -15.85 -28.15
N HIS B 280 28.96 -15.76 -29.17
CA HIS B 280 27.63 -15.16 -29.06
C HIS B 280 26.56 -16.24 -29.15
N TYR B 281 25.42 -15.96 -28.52
CA TYR B 281 24.27 -16.86 -28.54
C TYR B 281 23.53 -16.68 -29.87
N SER B 282 23.59 -17.69 -30.72
CA SER B 282 23.07 -17.58 -32.08
C SER B 282 21.57 -17.86 -32.18
N ALA B 283 20.98 -18.55 -31.22
CA ALA B 283 19.55 -18.80 -31.21
C ALA B 283 18.75 -17.68 -30.55
N SER B 284 19.38 -16.52 -30.31
CA SER B 284 18.72 -15.45 -29.58
C SER B 284 17.52 -14.89 -30.33
N THR B 285 17.59 -14.85 -31.66
CA THR B 285 16.55 -14.25 -32.47
C THR B 285 15.59 -15.26 -33.09
N THR B 286 15.79 -16.56 -32.82
CA THR B 286 14.95 -17.60 -33.39
C THR B 286 14.32 -18.51 -32.35
N MET B 287 14.66 -18.38 -31.07
CA MET B 287 14.23 -19.28 -30.03
C MET B 287 13.74 -18.50 -28.82
N ASP B 288 12.62 -18.93 -28.25
CA ASP B 288 11.98 -18.21 -27.16
C ASP B 288 12.80 -18.30 -25.89
N TYR B 289 12.47 -17.41 -24.95
CA TYR B 289 13.09 -17.46 -23.63
C TYR B 289 12.76 -18.79 -22.96
N PRO B 290 13.63 -19.27 -22.07
CA PRO B 290 13.34 -20.53 -21.38
C PRO B 290 12.28 -20.34 -20.30
N SER B 291 11.72 -21.45 -19.87
CA SER B 291 10.76 -21.47 -18.77
C SER B 291 11.47 -21.85 -17.48
N LEU B 292 10.83 -21.52 -16.35
CA LEU B 292 11.42 -21.79 -15.05
C LEU B 292 11.68 -23.29 -14.87
N GLY B 293 10.73 -24.13 -15.28
CA GLY B 293 10.93 -25.56 -15.17
C GLY B 293 12.11 -26.06 -15.98
N LEU B 294 12.27 -25.52 -17.20
CA LEU B 294 13.41 -25.91 -18.02
C LEU B 294 14.73 -25.44 -17.42
N MET B 295 14.76 -24.21 -16.91
CA MET B 295 15.96 -23.72 -16.24
C MET B 295 16.31 -24.56 -15.03
N THR B 296 15.30 -24.96 -14.25
CA THR B 296 15.55 -25.82 -13.09
C THR B 296 16.17 -27.14 -13.51
N GLU B 297 15.67 -27.73 -14.60
CA GLU B 297 16.17 -29.02 -15.05
C GLU B 297 17.66 -28.94 -15.40
N LYS B 298 18.06 -27.93 -16.15
CA LYS B 298 19.45 -27.81 -16.55
C LYS B 298 20.34 -27.43 -15.36
N LEU B 299 19.91 -26.45 -14.56
CA LEU B 299 20.66 -26.07 -13.37
C LEU B 299 20.91 -27.27 -12.46
N SER B 300 19.92 -28.13 -12.30
CA SER B 300 20.08 -29.31 -11.45
C SER B 300 20.95 -30.36 -12.13
N GLN B 301 20.97 -30.38 -13.46
CA GLN B 301 21.73 -31.39 -14.19
C GLN B 301 23.22 -31.09 -14.20
N LYS B 302 23.58 -29.81 -14.30
CA LYS B 302 24.98 -29.39 -14.30
C LYS B 302 25.47 -28.96 -12.92
N ASN B 303 24.65 -29.13 -11.88
CA ASN B 303 25.02 -28.78 -10.51
C ASN B 303 25.44 -27.30 -10.40
N ILE B 304 24.59 -26.42 -10.91
CA ILE B 304 24.85 -24.99 -10.90
C ILE B 304 24.02 -24.36 -9.78
N ASN B 305 24.69 -23.63 -8.89
CA ASN B 305 24.02 -22.86 -7.85
C ASN B 305 23.79 -21.45 -8.37
N LEU B 306 22.54 -21.12 -8.67
CA LEU B 306 22.19 -19.82 -9.21
C LEU B 306 22.08 -18.80 -8.09
N ILE B 307 22.69 -17.63 -8.29
CA ILE B 307 22.69 -16.55 -7.31
C ILE B 307 22.10 -15.30 -7.96
N PHE B 308 20.98 -14.83 -7.41
CA PHE B 308 20.30 -13.63 -7.91
C PHE B 308 20.82 -12.41 -7.14
N ALA B 309 21.75 -11.68 -7.74
CA ALA B 309 22.30 -10.47 -7.12
C ALA B 309 21.67 -9.26 -7.80
N VAL B 310 20.48 -8.89 -7.32
CA VAL B 310 19.66 -7.86 -7.95
C VAL B 310 19.52 -6.68 -7.00
N THR B 311 19.05 -5.57 -7.56
CA THR B 311 18.87 -4.35 -6.80
C THR B 311 17.58 -4.40 -5.97
N GLU B 312 17.52 -3.55 -4.96
CA GLU B 312 16.42 -3.59 -4.00
C GLU B 312 15.05 -3.38 -4.65
N ASN B 313 14.99 -2.72 -5.81
CA ASN B 313 13.72 -2.46 -6.46
C ASN B 313 13.13 -3.70 -7.13
N VAL B 314 13.87 -4.80 -7.21
CA VAL B 314 13.38 -6.02 -7.84
C VAL B 314 13.71 -7.24 -6.99
N VAL B 315 14.17 -7.00 -5.76
CA VAL B 315 14.54 -8.11 -4.87
C VAL B 315 13.35 -9.03 -4.66
N ASN B 316 12.19 -8.47 -4.31
CA ASN B 316 11.00 -9.28 -4.05
C ASN B 316 10.63 -10.11 -5.28
N LEU B 317 10.77 -9.53 -6.48
CA LEU B 317 10.51 -10.27 -7.70
C LEU B 317 11.40 -11.51 -7.78
N TYR B 318 12.73 -11.31 -7.66
CA TYR B 318 13.64 -12.43 -7.77
C TYR B 318 13.63 -13.32 -6.54
N GLN B 319 13.19 -12.81 -5.39
CA GLN B 319 12.96 -13.68 -4.25
CA GLN B 319 12.95 -13.68 -4.24
C GLN B 319 11.81 -14.65 -4.54
N ASN B 320 10.77 -14.18 -5.22
CA ASN B 320 9.63 -15.02 -5.52
C ASN B 320 9.98 -16.06 -6.58
N TYR B 321 10.79 -15.69 -7.57
CA TYR B 321 11.30 -16.68 -8.52
C TYR B 321 12.15 -17.73 -7.81
N SER B 322 13.01 -17.28 -6.89
CA SER B 322 13.94 -18.16 -6.19
C SER B 322 13.22 -19.28 -5.43
N GLU B 323 11.94 -19.10 -5.11
CA GLU B 323 11.17 -20.14 -4.46
C GLU B 323 10.61 -21.17 -5.45
N LEU B 324 10.44 -20.78 -6.72
CA LEU B 324 10.07 -21.72 -7.77
C LEU B 324 11.26 -22.43 -8.37
N ILE B 325 12.48 -21.99 -8.07
CA ILE B 325 13.70 -22.67 -8.51
C ILE B 325 14.47 -23.10 -7.27
N PRO B 326 14.17 -24.27 -6.70
CA PRO B 326 14.81 -24.67 -5.44
C PRO B 326 16.33 -24.69 -5.54
N GLY B 327 16.98 -24.35 -4.42
CA GLY B 327 18.42 -24.23 -4.37
C GLY B 327 18.97 -22.88 -4.77
N THR B 328 18.13 -21.96 -5.23
CA THR B 328 18.58 -20.66 -5.66
C THR B 328 18.73 -19.71 -4.46
N THR B 329 19.71 -18.82 -4.55
CA THR B 329 20.02 -17.87 -3.50
C THR B 329 19.83 -16.45 -4.02
N VAL B 330 19.37 -15.56 -3.15
CA VAL B 330 19.14 -14.15 -3.50
C VAL B 330 19.99 -13.28 -2.60
N GLY B 331 20.64 -12.28 -3.20
CA GLY B 331 21.35 -11.27 -2.45
C GLY B 331 21.02 -9.89 -2.97
N VAL B 332 21.01 -8.93 -2.07
CA VAL B 332 20.61 -7.56 -2.39
C VAL B 332 21.83 -6.80 -2.91
N LEU B 333 21.81 -6.49 -4.20
CA LEU B 333 22.89 -5.72 -4.84
C LEU B 333 22.56 -4.24 -4.75
N SER B 334 23.55 -3.43 -4.38
CA SER B 334 23.34 -2.00 -4.35
C SER B 334 23.20 -1.45 -5.77
N MET B 335 22.71 -0.22 -5.87
CA MET B 335 22.40 0.37 -7.17
C MET B 335 23.61 0.56 -8.05
N ASP B 336 24.82 0.36 -7.53
CA ASP B 336 26.05 0.50 -8.31
C ASP B 336 26.89 -0.75 -8.34
N SER B 337 26.43 -1.85 -7.71
CA SER B 337 27.17 -3.11 -7.65
C SER B 337 28.50 -2.95 -6.90
N SER B 338 28.47 -2.22 -5.79
CA SER B 338 29.66 -2.04 -4.97
C SER B 338 29.79 -3.06 -3.86
N ASN B 339 28.70 -3.73 -3.48
CA ASN B 339 28.72 -4.75 -2.45
C ASN B 339 28.61 -6.16 -3.02
N VAL B 340 28.92 -6.33 -4.32
CA VAL B 340 28.75 -7.64 -4.94
C VAL B 340 29.72 -8.66 -4.37
N LEU B 341 30.90 -8.21 -3.91
CA LEU B 341 31.89 -9.14 -3.40
C LEU B 341 31.41 -9.80 -2.11
N GLN B 342 31.10 -8.99 -1.10
CA GLN B 342 30.55 -9.54 0.13
C GLN B 342 29.27 -10.32 -0.14
N LEU B 343 28.51 -9.92 -1.15
CA LEU B 343 27.31 -10.64 -1.53
C LEU B 343 27.63 -12.06 -2.00
N ILE B 344 28.68 -12.20 -2.83
CA ILE B 344 29.06 -13.52 -3.32
C ILE B 344 29.57 -14.39 -2.18
N VAL B 345 30.29 -13.79 -1.22
CA VAL B 345 30.82 -14.55 -0.10
C VAL B 345 29.70 -15.00 0.83
N ASP B 346 28.74 -14.11 1.10
CA ASP B 346 27.61 -14.48 1.95
C ASP B 346 26.77 -15.58 1.31
N ALA B 347 26.62 -15.55 -0.01
CA ALA B 347 25.84 -16.57 -0.69
C ALA B 347 26.56 -17.91 -0.68
N TYR B 348 27.88 -17.91 -0.81
CA TYR B 348 28.64 -19.16 -0.74
C TYR B 348 28.47 -19.84 0.61
N GLY B 349 28.33 -19.06 1.69
CA GLY B 349 28.12 -19.65 3.00
C GLY B 349 26.75 -20.27 3.14
N LYS B 350 25.71 -19.58 2.65
CA LYS B 350 24.37 -20.14 2.67
C LYS B 350 24.26 -21.38 1.80
N ILE B 351 25.08 -21.46 0.74
CA ILE B 351 25.00 -22.59 -0.17
C ILE B 351 25.58 -23.85 0.47
N ARG B 352 26.72 -23.72 1.15
CA ARG B 352 27.35 -24.85 1.83
C ARG B 352 26.92 -24.98 3.28
N SER B 353 25.70 -24.55 3.60
CA SER B 353 25.15 -24.66 4.96
C SER B 353 24.03 -25.68 5.06
N LYS B 354 23.73 -26.41 3.98
CA LYS B 354 22.65 -27.38 3.95
C LYS B 354 23.17 -28.73 3.49
N VAL B 355 22.59 -29.80 4.03
CA VAL B 355 22.91 -31.17 3.66
C VAL B 355 21.58 -31.90 3.55
N GLU B 356 21.01 -31.94 2.35
CA GLU B 356 19.72 -32.55 2.09
C GLU B 356 19.94 -33.84 1.30
N LEU B 357 19.35 -34.93 1.77
CA LEU B 357 19.51 -36.23 1.14
C LEU B 357 18.45 -36.46 0.07
N GLU B 358 18.86 -37.11 -1.02
CA GLU B 358 17.99 -37.48 -2.11
C GLU B 358 18.15 -38.97 -2.38
N VAL B 359 17.08 -39.60 -2.86
CA VAL B 359 17.05 -41.04 -3.12
C VAL B 359 16.75 -41.25 -4.60
N ARG B 360 17.53 -42.12 -5.23
CA ARG B 360 17.39 -42.42 -6.65
C ARG B 360 17.29 -43.93 -6.86
N ASP B 361 16.39 -44.33 -7.76
CA ASP B 361 16.25 -45.72 -8.19
C ASP B 361 15.75 -46.62 -7.06
N LEU B 362 14.88 -46.09 -6.21
CA LEU B 362 14.35 -46.87 -5.10
C LEU B 362 13.26 -47.81 -5.60
N PRO B 363 13.34 -49.10 -5.31
CA PRO B 363 12.31 -50.05 -5.77
C PRO B 363 10.93 -49.70 -5.24
N GLU B 364 9.92 -50.32 -5.85
CA GLU B 364 8.54 -50.07 -5.44
C GLU B 364 8.27 -50.57 -4.03
N GLU B 365 8.73 -51.79 -3.72
CA GLU B 365 8.41 -52.41 -2.45
C GLU B 365 9.13 -51.76 -1.27
N LEU B 366 10.25 -51.08 -1.51
CA LEU B 366 11.05 -50.52 -0.44
C LEU B 366 10.53 -49.15 -0.02
N SER B 367 10.54 -48.92 1.30
CA SER B 367 10.24 -47.61 1.88
C SER B 367 11.30 -47.30 2.91
N LEU B 368 11.74 -46.05 2.95
CA LEU B 368 12.84 -45.62 3.80
C LEU B 368 12.37 -44.63 4.86
N SER B 369 13.07 -44.64 5.98
CA SER B 369 12.83 -43.73 7.09
C SER B 369 14.15 -43.13 7.54
N PHE B 370 14.10 -41.88 8.00
CA PHE B 370 15.32 -41.12 8.26
C PHE B 370 15.31 -40.49 9.65
N ASN B 371 16.44 -40.60 10.34
CA ASN B 371 16.71 -39.92 11.58
C ASN B 371 17.93 -39.03 11.39
N ALA B 372 17.78 -37.73 11.63
CA ALA B 372 18.86 -36.79 11.44
C ALA B 372 19.65 -36.59 12.72
N THR B 373 20.88 -36.07 12.56
CA THR B 373 21.78 -35.72 13.66
C THR B 373 22.56 -34.48 13.23
N CYS B 374 21.88 -33.34 13.23
CA CYS B 374 22.48 -32.08 12.87
C CYS B 374 22.83 -31.32 14.15
N LEU B 375 23.09 -30.02 14.02
CA LEU B 375 23.25 -29.11 15.16
C LEU B 375 24.35 -29.56 16.12
N ASN B 376 24.09 -30.63 16.89
CA ASN B 376 25.11 -31.22 17.76
C ASN B 376 24.60 -32.50 18.44
N ASN B 377 24.79 -33.65 17.78
CA ASN B 377 24.44 -34.95 18.37
C ASN B 377 22.98 -35.00 18.81
N GLU B 378 22.12 -34.22 18.16
CA GLU B 378 20.72 -34.14 18.49
C GLU B 378 19.92 -34.88 17.44
N VAL B 379 19.22 -35.93 17.86
CA VAL B 379 18.46 -36.77 16.94
C VAL B 379 17.13 -36.08 16.63
N ILE B 380 16.79 -36.04 15.34
CA ILE B 380 15.51 -35.48 14.89
C ILE B 380 14.82 -36.53 14.01
N PRO B 381 13.75 -37.17 14.50
CA PRO B 381 13.14 -38.25 13.74
C PRO B 381 12.40 -37.73 12.51
N GLY B 382 12.29 -38.59 11.50
CA GLY B 382 11.61 -38.26 10.26
C GLY B 382 12.18 -37.05 9.56
N LEU B 383 13.50 -36.99 9.43
CA LEU B 383 14.17 -35.83 8.85
C LEU B 383 15.37 -36.29 8.05
N LYS B 384 15.54 -35.72 6.85
CA LYS B 384 16.64 -36.08 5.97
C LYS B 384 17.36 -34.83 5.45
N SER B 385 17.28 -33.74 6.20
CA SER B 385 17.93 -32.50 5.79
C SER B 385 18.45 -31.76 7.01
N CYS B 386 19.64 -31.18 6.87
CA CYS B 386 20.27 -30.38 7.92
C CYS B 386 20.42 -28.94 7.45
N MET B 387 20.35 -28.01 8.39
CA MET B 387 20.45 -26.59 8.10
C MET B 387 21.28 -25.90 9.16
N GLY B 388 21.86 -24.76 8.78
CA GLY B 388 22.67 -23.99 9.70
C GLY B 388 24.07 -24.51 9.91
N LEU B 389 24.65 -25.18 8.91
CA LEU B 389 25.96 -25.79 9.04
C LEU B 389 27.05 -24.86 8.52
N LYS B 390 28.26 -25.05 9.05
CA LYS B 390 29.44 -24.33 8.59
C LYS B 390 30.33 -25.27 7.80
N ILE B 391 31.26 -24.69 7.04
CA ILE B 391 32.20 -25.50 6.27
C ILE B 391 33.12 -26.23 7.23
N GLY B 392 33.07 -27.55 7.22
CA GLY B 392 33.78 -28.38 8.18
C GLY B 392 32.88 -29.14 9.12
N ASP B 393 31.58 -28.85 9.14
CA ASP B 393 30.64 -29.60 9.95
C ASP B 393 30.39 -30.97 9.35
N THR B 394 30.07 -31.93 10.21
CA THR B 394 29.74 -33.29 9.79
C THR B 394 28.43 -33.70 10.43
N VAL B 395 27.56 -34.33 9.64
CA VAL B 395 26.27 -34.81 10.09
C VAL B 395 26.11 -36.26 9.67
N SER B 396 25.09 -36.90 10.23
CA SER B 396 24.84 -38.32 9.96
C SER B 396 23.34 -38.59 10.03
N PHE B 397 22.95 -39.71 9.43
CA PHE B 397 21.55 -40.12 9.39
C PHE B 397 21.45 -41.62 9.64
N SER B 398 20.36 -42.02 10.30
CA SER B 398 20.00 -43.41 10.47
C SER B 398 18.82 -43.74 9.56
N ILE B 399 18.90 -44.88 8.88
CA ILE B 399 17.96 -45.25 7.82
C ILE B 399 17.52 -46.69 8.02
N GLU B 400 16.22 -46.94 7.85
CA GLU B 400 15.63 -48.28 7.90
C GLU B 400 14.91 -48.56 6.60
N ALA B 401 15.19 -49.72 6.00
CA ALA B 401 14.56 -50.15 4.76
C ALA B 401 13.58 -51.27 5.07
N LYS B 402 12.29 -51.02 4.86
CA LYS B 402 11.22 -51.98 5.12
C LYS B 402 10.68 -52.48 3.80
N VAL B 403 10.99 -53.72 3.46
CA VAL B 403 10.54 -54.34 2.20
C VAL B 403 9.17 -54.95 2.43
N ARG B 404 8.32 -54.85 1.41
CA ARG B 404 6.95 -55.36 1.46
C ARG B 404 6.87 -56.63 0.63
N GLY B 405 6.79 -57.78 1.31
CA GLY B 405 6.69 -59.04 0.61
C GLY B 405 7.97 -59.42 -0.11
N CYS B 406 7.84 -60.34 -1.06
CA CYS B 406 8.99 -60.79 -1.85
C CYS B 406 8.85 -60.28 -3.28
N PRO B 407 9.84 -59.56 -3.80
CA PRO B 407 9.76 -59.09 -5.18
C PRO B 407 10.28 -60.15 -6.15
N GLN B 408 9.95 -59.94 -7.42
CA GLN B 408 10.40 -60.86 -8.47
C GLN B 408 11.89 -60.76 -8.67
N GLU B 409 12.39 -59.56 -8.95
CA GLU B 409 13.83 -59.35 -9.11
C GLU B 409 14.51 -59.45 -7.76
N LYS B 410 15.42 -60.42 -7.61
CA LYS B 410 16.09 -60.65 -6.34
C LYS B 410 17.33 -59.79 -6.15
N GLU B 411 17.71 -58.99 -7.16
CA GLU B 411 18.91 -58.16 -7.10
C GLU B 411 18.56 -56.77 -7.61
N LYS B 412 18.70 -55.76 -6.75
CA LYS B 412 18.43 -54.37 -7.11
C LYS B 412 19.43 -53.47 -6.41
N SER B 413 19.52 -52.23 -6.89
CA SER B 413 20.42 -51.23 -6.33
C SER B 413 19.78 -49.86 -6.39
N PHE B 414 20.02 -49.06 -5.36
CA PHE B 414 19.60 -47.67 -5.33
C PHE B 414 20.70 -46.82 -4.72
N THR B 415 20.53 -45.50 -4.76
CA THR B 415 21.57 -44.56 -4.38
C THR B 415 21.01 -43.50 -3.43
N ILE B 416 21.74 -43.22 -2.36
CA ILE B 416 21.44 -42.14 -1.43
C ILE B 416 22.52 -41.08 -1.63
N LYS B 417 22.15 -39.95 -2.23
CA LYS B 417 23.13 -38.93 -2.58
C LYS B 417 22.67 -37.56 -2.08
N PRO B 418 23.52 -36.80 -1.41
CA PRO B 418 23.15 -35.43 -1.04
C PRO B 418 23.11 -34.53 -2.28
N VAL B 419 22.12 -33.63 -2.30
CA VAL B 419 21.93 -32.76 -3.46
C VAL B 419 23.13 -31.83 -3.58
N GLY B 420 23.64 -31.68 -4.81
CA GLY B 420 24.80 -30.87 -5.07
C GLY B 420 26.13 -31.53 -4.80
N PHE B 421 26.13 -32.67 -4.10
CA PHE B 421 27.37 -33.40 -3.80
C PHE B 421 27.75 -34.32 -4.95
N LYS B 422 29.03 -34.63 -5.02
CA LYS B 422 29.53 -35.57 -6.02
C LYS B 422 29.45 -37.01 -5.53
N ASP B 423 29.96 -37.29 -4.34
CA ASP B 423 29.98 -38.65 -3.82
C ASP B 423 28.58 -39.09 -3.40
N SER B 424 28.39 -40.40 -3.32
CA SER B 424 27.09 -40.97 -3.05
C SER B 424 27.24 -42.33 -2.38
N LEU B 425 26.17 -42.78 -1.74
CA LEU B 425 26.11 -44.08 -1.09
C LEU B 425 25.29 -45.03 -1.95
N ILE B 426 25.92 -46.10 -2.44
CA ILE B 426 25.27 -47.11 -3.26
C ILE B 426 24.86 -48.27 -2.35
N VAL B 427 23.57 -48.58 -2.33
CA VAL B 427 23.05 -49.70 -1.55
C VAL B 427 22.71 -50.82 -2.51
N GLN B 428 23.39 -51.96 -2.35
CA GLN B 428 23.12 -53.17 -3.13
C GLN B 428 22.20 -54.07 -2.31
N VAL B 429 20.96 -54.22 -2.74
CA VAL B 429 19.96 -55.00 -2.04
C VAL B 429 19.91 -56.40 -2.62
N THR B 430 19.80 -57.39 -1.75
CA THR B 430 19.60 -58.79 -2.14
C THR B 430 18.43 -59.34 -1.34
N PHE B 431 17.47 -59.95 -2.02
CA PHE B 431 16.26 -60.48 -1.40
C PHE B 431 16.41 -61.98 -1.21
N ASP B 432 16.41 -62.43 0.04
CA ASP B 432 16.60 -63.83 0.39
C ASP B 432 15.23 -64.45 0.64
N CYS B 433 14.52 -64.75 -0.46
CA CYS B 433 13.19 -65.33 -0.36
C CYS B 433 13.20 -66.85 -0.42
N ASP B 434 14.10 -67.44 -1.19
CA ASP B 434 14.14 -68.87 -1.37
C ASP B 434 14.98 -69.53 -0.29
N CYS B 435 14.85 -70.85 -0.19
CA CYS B 435 15.64 -71.66 0.73
C CYS B 435 16.81 -72.30 -0.02
N ALA B 436 17.88 -72.60 0.71
CA ALA B 436 19.05 -73.20 0.09
C ALA B 436 18.77 -74.62 -0.41
N CYS B 437 17.90 -75.37 0.28
CA CYS B 437 17.59 -76.74 -0.10
C CYS B 437 16.83 -76.83 -1.42
N GLN B 438 16.23 -75.73 -1.88
CA GLN B 438 15.45 -75.76 -3.11
C GLN B 438 16.29 -76.09 -4.33
N ALA B 439 17.61 -75.86 -4.26
CA ALA B 439 18.45 -76.08 -5.43
C ALA B 439 18.61 -77.56 -5.75
N GLN B 440 18.86 -78.39 -4.73
CA GLN B 440 19.03 -79.82 -4.94
C GLN B 440 17.71 -80.57 -4.76
N ALA B 441 16.68 -80.13 -5.46
CA ALA B 441 15.40 -80.81 -5.45
C ALA B 441 15.43 -82.01 -6.41
N GLU B 442 14.44 -82.88 -6.26
CA GLU B 442 14.31 -84.08 -7.10
C GLU B 442 13.06 -83.99 -7.94
N PRO B 443 13.16 -83.54 -9.19
CA PRO B 443 11.97 -83.52 -10.06
C PRO B 443 11.53 -84.93 -10.42
N ASN B 444 10.22 -85.08 -10.62
CA ASN B 444 9.61 -86.36 -10.95
C ASN B 444 10.01 -87.43 -9.94
N SER B 445 9.93 -87.05 -8.66
CA SER B 445 10.49 -87.87 -7.59
C SER B 445 9.78 -89.21 -7.49
N HIS B 446 10.55 -90.23 -7.10
CA HIS B 446 10.00 -91.54 -6.78
C HIS B 446 9.22 -91.53 -5.47
N ARG B 447 9.50 -90.57 -4.57
CA ARG B 447 8.81 -90.49 -3.28
C ARG B 447 7.42 -89.87 -3.39
N CYS B 448 7.05 -89.31 -4.54
CA CYS B 448 5.78 -88.59 -4.69
C CYS B 448 5.00 -89.22 -5.85
N ASN B 449 4.29 -90.31 -5.58
CA ASN B 449 3.30 -90.89 -6.49
C ASN B 449 3.90 -91.35 -7.83
N ASN B 450 5.15 -91.81 -7.81
CA ASN B 450 5.81 -92.39 -8.98
C ASN B 450 5.92 -91.37 -10.12
N GLY B 451 6.57 -90.26 -9.82
CA GLY B 451 6.87 -89.26 -10.83
C GLY B 451 5.88 -88.12 -10.95
N ASN B 452 4.90 -88.04 -10.06
CA ASN B 452 3.91 -86.97 -10.15
C ASN B 452 4.42 -85.67 -9.55
N GLY B 453 5.15 -85.75 -8.43
CA GLY B 453 5.59 -84.58 -7.71
C GLY B 453 7.09 -84.38 -7.70
N THR B 454 7.50 -83.35 -6.98
CA THR B 454 8.90 -82.98 -6.81
C THR B 454 9.25 -83.01 -5.33
N PHE B 455 10.38 -83.62 -5.00
CA PHE B 455 10.83 -83.76 -3.61
C PHE B 455 11.87 -82.69 -3.34
N GLU B 456 11.46 -81.62 -2.66
CA GLU B 456 12.36 -80.55 -2.27
C GLU B 456 12.19 -80.27 -0.78
N CYS B 457 13.32 -80.06 -0.10
CA CYS B 457 13.34 -79.66 1.31
C CYS B 457 12.50 -80.58 2.18
N GLY B 458 12.44 -81.87 1.82
CA GLY B 458 11.79 -82.88 2.63
C GLY B 458 10.29 -83.03 2.45
N VAL B 459 9.70 -82.35 1.46
CA VAL B 459 8.26 -82.42 1.22
C VAL B 459 8.02 -82.61 -0.27
N CYS B 460 6.78 -82.96 -0.61
CA CYS B 460 6.35 -83.17 -1.99
C CYS B 460 5.50 -81.99 -2.45
N ARG B 461 5.85 -81.43 -3.60
CA ARG B 461 5.09 -80.35 -4.23
C ARG B 461 4.64 -80.80 -5.62
N CYS B 462 3.44 -80.39 -6.00
CA CYS B 462 2.94 -80.71 -7.34
C CYS B 462 3.81 -80.04 -8.39
N GLY B 463 4.41 -80.85 -9.26
CA GLY B 463 5.32 -80.35 -10.27
C GLY B 463 4.63 -79.55 -11.36
N PRO B 464 5.36 -79.24 -12.42
CA PRO B 464 4.78 -78.46 -13.52
C PRO B 464 4.15 -79.35 -14.57
N GLY B 465 2.83 -79.23 -14.77
CA GLY B 465 2.01 -78.31 -14.00
C GLY B 465 0.61 -78.86 -13.80
N TRP B 466 0.18 -78.95 -12.54
CA TRP B 466 -1.13 -79.51 -12.22
C TRP B 466 -2.11 -78.41 -11.81
N LEU C 1 -17.36 31.84 43.34
CA LEU C 1 -18.17 32.93 43.88
C LEU C 1 -17.49 33.61 45.06
N ASN C 2 -17.10 32.82 46.05
CA ASN C 2 -16.56 33.33 47.31
C ASN C 2 -15.09 32.96 47.50
N LEU C 3 -14.30 33.01 46.43
CA LEU C 3 -12.87 32.86 46.52
C LEU C 3 -12.23 34.24 46.63
N ASP C 4 -11.29 34.40 47.58
CA ASP C 4 -10.63 35.68 47.80
C ASP C 4 -9.53 35.89 46.77
N PRO C 5 -9.70 36.81 45.83
CA PRO C 5 -8.66 37.06 44.81
C PRO C 5 -7.65 38.14 45.18
N VAL C 6 -7.70 38.68 46.40
CA VAL C 6 -6.82 39.77 46.80
C VAL C 6 -5.61 39.23 47.54
N GLN C 7 -5.85 38.52 48.65
CA GLN C 7 -4.78 37.98 49.49
C GLN C 7 -4.57 36.52 49.11
N LEU C 8 -3.67 36.30 48.16
CA LEU C 8 -3.35 34.95 47.72
C LEU C 8 -2.14 34.42 48.49
N THR C 9 -1.87 33.14 48.30
CA THR C 9 -0.70 32.48 48.87
C THR C 9 0.08 31.81 47.75
N PHE C 10 1.39 32.07 47.71
CA PHE C 10 2.25 31.61 46.62
C PHE C 10 3.35 30.71 47.17
N TYR C 11 3.45 29.51 46.62
CA TYR C 11 4.59 28.62 46.81
C TYR C 11 5.41 28.61 45.53
N ALA C 12 6.72 28.39 45.67
CA ALA C 12 7.62 28.45 44.54
C ALA C 12 8.71 27.39 44.67
N GLY C 13 9.13 26.86 43.52
CA GLY C 13 10.20 25.92 43.45
C GLY C 13 11.35 26.42 42.60
N PRO C 14 12.32 25.55 42.30
CA PRO C 14 13.48 25.97 41.53
C PRO C 14 13.09 26.40 40.12
N ASN C 15 13.89 27.28 39.54
CA ASN C 15 13.65 27.76 38.19
C ASN C 15 13.91 26.66 37.18
N GLY C 16 13.03 26.56 36.19
CA GLY C 16 13.16 25.52 35.19
C GLY C 16 12.79 24.13 35.65
N SER C 17 12.28 23.98 36.87
CA SER C 17 11.89 22.68 37.40
C SER C 17 10.44 22.32 37.08
N GLN C 18 9.66 23.27 36.55
CA GLN C 18 8.22 23.06 36.31
C GLN C 18 7.49 22.70 37.59
N PHE C 19 7.92 23.32 38.70
CA PHE C 19 7.23 23.26 39.97
C PHE C 19 5.79 23.69 39.80
N GLY C 20 4.85 22.78 39.99
CA GLY C 20 3.44 23.05 39.80
C GLY C 20 2.80 22.33 38.64
N PHE C 21 3.55 21.48 37.93
CA PHE C 21 2.97 20.70 36.83
C PHE C 21 1.83 19.81 37.31
N SER C 22 1.92 19.32 38.55
CA SER C 22 0.86 18.53 39.16
C SER C 22 0.84 18.85 40.65
N LEU C 23 -0.35 18.73 41.24
CA LEU C 23 -0.51 19.04 42.66
C LEU C 23 -1.70 18.28 43.21
N ASP C 24 -1.78 18.21 44.54
CA ASP C 24 -2.87 17.58 45.25
C ASP C 24 -2.77 17.95 46.72
N PHE C 25 -3.89 17.83 47.43
CA PHE C 25 -3.89 18.01 48.88
C PHE C 25 -3.45 16.73 49.57
N HIS C 26 -2.77 16.90 50.71
CA HIS C 26 -2.26 15.77 51.49
C HIS C 26 -2.62 15.98 52.95
N LYS C 27 -3.20 14.94 53.56
CA LYS C 27 -3.58 14.96 54.97
C LYS C 27 -2.80 13.89 55.70
N ASP C 28 -1.96 14.30 56.65
CA ASP C 28 -1.18 13.34 57.42
C ASP C 28 -2.07 12.59 58.40
N SER C 29 -1.47 11.73 59.21
CA SER C 29 -2.21 10.94 60.18
C SER C 29 -2.85 11.79 61.28
N HIS C 30 -2.54 13.08 61.33
CA HIS C 30 -3.15 13.99 62.31
C HIS C 30 -4.28 14.82 61.73
N GLY C 31 -4.53 14.73 60.43
CA GLY C 31 -5.49 15.58 59.76
C GLY C 31 -4.93 16.89 59.24
N ARG C 32 -3.65 17.16 59.47
CA ARG C 32 -3.03 18.40 59.02
C ARG C 32 -2.91 18.39 57.49
N VAL C 33 -3.48 19.40 56.86
CA VAL C 33 -3.53 19.48 55.40
C VAL C 33 -2.27 20.17 54.88
N ALA C 34 -1.64 19.55 53.88
CA ALA C 34 -0.49 20.11 53.20
C ALA C 34 -0.72 20.02 51.69
N ILE C 35 0.25 20.51 50.92
CA ILE C 35 0.16 20.55 49.46
C ILE C 35 1.36 19.82 48.89
N VAL C 36 1.11 18.75 48.16
CA VAL C 36 2.15 18.05 47.42
C VAL C 36 2.21 18.62 46.01
N VAL C 37 3.42 18.88 45.53
CA VAL C 37 3.64 19.53 44.24
C VAL C 37 4.70 18.76 43.48
N GLY C 38 4.41 18.43 42.22
CA GLY C 38 5.36 17.73 41.37
C GLY C 38 6.10 18.70 40.47
N ALA C 39 7.41 18.49 40.36
CA ALA C 39 8.29 19.34 39.55
C ALA C 39 9.07 18.43 38.62
N PRO C 40 8.54 18.13 37.43
CA PRO C 40 9.08 17.02 36.63
C PRO C 40 10.43 17.32 35.99
N ARG C 41 10.88 18.57 35.95
CA ARG C 41 12.18 18.90 35.35
C ARG C 41 13.20 19.33 36.39
N THR C 42 12.98 18.97 37.65
CA THR C 42 13.95 19.29 38.71
C THR C 42 15.26 18.54 38.47
N LEU C 43 16.37 19.24 38.69
CA LEU C 43 17.67 18.63 38.55
C LEU C 43 17.89 17.53 39.60
N GLY C 44 18.63 16.50 39.22
CA GLY C 44 18.93 15.40 40.10
C GLY C 44 20.35 15.45 40.62
N PRO C 45 20.87 14.31 41.04
CA PRO C 45 22.24 14.27 41.59
C PRO C 45 23.30 14.31 40.50
N SER C 46 23.02 13.65 39.38
CA SER C 46 23.91 13.67 38.22
C SER C 46 23.80 14.95 37.42
N GLN C 47 23.10 15.96 37.94
CA GLN C 47 22.83 17.21 37.23
C GLN C 47 22.14 16.96 35.89
N GLU C 48 21.39 15.86 35.83
CA GLU C 48 20.46 15.58 34.73
C GLU C 48 19.04 15.74 35.25
N GLU C 49 18.17 16.31 34.42
CA GLU C 49 16.77 16.44 34.80
C GLU C 49 16.19 15.08 35.14
N THR C 50 15.61 14.97 36.34
CA THR C 50 15.02 13.72 36.79
C THR C 50 13.60 13.96 37.29
N GLY C 51 13.34 15.16 37.80
CA GLY C 51 12.08 15.45 38.46
C GLY C 51 12.23 15.45 39.97
N GLY C 52 11.12 15.73 40.64
CA GLY C 52 11.13 15.79 42.09
C GLY C 52 9.76 16.13 42.62
N VAL C 53 9.60 15.91 43.92
CA VAL C 53 8.36 16.14 44.63
C VAL C 53 8.63 17.06 45.81
N PHE C 54 7.68 17.95 46.09
CA PHE C 54 7.78 18.87 47.21
C PHE C 54 6.53 18.78 48.06
N LEU C 55 6.72 18.80 49.38
CA LEU C 55 5.63 18.71 50.36
C LEU C 55 5.56 20.03 51.11
N CYS C 56 4.62 20.88 50.71
CA CYS C 56 4.54 22.24 51.22
C CYS C 56 3.63 22.29 52.44
N PRO C 57 4.11 22.69 53.60
CA PRO C 57 3.21 22.90 54.75
C PRO C 57 2.34 24.12 54.51
N TRP C 58 1.13 24.08 55.05
CA TRP C 58 0.22 25.20 54.90
C TRP C 58 0.74 26.41 55.67
N ARG C 59 1.01 27.49 54.94
CA ARG C 59 1.45 28.76 55.53
C ARG C 59 0.81 29.88 54.74
N ALA C 60 0.10 30.78 55.43
CA ALA C 60 -0.59 31.87 54.74
C ALA C 60 0.39 32.73 53.94
N GLU C 61 1.66 32.75 54.34
CA GLU C 61 2.68 33.47 53.59
C GLU C 61 3.27 32.66 52.45
N GLY C 62 3.21 31.34 52.53
CA GLY C 62 3.70 30.51 51.43
C GLY C 62 5.19 30.34 51.54
N GLY C 63 5.89 30.44 50.42
CA GLY C 63 7.34 30.36 50.41
C GLY C 63 7.90 29.10 49.78
N GLN C 64 9.11 28.72 50.17
CA GLN C 64 9.75 27.53 49.66
C GLN C 64 9.22 26.28 50.36
N CYS C 65 9.45 25.13 49.74
CA CYS C 65 8.96 23.87 50.27
C CYS C 65 10.09 22.87 50.43
N PRO C 66 10.00 21.98 51.41
CA PRO C 66 11.02 20.93 51.54
C PRO C 66 10.84 19.86 50.47
N SER C 67 11.96 19.21 50.15
CA SER C 67 11.94 18.14 49.16
C SER C 67 11.42 16.85 49.77
N LEU C 68 10.65 16.10 48.99
CA LEU C 68 10.26 14.74 49.33
C LEU C 68 11.20 13.81 48.56
N LEU C 69 12.19 13.28 49.27
CA LEU C 69 13.30 12.61 48.61
C LEU C 69 12.88 11.23 48.07
N PHE C 70 13.42 10.88 46.90
CA PHE C 70 13.25 9.57 46.31
C PHE C 70 14.58 9.09 45.76
N ASP C 71 14.66 7.80 45.48
CA ASP C 71 15.87 7.21 44.93
C ASP C 71 15.97 7.52 43.44
N LEU C 72 17.04 8.18 43.04
CA LEU C 72 17.27 8.55 41.65
C LEU C 72 18.44 7.82 41.03
N ARG C 73 18.94 6.78 41.67
CA ARG C 73 20.05 6.00 41.11
C ARG C 73 19.57 5.14 39.95
N ASP C 74 20.36 5.10 38.88
CA ASP C 74 20.10 4.15 37.81
C ASP C 74 20.44 2.74 38.28
N GLU C 75 19.48 1.83 38.18
CA GLU C 75 19.61 0.49 38.72
C GLU C 75 19.98 -0.49 37.63
N THR C 76 20.84 -1.45 37.98
CA THR C 76 21.34 -2.47 37.05
C THR C 76 21.40 -3.80 37.78
N ARG C 77 20.80 -4.83 37.20
CA ARG C 77 20.76 -6.15 37.83
C ARG C 77 21.08 -7.23 36.82
N ASN C 78 22.06 -8.08 37.16
CA ASN C 78 22.43 -9.24 36.36
C ASN C 78 21.81 -10.47 37.02
N VAL C 79 20.73 -10.99 36.42
CA VAL C 79 20.01 -12.11 36.98
C VAL C 79 19.42 -12.93 35.83
N GLY C 80 19.40 -14.24 36.02
CA GLY C 80 18.82 -15.14 35.02
C GLY C 80 19.46 -15.02 33.64
N SER C 81 20.78 -14.83 33.60
CA SER C 81 21.52 -14.65 32.35
C SER C 81 20.99 -13.47 31.55
N GLN C 82 20.42 -12.49 32.24
CA GLN C 82 19.93 -11.26 31.63
C GLN C 82 20.40 -10.07 32.45
N THR C 83 20.26 -8.88 31.89
CA THR C 83 20.69 -7.64 32.54
C THR C 83 19.53 -6.65 32.52
N LEU C 84 18.99 -6.37 33.70
CA LEU C 84 17.90 -5.40 33.85
C LEU C 84 18.48 -4.02 34.05
N GLN C 85 17.85 -3.02 33.44
CA GLN C 85 18.35 -1.65 33.46
C GLN C 85 17.20 -0.68 33.66
N THR C 86 17.39 0.29 34.56
CA THR C 86 16.46 1.39 34.75
C THR C 86 17.21 2.70 34.50
N PHE C 87 16.62 3.57 33.70
CA PHE C 87 17.18 4.88 33.38
C PHE C 87 16.20 5.94 33.85
N LYS C 88 16.63 6.75 34.80
CA LYS C 88 15.78 7.76 35.42
C LYS C 88 16.09 9.17 34.94
N ALA C 89 16.98 9.32 33.97
CA ALA C 89 17.24 10.63 33.39
C ALA C 89 16.07 11.06 32.52
N ARG C 90 15.60 12.29 32.73
CA ARG C 90 14.48 12.86 31.98
C ARG C 90 13.20 12.04 32.16
N GLN C 91 13.11 11.32 33.28
CA GLN C 91 11.93 10.49 33.54
C GLN C 91 10.70 11.34 33.86
N GLY C 92 10.86 12.56 34.31
CA GLY C 92 9.74 13.39 34.69
C GLY C 92 9.07 13.01 35.99
N LEU C 93 9.85 12.71 37.02
CA LEU C 93 9.28 12.42 38.33
C LEU C 93 8.51 13.63 38.84
N GLY C 94 7.25 13.43 39.20
CA GLY C 94 6.35 14.51 39.54
C GLY C 94 5.47 15.00 38.42
N ALA C 95 5.52 14.36 37.25
CA ALA C 95 4.59 14.68 36.17
C ALA C 95 3.15 14.36 36.54
N SER C 96 2.92 13.60 37.62
CA SER C 96 1.60 13.40 38.18
C SER C 96 1.77 13.01 39.64
N VAL C 97 0.97 13.62 40.52
CA VAL C 97 1.00 13.32 41.93
C VAL C 97 -0.43 13.15 42.43
N VAL C 98 -0.60 12.27 43.41
CA VAL C 98 -1.89 11.98 44.00
C VAL C 98 -1.67 11.48 45.42
N SER C 99 -2.58 11.85 46.32
CA SER C 99 -2.47 11.51 47.73
C SER C 99 -3.69 10.70 48.16
N TRP C 100 -3.45 9.71 49.04
CA TRP C 100 -4.50 8.89 49.59
C TRP C 100 -4.08 8.47 50.99
N SER C 101 -4.93 8.79 51.99
CA SER C 101 -4.65 8.55 53.41
C SER C 101 -3.36 9.27 53.75
N ASP C 102 -2.33 8.60 54.29
CA ASP C 102 -1.06 9.23 54.59
C ASP C 102 0.05 8.79 53.64
N VAL C 103 -0.31 8.51 52.38
CA VAL C 103 0.62 8.02 51.37
C VAL C 103 0.53 8.94 50.15
N ILE C 104 1.69 9.24 49.57
CA ILE C 104 1.79 10.09 48.39
C ILE C 104 2.37 9.26 47.26
N VAL C 105 1.78 9.37 46.07
CA VAL C 105 2.19 8.61 44.89
C VAL C 105 2.60 9.61 43.82
N ALA C 106 3.89 9.61 43.48
CA ALA C 106 4.42 10.43 42.41
C ALA C 106 4.97 9.54 41.32
N CYS C 107 4.68 9.88 40.08
CA CYS C 107 4.97 9.01 38.95
C CYS C 107 5.92 9.67 37.96
N ALA C 108 6.72 8.85 37.28
CA ALA C 108 7.67 9.27 36.27
C ALA C 108 7.29 8.57 34.97
N PRO C 109 6.39 9.15 34.17
CA PRO C 109 5.90 8.44 32.99
C PRO C 109 6.98 8.08 31.99
N TRP C 110 8.07 8.84 31.92
CA TRP C 110 9.10 8.62 30.91
C TRP C 110 10.36 7.99 31.50
N GLN C 111 10.23 7.27 32.61
CA GLN C 111 11.33 6.44 33.08
C GLN C 111 11.52 5.28 32.11
N HIS C 112 12.77 5.05 31.71
CA HIS C 112 13.05 4.06 30.70
C HIS C 112 13.52 2.75 31.30
N TRP C 113 13.45 1.70 30.48
CA TRP C 113 13.69 0.34 30.91
C TRP C 113 14.27 -0.45 29.75
N ASN C 114 15.15 -1.38 30.07
CA ASN C 114 15.78 -2.20 29.04
C ASN C 114 16.27 -3.50 29.66
N VAL C 115 16.26 -4.56 28.86
CA VAL C 115 16.74 -5.87 29.25
C VAL C 115 17.71 -6.36 28.19
N LEU C 116 18.89 -6.80 28.62
CA LEU C 116 19.94 -7.27 27.72
C LEU C 116 20.15 -8.75 27.91
N GLU C 117 20.23 -9.50 26.80
CA GLU C 117 20.55 -10.92 26.83
C GLU C 117 21.55 -11.17 25.71
N LYS C 118 22.85 -11.04 26.04
CA LYS C 118 23.94 -11.22 25.10
C LYS C 118 23.83 -10.23 23.94
N THR C 119 23.44 -10.71 22.76
CA THR C 119 23.35 -9.86 21.59
C THR C 119 21.95 -9.28 21.37
N GLU C 120 20.95 -9.77 22.07
CA GLU C 120 19.58 -9.34 21.90
C GLU C 120 19.14 -8.50 23.09
N GLU C 121 18.02 -7.79 22.92
CA GLU C 121 17.51 -6.91 23.95
C GLU C 121 16.01 -6.79 23.81
N ALA C 122 15.40 -6.08 24.78
CA ALA C 122 13.98 -5.79 24.77
C ALA C 122 13.67 -4.38 24.27
N GLU C 123 14.70 -3.55 24.03
CA GLU C 123 14.64 -2.16 23.59
C GLU C 123 14.46 -1.19 24.76
N LYS C 124 15.26 -0.14 24.79
CA LYS C 124 15.20 0.90 25.81
C LYS C 124 13.99 1.80 25.53
N THR C 125 12.93 1.64 26.33
CA THR C 125 11.64 2.25 26.05
C THR C 125 11.05 2.82 27.32
N PRO C 126 10.16 3.82 27.21
CA PRO C 126 9.55 4.41 28.42
C PRO C 126 8.39 3.59 28.96
N VAL C 127 8.68 2.63 29.84
CA VAL C 127 7.62 1.89 30.49
C VAL C 127 6.97 2.68 31.61
N GLY C 128 7.62 3.74 32.10
CA GLY C 128 7.09 4.52 33.20
C GLY C 128 7.21 3.81 34.53
N SER C 129 7.04 4.55 35.62
CA SER C 129 7.12 4.00 36.96
C SER C 129 6.55 5.03 37.93
N CYS C 130 6.07 4.55 39.07
CA CYS C 130 5.51 5.41 40.09
C CYS C 130 6.25 5.18 41.40
N PHE C 131 6.60 6.28 42.07
CA PHE C 131 7.24 6.25 43.38
C PHE C 131 6.20 6.51 44.45
N LEU C 132 6.12 5.63 45.44
CA LEU C 132 5.20 5.79 46.56
C LEU C 132 5.99 6.09 47.83
N ALA C 133 5.44 6.96 48.67
CA ALA C 133 6.11 7.36 49.89
C ALA C 133 5.10 7.49 51.02
N GLN C 134 5.56 7.22 52.23
CA GLN C 134 4.81 7.49 53.47
C GLN C 134 5.64 8.50 54.24
N PRO C 135 5.37 9.79 54.08
CA PRO C 135 6.30 10.83 54.61
C PRO C 135 6.61 10.70 56.09
N GLU C 136 5.61 10.35 56.91
CA GLU C 136 5.83 10.31 58.35
C GLU C 136 6.77 9.17 58.74
N SER C 137 6.45 7.94 58.33
CA SER C 137 7.29 6.80 58.66
C SER C 137 8.56 6.72 57.82
N GLY C 138 8.58 7.37 56.65
CA GLY C 138 9.72 7.32 55.77
C GLY C 138 9.75 6.13 54.83
N ARG C 139 8.73 5.28 54.86
CA ARG C 139 8.71 4.11 53.99
C ARG C 139 8.61 4.52 52.52
N ARG C 140 9.26 3.73 51.66
CA ARG C 140 9.29 3.98 50.24
C ARG C 140 8.98 2.70 49.47
N ALA C 141 8.42 2.86 48.28
CA ALA C 141 8.12 1.74 47.41
C ALA C 141 7.99 2.24 45.99
N GLU C 142 8.07 1.32 45.04
CA GLU C 142 7.97 1.62 43.63
C GLU C 142 7.00 0.66 42.96
N TYR C 143 6.48 1.07 41.81
CA TYR C 143 5.51 0.27 41.07
C TYR C 143 5.63 0.60 39.59
N SER C 144 5.97 -0.41 38.78
CA SER C 144 6.11 -0.26 37.33
C SER C 144 5.59 -1.52 36.67
N PRO C 145 4.27 -1.61 36.46
CA PRO C 145 3.66 -2.87 36.02
C PRO C 145 3.88 -3.21 34.55
N CYS C 146 4.55 -2.36 33.78
CA CYS C 146 4.75 -2.63 32.37
C CYS C 146 6.15 -3.13 32.04
N ARG C 147 7.05 -3.17 33.02
CA ARG C 147 8.36 -3.76 32.79
C ARG C 147 8.22 -5.23 32.42
N GLY C 148 9.05 -5.67 31.47
CA GLY C 148 9.03 -7.03 30.99
C GLY C 148 10.44 -7.54 30.74
N ASN C 149 10.52 -8.83 30.42
CA ASN C 149 11.80 -9.48 30.13
C ASN C 149 11.74 -10.26 28.82
N THR C 150 10.88 -9.82 27.91
CA THR C 150 10.73 -10.46 26.60
C THR C 150 11.60 -9.73 25.58
N LEU C 151 12.39 -10.49 24.82
CA LEU C 151 13.29 -9.89 23.85
C LEU C 151 12.51 -9.31 22.67
N SER C 152 13.13 -8.32 22.01
CA SER C 152 12.47 -7.64 20.90
C SER C 152 12.14 -8.59 19.76
N ARG C 153 12.97 -9.62 19.55
CA ARG C 153 12.71 -10.60 18.51
C ARG C 153 11.35 -11.28 18.68
N ILE C 154 10.89 -11.43 19.92
CA ILE C 154 9.67 -12.17 20.18
C ILE C 154 8.43 -11.36 19.79
N TYR C 155 8.40 -10.08 20.15
CA TYR C 155 7.23 -9.24 19.84
C TYR C 155 6.91 -9.24 18.35
N VAL C 156 7.94 -9.33 17.50
CA VAL C 156 7.71 -9.34 16.05
C VAL C 156 6.94 -10.58 15.64
N GLU C 157 7.27 -11.73 16.24
CA GLU C 157 6.60 -12.98 15.87
C GLU C 157 5.12 -12.96 16.24
N ASN C 158 4.76 -12.24 17.31
CA ASN C 158 3.38 -12.23 17.80
C ASN C 158 2.61 -11.00 17.33
N ASP C 159 3.04 -10.35 16.24
CA ASP C 159 2.35 -9.20 15.66
C ASP C 159 2.21 -8.05 16.65
N PHE C 160 3.19 -7.91 17.55
CA PHE C 160 3.19 -6.86 18.57
C PHE C 160 1.92 -6.89 19.41
N SER C 161 1.60 -8.07 19.94
CA SER C 161 0.46 -8.23 20.83
C SER C 161 0.95 -8.24 22.27
N TRP C 162 0.22 -7.52 23.13
CA TRP C 162 0.55 -7.37 24.55
C TRP C 162 1.92 -6.71 24.71
N ASP C 163 2.14 -5.63 23.95
CA ASP C 163 3.39 -4.89 23.98
C ASP C 163 3.25 -3.73 24.98
N LYS C 164 3.78 -3.93 26.18
CA LYS C 164 3.70 -2.92 27.23
C LYS C 164 4.99 -2.14 27.40
N ARG C 165 5.84 -2.12 26.37
CA ARG C 165 7.15 -1.49 26.49
C ARG C 165 7.08 0.03 26.47
N TYR C 166 6.00 0.61 25.95
CA TYR C 166 5.88 2.05 25.82
C TYR C 166 4.74 2.62 26.67
N CYS C 167 4.36 1.91 27.74
CA CYS C 167 3.19 2.27 28.54
C CYS C 167 3.21 3.73 28.97
N GLU C 168 4.33 4.17 29.53
CA GLU C 168 4.40 5.40 30.32
C GLU C 168 3.40 5.34 31.46
N ALA C 169 3.49 4.28 32.25
CA ALA C 169 2.61 4.10 33.40
C ALA C 169 2.80 5.26 34.38
N GLY C 170 1.68 5.81 34.84
CA GLY C 170 1.70 6.98 35.69
C GLY C 170 1.47 8.30 34.97
N PHE C 171 1.32 8.26 33.64
CA PHE C 171 0.95 9.46 32.88
C PHE C 171 -0.27 10.13 33.48
N SER C 172 -1.22 9.35 33.99
CA SER C 172 -2.31 9.84 34.80
C SER C 172 -2.50 8.88 35.97
N SER C 173 -3.09 9.36 37.05
CA SER C 173 -3.22 8.54 38.24
C SER C 173 -4.43 8.97 39.05
N VAL C 174 -4.90 8.04 39.89
CA VAL C 174 -6.05 8.22 40.77
C VAL C 174 -6.11 7.00 41.68
N VAL C 175 -6.59 7.18 42.91
CA VAL C 175 -6.74 6.09 43.86
C VAL C 175 -8.20 6.00 44.27
N THR C 176 -8.73 4.78 44.31
CA THR C 176 -10.09 4.57 44.76
C THR C 176 -10.17 4.78 46.27
N GLN C 177 -11.39 5.06 46.76
CA GLN C 177 -11.59 5.28 48.19
C GLN C 177 -11.10 4.11 49.02
N ALA C 178 -11.20 2.88 48.48
CA ALA C 178 -10.71 1.72 49.20
C ALA C 178 -9.20 1.64 49.24
N GLY C 179 -8.50 2.32 48.33
CA GLY C 179 -7.05 2.31 48.33
C GLY C 179 -6.46 1.47 47.21
N GLU C 180 -7.00 1.61 46.01
CA GLU C 180 -6.54 0.87 44.84
C GLU C 180 -5.94 1.88 43.86
N LEU C 181 -4.62 1.81 43.67
CA LEU C 181 -3.96 2.67 42.71
C LEU C 181 -4.38 2.30 41.29
N VAL C 182 -4.66 3.31 40.47
CA VAL C 182 -5.06 3.12 39.09
C VAL C 182 -4.19 4.02 38.22
N LEU C 183 -3.42 3.41 37.32
CA LEU C 183 -2.47 4.14 36.49
C LEU C 183 -2.97 4.18 35.05
N GLY C 184 -2.81 5.35 34.42
CA GLY C 184 -3.11 5.51 33.02
C GLY C 184 -1.85 5.42 32.19
N ALA C 185 -1.82 4.46 31.27
CA ALA C 185 -0.67 4.20 30.41
C ALA C 185 -1.08 4.43 28.97
N PRO C 186 -1.01 5.66 28.46
CA PRO C 186 -1.52 5.94 27.12
C PRO C 186 -0.71 5.29 26.01
N GLY C 187 0.57 5.04 26.24
CA GLY C 187 1.40 4.36 25.26
C GLY C 187 1.41 2.86 25.37
N GLY C 188 0.61 2.28 26.26
CA GLY C 188 0.55 0.84 26.39
C GLY C 188 -0.09 0.17 25.19
N TYR C 189 0.28 -1.09 25.00
CA TYR C 189 -0.20 -1.91 23.88
C TYR C 189 0.03 -1.20 22.55
N TYR C 190 1.27 -0.76 22.36
CA TYR C 190 1.70 -0.04 21.15
C TYR C 190 0.80 1.17 20.90
N PHE C 191 0.77 2.06 21.89
CA PHE C 191 0.07 3.35 21.84
C PHE C 191 -1.43 3.19 21.73
N LEU C 192 -1.97 2.01 22.04
CA LEU C 192 -3.41 1.88 22.22
C LEU C 192 -3.86 2.45 23.56
N GLY C 193 -3.10 2.17 24.62
CA GLY C 193 -3.44 2.65 25.94
C GLY C 193 -4.02 1.57 26.84
N LEU C 194 -3.65 1.58 28.12
CA LEU C 194 -4.15 0.59 29.05
C LEU C 194 -4.20 1.20 30.44
N LEU C 195 -4.83 0.48 31.36
CA LEU C 195 -4.90 0.85 32.76
C LEU C 195 -4.32 -0.26 33.61
N ALA C 196 -3.56 0.13 34.63
CA ALA C 196 -3.01 -0.81 35.60
C ALA C 196 -3.54 -0.48 36.99
N GLN C 197 -3.91 -1.52 37.74
CA GLN C 197 -4.50 -1.37 39.06
C GLN C 197 -3.79 -2.28 40.04
N ALA C 198 -3.60 -1.80 41.27
CA ALA C 198 -3.02 -2.62 42.33
C ALA C 198 -3.30 -1.96 43.66
N PRO C 199 -3.71 -2.71 44.68
CA PRO C 199 -3.88 -2.10 46.00
C PRO C 199 -2.58 -1.53 46.52
N VAL C 200 -2.67 -0.35 47.16
CA VAL C 200 -1.47 0.31 47.68
C VAL C 200 -0.78 -0.56 48.71
N ALA C 201 -1.55 -1.19 49.60
CA ALA C 201 -0.96 -2.01 50.66
C ALA C 201 -0.10 -3.13 50.07
N ASP C 202 -0.52 -3.69 48.94
CA ASP C 202 0.25 -4.77 48.31
C ASP C 202 1.49 -4.26 47.60
N ILE C 203 1.44 -3.06 47.03
CA ILE C 203 2.64 -2.48 46.41
C ILE C 203 3.76 -2.37 47.44
N PHE C 204 3.44 -1.88 48.64
CA PHE C 204 4.45 -1.72 49.68
C PHE C 204 4.94 -3.06 50.19
N SER C 205 4.02 -3.99 50.44
CA SER C 205 4.40 -5.27 51.06
C SER C 205 5.09 -6.22 50.08
N SER C 206 4.95 -6.01 48.78
CA SER C 206 5.56 -6.87 47.79
C SER C 206 6.80 -6.27 47.15
N TYR C 207 7.13 -5.02 47.44
CA TYR C 207 8.27 -4.35 46.84
C TYR C 207 9.52 -4.53 47.70
N ARG C 208 10.66 -4.72 47.03
CA ARG C 208 11.97 -4.76 47.67
C ARG C 208 12.94 -4.03 46.76
N PRO C 209 13.86 -3.24 47.32
CA PRO C 209 14.82 -2.52 46.48
C PRO C 209 15.80 -3.46 45.80
N GLY C 210 16.09 -3.18 44.53
CA GLY C 210 17.04 -3.94 43.76
C GLY C 210 16.45 -5.09 42.94
N ILE C 211 15.19 -5.44 43.17
CA ILE C 211 14.60 -6.56 42.44
C ILE C 211 14.28 -6.16 41.01
N LEU C 212 13.66 -5.00 40.83
CA LEU C 212 13.33 -4.39 39.53
C LEU C 212 12.20 -5.12 38.83
N LEU C 213 12.19 -6.46 38.87
CA LEU C 213 11.12 -7.27 38.28
C LEU C 213 10.51 -8.14 39.36
N TRP C 214 9.32 -7.77 39.83
CA TRP C 214 8.61 -8.53 40.85
C TRP C 214 7.14 -8.66 40.47
N HIS C 215 6.47 -9.60 41.13
CA HIS C 215 5.07 -9.90 40.87
C HIS C 215 4.17 -9.24 41.92
N VAL C 216 3.05 -8.70 41.47
CA VAL C 216 1.99 -8.18 42.33
C VAL C 216 0.75 -8.99 42.01
N SER C 217 0.47 -10.01 42.82
CA SER C 217 -0.56 -10.99 42.48
C SER C 217 -1.93 -10.34 42.30
N SER C 218 -2.24 -9.34 43.12
CA SER C 218 -3.56 -8.71 43.12
C SER C 218 -3.70 -7.61 42.07
N GLN C 219 -2.72 -7.44 41.19
CA GLN C 219 -2.82 -6.39 40.18
C GLN C 219 -3.67 -6.88 39.00
N SER C 220 -4.27 -5.91 38.30
CA SER C 220 -5.16 -6.19 37.18
C SER C 220 -4.98 -5.11 36.13
N LEU C 221 -4.52 -5.51 34.94
CA LEU C 221 -4.33 -4.61 33.81
C LEU C 221 -5.40 -4.87 32.76
N SER C 222 -5.83 -3.81 32.09
CA SER C 222 -6.78 -3.95 31.00
C SER C 222 -6.17 -4.79 29.88
N PHE C 223 -7.04 -5.26 29.00
CA PHE C 223 -6.65 -6.21 27.97
C PHE C 223 -6.35 -5.51 26.65
N ASP C 224 -5.55 -6.17 25.83
CA ASP C 224 -5.22 -5.68 24.50
C ASP C 224 -6.40 -5.92 23.56
N SER C 225 -6.38 -5.23 22.43
CA SER C 225 -7.49 -5.29 21.49
C SER C 225 -6.98 -5.23 20.06
N SER C 226 -7.56 -6.06 19.20
CA SER C 226 -7.30 -6.00 17.77
C SER C 226 -8.11 -4.91 17.08
N ASN C 227 -8.96 -4.20 17.80
CA ASN C 227 -9.81 -3.16 17.24
C ASN C 227 -8.97 -2.01 16.72
N PRO C 228 -8.92 -1.77 15.41
CA PRO C 228 -8.09 -0.67 14.88
C PRO C 228 -8.59 0.71 15.27
N GLU C 229 -9.78 0.82 15.85
CA GLU C 229 -10.28 2.12 16.30
C GLU C 229 -9.45 2.65 17.46
N TYR C 230 -9.08 1.78 18.40
CA TYR C 230 -8.30 2.18 19.57
C TYR C 230 -6.84 2.46 19.26
N PHE C 231 -6.41 2.27 18.02
CA PHE C 231 -5.01 2.50 17.67
C PHE C 231 -4.66 3.98 17.79
N ASP C 232 -3.56 4.26 18.49
CA ASP C 232 -3.11 5.63 18.73
C ASP C 232 -4.19 6.45 19.45
N GLY C 233 -4.94 5.78 20.32
CA GLY C 233 -6.05 6.42 21.01
C GLY C 233 -5.65 7.02 22.34
N TYR C 234 -4.47 6.64 22.84
CA TYR C 234 -3.96 7.16 24.12
C TYR C 234 -4.94 6.89 25.26
N TRP C 235 -5.55 5.70 25.23
CA TRP C 235 -6.47 5.23 26.25
C TRP C 235 -5.79 5.25 27.62
N GLY C 236 -6.16 6.22 28.45
CA GLY C 236 -5.47 6.42 29.72
C GLY C 236 -4.75 7.74 29.83
N TYR C 237 -4.90 8.61 28.82
CA TYR C 237 -4.36 9.96 28.90
C TYR C 237 -4.85 10.67 30.17
N SER C 238 -6.09 10.41 30.55
CA SER C 238 -6.69 10.94 31.77
C SER C 238 -7.49 9.82 32.42
N VAL C 239 -7.72 9.94 33.72
CA VAL C 239 -8.39 8.88 34.47
C VAL C 239 -9.05 9.48 35.70
N ALA C 240 -10.17 8.89 36.11
CA ALA C 240 -10.90 9.28 37.31
C ALA C 240 -11.75 8.08 37.73
N VAL C 241 -12.41 8.22 38.87
CA VAL C 241 -13.27 7.16 39.43
C VAL C 241 -14.58 7.77 39.88
N GLY C 242 -15.55 6.90 40.15
CA GLY C 242 -16.84 7.35 40.60
C GLY C 242 -17.80 6.19 40.75
N GLU C 243 -19.09 6.50 40.76
CA GLU C 243 -20.16 5.53 40.94
C GLU C 243 -21.17 5.70 39.83
N PHE C 244 -21.31 4.69 38.97
CA PHE C 244 -22.17 4.81 37.79
C PHE C 244 -23.01 3.57 37.50
N ASP C 245 -22.98 2.55 38.36
CA ASP C 245 -23.80 1.37 38.16
C ASP C 245 -24.80 1.12 39.29
N GLY C 246 -24.90 2.01 40.27
CA GLY C 246 -25.84 1.87 41.36
C GLY C 246 -25.38 0.98 42.50
N ASP C 247 -24.29 0.25 42.35
CA ASP C 247 -23.80 -0.69 43.35
C ASP C 247 -22.62 -0.07 44.09
N LEU C 248 -22.77 0.11 45.40
CA LEU C 248 -21.69 0.69 46.20
C LEU C 248 -20.53 -0.28 46.40
N ASN C 249 -20.75 -1.58 46.22
CA ASN C 249 -19.66 -2.55 46.37
C ASN C 249 -18.61 -2.36 45.29
N THR C 250 -19.05 -2.14 44.05
CA THR C 250 -18.14 -1.99 42.92
C THR C 250 -17.73 -0.52 42.75
N THR C 251 -16.57 -0.32 42.13
CA THR C 251 -16.05 1.01 41.83
C THR C 251 -15.81 1.12 40.34
N GLU C 252 -16.32 2.18 39.73
CA GLU C 252 -16.26 2.37 38.29
C GLU C 252 -15.14 3.33 37.91
N TYR C 253 -14.46 3.01 36.81
CA TYR C 253 -13.34 3.79 36.31
C TYR C 253 -13.77 4.63 35.11
N VAL C 254 -13.15 5.80 34.98
CA VAL C 254 -13.42 6.73 33.89
C VAL C 254 -12.11 7.00 33.17
N VAL C 255 -12.02 6.59 31.92
CA VAL C 255 -10.80 6.69 31.12
C VAL C 255 -11.01 7.70 30.00
N GLY C 256 -9.96 8.45 29.67
CA GLY C 256 -10.02 9.37 28.55
C GLY C 256 -9.12 8.95 27.40
N ALA C 257 -9.72 8.73 26.23
CA ALA C 257 -8.96 8.39 25.03
C ALA C 257 -9.07 9.54 24.04
N PRO C 258 -8.21 10.56 24.16
CA PRO C 258 -8.41 11.81 23.40
C PRO C 258 -8.10 11.69 21.92
N THR C 259 -7.57 10.56 21.44
CA THR C 259 -7.34 10.36 20.03
C THR C 259 -7.99 9.07 19.55
N TRP C 260 -9.04 8.64 20.24
CA TRP C 260 -9.74 7.40 19.89
C TRP C 260 -10.44 7.55 18.54
N SER C 261 -10.48 6.45 17.80
CA SER C 261 -11.14 6.36 16.50
C SER C 261 -10.69 7.49 15.57
N TRP C 262 -9.39 7.48 15.27
CA TRP C 262 -8.77 8.46 14.38
C TRP C 262 -8.99 9.89 14.89
N THR C 263 -8.45 10.15 16.09
CA THR C 263 -8.47 11.47 16.73
C THR C 263 -9.90 12.02 16.88
N LEU C 264 -10.91 11.15 16.89
CA LEU C 264 -12.25 11.62 17.22
C LEU C 264 -12.39 11.89 18.71
N GLY C 265 -11.62 11.18 19.53
CA GLY C 265 -11.68 11.35 20.97
C GLY C 265 -12.88 10.66 21.58
N ALA C 266 -12.68 9.99 22.72
CA ALA C 266 -13.77 9.32 23.41
C ALA C 266 -13.46 9.26 24.90
N VAL C 267 -14.48 8.94 25.68
CA VAL C 267 -14.39 8.74 27.12
C VAL C 267 -15.29 7.56 27.47
N GLU C 268 -14.78 6.65 28.30
CA GLU C 268 -15.49 5.43 28.63
C GLU C 268 -15.62 5.25 30.14
N ILE C 269 -16.70 4.61 30.54
CA ILE C 269 -16.97 4.28 31.94
C ILE C 269 -16.93 2.76 32.05
N LEU C 270 -16.05 2.25 32.92
CA LEU C 270 -15.83 0.82 33.07
C LEU C 270 -16.08 0.39 34.50
N ASP C 271 -16.23 -0.91 34.70
CA ASP C 271 -16.27 -1.48 36.03
C ASP C 271 -14.85 -1.88 36.45
N SER C 272 -14.72 -2.43 37.65
CA SER C 272 -13.40 -2.80 38.16
C SER C 272 -12.72 -3.88 37.34
N TYR C 273 -13.46 -4.56 36.45
CA TYR C 273 -12.90 -5.59 35.58
C TYR C 273 -12.64 -5.09 34.18
N TYR C 274 -12.71 -3.78 33.96
CA TYR C 274 -12.48 -3.10 32.68
C TYR C 274 -13.54 -3.46 31.63
N GLN C 275 -14.59 -4.19 32.01
CA GLN C 275 -15.74 -4.33 31.13
C GLN C 275 -16.43 -2.98 30.97
N ARG C 276 -16.89 -2.70 29.77
CA ARG C 276 -17.35 -1.37 29.41
C ARG C 276 -18.82 -1.19 29.77
N LEU C 277 -19.18 0.02 30.18
CA LEU C 277 -20.55 0.37 30.51
C LEU C 277 -21.13 1.36 29.50
N HIS C 278 -20.54 2.56 29.39
CA HIS C 278 -20.99 3.55 28.42
CA HIS C 278 -20.99 3.57 28.44
C HIS C 278 -19.77 4.18 27.77
N ARG C 279 -19.96 4.66 26.54
CA ARG C 279 -18.90 5.32 25.79
C ARG C 279 -19.43 6.64 25.24
N LEU C 280 -18.66 7.71 25.43
CA LEU C 280 -19.03 9.04 24.97
C LEU C 280 -18.09 9.43 23.84
N ARG C 281 -18.64 9.55 22.63
CA ARG C 281 -17.85 9.94 21.47
C ARG C 281 -17.57 11.44 21.49
N GLY C 282 -16.50 11.81 20.81
CA GLY C 282 -16.20 13.22 20.64
C GLY C 282 -17.10 13.87 19.61
N GLU C 283 -17.13 15.20 19.64
CA GLU C 283 -17.92 15.98 18.70
C GLU C 283 -17.12 16.44 17.48
N GLN C 284 -15.81 16.62 17.63
CA GLN C 284 -14.98 17.19 16.60
C GLN C 284 -13.61 16.54 16.66
N MET C 285 -13.04 16.27 15.50
CA MET C 285 -11.74 15.61 15.42
C MET C 285 -10.62 16.58 15.76
N ALA C 286 -9.61 16.05 16.46
CA ALA C 286 -8.45 16.80 16.96
C ALA C 286 -8.82 17.83 18.02
N SER C 287 -10.04 17.79 18.55
CA SER C 287 -10.40 18.63 19.69
C SER C 287 -9.90 18.07 21.01
N TYR C 288 -9.30 16.87 20.98
CA TYR C 288 -8.79 16.21 22.18
C TYR C 288 -9.88 16.00 23.22
N PHE C 289 -11.08 15.65 22.75
CA PHE C 289 -12.19 15.26 23.62
C PHE C 289 -11.75 14.10 24.50
N GLY C 290 -11.60 14.35 25.79
CA GLY C 290 -11.06 13.36 26.72
C GLY C 290 -9.71 13.74 27.31
N HIS C 291 -9.18 14.93 27.00
CA HIS C 291 -7.92 15.37 27.58
C HIS C 291 -7.99 15.43 29.10
N SER C 292 -9.17 15.73 29.65
CA SER C 292 -9.38 15.79 31.09
C SER C 292 -10.77 15.29 31.42
N VAL C 293 -10.91 14.68 32.60
CA VAL C 293 -12.19 14.17 33.08
C VAL C 293 -12.32 14.52 34.55
N ALA C 294 -13.56 14.77 34.97
CA ALA C 294 -13.88 15.05 36.37
C ALA C 294 -15.17 14.35 36.73
N VAL C 295 -15.31 14.03 38.01
CA VAL C 295 -16.48 13.32 38.53
C VAL C 295 -16.92 14.00 39.82
N THR C 296 -18.14 14.51 39.83
CA THR C 296 -18.75 15.14 41.00
C THR C 296 -20.24 15.32 40.74
N ASP C 297 -21.01 15.39 41.82
CA ASP C 297 -22.46 15.52 41.72
C ASP C 297 -22.80 17.01 41.71
N VAL C 298 -23.14 17.53 40.53
CA VAL C 298 -23.35 18.97 40.39
C VAL C 298 -24.79 19.37 40.71
N ASN C 299 -25.77 18.50 40.44
CA ASN C 299 -27.17 18.85 40.62
C ASN C 299 -27.76 18.37 41.93
N GLY C 300 -26.94 17.81 42.81
CA GLY C 300 -27.41 17.47 44.15
C GLY C 300 -28.45 16.38 44.20
N ASP C 301 -28.44 15.45 43.24
CA ASP C 301 -29.33 14.30 43.28
C ASP C 301 -28.67 13.05 43.87
N GLY C 302 -27.44 13.17 44.34
CA GLY C 302 -26.72 12.05 44.90
C GLY C 302 -26.02 11.16 43.89
N ARG C 303 -26.11 11.47 42.59
CA ARG C 303 -25.51 10.66 41.54
C ARG C 303 -24.35 11.41 40.91
N HIS C 304 -23.19 10.76 40.84
CA HIS C 304 -22.02 11.36 40.24
C HIS C 304 -22.27 11.74 38.80
N ASP C 305 -21.81 12.92 38.42
CA ASP C 305 -21.93 13.42 37.05
C ASP C 305 -20.54 13.55 36.44
N LEU C 306 -20.50 13.48 35.11
CA LEU C 306 -19.25 13.43 34.36
C LEU C 306 -19.02 14.72 33.60
N LEU C 307 -17.79 15.22 33.67
CA LEU C 307 -17.35 16.39 32.93
C LEU C 307 -16.16 16.01 32.06
N VAL C 308 -16.22 16.38 30.78
CA VAL C 308 -15.18 16.04 29.81
C VAL C 308 -14.64 17.34 29.21
N GLY C 309 -13.32 17.46 29.15
CA GLY C 309 -12.68 18.63 28.57
C GLY C 309 -12.16 18.34 27.18
N ALA C 310 -12.42 19.28 26.26
CA ALA C 310 -11.94 19.21 24.87
C ALA C 310 -11.17 20.48 24.59
N PRO C 311 -9.92 20.56 25.05
CA PRO C 311 -9.21 21.86 25.05
C PRO C 311 -9.03 22.49 23.68
N LEU C 312 -9.03 21.71 22.61
CA LEU C 312 -8.76 22.23 21.28
C LEU C 312 -10.02 22.25 20.41
N TYR C 313 -11.19 22.31 21.02
CA TYR C 313 -12.42 22.41 20.26
C TYR C 313 -12.47 23.75 19.53
N MET C 314 -12.75 23.70 18.25
CA MET C 314 -12.88 24.90 17.43
C MET C 314 -14.36 25.28 17.34
N GLU C 315 -14.70 26.46 17.85
CA GLU C 315 -16.08 26.91 17.87
C GLU C 315 -16.45 27.53 16.53
N SER C 316 -17.64 27.19 16.05
CA SER C 316 -18.15 27.75 14.81
C SER C 316 -18.35 29.25 14.96
N ARG C 317 -17.72 30.02 14.08
CA ARG C 317 -17.82 31.47 14.06
C ARG C 317 -18.55 31.92 12.80
N ALA C 318 -18.83 33.22 12.75
CA ALA C 318 -19.55 33.78 11.62
C ALA C 318 -18.74 33.65 10.34
N ASP C 319 -19.44 33.34 9.24
CA ASP C 319 -18.86 33.25 7.90
C ASP C 319 -17.94 32.05 7.75
N ARG C 320 -18.47 30.85 7.95
CA ARG C 320 -17.77 29.57 7.77
C ARG C 320 -16.48 29.47 8.58
N LYS C 321 -16.25 30.38 9.54
CA LYS C 321 -14.99 30.42 10.24
C LYS C 321 -15.01 29.51 11.46
N LEU C 322 -13.82 29.09 11.88
CA LEU C 322 -13.61 28.30 13.07
C LEU C 322 -12.63 28.99 13.99
N ALA C 323 -12.76 28.74 15.29
CA ALA C 323 -11.91 29.37 16.28
C ALA C 323 -11.64 28.39 17.41
N GLU C 324 -10.39 27.99 17.57
CA GLU C 324 -10.00 27.08 18.64
C GLU C 324 -10.07 27.80 19.99
N VAL C 325 -11.08 27.47 20.78
CA VAL C 325 -11.25 28.07 22.10
C VAL C 325 -11.34 27.05 23.23
N GLY C 326 -11.68 25.80 22.96
CA GLY C 326 -11.87 24.82 24.01
C GLY C 326 -13.32 24.70 24.41
N ARG C 327 -13.70 23.52 24.90
CA ARG C 327 -15.09 23.25 25.26
C ARG C 327 -15.12 22.18 26.36
N VAL C 328 -16.11 22.29 27.23
CA VAL C 328 -16.36 21.33 28.30
C VAL C 328 -17.77 20.79 28.15
N TYR C 329 -17.91 19.47 28.33
CA TYR C 329 -19.19 18.78 28.20
C TYR C 329 -19.65 18.28 29.57
N LEU C 330 -20.93 18.48 29.87
CA LEU C 330 -21.53 18.04 31.12
C LEU C 330 -22.52 16.91 30.84
N PHE C 331 -22.34 15.79 31.53
CA PHE C 331 -23.23 14.63 31.41
C PHE C 331 -23.81 14.34 32.78
N LEU C 332 -25.12 14.54 32.93
CA LEU C 332 -25.82 14.24 34.17
C LEU C 332 -26.27 12.80 34.18
N GLN C 333 -26.01 12.10 35.29
CA GLN C 333 -26.34 10.69 35.38
C GLN C 333 -27.84 10.51 35.58
N PRO C 334 -28.51 9.73 34.73
CA PRO C 334 -29.96 9.56 34.87
C PRO C 334 -30.31 8.56 35.97
N ARG C 335 -31.56 8.68 36.45
CA ARG C 335 -32.04 7.83 37.52
C ARG C 335 -32.10 6.38 37.09
N GLY C 336 -31.22 5.55 37.65
CA GLY C 336 -31.17 4.15 37.30
C GLY C 336 -29.98 3.81 36.42
N PRO C 337 -29.91 2.55 35.98
CA PRO C 337 -28.79 2.10 35.15
C PRO C 337 -29.02 2.33 33.66
N HIS C 338 -29.32 3.56 33.29
CA HIS C 338 -29.59 3.93 31.91
C HIS C 338 -28.36 4.55 31.25
N ALA C 339 -28.41 4.66 29.93
CA ALA C 339 -27.28 5.21 29.19
C ALA C 339 -27.22 6.72 29.35
N LEU C 340 -26.00 7.25 29.46
CA LEU C 340 -25.79 8.69 29.59
C LEU C 340 -26.07 9.35 28.25
N GLY C 341 -27.13 10.16 28.19
CA GLY C 341 -27.55 10.75 26.94
C GLY C 341 -26.63 11.84 26.41
N ALA C 342 -27.18 12.73 25.59
CA ALA C 342 -26.41 13.84 25.05
C ALA C 342 -26.01 14.78 26.17
N PRO C 343 -24.99 15.61 25.95
CA PRO C 343 -24.55 16.55 26.99
C PRO C 343 -25.68 17.44 27.49
N SER C 344 -25.78 17.58 28.80
CA SER C 344 -26.80 18.43 29.40
C SER C 344 -26.44 19.91 29.31
N LEU C 345 -25.17 20.24 29.16
CA LEU C 345 -24.73 21.62 29.11
C LEU C 345 -23.39 21.68 28.39
N LEU C 346 -23.17 22.75 27.63
CA LEU C 346 -21.93 22.97 26.89
C LEU C 346 -21.32 24.30 27.31
N LEU C 347 -20.16 24.25 27.95
CA LEU C 347 -19.40 25.43 28.30
C LEU C 347 -18.26 25.58 27.30
N THR C 348 -18.24 26.69 26.57
CA THR C 348 -17.29 26.91 25.48
C THR C 348 -16.35 28.07 25.83
N GLY C 349 -15.08 27.90 25.49
CA GLY C 349 -14.10 28.93 25.74
C GLY C 349 -14.34 30.18 24.92
N THR C 350 -13.60 31.23 25.27
CA THR C 350 -13.76 32.55 24.67
C THR C 350 -12.49 33.06 24.02
N GLN C 351 -11.36 32.99 24.72
CA GLN C 351 -10.11 33.48 24.17
C GLN C 351 -9.55 32.50 23.15
N LEU C 352 -9.05 33.03 22.04
CA LEU C 352 -8.43 32.19 21.02
C LEU C 352 -7.20 31.51 21.58
N TYR C 353 -7.06 30.22 21.30
CA TYR C 353 -5.95 29.39 21.78
C TYR C 353 -5.92 29.30 23.31
N GLY C 354 -7.03 29.64 23.97
CA GLY C 354 -7.04 29.62 25.43
C GLY C 354 -7.05 28.22 26.02
N ARG C 355 -7.47 27.23 25.23
CA ARG C 355 -7.52 25.82 25.68
C ARG C 355 -8.44 25.65 26.88
N PHE C 356 -9.59 26.31 26.83
CA PHE C 356 -10.61 26.14 27.85
C PHE C 356 -10.99 24.67 27.97
N GLY C 357 -10.84 24.11 29.16
CA GLY C 357 -11.07 22.70 29.38
C GLY C 357 -9.83 21.86 29.58
N SER C 358 -8.64 22.48 29.65
CA SER C 358 -7.42 21.71 29.87
CA SER C 358 -7.42 21.71 29.87
C SER C 358 -7.43 21.02 31.22
N ALA C 359 -8.16 21.57 32.19
CA ALA C 359 -8.26 20.98 33.51
C ALA C 359 -9.64 21.29 34.08
N ILE C 360 -10.20 20.34 34.83
CA ILE C 360 -11.50 20.49 35.47
C ILE C 360 -11.37 19.92 36.87
N ALA C 361 -11.47 20.78 37.88
CA ALA C 361 -11.32 20.36 39.27
C ALA C 361 -12.64 20.50 40.01
N PRO C 362 -13.19 19.42 40.55
CA PRO C 362 -14.33 19.57 41.47
C PRO C 362 -13.92 20.40 42.68
N LEU C 363 -14.84 21.26 43.11
CA LEU C 363 -14.58 22.16 44.23
C LEU C 363 -15.35 21.79 45.49
N GLY C 364 -16.23 20.79 45.42
CA GLY C 364 -17.17 20.60 46.51
C GLY C 364 -18.21 21.73 46.49
N ASP C 365 -18.94 21.83 47.60
CA ASP C 365 -19.92 22.89 47.74
C ASP C 365 -19.18 24.15 48.18
N LEU C 366 -18.85 25.00 47.21
CA LEU C 366 -18.00 26.15 47.47
C LEU C 366 -18.69 27.19 48.35
N ASP C 367 -19.96 27.48 48.05
CA ASP C 367 -20.71 28.47 48.80
C ASP C 367 -21.67 27.84 49.81
N ARG C 368 -21.60 26.53 50.00
CA ARG C 368 -22.42 25.82 50.99
C ARG C 368 -23.90 26.09 50.79
N ASP C 369 -24.32 26.20 49.53
CA ASP C 369 -25.72 26.39 49.20
C ASP C 369 -26.47 25.08 49.01
N GLY C 370 -25.77 23.99 48.69
CA GLY C 370 -26.41 22.69 48.57
C GLY C 370 -25.99 21.90 47.34
N TYR C 371 -25.29 22.56 46.42
CA TYR C 371 -24.89 21.95 45.15
C TYR C 371 -23.39 22.09 44.95
N ASN C 372 -22.75 21.02 44.49
CA ASN C 372 -21.32 21.06 44.26
C ASN C 372 -20.98 21.90 43.03
N ASP C 373 -19.78 22.47 43.04
CA ASP C 373 -19.33 23.41 42.03
C ASP C 373 -18.01 22.93 41.45
N ILE C 374 -17.60 23.56 40.34
CA ILE C 374 -16.40 23.15 39.61
C ILE C 374 -15.59 24.38 39.21
N ALA C 375 -14.35 24.13 38.80
CA ALA C 375 -13.47 25.13 38.22
C ALA C 375 -12.89 24.58 36.93
N VAL C 376 -12.81 25.43 35.91
CA VAL C 376 -12.31 25.06 34.59
C VAL C 376 -11.15 25.98 34.24
N ALA C 377 -10.06 25.39 33.78
CA ALA C 377 -8.84 26.13 33.48
C ALA C 377 -8.75 26.45 32.00
N ALA C 378 -8.24 27.64 31.70
CA ALA C 378 -7.87 28.05 30.34
C ALA C 378 -6.44 28.56 30.42
N PRO C 379 -5.46 27.67 30.39
CA PRO C 379 -4.06 28.05 30.72
C PRO C 379 -3.47 29.10 29.80
N TYR C 380 -4.16 29.49 28.73
CA TYR C 380 -3.69 30.55 27.86
C TYR C 380 -4.83 31.48 27.47
N GLY C 381 -5.88 31.52 28.29
CA GLY C 381 -7.03 32.37 28.05
C GLY C 381 -6.96 33.67 28.83
N GLY C 382 -8.09 34.36 28.85
CA GLY C 382 -8.17 35.69 29.42
C GLY C 382 -7.85 36.73 28.35
N PRO C 383 -8.21 37.99 28.61
CA PRO C 383 -7.97 39.04 27.61
C PRO C 383 -6.51 39.17 27.21
N SER C 384 -5.57 38.86 28.11
CA SER C 384 -4.16 38.91 27.82
C SER C 384 -3.57 37.57 27.41
N GLY C 385 -4.36 36.50 27.49
CA GLY C 385 -3.82 35.19 27.18
C GLY C 385 -2.81 34.66 28.17
N ARG C 386 -2.81 35.20 29.39
CA ARG C 386 -1.90 34.74 30.44
C ARG C 386 -2.44 33.56 31.22
N GLY C 387 -3.73 33.23 31.08
CA GLY C 387 -4.32 32.14 31.82
C GLY C 387 -5.51 32.59 32.64
N GLN C 388 -6.47 31.69 32.86
CA GLN C 388 -7.71 32.07 33.52
C GLN C 388 -8.38 30.82 34.07
N VAL C 389 -8.93 30.94 35.28
CA VAL C 389 -9.71 29.88 35.90
C VAL C 389 -11.13 30.40 36.10
N LEU C 390 -12.11 29.61 35.69
CA LEU C 390 -13.51 30.00 35.76
C LEU C 390 -14.25 29.07 36.70
N VAL C 391 -15.04 29.64 37.60
CA VAL C 391 -15.80 28.89 38.59
C VAL C 391 -17.25 28.82 38.15
N PHE C 392 -17.82 27.61 38.16
CA PHE C 392 -19.21 27.39 37.80
C PHE C 392 -19.93 26.76 38.99
N LEU C 393 -21.08 27.33 39.36
CA LEU C 393 -21.83 26.87 40.52
C LEU C 393 -22.86 25.83 40.11
N GLY C 394 -23.06 24.84 40.97
CA GLY C 394 -24.06 23.83 40.71
C GLY C 394 -25.46 24.35 40.97
N GLN C 395 -26.41 23.83 40.20
CA GLN C 395 -27.81 24.18 40.34
C GLN C 395 -28.65 22.92 40.20
N SER C 396 -29.96 23.07 40.42
CA SER C 396 -30.85 21.92 40.37
C SER C 396 -30.93 21.32 38.97
N GLU C 397 -30.69 22.12 37.93
CA GLU C 397 -30.75 21.66 36.55
C GLU C 397 -29.37 21.38 35.96
N GLY C 398 -28.32 21.42 36.77
CA GLY C 398 -26.98 21.18 36.29
C GLY C 398 -25.99 22.21 36.74
N LEU C 399 -25.46 23.00 35.81
CA LEU C 399 -24.54 24.08 36.11
C LEU C 399 -25.06 25.38 35.49
N ARG C 400 -24.34 26.46 35.73
CA ARG C 400 -24.70 27.76 35.18
C ARG C 400 -23.98 27.98 33.86
N SER C 401 -24.71 28.58 32.91
CA SER C 401 -24.09 28.91 31.63
C SER C 401 -22.96 29.93 31.79
N ARG C 402 -23.05 30.79 32.81
CA ARG C 402 -22.06 31.82 33.05
C ARG C 402 -21.32 31.57 34.37
N PRO C 403 -20.06 31.95 34.45
CA PRO C 403 -19.28 31.67 35.67
C PRO C 403 -19.56 32.70 36.76
N SER C 404 -19.59 32.23 38.00
CA SER C 404 -19.79 33.11 39.14
C SER C 404 -18.53 33.82 39.58
N GLN C 405 -17.36 33.40 39.10
CA GLN C 405 -16.11 34.08 39.42
C GLN C 405 -15.07 33.71 38.37
N VAL C 406 -14.14 34.63 38.15
CA VAL C 406 -13.08 34.47 37.15
C VAL C 406 -11.75 34.84 37.81
N LEU C 407 -10.79 33.93 37.76
CA LEU C 407 -9.47 34.12 38.38
C LEU C 407 -8.44 34.36 37.28
N ASP C 408 -8.03 35.61 37.12
CA ASP C 408 -6.98 35.95 36.16
C ASP C 408 -5.62 35.60 36.72
N SER C 409 -4.74 35.14 35.85
CA SER C 409 -3.41 34.70 36.26
C SER C 409 -2.66 35.85 36.90
N PRO C 410 -2.06 35.66 38.08
CA PRO C 410 -1.16 36.67 38.64
C PRO C 410 0.25 36.59 38.11
N PHE C 411 0.55 35.62 37.27
CA PHE C 411 1.90 35.32 36.81
C PHE C 411 2.14 35.93 35.44
N PRO C 412 3.41 35.97 34.99
CA PRO C 412 3.69 36.51 33.65
C PRO C 412 3.20 35.61 32.52
N THR C 413 3.41 36.05 31.28
CA THR C 413 3.01 35.27 30.12
C THR C 413 3.78 33.96 30.08
N GLY C 414 3.09 32.89 29.67
CA GLY C 414 3.69 31.58 29.55
C GLY C 414 3.69 30.75 30.81
N SER C 415 3.09 31.25 31.90
CA SER C 415 3.10 30.51 33.15
C SER C 415 2.25 29.25 33.09
N ALA C 416 1.38 29.11 32.09
CA ALA C 416 0.44 27.99 31.98
C ALA C 416 -0.47 27.92 33.19
N PHE C 417 -0.77 29.08 33.78
CA PHE C 417 -1.62 29.19 34.95
C PHE C 417 -2.93 28.45 34.76
N GLY C 418 -3.16 27.45 35.59
CA GLY C 418 -4.35 26.63 35.52
C GLY C 418 -4.13 25.23 34.97
N PHE C 419 -2.97 24.96 34.35
CA PHE C 419 -2.72 23.65 33.77
C PHE C 419 -3.02 22.52 34.76
N SER C 420 -2.86 22.78 36.05
CA SER C 420 -3.24 21.83 37.10
C SER C 420 -4.16 22.52 38.09
N LEU C 421 -5.15 21.78 38.58
CA LEU C 421 -6.13 22.32 39.52
C LEU C 421 -6.45 21.26 40.56
N ARG C 422 -6.96 21.72 41.71
CA ARG C 422 -7.39 20.83 42.79
C ARG C 422 -8.14 21.62 43.86
N GLY C 423 -9.30 21.13 44.27
CA GLY C 423 -10.09 21.79 45.29
C GLY C 423 -10.78 20.85 46.25
N ALA C 424 -11.94 21.27 46.76
CA ALA C 424 -12.78 20.45 47.64
C ALA C 424 -12.04 20.04 48.92
N VAL C 425 -11.14 20.89 49.40
CA VAL C 425 -10.40 20.65 50.64
C VAL C 425 -10.26 21.97 51.38
N ASP C 426 -10.64 21.98 52.66
CA ASP C 426 -10.50 23.14 53.53
C ASP C 426 -9.10 23.12 54.12
N ILE C 427 -8.20 23.92 53.54
CA ILE C 427 -6.80 23.87 53.96
C ILE C 427 -6.56 24.74 55.20
N ASP C 428 -7.28 25.84 55.35
CA ASP C 428 -7.11 26.73 56.49
C ASP C 428 -8.12 26.46 57.60
N ASP C 429 -8.98 25.45 57.43
CA ASP C 429 -9.91 25.01 58.47
C ASP C 429 -10.86 26.13 58.89
N ASN C 430 -11.37 26.87 57.90
CA ASN C 430 -12.37 27.90 58.15
C ASN C 430 -13.78 27.46 57.77
N GLY C 431 -13.96 26.21 57.34
CA GLY C 431 -15.26 25.68 57.01
C GLY C 431 -15.63 25.73 55.55
N TYR C 432 -14.75 26.21 54.68
CA TYR C 432 -15.07 26.37 53.26
C TYR C 432 -13.97 25.75 52.40
N PRO C 433 -14.34 25.11 51.30
CA PRO C 433 -13.32 24.48 50.44
C PRO C 433 -12.43 25.51 49.78
N ASP C 434 -11.22 25.11 49.46
CA ASP C 434 -10.22 26.00 48.90
C ASP C 434 -9.72 25.46 47.55
N LEU C 435 -8.97 26.28 46.84
CA LEU C 435 -8.53 25.98 45.48
C LEU C 435 -7.03 26.27 45.34
N ILE C 436 -6.29 25.31 44.80
CA ILE C 436 -4.89 25.47 44.46
C ILE C 436 -4.74 25.42 42.95
N VAL C 437 -3.91 26.30 42.41
CA VAL C 437 -3.71 26.42 40.97
C VAL C 437 -2.21 26.36 40.69
N GLY C 438 -1.82 25.47 39.79
CA GLY C 438 -0.43 25.37 39.39
C GLY C 438 -0.11 26.26 38.20
N ALA C 439 1.16 26.66 38.12
CA ALA C 439 1.69 27.44 37.01
C ALA C 439 3.12 26.97 36.77
N TYR C 440 3.26 25.78 36.19
CA TYR C 440 4.58 25.18 36.03
C TYR C 440 5.50 26.05 35.19
N GLY C 441 4.94 26.84 34.26
CA GLY C 441 5.77 27.72 33.46
C GLY C 441 6.50 28.76 34.29
N ALA C 442 5.87 29.23 35.35
CA ALA C 442 6.48 30.17 36.28
C ALA C 442 7.06 29.50 37.51
N ASN C 443 7.00 28.16 37.59
CA ASN C 443 7.59 27.39 38.70
C ASN C 443 6.97 27.79 40.04
N GLN C 444 5.66 27.99 40.06
CA GLN C 444 4.96 28.44 41.27
C GLN C 444 3.58 27.80 41.36
N VAL C 445 3.00 27.89 42.54
CA VAL C 445 1.64 27.43 42.83
C VAL C 445 0.93 28.52 43.61
N ALA C 446 -0.29 28.86 43.19
CA ALA C 446 -1.11 29.85 43.87
C ALA C 446 -2.24 29.14 44.61
N VAL C 447 -2.58 29.66 45.79
CA VAL C 447 -3.61 29.08 46.64
C VAL C 447 -4.67 30.14 46.90
N TYR C 448 -5.92 29.82 46.57
CA TYR C 448 -7.05 30.71 46.79
C TYR C 448 -7.88 30.18 47.95
N ARG C 449 -8.09 31.03 48.95
CA ARG C 449 -8.91 30.68 50.12
C ARG C 449 -10.32 31.19 49.92
N ALA C 450 -11.30 30.33 50.19
CA ALA C 450 -12.70 30.73 50.14
C ALA C 450 -13.12 31.31 51.46
N GLN C 451 -13.65 32.52 51.43
CA GLN C 451 -14.12 33.20 52.61
C GLN C 451 -15.63 33.05 52.76
N PRO C 452 -16.16 33.22 53.97
CA PRO C 452 -17.61 33.07 54.17
C PRO C 452 -18.40 34.02 53.27
N VAL C 453 -19.62 33.61 52.95
CA VAL C 453 -20.50 34.39 52.09
C VAL C 453 -21.22 35.46 52.89
N GLY D 1 -49.00 66.94 -0.80
CA GLY D 1 -49.62 67.20 0.48
C GLY D 1 -48.85 66.63 1.66
N PRO D 2 -49.56 66.14 2.67
CA PRO D 2 -48.89 65.59 3.86
C PRO D 2 -48.13 64.31 3.54
N ASN D 3 -46.88 64.25 4.01
CA ASN D 3 -46.04 63.06 3.91
C ASN D 3 -45.20 62.95 5.18
N ILE D 4 -44.43 61.86 5.28
CA ILE D 4 -43.68 61.59 6.50
C ILE D 4 -42.58 62.60 6.79
N CYS D 5 -42.26 63.48 5.82
CA CYS D 5 -41.29 64.54 6.09
C CYS D 5 -41.97 65.73 6.78
N THR D 6 -43.08 66.21 6.22
CA THR D 6 -43.76 67.36 6.80
C THR D 6 -44.43 67.01 8.12
N THR D 7 -44.79 65.74 8.33
CA THR D 7 -45.49 65.32 9.53
C THR D 7 -44.55 64.97 10.68
N ARG D 8 -43.29 65.40 10.62
CA ARG D 8 -42.36 65.22 11.72
C ARG D 8 -42.11 66.48 12.51
N GLY D 9 -42.26 67.66 11.88
CA GLY D 9 -41.98 68.92 12.55
C GLY D 9 -40.53 69.01 12.97
N VAL D 10 -39.62 68.72 12.03
CA VAL D 10 -38.20 68.66 12.35
C VAL D 10 -37.70 70.04 12.79
N SER D 11 -36.52 70.04 13.41
CA SER D 11 -35.93 71.27 13.93
C SER D 11 -34.82 71.81 13.04
N SER D 12 -34.24 71.00 12.16
CA SER D 12 -33.08 71.42 11.39
C SER D 12 -33.01 70.64 10.09
N CYS D 13 -32.21 71.17 9.15
CA CYS D 13 -31.93 70.46 7.91
C CYS D 13 -31.31 69.09 8.19
N GLN D 14 -30.43 69.02 9.18
CA GLN D 14 -29.81 67.76 9.59
C GLN D 14 -30.87 66.71 9.93
N GLN D 15 -31.89 67.11 10.68
CA GLN D 15 -32.94 66.18 11.09
C GLN D 15 -33.79 65.75 9.91
N CYS D 16 -34.07 66.67 8.98
CA CYS D 16 -34.96 66.36 7.87
C CYS D 16 -34.40 65.27 6.98
N LEU D 17 -33.08 65.30 6.74
CA LEU D 17 -32.45 64.24 5.96
C LEU D 17 -32.35 62.93 6.72
N ALA D 18 -32.31 62.98 8.06
CA ALA D 18 -32.32 61.76 8.86
C ALA D 18 -33.65 61.04 8.82
N VAL D 19 -34.72 61.73 8.41
CA VAL D 19 -36.04 61.11 8.37
C VAL D 19 -36.08 60.00 7.33
N SER D 20 -35.78 60.33 6.08
CA SER D 20 -35.92 59.38 4.97
C SER D 20 -35.07 59.86 3.81
N PRO D 21 -34.56 58.94 2.99
CA PRO D 21 -33.80 59.35 1.80
C PRO D 21 -34.61 60.13 0.78
N MET D 22 -35.92 60.27 0.99
CA MET D 22 -36.77 61.02 0.08
C MET D 22 -36.99 62.47 0.49
N CYS D 23 -36.69 62.82 1.74
CA CYS D 23 -36.95 64.17 2.22
C CYS D 23 -35.91 65.15 1.67
N ALA D 24 -36.30 66.42 1.64
CA ALA D 24 -35.44 67.50 1.22
C ALA D 24 -35.69 68.70 2.13
N TRP D 25 -34.81 69.69 2.05
CA TRP D 25 -34.87 70.86 2.92
C TRP D 25 -34.75 72.12 2.10
N CYS D 26 -35.57 73.12 2.44
CA CYS D 26 -35.56 74.43 1.78
C CYS D 26 -35.03 75.45 2.77
N SER D 27 -33.86 76.01 2.48
CA SER D 27 -33.24 77.05 3.31
C SER D 27 -33.53 78.44 2.80
N ASP D 28 -34.58 78.62 1.99
CA ASP D 28 -34.93 79.93 1.47
C ASP D 28 -35.52 80.79 2.59
N GLU D 29 -34.91 81.94 2.85
CA GLU D 29 -35.40 82.82 3.90
C GLU D 29 -36.73 83.47 3.53
N ALA D 30 -36.95 83.70 2.23
CA ALA D 30 -38.22 84.25 1.73
C ALA D 30 -39.23 83.17 1.40
N LEU D 31 -39.35 82.14 2.24
CA LEU D 31 -40.35 81.08 2.13
C LEU D 31 -41.63 81.50 2.83
N PRO D 32 -42.80 81.10 2.31
CA PRO D 32 -44.05 81.39 3.02
C PRO D 32 -43.97 80.93 4.47
N LEU D 33 -44.46 81.79 5.36
CA LEU D 33 -44.30 81.55 6.80
C LEU D 33 -44.92 80.22 7.20
N GLY D 34 -46.15 79.96 6.75
CA GLY D 34 -46.80 78.71 7.06
C GLY D 34 -46.55 77.64 6.01
N SER D 35 -45.27 77.43 5.66
CA SER D 35 -44.89 76.44 4.66
C SER D 35 -43.90 75.47 5.26
N PRO D 36 -44.07 74.17 5.04
CA PRO D 36 -43.12 73.19 5.60
C PRO D 36 -41.76 73.29 4.91
N ARG D 37 -40.70 73.28 5.73
CA ARG D 37 -39.34 73.29 5.21
C ARG D 37 -38.80 71.89 4.95
N CYS D 38 -39.53 70.85 5.36
CA CYS D 38 -39.09 69.46 5.24
C CYS D 38 -40.13 68.71 4.43
N ASP D 39 -39.97 68.71 3.10
CA ASP D 39 -40.90 68.09 2.19
C ASP D 39 -40.12 67.43 1.06
N LEU D 40 -40.83 66.82 0.12
CA LEU D 40 -40.19 66.27 -1.05
C LEU D 40 -39.71 67.40 -1.96
N LYS D 41 -38.72 67.08 -2.80
CA LYS D 41 -38.16 68.09 -3.70
C LYS D 41 -39.22 68.63 -4.66
N GLU D 42 -40.23 67.82 -5.00
CA GLU D 42 -41.29 68.28 -5.88
C GLU D 42 -42.18 69.29 -5.18
N ASN D 43 -42.58 69.00 -3.94
CA ASN D 43 -43.46 69.91 -3.21
C ASN D 43 -42.77 71.22 -2.87
N LEU D 44 -41.45 71.20 -2.67
CA LEU D 44 -40.73 72.43 -2.34
C LEU D 44 -40.64 73.34 -3.55
N LEU D 45 -40.33 72.79 -4.73
CA LEU D 45 -40.24 73.60 -5.94
C LEU D 45 -41.56 74.26 -6.31
N LYS D 46 -42.69 73.69 -5.87
CA LYS D 46 -43.98 74.30 -6.17
C LYS D 46 -44.23 75.55 -5.34
N ASP D 47 -43.64 75.63 -4.14
CA ASP D 47 -43.80 76.79 -3.27
C ASP D 47 -42.76 77.88 -3.54
N ASN D 48 -42.29 77.99 -4.77
CA ASN D 48 -41.30 79.01 -5.16
C ASN D 48 -40.08 78.97 -4.25
N CYS D 49 -39.70 77.77 -3.82
CA CYS D 49 -38.46 77.59 -3.08
C CYS D 49 -37.30 77.66 -4.07
N ALA D 50 -36.35 78.56 -3.80
CA ALA D 50 -35.19 78.80 -4.65
C ALA D 50 -34.51 77.48 -5.00
N PRO D 51 -34.53 77.07 -6.26
CA PRO D 51 -33.89 75.80 -6.65
C PRO D 51 -32.43 75.73 -6.25
N GLU D 52 -31.75 76.87 -6.14
CA GLU D 52 -30.37 76.91 -5.69
C GLU D 52 -30.25 76.75 -4.18
N SER D 53 -31.34 76.91 -3.44
CA SER D 53 -31.34 76.80 -1.99
C SER D 53 -31.93 75.49 -1.49
N ILE D 54 -31.95 74.46 -2.33
CA ILE D 54 -32.53 73.16 -1.99
C ILE D 54 -31.42 72.22 -1.56
N GLU D 55 -31.63 71.52 -0.45
CA GLU D 55 -30.70 70.51 0.05
C GLU D 55 -31.33 69.14 -0.18
N PHE D 56 -30.70 68.34 -1.05
CA PHE D 56 -31.20 67.00 -1.37
C PHE D 56 -30.04 66.14 -1.82
N PRO D 57 -29.38 65.46 -0.88
CA PRO D 57 -28.28 64.57 -1.26
C PRO D 57 -28.80 63.32 -1.96
N VAL D 58 -27.98 62.81 -2.90
CA VAL D 58 -28.34 61.65 -3.69
C VAL D 58 -27.21 60.64 -3.57
N SER D 59 -27.52 59.44 -3.06
CA SER D 59 -26.52 58.39 -2.93
C SER D 59 -26.03 57.97 -4.30
N GLU D 60 -24.71 57.99 -4.49
CA GLU D 60 -24.10 57.70 -5.77
C GLU D 60 -22.91 56.77 -5.58
N ALA D 61 -22.47 56.19 -6.70
CA ALA D 61 -21.27 55.36 -6.77
C ALA D 61 -20.42 55.85 -7.93
N ARG D 62 -19.11 55.88 -7.72
CA ARG D 62 -18.19 56.47 -8.68
C ARG D 62 -16.92 55.65 -8.77
N VAL D 63 -16.55 55.26 -9.99
CA VAL D 63 -15.34 54.47 -10.21
C VAL D 63 -14.15 55.42 -10.31
N LEU D 64 -13.08 55.10 -9.59
CA LEU D 64 -11.87 55.90 -9.57
C LEU D 64 -10.72 55.23 -10.31
N GLU D 65 -10.34 54.02 -9.89
CA GLU D 65 -9.31 53.23 -10.55
C GLU D 65 -9.99 52.08 -11.28
N ASP D 66 -9.76 51.99 -12.60
CA ASP D 66 -10.50 51.06 -13.45
C ASP D 66 -9.57 50.44 -14.49
N ARG D 67 -8.43 49.93 -14.05
CA ARG D 67 -7.53 49.25 -14.95
C ARG D 67 -8.21 48.02 -15.54
N PRO D 68 -7.99 47.71 -16.81
CA PRO D 68 -8.67 46.56 -17.42
C PRO D 68 -8.09 45.24 -16.93
N LEU D 69 -8.88 44.19 -17.09
CA LEU D 69 -8.45 42.85 -16.70
C LEU D 69 -7.37 42.34 -17.65
N SER D 70 -6.24 41.93 -17.10
CA SER D 70 -5.14 41.42 -17.91
C SER D 70 -5.49 40.06 -18.51
N ASP D 71 -4.94 39.81 -19.70
CA ASP D 71 -5.19 38.55 -20.40
C ASP D 71 -4.19 37.47 -20.01
N LYS D 72 -2.91 37.81 -19.92
CA LYS D 72 -1.87 36.87 -19.52
C LYS D 72 -1.26 37.30 -18.20
N GLY D 73 -0.71 36.34 -17.47
CA GLY D 73 -0.10 36.62 -16.19
C GLY D 73 1.42 36.54 -16.23
N SER D 74 1.97 36.32 -17.43
CA SER D 74 3.41 36.22 -17.60
C SER D 74 4.02 37.62 -17.66
N GLY D 75 5.35 37.67 -17.86
CA GLY D 75 6.06 38.92 -17.97
C GLY D 75 6.23 39.64 -16.64
N ASP D 76 5.74 40.87 -16.56
CA ASP D 76 5.90 41.68 -15.35
C ASP D 76 4.99 41.15 -14.26
N SER D 77 5.59 40.83 -13.10
CA SER D 77 4.86 40.32 -11.94
C SER D 77 5.17 41.21 -10.75
N SER D 78 4.17 41.94 -10.28
CA SER D 78 2.84 41.89 -10.86
C SER D 78 2.21 43.26 -11.05
N GLN D 79 2.11 43.66 -12.32
CA GLN D 79 1.19 44.70 -12.74
C GLN D 79 -0.04 44.08 -13.40
N VAL D 80 -0.39 42.87 -12.96
CA VAL D 80 -1.51 42.10 -13.48
C VAL D 80 -2.78 42.54 -12.76
N THR D 81 -3.92 42.42 -13.45
CA THR D 81 -5.21 42.83 -12.92
C THR D 81 -6.15 41.64 -12.91
N GLN D 82 -6.56 41.22 -11.71
CA GLN D 82 -7.54 40.16 -11.55
C GLN D 82 -8.87 40.65 -11.01
N VAL D 83 -8.95 41.90 -10.56
CA VAL D 83 -10.16 42.49 -10.01
C VAL D 83 -10.44 43.80 -10.74
N SER D 84 -11.72 44.05 -11.04
CA SER D 84 -12.11 45.27 -11.73
C SER D 84 -13.54 45.63 -11.35
N PRO D 85 -13.79 46.84 -10.83
CA PRO D 85 -12.76 47.85 -10.59
C PRO D 85 -12.03 47.59 -9.27
N GLN D 86 -10.99 48.39 -8.99
CA GLN D 86 -10.19 48.23 -7.79
C GLN D 86 -10.42 49.31 -6.75
N ARG D 87 -10.99 50.45 -7.14
CA ARG D 87 -11.22 51.55 -6.19
C ARG D 87 -12.42 52.35 -6.66
N ILE D 88 -13.42 52.49 -5.80
CA ILE D 88 -14.61 53.25 -6.10
C ILE D 88 -14.97 54.10 -4.88
N ALA D 89 -15.68 55.19 -5.14
CA ALA D 89 -16.20 56.07 -4.09
C ALA D 89 -17.68 55.81 -3.90
N LEU D 90 -18.12 55.80 -2.63
CA LEU D 90 -19.50 55.51 -2.28
C LEU D 90 -20.03 56.61 -1.38
N ARG D 91 -21.18 57.17 -1.73
CA ARG D 91 -21.84 58.21 -0.94
C ARG D 91 -23.21 57.72 -0.52
N LEU D 92 -23.48 57.78 0.79
CA LEU D 92 -24.73 57.26 1.34
C LEU D 92 -25.26 58.23 2.39
N ARG D 93 -26.55 58.53 2.31
CA ARG D 93 -27.25 59.32 3.31
C ARG D 93 -27.99 58.40 4.26
N PRO D 94 -28.44 58.89 5.42
CA PRO D 94 -28.99 58.01 6.45
C PRO D 94 -30.06 57.06 5.93
N ASP D 95 -29.90 55.78 6.31
CA ASP D 95 -30.86 54.71 6.03
C ASP D 95 -31.01 54.41 4.53
N ASP D 96 -30.08 54.89 3.71
CA ASP D 96 -30.15 54.67 2.27
C ASP D 96 -29.27 53.49 1.87
N SER D 97 -29.33 53.13 0.59
CA SER D 97 -28.56 52.00 0.09
C SER D 97 -28.28 52.18 -1.40
N LYS D 98 -27.02 52.00 -1.77
CA LYS D 98 -26.57 52.06 -3.16
C LYS D 98 -25.87 50.75 -3.51
N ASN D 99 -25.83 50.45 -4.81
CA ASN D 99 -25.24 49.20 -5.28
C ASN D 99 -24.15 49.49 -6.30
N PHE D 100 -23.43 48.42 -6.65
CA PHE D 100 -22.26 48.51 -7.52
C PHE D 100 -21.83 47.08 -7.88
N SER D 101 -20.84 46.98 -8.77
CA SER D 101 -20.44 45.71 -9.35
C SER D 101 -18.93 45.51 -9.22
N ILE D 102 -18.50 44.26 -9.45
CA ILE D 102 -17.10 43.88 -9.38
C ILE D 102 -16.91 42.65 -10.28
N GLN D 103 -15.72 42.53 -10.85
CA GLN D 103 -15.37 41.41 -11.70
C GLN D 103 -14.11 40.73 -11.19
N VAL D 104 -14.07 39.40 -11.30
CA VAL D 104 -12.93 38.58 -10.89
C VAL D 104 -12.61 37.62 -12.03
N ARG D 105 -11.31 37.39 -12.25
CA ARG D 105 -10.87 36.52 -13.34
C ARG D 105 -9.71 35.65 -12.88
N GLN D 106 -9.82 34.35 -13.11
CA GLN D 106 -8.71 33.41 -12.90
C GLN D 106 -7.81 33.52 -14.12
N VAL D 107 -6.86 34.45 -14.06
CA VAL D 107 -6.03 34.77 -15.21
C VAL D 107 -5.21 33.55 -15.61
N GLU D 108 -5.17 33.29 -16.92
CA GLU D 108 -4.38 32.18 -17.45
C GLU D 108 -2.89 32.54 -17.44
N ASP D 109 -2.06 31.51 -17.24
CA ASP D 109 -0.60 31.64 -17.25
C ASP D 109 -0.12 32.57 -16.13
N TYR D 110 -0.50 32.22 -14.90
CA TYR D 110 -0.05 32.92 -13.71
C TYR D 110 1.05 32.14 -13.01
N PRO D 111 2.06 32.83 -12.48
CA PRO D 111 3.18 32.14 -11.83
C PRO D 111 2.72 31.16 -10.76
N VAL D 112 3.51 30.11 -10.54
CA VAL D 112 3.15 29.02 -9.65
C VAL D 112 4.39 28.57 -8.90
N ASP D 113 4.22 28.34 -7.59
CA ASP D 113 5.24 27.72 -6.74
C ASP D 113 4.67 26.42 -6.18
N ILE D 114 5.43 25.34 -6.31
CA ILE D 114 5.02 24.02 -5.83
C ILE D 114 6.12 23.50 -4.91
N TYR D 115 5.81 23.37 -3.62
CA TYR D 115 6.74 22.84 -2.63
C TYR D 115 6.29 21.42 -2.27
N TYR D 116 7.11 20.44 -2.62
CA TYR D 116 6.82 19.03 -2.37
C TYR D 116 7.27 18.68 -0.97
N LEU D 117 6.32 18.39 -0.08
CA LEU D 117 6.59 18.03 1.30
C LEU D 117 6.30 16.53 1.44
N MET D 118 7.35 15.74 1.66
CA MET D 118 7.27 14.29 1.52
C MET D 118 7.53 13.60 2.85
N ASP D 119 6.68 12.62 3.16
CA ASP D 119 6.92 11.71 4.27
C ASP D 119 8.03 10.73 3.90
N LEU D 120 9.10 10.71 4.69
CA LEU D 120 10.22 9.80 4.46
C LEU D 120 10.40 8.82 5.61
N SER D 121 9.31 8.47 6.30
CA SER D 121 9.37 7.38 7.26
C SER D 121 9.56 6.06 6.51
N TYR D 122 9.82 4.99 7.27
CA TYR D 122 10.18 3.73 6.65
C TYR D 122 9.05 3.17 5.78
N SER D 123 7.80 3.51 6.11
CA SER D 123 6.66 3.04 5.32
C SER D 123 6.63 3.67 3.93
N MET D 124 7.49 4.64 3.64
CA MET D 124 7.53 5.32 2.35
C MET D 124 8.79 5.02 1.56
N LYS D 125 9.46 3.90 1.86
CA LYS D 125 10.74 3.60 1.22
C LYS D 125 10.56 3.37 -0.27
N ASP D 126 9.56 2.59 -0.66
CA ASP D 126 9.32 2.32 -2.06
C ASP D 126 8.67 3.47 -2.80
N ASP D 127 8.18 4.49 -2.07
CA ASP D 127 7.57 5.64 -2.73
C ASP D 127 8.61 6.48 -3.47
N LEU D 128 9.86 6.45 -3.02
CA LEU D 128 10.91 7.23 -3.68
C LEU D 128 11.17 6.74 -5.09
N TRP D 129 10.99 5.44 -5.34
CA TRP D 129 11.31 4.87 -6.64
CA TRP D 129 11.30 4.86 -6.63
C TRP D 129 10.36 5.33 -7.74
N SER D 130 9.21 5.91 -7.38
CA SER D 130 8.25 6.39 -8.36
C SER D 130 8.33 7.89 -8.61
N ILE D 131 9.30 8.58 -7.99
CA ILE D 131 9.42 10.03 -8.12
C ILE D 131 10.87 10.41 -8.35
N GLN D 132 11.66 9.49 -8.90
CA GLN D 132 13.08 9.77 -9.11
C GLN D 132 13.31 10.82 -10.19
N ASN D 133 12.35 11.01 -11.10
CA ASN D 133 12.44 12.04 -12.13
C ASN D 133 11.23 12.97 -12.09
N LEU D 134 10.58 13.09 -10.93
CA LEU D 134 9.35 13.87 -10.83
C LEU D 134 9.57 15.34 -11.19
N GLY D 135 10.78 15.86 -10.94
CA GLY D 135 11.05 17.25 -11.21
C GLY D 135 10.84 17.69 -12.65
N THR D 136 11.51 17.02 -13.59
CA THR D 136 11.34 17.37 -15.00
C THR D 136 10.03 16.84 -15.55
N LYS D 137 9.60 15.66 -15.10
CA LYS D 137 8.34 15.10 -15.58
C LYS D 137 7.15 15.96 -15.14
N LEU D 138 7.23 16.58 -13.97
CA LEU D 138 6.17 17.49 -13.54
C LEU D 138 6.26 18.84 -14.22
N ALA D 139 7.47 19.31 -14.55
CA ALA D 139 7.62 20.58 -15.24
C ALA D 139 7.00 20.53 -16.63
N THR D 140 7.12 19.39 -17.31
CA THR D 140 6.59 19.26 -18.67
C THR D 140 5.11 19.59 -18.72
N GLN D 141 4.34 19.10 -17.75
CA GLN D 141 2.91 19.34 -17.75
C GLN D 141 2.54 20.72 -17.18
N MET D 142 3.47 21.37 -16.48
CA MET D 142 3.21 22.69 -15.92
C MET D 142 3.68 23.82 -16.84
N ARG D 143 4.72 23.58 -17.65
CA ARG D 143 5.14 24.58 -18.63
C ARG D 143 4.01 24.91 -19.61
N LYS D 144 3.06 24.01 -19.79
CA LYS D 144 1.89 24.24 -20.63
C LYS D 144 0.77 24.98 -19.89
N LEU D 145 0.91 25.17 -18.58
CA LEU D 145 -0.05 25.96 -17.81
C LEU D 145 0.52 27.26 -17.28
N THR D 146 1.84 27.43 -17.26
CA THR D 146 2.45 28.65 -16.76
C THR D 146 3.85 28.78 -17.34
N SER D 147 4.26 30.03 -17.56
CA SER D 147 5.63 30.34 -17.96
C SER D 147 6.56 30.47 -16.76
N ASN D 148 6.08 31.07 -15.67
CA ASN D 148 6.84 31.17 -14.44
C ASN D 148 6.52 29.98 -13.55
N LEU D 149 7.54 29.18 -13.23
CA LEU D 149 7.36 27.98 -12.43
C LEU D 149 8.60 27.78 -11.57
N ARG D 150 8.37 27.42 -10.30
CA ARG D 150 9.44 27.10 -9.37
C ARG D 150 9.01 25.93 -8.51
N ILE D 151 9.95 25.04 -8.21
CA ILE D 151 9.68 23.84 -7.43
C ILE D 151 10.73 23.68 -6.35
N GLY D 152 10.30 23.24 -5.17
CA GLY D 152 11.20 22.99 -4.07
C GLY D 152 10.83 21.70 -3.36
N PHE D 153 11.71 21.27 -2.46
CA PHE D 153 11.53 19.98 -1.81
C PHE D 153 11.84 20.08 -0.33
N GLY D 154 11.11 19.28 0.46
CA GLY D 154 11.36 19.15 1.88
C GLY D 154 10.82 17.83 2.37
N ALA D 155 11.45 17.31 3.42
CA ALA D 155 11.12 15.98 3.91
C ALA D 155 10.94 16.00 5.43
N PHE D 156 10.18 15.03 5.93
CA PHE D 156 9.90 14.92 7.35
C PHE D 156 9.75 13.47 7.74
N VAL D 157 9.92 13.20 9.03
CA VAL D 157 9.64 11.89 9.61
C VAL D 157 8.79 12.08 10.86
N ASP D 158 9.44 12.42 11.97
CA ASP D 158 8.77 12.62 13.25
C ASP D 158 9.77 13.25 14.20
N LYS D 159 9.33 13.51 15.44
CA LYS D 159 10.18 14.15 16.44
C LYS D 159 11.30 13.19 16.86
N PRO D 160 12.57 13.58 16.74
CA PRO D 160 13.67 12.66 17.07
C PRO D 160 13.79 12.39 18.56
N VAL D 161 12.74 11.84 19.18
CA VAL D 161 12.69 11.63 20.62
C VAL D 161 12.04 10.28 20.89
N SER D 162 12.44 9.64 21.98
CA SER D 162 11.69 8.51 22.50
C SER D 162 10.32 8.99 22.97
N PRO D 163 9.25 8.21 22.77
CA PRO D 163 9.21 6.86 22.19
C PRO D 163 9.11 6.82 20.67
N TYR D 164 9.05 7.99 20.02
CA TYR D 164 9.00 8.01 18.56
C TYR D 164 10.28 7.42 17.95
N MET D 165 11.41 7.67 18.59
CA MET D 165 12.72 7.32 18.05
C MET D 165 13.27 6.08 18.75
N TYR D 166 13.95 5.23 17.97
CA TYR D 166 14.67 4.10 18.54
C TYR D 166 15.98 4.60 19.14
N ILE D 167 16.19 4.32 20.43
CA ILE D 167 17.33 4.88 21.15
C ILE D 167 18.30 3.79 21.60
N SER D 168 18.13 2.55 21.13
CA SER D 168 19.03 1.48 21.51
C SER D 168 19.02 0.41 20.42
N PRO D 169 20.18 -0.22 20.13
CA PRO D 169 21.52 0.00 20.68
C PRO D 169 22.12 1.36 20.28
N PRO D 170 23.32 1.71 20.77
CA PRO D 170 23.94 2.97 20.34
C PRO D 170 24.06 3.11 18.83
N GLU D 171 24.16 2.00 18.10
CA GLU D 171 24.24 2.06 16.64
C GLU D 171 22.89 2.38 16.00
N ALA D 172 21.79 2.19 16.73
CA ALA D 172 20.47 2.50 16.18
C ALA D 172 20.25 3.99 16.01
N LEU D 173 21.05 4.84 16.69
CA LEU D 173 20.99 6.27 16.44
C LEU D 173 21.61 6.61 15.09
N GLU D 174 22.79 6.04 14.80
CA GLU D 174 23.40 6.24 13.50
C GLU D 174 22.59 5.58 12.38
N ASN D 175 21.94 4.46 12.68
CA ASN D 175 21.24 3.67 11.66
C ASN D 175 20.02 3.03 12.30
N PRO D 176 18.85 3.68 12.19
CA PRO D 176 17.63 3.09 12.77
C PRO D 176 17.26 1.74 12.20
N CYS D 177 17.87 1.34 11.08
CA CYS D 177 17.64 0.05 10.46
C CYS D 177 18.67 -0.99 10.89
N TYR D 178 19.29 -0.81 12.05
CA TYR D 178 20.35 -1.71 12.48
C TYR D 178 19.83 -3.12 12.73
N ASP D 179 18.72 -3.23 13.46
CA ASP D 179 18.18 -4.56 13.77
C ASP D 179 17.57 -5.25 12.55
N MET D 180 17.52 -4.57 11.40
CA MET D 180 17.03 -5.15 10.16
C MET D 180 18.15 -5.48 9.18
N LYS D 181 19.41 -5.34 9.59
CA LYS D 181 20.60 -5.64 8.80
C LYS D 181 20.75 -4.77 7.56
N THR D 182 19.97 -3.69 7.44
CA THR D 182 20.08 -2.74 6.35
C THR D 182 20.41 -1.36 6.92
N THR D 183 20.55 -0.38 6.04
CA THR D 183 21.00 0.95 6.42
C THR D 183 20.02 2.00 5.94
N CYS D 184 19.66 2.92 6.84
CA CYS D 184 18.82 4.06 6.51
C CYS D 184 19.38 5.28 7.24
N LEU D 185 18.86 6.46 6.87
CA LEU D 185 19.35 7.70 7.45
C LEU D 185 19.01 7.78 8.94
N PRO D 186 19.83 8.49 9.72
CA PRO D 186 19.42 8.81 11.09
C PRO D 186 18.15 9.62 11.09
N MET D 187 17.39 9.52 12.18
CA MET D 187 16.09 10.15 12.25
C MET D 187 16.21 11.67 12.27
N PHE D 188 15.21 12.33 11.69
CA PHE D 188 15.18 13.79 11.61
C PHE D 188 13.73 14.25 11.62
N GLY D 189 13.51 15.42 12.23
CA GLY D 189 12.17 15.99 12.31
C GLY D 189 11.67 16.53 10.99
N TYR D 190 12.29 17.61 10.52
CA TYR D 190 11.95 18.19 9.22
C TYR D 190 13.15 18.97 8.72
N LYS D 191 13.63 18.62 7.53
CA LYS D 191 14.77 19.31 6.92
C LYS D 191 14.36 19.92 5.59
N HIS D 192 14.80 21.15 5.36
CA HIS D 192 14.58 21.83 4.08
C HIS D 192 15.68 21.42 3.11
N VAL D 193 15.28 20.92 1.94
CA VAL D 193 16.24 20.36 0.99
C VAL D 193 16.55 21.38 -0.10
N LEU D 194 15.55 21.77 -0.88
CA LEU D 194 15.75 22.65 -2.02
C LEU D 194 14.78 23.83 -1.96
N THR D 195 15.32 25.03 -2.08
CA THR D 195 14.49 26.22 -2.20
C THR D 195 13.81 26.25 -3.57
N LEU D 196 12.58 26.75 -3.60
CA LEU D 196 11.84 26.93 -4.85
C LEU D 196 12.70 27.60 -5.90
N THR D 197 12.89 26.93 -7.03
CA THR D 197 13.77 27.40 -8.09
C THR D 197 13.19 27.01 -9.45
N ASP D 198 13.59 27.77 -10.47
CA ASP D 198 13.15 27.51 -11.82
C ASP D 198 13.95 26.41 -12.51
N GLN D 199 15.10 26.02 -11.96
CA GLN D 199 15.91 24.95 -12.52
C GLN D 199 15.34 23.61 -12.05
N VAL D 200 14.60 22.95 -12.93
CA VAL D 200 13.93 21.70 -12.55
C VAL D 200 14.87 20.52 -12.46
N THR D 201 16.04 20.57 -13.12
CA THR D 201 17.01 19.51 -12.95
C THR D 201 17.63 19.52 -11.56
N ARG D 202 17.72 20.70 -10.94
CA ARG D 202 18.19 20.80 -9.57
C ARG D 202 17.28 20.02 -8.61
N PHE D 203 16.01 19.83 -8.99
CA PHE D 203 15.09 19.05 -8.19
C PHE D 203 15.45 17.57 -8.21
N ASN D 204 15.68 17.01 -9.41
CA ASN D 204 15.96 15.58 -9.54
C ASN D 204 17.30 15.22 -8.90
N GLU D 205 18.30 16.10 -9.01
CA GLU D 205 19.59 15.84 -8.38
C GLU D 205 19.44 15.65 -6.88
N GLU D 206 18.56 16.41 -6.26
CA GLU D 206 18.39 16.33 -4.81
C GLU D 206 17.53 15.13 -4.40
N VAL D 207 16.54 14.78 -5.23
CA VAL D 207 15.67 13.65 -4.90
C VAL D 207 16.45 12.34 -4.88
N LYS D 208 17.42 12.20 -5.79
CA LYS D 208 18.21 10.98 -5.82
C LYS D 208 19.12 10.87 -4.61
N LYS D 209 19.55 12.00 -4.04
CA LYS D 209 20.39 11.98 -2.85
C LYS D 209 19.59 11.77 -1.56
N GLN D 210 18.27 11.71 -1.65
CA GLN D 210 17.43 11.51 -0.47
C GLN D 210 17.27 10.03 -0.15
N SER D 211 16.92 9.76 1.10
CA SER D 211 16.68 8.40 1.56
C SER D 211 15.81 8.46 2.81
N VAL D 212 15.18 7.32 3.12
CA VAL D 212 14.20 7.26 4.19
C VAL D 212 14.90 6.95 5.51
N SER D 213 14.21 7.27 6.61
CA SER D 213 14.61 6.92 7.95
C SER D 213 13.61 5.90 8.50
N ARG D 214 13.45 5.85 9.81
CA ARG D 214 12.55 4.89 10.44
C ARG D 214 12.30 5.22 11.91
N ASN D 215 11.03 5.32 12.30
CA ASN D 215 10.65 5.58 13.68
C ASN D 215 9.74 4.45 14.17
N ARG D 216 9.13 4.65 15.33
CA ARG D 216 8.41 3.56 16.00
C ARG D 216 6.91 3.60 15.77
N ASP D 217 6.25 4.71 16.08
CA ASP D 217 4.79 4.76 16.02
C ASP D 217 4.29 5.07 14.62
N ALA D 218 3.11 4.53 14.31
CA ALA D 218 2.54 4.69 12.97
C ALA D 218 2.29 6.15 12.59
N PRO D 219 1.62 6.98 13.40
CA PRO D 219 1.39 8.35 12.97
C PRO D 219 2.66 9.18 13.01
N GLU D 220 2.81 10.07 12.04
CA GLU D 220 4.06 10.79 11.86
C GLU D 220 3.89 12.27 12.17
N GLY D 221 5.02 12.96 12.26
CA GLY D 221 5.04 14.37 12.59
C GLY D 221 5.01 15.27 11.37
N GLY D 222 4.09 15.01 10.45
CA GLY D 222 4.04 15.78 9.22
C GLY D 222 3.53 17.20 9.41
N PHE D 223 2.70 17.42 10.43
CA PHE D 223 2.15 18.76 10.65
C PHE D 223 3.21 19.74 11.13
N ASP D 224 4.18 19.26 11.91
CA ASP D 224 5.34 20.10 12.24
C ASP D 224 5.98 20.67 10.98
N ALA D 225 6.14 19.83 9.96
CA ALA D 225 6.76 20.28 8.72
C ALA D 225 5.88 21.27 7.97
N ILE D 226 4.56 21.02 7.93
CA ILE D 226 3.65 21.90 7.23
C ILE D 226 3.72 23.32 7.80
N MET D 227 3.77 23.44 9.12
CA MET D 227 3.88 24.74 9.76
C MET D 227 5.18 25.44 9.37
N GLN D 228 6.31 24.73 9.48
CA GLN D 228 7.60 25.32 9.15
C GLN D 228 7.71 25.66 7.67
N ALA D 229 7.11 24.85 6.79
CA ALA D 229 7.11 25.18 5.37
C ALA D 229 6.33 26.45 5.07
N THR D 230 5.44 26.86 5.97
CA THR D 230 4.61 28.04 5.76
C THR D 230 5.26 29.31 6.29
N VAL D 231 5.71 29.29 7.55
CA VAL D 231 6.21 30.50 8.20
C VAL D 231 7.65 30.83 7.85
N CYS D 232 8.39 29.90 7.24
CA CYS D 232 9.79 30.16 6.86
C CYS D 232 9.81 30.67 5.43
N ASP D 233 9.47 31.94 5.28
CA ASP D 233 9.29 32.54 3.97
C ASP D 233 10.59 32.48 3.15
N GLU D 234 11.67 33.03 3.71
CA GLU D 234 12.91 33.15 2.95
C GLU D 234 13.51 31.80 2.62
N LYS D 235 13.52 30.87 3.59
CA LYS D 235 14.10 29.56 3.35
C LYS D 235 13.36 28.81 2.25
N ILE D 236 12.04 28.70 2.36
CA ILE D 236 11.25 28.00 1.36
C ILE D 236 11.28 28.77 0.05
N GLY D 237 11.07 30.08 0.10
CA GLY D 237 11.17 30.91 -1.07
C GLY D 237 9.88 31.15 -1.82
N TRP D 238 8.76 31.25 -1.11
CA TRP D 238 7.49 31.57 -1.77
C TRP D 238 7.57 32.95 -2.40
N ARG D 239 7.08 33.05 -3.63
CA ARG D 239 7.12 34.31 -4.38
C ARG D 239 5.91 35.17 -4.02
N ASN D 240 6.13 36.49 -4.00
CA ASN D 240 5.07 37.41 -3.60
C ASN D 240 3.88 37.37 -4.54
N ASP D 241 4.09 36.95 -5.80
CA ASP D 241 3.07 37.00 -6.83
C ASP D 241 3.01 35.64 -7.54
N ALA D 242 2.46 34.65 -6.84
CA ALA D 242 2.37 33.31 -7.42
C ALA D 242 1.39 32.48 -6.60
N SER D 243 0.81 31.48 -7.27
CA SER D 243 -0.06 30.52 -6.58
C SER D 243 0.81 29.54 -5.79
N HIS D 244 0.65 29.55 -4.47
CA HIS D 244 1.49 28.77 -3.58
C HIS D 244 0.84 27.42 -3.31
N LEU D 245 1.57 26.34 -3.61
CA LEU D 245 1.07 24.98 -3.46
C LEU D 245 1.99 24.20 -2.53
N LEU D 246 1.42 23.58 -1.51
CA LEU D 246 2.16 22.76 -0.55
C LEU D 246 1.62 21.34 -0.66
N VAL D 247 2.35 20.47 -1.34
CA VAL D 247 1.95 19.09 -1.54
C VAL D 247 2.37 18.26 -0.33
N PHE D 248 1.40 17.72 0.38
CA PHE D 248 1.64 16.90 1.57
C PHE D 248 1.30 15.45 1.25
N THR D 249 2.29 14.57 1.36
CA THR D 249 2.15 13.17 0.98
C THR D 249 2.54 12.28 2.16
N THR D 250 1.67 11.32 2.48
CA THR D 250 1.91 10.38 3.57
C THR D 250 0.99 9.19 3.38
N ASP D 251 1.29 8.11 4.12
CA ASP D 251 0.49 6.89 4.08
C ASP D 251 -0.04 6.49 5.45
N ALA D 252 -0.06 7.41 6.40
CA ALA D 252 -0.47 7.09 7.76
C ALA D 252 -1.10 8.32 8.40
N LYS D 253 -1.54 8.15 9.65
CA LYS D 253 -2.11 9.25 10.43
C LYS D 253 -1.07 10.35 10.65
N THR D 254 -1.49 11.42 11.30
CA THR D 254 -0.59 12.51 11.67
C THR D 254 -0.74 12.82 13.15
N HIS D 255 0.36 13.23 13.77
CA HIS D 255 0.30 13.70 15.13
C HIS D 255 -0.33 15.09 15.16
N ILE D 256 -1.15 15.34 16.19
CA ILE D 256 -1.81 16.63 16.33
C ILE D 256 -1.33 17.30 17.61
N ALA D 257 -1.79 18.53 17.86
CA ALA D 257 -1.41 19.23 19.08
C ALA D 257 -1.84 18.44 20.31
N LEU D 258 -0.99 18.48 21.34
CA LEU D 258 -1.08 17.80 22.63
C LEU D 258 -0.61 16.35 22.56
N ASP D 259 -0.34 15.81 21.37
CA ASP D 259 0.28 14.49 21.29
C ASP D 259 1.70 14.50 21.81
N GLY D 260 2.39 15.63 21.69
CA GLY D 260 3.78 15.72 22.08
C GLY D 260 4.04 15.45 23.55
N ARG D 261 3.00 15.46 24.38
CA ARG D 261 3.18 15.19 25.81
C ARG D 261 3.70 13.79 26.05
N LEU D 262 3.52 12.87 25.10
CA LEU D 262 4.09 11.53 25.23
C LEU D 262 5.60 11.52 25.09
N ALA D 263 6.19 12.57 24.53
CA ALA D 263 7.64 12.71 24.48
C ALA D 263 8.17 13.62 25.56
N GLY D 264 7.32 14.05 26.49
CA GLY D 264 7.71 15.05 27.47
C GLY D 264 7.57 16.48 27.01
N ILE D 265 7.01 16.70 25.82
CA ILE D 265 6.94 18.02 25.21
C ILE D 265 5.56 18.61 25.50
N VAL D 266 5.55 19.73 26.20
CA VAL D 266 4.29 20.36 26.61
C VAL D 266 4.14 21.79 26.10
N GLN D 267 5.22 22.46 25.69
CA GLN D 267 5.12 23.84 25.27
C GLN D 267 4.32 23.96 23.98
N PRO D 268 3.32 24.84 23.91
CA PRO D 268 2.53 24.94 22.69
C PRO D 268 3.35 25.46 21.52
N ASN D 269 2.92 25.10 20.32
CA ASN D 269 3.58 25.57 19.10
C ASN D 269 3.44 27.09 18.99
N ASP D 270 4.57 27.77 18.78
CA ASP D 270 4.59 29.22 18.74
C ASP D 270 4.37 29.78 17.34
N GLY D 271 4.26 28.93 16.33
CA GLY D 271 3.94 29.40 14.99
C GLY D 271 5.00 30.25 14.34
N GLN D 272 6.25 30.14 14.77
CA GLN D 272 7.35 30.91 14.19
C GLN D 272 8.33 29.98 13.48
N CYS D 273 9.17 30.57 12.66
CA CYS D 273 10.16 29.82 11.90
C CYS D 273 11.33 29.44 12.81
N HIS D 274 11.73 28.17 12.76
CA HIS D 274 12.84 27.66 13.55
C HIS D 274 13.76 26.79 12.69
N VAL D 275 13.85 27.09 11.40
CA VAL D 275 14.74 26.38 10.49
C VAL D 275 15.98 27.28 10.30
N GLY D 276 17.07 26.92 10.97
CA GLY D 276 18.29 27.69 10.91
C GLY D 276 19.05 27.46 9.63
N SER D 277 20.33 27.88 9.64
CA SER D 277 21.17 27.72 8.46
C SER D 277 21.41 26.25 8.14
N ASP D 278 21.37 25.38 9.15
CA ASP D 278 21.58 23.94 8.93
C ASP D 278 20.40 23.26 8.28
N ASN D 279 19.34 24.00 7.93
CA ASN D 279 18.18 23.51 7.19
C ASN D 279 17.37 22.47 7.96
N HIS D 280 17.48 22.42 9.28
CA HIS D 280 16.70 21.50 10.09
C HIS D 280 15.84 22.27 11.08
N TYR D 281 14.68 21.70 11.39
CA TYR D 281 13.73 22.28 12.34
C TYR D 281 14.24 22.05 13.76
N SER D 282 14.74 23.11 14.39
CA SER D 282 15.42 22.98 15.68
C SER D 282 14.49 22.90 16.88
N ALA D 283 13.21 23.26 16.71
CA ALA D 283 12.24 23.17 17.80
C ALA D 283 11.51 21.83 17.82
N SER D 284 11.96 20.85 17.03
CA SER D 284 11.25 19.58 16.93
C SER D 284 11.18 18.87 18.27
N THR D 285 12.23 18.99 19.08
CA THR D 285 12.32 18.28 20.34
C THR D 285 11.96 19.14 21.55
N THR D 286 11.59 20.40 21.35
CA THR D 286 11.28 21.30 22.44
C THR D 286 9.94 22.01 22.27
N MET D 287 9.12 21.60 21.30
CA MET D 287 7.90 22.33 20.98
C MET D 287 6.86 21.37 20.41
N ASP D 288 5.62 21.51 20.88
CA ASP D 288 4.55 20.57 20.57
C ASP D 288 4.07 20.74 19.15
N TYR D 289 3.34 19.73 18.67
CA TYR D 289 2.77 19.78 17.33
C TYR D 289 1.77 20.93 17.24
N PRO D 290 1.67 21.59 16.08
CA PRO D 290 0.68 22.66 15.94
C PRO D 290 -0.73 22.10 15.98
N SER D 291 -1.68 23.01 16.21
CA SER D 291 -3.09 22.67 16.19
C SER D 291 -3.71 23.08 14.86
N LEU D 292 -4.86 22.47 14.55
CA LEU D 292 -5.52 22.73 13.27
C LEU D 292 -5.83 24.21 13.09
N GLY D 293 -6.18 24.90 14.17
CA GLY D 293 -6.45 26.33 14.06
C GLY D 293 -5.20 27.14 13.78
N LEU D 294 -4.11 26.83 14.50
CA LEU D 294 -2.87 27.54 14.28
C LEU D 294 -2.35 27.35 12.86
N MET D 295 -2.49 26.13 12.32
CA MET D 295 -2.14 25.89 10.93
C MET D 295 -3.03 26.71 10.00
N THR D 296 -4.34 26.69 10.24
CA THR D 296 -5.25 27.48 9.42
C THR D 296 -4.86 28.96 9.41
N GLU D 297 -4.45 29.48 10.57
CA GLU D 297 -4.05 30.88 10.64
C GLU D 297 -2.84 31.15 9.77
N LYS D 298 -1.76 30.38 9.96
CA LYS D 298 -0.53 30.64 9.22
C LYS D 298 -0.70 30.35 7.73
N LEU D 299 -1.46 29.31 7.38
CA LEU D 299 -1.73 29.03 5.98
C LEU D 299 -2.46 30.19 5.32
N SER D 300 -3.41 30.80 6.03
CA SER D 300 -4.12 31.96 5.48
C SER D 300 -3.21 33.18 5.43
N GLN D 301 -2.35 33.35 6.44
CA GLN D 301 -1.51 34.54 6.49
C GLN D 301 -0.47 34.53 5.37
N LYS D 302 0.16 33.39 5.13
CA LYS D 302 1.14 33.26 4.06
C LYS D 302 0.51 32.86 2.73
N ASN D 303 -0.80 32.64 2.70
CA ASN D 303 -1.55 32.35 1.47
C ASN D 303 -1.03 31.07 0.80
N ILE D 304 -1.19 29.96 1.52
CA ILE D 304 -0.72 28.65 1.09
C ILE D 304 -1.91 27.75 0.86
N ASN D 305 -1.88 26.98 -0.24
CA ASN D 305 -2.90 25.98 -0.54
C ASN D 305 -2.34 24.61 -0.16
N LEU D 306 -2.77 24.10 0.99
CA LEU D 306 -2.32 22.80 1.46
C LEU D 306 -3.10 21.69 0.76
N ILE D 307 -2.38 20.68 0.27
CA ILE D 307 -2.97 19.58 -0.47
C ILE D 307 -2.61 18.28 0.24
N PHE D 308 -3.63 17.56 0.70
CA PHE D 308 -3.45 16.29 1.38
C PHE D 308 -3.45 15.18 0.34
N ALA D 309 -2.26 14.75 -0.09
CA ALA D 309 -2.11 13.66 -1.04
C ALA D 309 -1.80 12.39 -0.25
N VAL D 310 -2.87 11.74 0.21
CA VAL D 310 -2.75 10.63 1.15
C VAL D 310 -3.30 9.37 0.51
N THR D 311 -2.88 8.23 1.05
CA THR D 311 -3.29 6.94 0.54
C THR D 311 -4.73 6.63 0.92
N GLU D 312 -5.31 5.65 0.22
CA GLU D 312 -6.74 5.38 0.34
C GLU D 312 -7.14 4.95 1.75
N ASN D 313 -6.20 4.37 2.51
CA ASN D 313 -6.55 3.86 3.83
C ASN D 313 -6.72 4.95 4.87
N VAL D 314 -6.40 6.20 4.54
CA VAL D 314 -6.49 7.30 5.50
CA VAL D 314 -6.50 7.30 5.50
C VAL D 314 -7.21 8.48 4.85
N VAL D 315 -7.83 8.24 3.68
CA VAL D 315 -8.53 9.30 2.96
C VAL D 315 -9.60 9.93 3.85
N ASN D 316 -10.42 9.09 4.49
CA ASN D 316 -11.52 9.61 5.30
C ASN D 316 -11.00 10.48 6.44
N LEU D 317 -9.84 10.14 7.00
CA LEU D 317 -9.26 10.94 8.08
C LEU D 317 -8.89 12.34 7.58
N TYR D 318 -8.07 12.41 6.54
CA TYR D 318 -7.65 13.71 6.02
C TYR D 318 -8.78 14.44 5.32
N GLN D 319 -9.76 13.71 4.77
CA GLN D 319 -10.96 14.34 4.25
C GLN D 319 -11.71 15.07 5.36
N ASN D 320 -11.80 14.44 6.54
CA ASN D 320 -12.55 15.04 7.63
C ASN D 320 -11.79 16.21 8.26
N TYR D 321 -10.46 16.21 8.18
CA TYR D 321 -9.69 17.40 8.54
C TYR D 321 -9.85 18.51 7.51
N SER D 322 -10.06 18.14 6.24
CA SER D 322 -10.15 19.14 5.17
C SER D 322 -11.29 20.11 5.39
N GLU D 323 -12.34 19.68 6.09
CA GLU D 323 -13.43 20.58 6.43
C GLU D 323 -13.08 21.52 7.58
N LEU D 324 -12.06 21.20 8.37
CA LEU D 324 -11.65 22.06 9.46
C LEU D 324 -10.62 23.10 9.06
N ILE D 325 -9.95 22.91 7.93
CA ILE D 325 -9.00 23.89 7.40
C ILE D 325 -9.48 24.29 6.01
N PRO D 326 -10.33 25.30 5.89
CA PRO D 326 -10.89 25.66 4.58
C PRO D 326 -9.80 26.01 3.58
N GLY D 327 -10.07 25.70 2.31
CA GLY D 327 -9.13 25.90 1.22
C GLY D 327 -8.28 24.71 0.90
N THR D 328 -8.16 23.74 1.79
CA THR D 328 -7.31 22.58 1.56
C THR D 328 -7.99 21.58 0.62
N THR D 329 -7.17 20.83 -0.11
CA THR D 329 -7.63 19.86 -1.09
C THR D 329 -7.12 18.47 -0.71
N VAL D 330 -7.97 17.47 -0.89
CA VAL D 330 -7.62 16.08 -0.62
C VAL D 330 -7.62 15.31 -1.93
N GLY D 331 -6.54 14.61 -2.20
CA GLY D 331 -6.47 13.71 -3.33
C GLY D 331 -5.99 12.34 -2.89
N VAL D 332 -6.38 11.32 -3.66
CA VAL D 332 -6.09 9.94 -3.31
C VAL D 332 -4.75 9.55 -3.94
N LEU D 333 -3.79 9.22 -3.09
CA LEU D 333 -2.45 8.79 -3.51
C LEU D 333 -2.37 7.28 -3.49
N SER D 334 -1.54 6.74 -4.38
CA SER D 334 -1.36 5.30 -4.46
C SER D 334 -0.36 4.84 -3.38
N MET D 335 -0.23 3.51 -3.25
CA MET D 335 0.69 2.93 -2.29
C MET D 335 2.15 3.07 -2.71
N ASP D 336 2.42 3.61 -3.90
CA ASP D 336 3.79 3.81 -4.37
C ASP D 336 4.07 5.23 -4.80
N SER D 337 3.09 6.14 -4.68
CA SER D 337 3.24 7.53 -5.09
C SER D 337 3.60 7.64 -6.57
N SER D 338 2.88 6.88 -7.40
CA SER D 338 3.09 6.94 -8.83
C SER D 338 2.18 7.95 -9.53
N ASN D 339 0.95 8.12 -9.04
CA ASN D 339 0.01 9.09 -9.58
C ASN D 339 0.11 10.45 -8.92
N VAL D 340 1.22 10.75 -8.25
CA VAL D 340 1.35 12.02 -7.55
C VAL D 340 1.34 13.20 -8.52
N LEU D 341 1.88 13.00 -9.72
CA LEU D 341 1.81 14.06 -10.73
C LEU D 341 0.37 14.32 -11.15
N GLN D 342 -0.36 13.26 -11.47
CA GLN D 342 -1.78 13.42 -11.79
C GLN D 342 -2.56 13.95 -10.61
N LEU D 343 -2.14 13.61 -9.38
CA LEU D 343 -2.81 14.13 -8.20
C LEU D 343 -2.63 15.63 -8.06
N ILE D 344 -1.41 16.12 -8.31
CA ILE D 344 -1.14 17.55 -8.20
C ILE D 344 -1.94 18.33 -9.24
N VAL D 345 -1.98 17.82 -10.48
CA VAL D 345 -2.65 18.55 -11.55
C VAL D 345 -4.15 18.61 -11.31
N ASP D 346 -4.78 17.47 -10.99
CA ASP D 346 -6.21 17.45 -10.75
C ASP D 346 -6.58 18.32 -9.56
N ALA D 347 -5.72 18.35 -8.53
CA ALA D 347 -5.99 19.21 -7.38
C ALA D 347 -5.75 20.67 -7.70
N TYR D 348 -4.83 20.97 -8.62
CA TYR D 348 -4.56 22.34 -9.00
C TYR D 348 -5.80 22.99 -9.64
N GLY D 349 -6.50 22.23 -10.49
CA GLY D 349 -7.71 22.76 -11.11
C GLY D 349 -8.84 22.95 -10.10
N LYS D 350 -8.99 22.01 -9.17
CA LYS D 350 -9.97 22.16 -8.11
C LYS D 350 -9.67 23.39 -7.26
N ILE D 351 -8.40 23.77 -7.16
CA ILE D 351 -8.04 24.96 -6.38
C ILE D 351 -8.45 26.22 -7.11
N ARG D 352 -8.25 26.27 -8.43
CA ARG D 352 -8.58 27.43 -9.23
C ARG D 352 -9.97 27.35 -9.85
N SER D 353 -10.86 26.53 -9.28
CA SER D 353 -12.25 26.45 -9.71
C SER D 353 -13.20 27.17 -8.76
N LYS D 354 -12.68 27.73 -7.67
CA LYS D 354 -13.49 28.41 -6.67
C LYS D 354 -13.11 29.89 -6.62
N VAL D 355 -14.11 30.76 -6.49
CA VAL D 355 -13.90 32.19 -6.34
C VAL D 355 -14.87 32.71 -5.28
N GLU D 356 -14.40 32.81 -4.04
CA GLU D 356 -15.19 33.30 -2.93
C GLU D 356 -14.71 34.68 -2.52
N LEU D 357 -15.65 35.57 -2.21
CA LEU D 357 -15.34 36.93 -1.79
C LEU D 357 -15.36 37.03 -0.27
N GLU D 358 -14.39 37.78 0.27
CA GLU D 358 -14.36 38.14 1.68
C GLU D 358 -14.31 39.65 1.80
N VAL D 359 -14.83 40.17 2.90
CA VAL D 359 -14.90 41.60 3.15
C VAL D 359 -14.07 41.92 4.39
N ARG D 360 -13.23 42.94 4.29
CA ARG D 360 -12.38 43.38 5.38
C ARG D 360 -12.78 44.78 5.82
N ASP D 361 -12.75 45.02 7.13
CA ASP D 361 -12.92 46.35 7.71
C ASP D 361 -14.28 46.96 7.41
N LEU D 362 -15.32 46.13 7.34
CA LEU D 362 -16.66 46.63 7.08
C LEU D 362 -17.22 47.27 8.34
N PRO D 363 -17.60 48.55 8.30
CA PRO D 363 -18.16 49.19 9.49
C PRO D 363 -19.44 48.50 9.94
N GLU D 364 -19.73 48.62 11.25
CA GLU D 364 -20.90 47.96 11.81
C GLU D 364 -22.18 48.50 11.19
N GLU D 365 -22.23 49.80 10.91
CA GLU D 365 -23.43 50.40 10.33
C GLU D 365 -23.72 49.88 8.94
N LEU D 366 -22.71 49.38 8.22
CA LEU D 366 -22.89 48.88 6.87
C LEU D 366 -23.17 47.38 6.89
N SER D 367 -24.02 46.94 5.96
CA SER D 367 -24.34 45.53 5.77
C SER D 367 -24.47 45.27 4.28
N LEU D 368 -23.86 44.19 3.81
CA LEU D 368 -23.79 43.89 2.39
C LEU D 368 -24.65 42.68 2.04
N SER D 369 -25.07 42.64 0.77
CA SER D 369 -25.82 41.54 0.20
C SER D 369 -25.34 41.32 -1.22
N PHE D 370 -25.31 40.06 -1.65
CA PHE D 370 -24.58 39.67 -2.86
C PHE D 370 -25.48 38.90 -3.81
N ASN D 371 -25.39 39.25 -5.09
CA ASN D 371 -25.90 38.44 -6.19
C ASN D 371 -24.75 38.03 -7.09
N ALA D 372 -24.72 36.76 -7.46
CA ALA D 372 -23.61 36.20 -8.20
C ALA D 372 -23.99 35.99 -9.67
N THR D 373 -22.95 35.83 -10.49
CA THR D 373 -23.08 35.51 -11.92
C THR D 373 -21.95 34.54 -12.22
N CYS D 374 -22.22 33.24 -12.04
CA CYS D 374 -21.18 32.24 -12.14
C CYS D 374 -21.16 31.58 -13.52
N LEU D 375 -22.07 30.64 -13.76
CA LEU D 375 -22.09 29.89 -15.00
C LEU D 375 -22.81 30.67 -16.09
N ASN D 376 -22.21 30.71 -17.28
CA ASN D 376 -22.74 31.46 -18.41
C ASN D 376 -22.96 32.92 -18.03
N ASN D 377 -24.23 33.30 -17.84
CA ASN D 377 -24.58 34.64 -17.40
C ASN D 377 -25.84 34.59 -16.53
N GLU D 378 -25.96 33.55 -15.72
CA GLU D 378 -27.17 33.29 -14.94
C GLU D 378 -26.98 33.79 -13.52
N VAL D 379 -27.90 34.67 -13.08
CA VAL D 379 -27.79 35.30 -11.78
C VAL D 379 -28.15 34.30 -10.68
N ILE D 380 -27.37 34.29 -9.61
CA ILE D 380 -27.60 33.42 -8.47
C ILE D 380 -27.76 34.31 -7.23
N PRO D 381 -28.98 34.52 -6.76
CA PRO D 381 -29.20 35.48 -5.66
C PRO D 381 -28.70 34.96 -4.34
N GLY D 382 -28.30 35.89 -3.47
CA GLY D 382 -27.88 35.55 -2.12
C GLY D 382 -26.66 34.68 -2.04
N LEU D 383 -25.69 34.89 -2.93
CA LEU D 383 -24.49 34.06 -2.97
C LEU D 383 -23.29 34.94 -3.29
N LYS D 384 -22.18 34.67 -2.60
CA LYS D 384 -20.96 35.46 -2.74
C LYS D 384 -19.77 34.61 -3.20
N SER D 385 -20.02 33.41 -3.72
CA SER D 385 -18.96 32.52 -4.15
C SER D 385 -19.40 31.73 -5.37
N CYS D 386 -18.48 31.49 -6.29
CA CYS D 386 -18.72 30.68 -7.47
C CYS D 386 -17.85 29.44 -7.43
N MET D 387 -18.38 28.34 -7.94
CA MET D 387 -17.67 27.06 -7.95
C MET D 387 -17.95 26.34 -9.26
N GLY D 388 -16.97 25.52 -9.67
CA GLY D 388 -17.08 24.78 -10.92
C GLY D 388 -16.57 25.58 -12.10
N LEU D 389 -15.50 26.34 -11.90
CA LEU D 389 -14.97 27.23 -12.91
C LEU D 389 -13.69 26.67 -13.53
N LYS D 390 -13.38 27.16 -14.73
CA LYS D 390 -12.16 26.82 -15.44
C LYS D 390 -11.20 27.99 -15.40
N ILE D 391 -9.92 27.70 -15.65
CA ILE D 391 -8.92 28.75 -15.70
C ILE D 391 -9.16 29.62 -16.92
N GLY D 392 -9.28 30.93 -16.71
CA GLY D 392 -9.61 31.86 -17.76
C GLY D 392 -11.02 32.39 -17.70
N ASP D 393 -11.88 31.79 -16.87
CA ASP D 393 -13.25 32.28 -16.73
C ASP D 393 -13.28 33.61 -15.98
N THR D 394 -14.33 34.38 -16.23
CA THR D 394 -14.58 35.64 -15.54
C THR D 394 -15.98 35.61 -14.94
N VAL D 395 -16.08 36.05 -13.69
CA VAL D 395 -17.35 36.11 -12.98
C VAL D 395 -17.51 37.52 -12.41
N SER D 396 -18.72 37.81 -11.92
CA SER D 396 -19.03 39.13 -11.43
C SER D 396 -20.08 39.03 -10.33
N PHE D 397 -20.12 40.07 -9.48
CA PHE D 397 -21.04 40.13 -8.35
C PHE D 397 -21.66 41.52 -8.28
N SER D 398 -22.94 41.57 -7.94
CA SER D 398 -23.64 42.81 -7.66
C SER D 398 -23.84 42.93 -6.15
N ILE D 399 -23.50 44.10 -5.60
CA ILE D 399 -23.39 44.29 -4.15
C ILE D 399 -24.23 45.50 -3.75
N GLU D 400 -24.95 45.37 -2.63
CA GLU D 400 -25.77 46.44 -2.09
C GLU D 400 -25.26 46.81 -0.70
N ALA D 401 -24.86 48.08 -0.53
CA ALA D 401 -24.43 48.60 0.75
C ALA D 401 -25.60 49.30 1.43
N LYS D 402 -25.99 48.80 2.60
CA LYS D 402 -27.16 49.29 3.32
C LYS D 402 -26.70 49.86 4.66
N VAL D 403 -26.69 51.19 4.78
CA VAL D 403 -26.20 51.87 5.98
C VAL D 403 -27.36 52.07 6.95
N ARG D 404 -27.07 51.89 8.23
CA ARG D 404 -28.07 51.98 9.30
C ARG D 404 -27.78 53.22 10.13
N GLY D 405 -28.58 54.27 9.95
CA GLY D 405 -28.42 55.48 10.73
C GLY D 405 -27.29 56.36 10.21
N CYS D 406 -26.92 57.33 11.04
CA CYS D 406 -25.83 58.24 10.70
C CYS D 406 -24.61 57.92 11.56
N PRO D 407 -23.50 57.52 10.95
CA PRO D 407 -22.30 57.21 11.74
C PRO D 407 -21.61 58.46 12.25
N GLN D 408 -20.75 58.26 13.25
CA GLN D 408 -19.95 59.37 13.77
C GLN D 408 -18.87 59.77 12.77
N GLU D 409 -18.00 58.82 12.40
CA GLU D 409 -16.97 59.07 11.41
C GLU D 409 -17.62 59.22 10.05
N LYS D 410 -17.59 60.42 9.48
CA LYS D 410 -18.26 60.70 8.21
C LYS D 410 -17.50 60.16 7.00
N GLU D 411 -16.41 59.42 7.20
CA GLU D 411 -15.61 58.93 6.08
C GLU D 411 -14.82 57.70 6.51
N LYS D 412 -15.11 56.57 5.89
CA LYS D 412 -14.42 55.30 6.14
C LYS D 412 -14.15 54.62 4.81
N SER D 413 -13.48 53.47 4.87
CA SER D 413 -13.19 52.69 3.67
C SER D 413 -12.95 51.24 4.06
N PHE D 414 -13.39 50.33 3.20
CA PHE D 414 -13.23 48.90 3.42
C PHE D 414 -12.78 48.22 2.14
N THR D 415 -12.49 46.92 2.23
CA THR D 415 -11.87 46.17 1.15
C THR D 415 -12.71 44.94 0.83
N ILE D 416 -13.01 44.74 -0.45
CA ILE D 416 -13.65 43.54 -0.96
C ILE D 416 -12.60 42.79 -1.77
N LYS D 417 -12.14 41.65 -1.25
CA LYS D 417 -11.08 40.90 -1.88
C LYS D 417 -11.47 39.44 -2.05
N PRO D 418 -11.22 38.85 -3.21
CA PRO D 418 -11.44 37.41 -3.37
C PRO D 418 -10.43 36.61 -2.56
N VAL D 419 -10.90 35.51 -1.99
CA VAL D 419 -10.05 34.70 -1.12
C VAL D 419 -8.90 34.12 -1.92
N GLY D 420 -7.67 34.41 -1.47
CA GLY D 420 -6.47 33.90 -2.11
C GLY D 420 -5.85 34.82 -3.14
N PHE D 421 -6.57 35.86 -3.57
CA PHE D 421 -6.10 36.72 -4.64
C PHE D 421 -5.16 37.81 -4.11
N LYS D 422 -4.51 38.51 -5.04
CA LYS D 422 -3.65 39.63 -4.71
C LYS D 422 -4.41 40.96 -4.78
N ASP D 423 -4.93 41.28 -5.96
CA ASP D 423 -5.65 42.54 -6.15
C ASP D 423 -6.97 42.52 -5.38
N SER D 424 -7.45 43.71 -5.04
CA SER D 424 -8.64 43.85 -4.22
C SER D 424 -9.36 45.15 -4.56
N LEU D 425 -10.64 45.19 -4.23
CA LEU D 425 -11.49 46.35 -4.46
C LEU D 425 -11.59 47.17 -3.18
N ILE D 426 -11.12 48.41 -3.23
CA ILE D 426 -11.14 49.32 -2.09
C ILE D 426 -12.31 50.27 -2.27
N VAL D 427 -13.22 50.28 -1.30
CA VAL D 427 -14.43 51.10 -1.35
C VAL D 427 -14.26 52.26 -0.37
N GLN D 428 -14.25 53.48 -0.90
CA GLN D 428 -14.16 54.69 -0.08
C GLN D 428 -15.58 55.21 0.17
N VAL D 429 -16.04 55.09 1.41
CA VAL D 429 -17.40 55.47 1.79
C VAL D 429 -17.38 56.87 2.40
N THR D 430 -18.38 57.67 2.02
CA THR D 430 -18.62 58.98 2.61
C THR D 430 -20.09 59.10 2.94
N PHE D 431 -20.39 59.51 4.18
CA PHE D 431 -21.77 59.57 4.66
C PHE D 431 -22.27 61.01 4.59
N ASP D 432 -23.38 61.21 3.85
CA ASP D 432 -24.00 62.53 3.73
C ASP D 432 -25.07 62.67 4.81
N CYS D 433 -24.63 63.02 6.01
CA CYS D 433 -25.56 63.33 7.09
C CYS D 433 -25.84 64.82 7.23
N ASP D 434 -24.85 65.66 6.97
CA ASP D 434 -25.00 67.10 7.15
C ASP D 434 -25.46 67.75 5.85
N CYS D 435 -25.81 69.03 5.96
CA CYS D 435 -26.24 69.83 4.83
C CYS D 435 -25.14 70.81 4.44
N ALA D 436 -25.18 71.25 3.17
CA ALA D 436 -24.16 72.18 2.68
C ALA D 436 -24.29 73.55 3.32
N CYS D 437 -25.52 74.01 3.60
CA CYS D 437 -25.75 75.29 4.25
C CYS D 437 -25.21 75.36 5.67
N GLN D 438 -24.88 74.23 6.29
CA GLN D 438 -24.33 74.26 7.65
C GLN D 438 -22.98 74.96 7.68
N ALA D 439 -22.24 74.96 6.57
CA ALA D 439 -20.98 75.69 6.52
C ALA D 439 -21.19 77.19 6.63
N GLN D 440 -22.30 77.71 6.11
CA GLN D 440 -22.65 79.11 6.22
C GLN D 440 -23.52 79.40 7.43
N ALA D 441 -23.34 78.67 8.52
CA ALA D 441 -24.05 78.96 9.76
C ALA D 441 -23.48 80.22 10.40
N GLU D 442 -24.35 80.94 11.11
CA GLU D 442 -24.00 82.20 11.75
C GLU D 442 -24.11 82.04 13.26
N PRO D 443 -23.02 81.72 13.95
CA PRO D 443 -23.08 81.59 15.40
C PRO D 443 -23.33 82.94 16.06
N ASN D 444 -24.06 82.91 17.17
CA ASN D 444 -24.41 84.11 17.92
C ASN D 444 -25.13 85.12 17.03
N SER D 445 -25.98 84.61 16.14
CA SER D 445 -26.65 85.46 15.18
C SER D 445 -27.60 86.43 15.88
N HIS D 446 -27.57 87.70 15.45
CA HIS D 446 -28.53 88.68 15.96
C HIS D 446 -29.96 88.29 15.67
N ARG D 447 -30.20 87.48 14.63
CA ARG D 447 -31.53 87.05 14.21
C ARG D 447 -32.13 85.98 15.10
N CYS D 448 -31.38 85.45 16.06
CA CYS D 448 -31.86 84.39 16.95
C CYS D 448 -31.66 84.83 18.40
N ASN D 449 -32.70 85.44 18.98
CA ASN D 449 -32.71 85.85 20.39
C ASN D 449 -31.63 86.87 20.70
N ASN D 450 -31.27 87.68 19.70
CA ASN D 450 -30.28 88.76 19.86
C ASN D 450 -28.90 88.22 20.22
N GLY D 451 -28.52 87.11 19.59
CA GLY D 451 -27.19 86.56 19.74
C GLY D 451 -27.08 85.31 20.59
N ASN D 452 -28.19 84.75 21.06
CA ASN D 452 -28.13 83.55 21.89
C ASN D 452 -28.10 82.26 21.08
N GLY D 453 -28.76 82.23 19.92
CA GLY D 453 -28.84 81.05 19.10
C GLY D 453 -27.98 81.14 17.85
N THR D 454 -28.00 80.04 17.10
CA THR D 454 -27.24 79.90 15.86
C THR D 454 -28.20 79.80 14.68
N PHE D 455 -27.94 80.59 13.64
CA PHE D 455 -28.79 80.65 12.46
C PHE D 455 -28.11 79.85 11.34
N GLU D 456 -28.58 78.61 11.16
CA GLU D 456 -28.08 77.74 10.09
C GLU D 456 -29.24 77.29 9.22
N CYS D 457 -29.02 77.28 7.91
CA CYS D 457 -29.94 76.68 6.94
C CYS D 457 -31.35 77.28 7.05
N GLY D 458 -31.42 78.56 7.41
CA GLY D 458 -32.67 79.29 7.38
C GLY D 458 -33.54 79.17 8.61
N VAL D 459 -33.03 78.60 9.70
CA VAL D 459 -33.77 78.48 10.96
C VAL D 459 -32.85 78.83 12.11
N CYS D 460 -33.45 79.05 13.28
CA CYS D 460 -32.72 79.37 14.50
C CYS D 460 -32.63 78.12 15.37
N ARG D 461 -31.41 77.79 15.80
CA ARG D 461 -31.15 76.63 16.63
C ARG D 461 -30.47 77.07 17.92
N CYS D 462 -30.90 76.47 19.04
CA CYS D 462 -30.27 76.77 20.33
C CYS D 462 -28.78 76.48 20.26
N GLY D 463 -27.98 77.42 20.72
CA GLY D 463 -26.55 77.34 20.55
C GLY D 463 -25.92 76.35 21.51
N PRO D 464 -24.59 76.27 21.46
CA PRO D 464 -23.88 75.32 22.34
C PRO D 464 -23.94 75.76 23.79
N GLY D 465 -24.33 74.82 24.66
CA GLY D 465 -24.37 75.05 26.09
C GLY D 465 -25.75 75.26 26.67
N TRP D 466 -26.79 75.30 25.83
CA TRP D 466 -28.15 75.53 26.28
C TRP D 466 -28.93 74.22 26.31
N LEU D 467 -30.07 74.26 27.02
CA LEU D 467 -30.97 73.14 27.12
C LEU D 467 -32.40 73.63 26.94
N GLY D 468 -33.19 72.87 26.19
CA GLY D 468 -34.56 73.26 25.90
C GLY D 468 -34.69 73.40 24.40
N SER D 469 -35.72 72.74 23.84
CA SER D 469 -35.90 72.70 22.40
C SER D 469 -36.04 74.09 21.80
N GLN D 470 -36.67 75.02 22.54
CA GLN D 470 -36.84 76.39 22.06
C GLN D 470 -36.32 77.40 23.07
N CYS D 471 -35.50 76.96 24.02
CA CYS D 471 -34.76 77.81 24.96
C CYS D 471 -35.54 79.03 25.48
N GLU E 1 -4.94 -18.99 49.11
CA GLU E 1 -3.69 -19.63 49.52
C GLU E 1 -2.96 -20.25 48.34
N VAL E 2 -1.69 -19.92 48.19
CA VAL E 2 -0.89 -20.43 47.06
C VAL E 2 -0.41 -21.83 47.39
N GLN E 3 -0.75 -22.79 46.53
CA GLN E 3 -0.35 -24.18 46.71
C GLN E 3 -0.05 -24.80 45.35
N LEU E 4 0.96 -25.68 45.33
CA LEU E 4 1.37 -26.42 44.13
C LEU E 4 1.08 -27.89 44.38
N GLN E 5 0.01 -28.40 43.78
CA GLN E 5 -0.45 -29.76 44.00
C GLN E 5 -0.03 -30.63 42.81
N GLN E 6 1.01 -31.43 43.01
CA GLN E 6 1.54 -32.29 41.96
C GLN E 6 0.75 -33.60 41.91
N SER E 7 1.11 -34.43 40.94
CA SER E 7 0.46 -35.72 40.77
C SER E 7 0.97 -36.72 41.81
N GLY E 8 0.40 -37.93 41.79
CA GLY E 8 0.85 -38.98 42.69
C GLY E 8 2.10 -39.67 42.18
N ALA E 9 2.63 -40.54 43.04
CA ALA E 9 3.85 -41.27 42.70
C ALA E 9 3.63 -42.16 41.49
N GLU E 10 4.70 -42.36 40.71
CA GLU E 10 4.67 -43.15 39.50
C GLU E 10 5.78 -44.19 39.53
N LEU E 11 5.44 -45.41 39.11
CA LEU E 11 6.40 -46.50 39.01
C LEU E 11 6.28 -47.10 37.62
N VAL E 12 7.39 -47.09 36.86
CA VAL E 12 7.40 -47.48 35.47
C VAL E 12 8.63 -48.35 35.20
N LYS E 13 8.65 -48.95 33.99
CA LYS E 13 9.69 -49.86 33.54
C LYS E 13 10.78 -49.11 32.75
N PRO E 14 12.01 -49.61 32.77
CA PRO E 14 13.10 -48.94 32.03
C PRO E 14 12.82 -48.92 30.54
N GLY E 15 12.73 -47.72 29.97
CA GLY E 15 12.45 -47.53 28.57
C GLY E 15 11.10 -46.93 28.27
N ALA E 16 10.19 -46.88 29.24
CA ALA E 16 8.87 -46.31 29.04
C ALA E 16 8.90 -44.80 29.29
N SER E 17 7.73 -44.17 29.27
CA SER E 17 7.62 -42.73 29.46
C SER E 17 6.46 -42.42 30.39
N VAL E 18 6.69 -41.49 31.31
CA VAL E 18 5.69 -41.05 32.27
C VAL E 18 5.60 -39.54 32.22
N LYS E 19 4.40 -39.01 32.50
CA LYS E 19 4.14 -37.58 32.43
C LYS E 19 3.61 -37.10 33.77
N LEU E 20 4.41 -36.31 34.48
CA LEU E 20 4.02 -35.76 35.77
C LEU E 20 3.32 -34.42 35.59
N SER E 21 2.42 -34.11 36.52
CA SER E 21 1.64 -32.88 36.47
C SER E 21 1.90 -32.04 37.72
N CYS E 22 1.66 -30.73 37.59
CA CYS E 22 1.84 -29.77 38.68
C CYS E 22 0.70 -28.76 38.57
N THR E 23 -0.38 -29.03 39.30
CA THR E 23 -1.59 -28.22 39.23
C THR E 23 -1.55 -27.08 40.24
N ALA E 24 -1.92 -25.89 39.77
CA ALA E 24 -1.95 -24.71 40.62
C ALA E 24 -3.31 -24.58 41.31
N SER E 25 -3.29 -24.10 42.55
CA SER E 25 -4.50 -23.95 43.35
C SER E 25 -4.40 -22.68 44.17
N GLY E 26 -5.33 -21.75 43.96
CA GLY E 26 -5.31 -20.47 44.61
C GLY E 26 -4.80 -19.33 43.75
N PHE E 27 -4.51 -19.59 42.48
CA PHE E 27 -3.98 -18.60 41.55
C PHE E 27 -4.02 -19.21 40.16
N ASN E 28 -3.62 -18.41 39.17
CA ASN E 28 -3.57 -18.85 37.78
C ASN E 28 -2.15 -19.24 37.43
N ILE E 29 -1.99 -20.39 36.77
CA ILE E 29 -0.66 -20.89 36.42
C ILE E 29 0.07 -19.88 35.54
N LYS E 30 -0.66 -19.02 34.83
CA LYS E 30 -0.09 -18.05 33.92
C LYS E 30 0.73 -16.96 34.64
N ASP E 31 0.61 -16.86 35.96
CA ASP E 31 1.17 -15.71 36.68
C ASP E 31 2.69 -15.67 36.57
N THR E 32 3.37 -16.73 37.00
CA THR E 32 4.82 -16.71 37.15
C THR E 32 5.45 -17.86 36.38
N TYR E 33 6.79 -17.83 36.35
CA TYR E 33 7.56 -18.96 35.85
C TYR E 33 7.25 -20.22 36.67
N VAL E 34 7.47 -21.38 36.05
CA VAL E 34 7.31 -22.67 36.70
C VAL E 34 8.54 -23.51 36.37
N HIS E 35 9.28 -23.90 37.41
CA HIS E 35 10.49 -24.68 37.27
C HIS E 35 10.24 -26.11 37.75
N TRP E 36 11.09 -27.03 37.29
CA TRP E 36 11.09 -28.41 37.74
C TRP E 36 12.48 -28.74 38.28
N VAL E 37 12.52 -29.40 39.44
CA VAL E 37 13.75 -29.68 40.15
C VAL E 37 13.84 -31.18 40.42
N LYS E 38 15.04 -31.73 40.21
CA LYS E 38 15.32 -33.14 40.46
C LYS E 38 16.13 -33.28 41.75
N GLN E 39 15.75 -34.24 42.59
CA GLN E 39 16.40 -34.47 43.86
C GLN E 39 16.77 -35.94 44.00
N ARG E 40 18.04 -36.22 44.26
CA ARG E 40 18.54 -37.54 44.56
C ARG E 40 19.34 -37.49 45.86
N PRO E 41 19.32 -38.58 46.63
CA PRO E 41 20.04 -38.56 47.92
C PRO E 41 21.53 -38.31 47.78
N GLU E 42 22.18 -38.93 46.79
CA GLU E 42 23.62 -38.81 46.62
C GLU E 42 23.99 -37.64 45.71
N GLN E 43 23.32 -37.52 44.56
CA GLN E 43 23.67 -36.48 43.60
C GLN E 43 23.20 -35.10 44.03
N GLY E 44 22.21 -35.02 44.91
CA GLY E 44 21.75 -33.74 45.39
C GLY E 44 20.64 -33.14 44.54
N LEU E 45 20.56 -31.80 44.51
CA LEU E 45 19.52 -31.10 43.78
C LEU E 45 20.03 -30.65 42.43
N GLU E 46 19.21 -30.85 41.40
CA GLU E 46 19.55 -30.47 40.03
C GLU E 46 18.37 -29.74 39.41
N TRP E 47 18.65 -28.61 38.76
CA TRP E 47 17.62 -27.83 38.10
C TRP E 47 17.38 -28.36 36.69
N ILE E 48 16.13 -28.67 36.37
CA ILE E 48 15.78 -29.24 35.08
C ILE E 48 15.52 -28.13 34.07
N GLY E 49 14.53 -27.30 34.34
CA GLY E 49 14.19 -26.24 33.42
C GLY E 49 12.98 -25.47 33.92
N ARG E 50 12.64 -24.42 33.16
CA ARG E 50 11.51 -23.56 33.49
C ARG E 50 10.58 -23.47 32.28
N ILE E 51 9.44 -22.81 32.50
CA ILE E 51 8.45 -22.57 31.45
C ILE E 51 7.62 -21.36 31.83
N ASP E 52 7.22 -20.59 30.83
CA ASP E 52 6.28 -19.49 31.00
C ASP E 52 4.93 -19.96 30.48
N PRO E 53 4.00 -20.37 31.36
CA PRO E 53 2.71 -20.89 30.88
C PRO E 53 1.88 -19.86 30.11
N ALA E 54 2.27 -18.59 30.12
CA ALA E 54 1.53 -17.57 29.38
C ALA E 54 1.70 -17.76 27.88
N ASN E 55 2.90 -18.12 27.44
CA ASN E 55 3.21 -18.28 26.02
C ASN E 55 3.78 -19.63 25.65
N GLY E 56 4.38 -20.37 26.58
CA GLY E 56 4.90 -21.69 26.31
C GLY E 56 6.39 -21.79 26.15
N TYR E 57 7.10 -20.65 26.12
CA TYR E 57 8.54 -20.68 25.93
C TYR E 57 9.23 -21.33 27.14
N THR E 58 10.33 -22.03 26.87
CA THR E 58 10.99 -22.86 27.85
C THR E 58 12.49 -22.62 27.86
N LYS E 59 13.14 -23.12 28.91
CA LYS E 59 14.58 -23.12 29.09
C LYS E 59 14.97 -24.41 29.78
N TYR E 60 16.17 -24.92 29.46
CA TYR E 60 16.60 -26.20 29.99
C TYR E 60 18.08 -26.17 30.34
N ASP E 61 18.47 -27.06 31.24
CA ASP E 61 19.87 -27.37 31.48
C ASP E 61 20.36 -28.30 30.37
N PRO E 62 21.49 -27.96 29.70
CA PRO E 62 21.94 -28.76 28.54
C PRO E 62 21.99 -30.25 28.78
N LYS E 63 22.05 -30.69 30.04
CA LYS E 63 22.12 -32.11 30.35
C LYS E 63 20.80 -32.81 30.03
N PHE E 64 19.69 -32.23 30.48
CA PHE E 64 18.37 -32.86 30.36
C PHE E 64 17.76 -32.72 28.96
N GLN E 65 18.54 -32.34 27.96
CA GLN E 65 18.00 -32.18 26.62
C GLN E 65 17.72 -33.54 25.99
N GLY E 66 16.55 -33.66 25.36
CA GLY E 66 16.11 -34.90 24.75
C GLY E 66 15.32 -35.80 25.68
N LYS E 67 15.56 -35.71 26.99
CA LYS E 67 14.85 -36.51 27.98
C LYS E 67 13.72 -35.76 28.66
N ALA E 68 13.93 -34.47 28.96
CA ALA E 68 12.95 -33.67 29.69
C ALA E 68 12.18 -32.77 28.73
N THR E 69 10.86 -32.77 28.85
CA THR E 69 9.98 -31.94 28.02
C THR E 69 8.93 -31.33 28.92
N ILE E 70 8.97 -29.99 29.07
CA ILE E 70 8.04 -29.27 29.91
C ILE E 70 6.97 -28.64 29.04
N THR E 71 5.70 -28.81 29.42
CA THR E 71 4.57 -28.24 28.71
C THR E 71 3.61 -27.63 29.72
N ALA E 72 2.61 -26.92 29.21
CA ALA E 72 1.64 -26.26 30.07
C ALA E 72 0.30 -26.17 29.35
N ASP E 73 -0.78 -26.08 30.13
CA ASP E 73 -2.14 -25.98 29.61
C ASP E 73 -2.89 -24.99 30.47
N THR E 74 -3.16 -23.80 29.93
CA THR E 74 -3.86 -22.77 30.70
C THR E 74 -5.32 -23.14 30.93
N SER E 75 -5.92 -23.90 30.02
CA SER E 75 -7.31 -24.31 30.19
C SER E 75 -7.49 -25.14 31.47
N SER E 76 -6.73 -26.23 31.57
CA SER E 76 -6.75 -27.04 32.79
C SER E 76 -5.87 -26.44 33.89
N ASN E 77 -5.13 -25.38 33.61
CA ASN E 77 -4.34 -24.66 34.61
C ASN E 77 -3.33 -25.57 35.28
N THR E 78 -2.49 -26.19 34.45
CA THR E 78 -1.54 -27.19 34.92
C THR E 78 -0.30 -27.17 34.05
N ALA E 79 0.83 -27.52 34.65
CA ALA E 79 2.11 -27.65 33.96
C ALA E 79 2.57 -29.10 34.08
N TYR E 80 3.21 -29.60 33.02
CA TYR E 80 3.60 -31.00 32.94
C TYR E 80 5.11 -31.15 32.73
N LEU E 81 5.63 -32.29 33.17
CA LEU E 81 7.03 -32.66 32.95
C LEU E 81 7.04 -34.08 32.42
N GLN E 82 7.35 -34.23 31.13
CA GLN E 82 7.37 -35.52 30.46
C GLN E 82 8.79 -36.04 30.37
N LEU E 83 8.98 -37.31 30.72
CA LEU E 83 10.28 -37.94 30.71
C LEU E 83 10.24 -39.18 29.82
N SER E 84 11.30 -39.39 29.05
CA SER E 84 11.39 -40.49 28.10
C SER E 84 12.70 -41.23 28.30
N SER E 85 12.70 -42.49 27.87
CA SER E 85 13.86 -43.38 27.97
C SER E 85 14.40 -43.40 29.40
N LEU E 86 13.55 -43.87 30.31
CA LEU E 86 13.86 -43.82 31.73
C LEU E 86 14.89 -44.87 32.12
N THR E 87 15.73 -44.51 33.09
CA THR E 87 16.80 -45.38 33.58
C THR E 87 16.83 -45.30 35.10
N SER E 88 17.78 -46.02 35.71
CA SER E 88 18.03 -45.85 37.13
C SER E 88 18.62 -44.49 37.44
N GLU E 89 19.25 -43.84 36.47
CA GLU E 89 19.72 -42.47 36.64
C GLU E 89 18.56 -41.48 36.76
N ASP E 90 17.37 -41.86 36.27
CA ASP E 90 16.19 -41.01 36.34
C ASP E 90 15.30 -41.37 37.53
N THR E 91 15.82 -42.12 38.49
CA THR E 91 15.08 -42.46 39.71
C THR E 91 15.33 -41.36 40.73
N ALA E 92 14.34 -40.49 40.93
CA ALA E 92 14.52 -39.32 41.79
C ALA E 92 13.15 -38.77 42.16
N VAL E 93 13.17 -37.68 42.91
CA VAL E 93 11.98 -36.93 43.29
C VAL E 93 11.98 -35.62 42.50
N TYR E 94 10.82 -35.27 41.94
CA TYR E 94 10.70 -34.12 41.06
C TYR E 94 9.71 -33.12 41.64
N TYR E 95 10.18 -31.91 41.91
CA TYR E 95 9.37 -30.84 42.49
C TYR E 95 9.19 -29.72 41.48
N CYS E 96 8.01 -29.12 41.46
CA CYS E 96 7.76 -27.92 40.68
C CYS E 96 7.80 -26.69 41.59
N VAL E 97 8.38 -25.60 41.10
CA VAL E 97 8.71 -24.43 41.90
C VAL E 97 8.26 -23.18 41.17
N ARG E 98 7.81 -22.19 41.92
CA ARG E 98 7.51 -20.87 41.40
C ARG E 98 7.95 -19.83 42.43
N PRO E 99 8.34 -18.65 41.98
CA PRO E 99 8.79 -17.61 42.91
C PRO E 99 7.63 -16.95 43.64
N LEU E 100 7.99 -16.14 44.64
CA LEU E 100 6.99 -15.36 45.39
C LEU E 100 6.86 -13.97 44.79
N TYR E 101 7.92 -13.16 44.88
CA TYR E 101 7.93 -11.82 44.30
C TYR E 101 8.98 -11.71 43.20
N ASP E 102 10.25 -11.92 43.52
CA ASP E 102 11.34 -11.86 42.55
C ASP E 102 11.05 -12.79 41.38
N TYR E 103 11.04 -12.23 40.17
CA TYR E 103 10.74 -13.00 38.97
C TYR E 103 11.56 -14.28 38.86
N TYR E 104 12.77 -14.28 39.42
CA TYR E 104 13.74 -15.34 39.21
C TYR E 104 13.97 -16.20 40.46
N ALA E 105 13.18 -16.02 41.50
CA ALA E 105 13.40 -16.71 42.76
C ALA E 105 12.82 -18.12 42.71
N MET E 106 13.03 -18.89 43.80
CA MET E 106 12.59 -20.28 43.93
C MET E 106 12.05 -20.43 45.36
N ASP E 107 10.81 -19.99 45.57
CA ASP E 107 10.26 -19.84 46.91
C ASP E 107 9.17 -20.86 47.25
N TYR E 108 8.18 -21.03 46.37
CA TYR E 108 7.06 -21.94 46.62
C TYR E 108 7.34 -23.28 45.94
N TRP E 109 7.22 -24.36 46.72
CA TRP E 109 7.55 -25.71 46.26
C TRP E 109 6.37 -26.64 46.46
N GLY E 110 6.16 -27.53 45.49
CA GLY E 110 5.15 -28.56 45.62
C GLY E 110 5.58 -29.68 46.56
N GLN E 111 4.64 -30.60 46.82
CA GLN E 111 4.93 -31.71 47.70
C GLN E 111 5.89 -32.71 47.09
N GLY E 112 5.97 -32.76 45.77
CA GLY E 112 6.93 -33.64 45.11
C GLY E 112 6.30 -34.94 44.64
N THR E 113 6.88 -35.50 43.59
CA THR E 113 6.41 -36.75 43.00
C THR E 113 7.58 -37.71 42.90
N SER E 114 7.46 -38.86 43.55
CA SER E 114 8.52 -39.86 43.57
C SER E 114 8.41 -40.74 42.33
N VAL E 115 9.46 -40.74 41.51
CA VAL E 115 9.53 -41.58 40.32
C VAL E 115 10.52 -42.71 40.59
N THR E 116 10.05 -43.94 40.42
CA THR E 116 10.89 -45.12 40.58
C THR E 116 10.88 -45.91 39.28
N VAL E 117 12.05 -46.38 38.86
CA VAL E 117 12.22 -47.10 37.60
C VAL E 117 12.88 -48.44 37.91
N SER E 118 12.19 -49.52 37.58
CA SER E 118 12.71 -50.86 37.79
C SER E 118 11.92 -51.84 36.92
N SER E 119 12.61 -52.91 36.50
CA SER E 119 11.99 -53.92 35.65
C SER E 119 11.16 -54.92 36.43
N ALA E 120 11.40 -55.06 37.73
CA ALA E 120 10.74 -56.09 38.52
C ALA E 120 9.23 -55.89 38.53
N LYS E 121 8.51 -57.00 38.68
CA LYS E 121 7.06 -56.99 38.79
C LYS E 121 6.66 -56.99 40.26
N THR E 122 5.36 -56.93 40.50
CA THR E 122 4.83 -57.02 41.86
C THR E 122 5.23 -58.35 42.48
N THR E 123 6.04 -58.29 43.54
CA THR E 123 6.59 -59.48 44.17
C THR E 123 6.25 -59.48 45.66
N ALA E 124 5.93 -60.67 46.19
CA ALA E 124 5.54 -60.82 47.58
C ALA E 124 6.78 -60.89 48.48
N PRO E 125 6.72 -60.31 49.67
CA PRO E 125 7.89 -60.31 50.56
C PRO E 125 8.09 -61.65 51.25
N SER E 126 9.35 -62.07 51.33
CA SER E 126 9.74 -63.23 52.13
C SER E 126 10.16 -62.74 53.51
N VAL E 127 9.51 -63.27 54.55
CA VAL E 127 9.72 -62.84 55.92
C VAL E 127 10.38 -63.99 56.69
N TYR E 128 11.51 -63.70 57.34
CA TYR E 128 12.26 -64.71 58.07
C TYR E 128 12.75 -64.14 59.41
N PRO E 129 12.31 -64.71 60.53
CA PRO E 129 12.66 -64.13 61.83
C PRO E 129 14.15 -64.25 62.15
N LEU E 130 14.56 -63.51 63.17
CA LEU E 130 15.96 -63.47 63.61
C LEU E 130 16.00 -63.64 65.13
N ALA E 131 16.83 -64.59 65.58
CA ALA E 131 17.02 -64.90 66.98
C ALA E 131 18.52 -64.94 67.28
N PRO E 132 18.91 -64.67 68.53
CA PRO E 132 20.35 -64.62 68.86
C PRO E 132 20.95 -66.01 69.01
N VAL E 133 22.28 -66.03 69.08
CA VAL E 133 23.05 -67.28 69.01
C VAL E 133 23.17 -67.81 70.43
N CYS E 134 22.15 -68.55 70.87
CA CYS E 134 22.17 -69.35 72.11
C CYS E 134 22.92 -68.73 73.29
N SER E 137 21.20 -59.49 81.02
CA SER E 137 20.25 -58.54 81.60
C SER E 137 19.38 -57.91 80.52
N SER E 138 19.76 -58.09 79.25
CA SER E 138 19.03 -57.53 78.13
C SER E 138 19.16 -58.45 76.93
N VAL E 139 18.28 -58.25 75.96
CA VAL E 139 18.18 -59.12 74.78
C VAL E 139 17.81 -58.26 73.58
N THR E 140 18.08 -58.78 72.38
CA THR E 140 17.79 -58.09 71.13
C THR E 140 17.28 -59.09 70.11
N LEU E 141 16.22 -58.71 69.40
CA LEU E 141 15.60 -59.53 68.37
C LEU E 141 15.60 -58.79 67.04
N GLY E 142 15.20 -59.50 65.98
CA GLY E 142 15.20 -58.92 64.65
C GLY E 142 14.23 -59.64 63.73
N CYS E 143 13.98 -59.00 62.59
CA CYS E 143 13.03 -59.52 61.60
C CYS E 143 13.48 -59.03 60.22
N LEU E 144 13.90 -59.97 59.37
CA LEU E 144 14.47 -59.65 58.07
C LEU E 144 13.45 -59.94 56.96
N VAL E 145 13.26 -58.96 56.08
CA VAL E 145 12.32 -59.06 54.98
C VAL E 145 13.06 -58.69 53.69
N LYS E 146 13.21 -59.66 52.79
CA LYS E 146 13.89 -59.45 51.52
C LYS E 146 13.10 -60.07 50.39
N GLY E 147 13.25 -59.48 49.20
CA GLY E 147 12.65 -60.02 48.00
C GLY E 147 11.22 -59.55 47.78
N TYR E 148 10.99 -58.25 47.89
CA TYR E 148 9.67 -57.68 47.69
C TYR E 148 9.76 -56.46 46.78
N PHE E 149 8.65 -56.19 46.09
CA PHE E 149 8.58 -55.08 45.15
C PHE E 149 7.12 -54.82 44.78
N PRO E 150 6.69 -53.55 44.70
CA PRO E 150 7.52 -52.40 45.04
C PRO E 150 7.39 -51.99 46.50
N GLU E 151 7.79 -50.76 46.79
CA GLU E 151 7.68 -50.16 48.11
C GLU E 151 6.34 -49.46 48.26
N PRO E 152 5.90 -49.18 49.49
CA PRO E 152 6.54 -49.47 50.77
C PRO E 152 5.98 -50.70 51.49
N VAL E 153 6.39 -50.86 52.75
CA VAL E 153 5.89 -51.93 53.61
C VAL E 153 5.67 -51.35 55.00
N THR E 154 4.63 -51.82 55.68
CA THR E 154 4.31 -51.40 57.04
C THR E 154 4.61 -52.56 57.98
N LEU E 155 5.59 -52.39 58.85
CA LEU E 155 6.00 -53.40 59.81
C LEU E 155 5.55 -52.97 61.20
N THR E 156 4.90 -53.88 61.91
CA THR E 156 4.46 -53.65 63.28
C THR E 156 4.75 -54.88 64.12
N TRP E 157 4.98 -54.65 65.42
CA TRP E 157 5.25 -55.71 66.37
C TRP E 157 4.02 -55.91 67.26
N ASN E 158 3.58 -57.16 67.39
CA ASN E 158 2.40 -57.51 68.19
C ASN E 158 1.17 -56.71 67.72
N SER E 159 1.03 -56.59 66.40
CA SER E 159 -0.08 -55.86 65.79
C SER E 159 -0.09 -54.39 66.22
N GLY E 160 1.09 -53.80 66.32
CA GLY E 160 1.23 -52.41 66.73
C GLY E 160 1.27 -52.18 68.23
N SER E 161 1.31 -53.25 69.03
CA SER E 161 1.36 -53.09 70.48
C SER E 161 2.75 -52.71 70.96
N LEU E 162 3.77 -53.45 70.52
CA LEU E 162 5.15 -53.22 70.95
C LEU E 162 5.74 -52.12 70.08
N SER E 163 5.77 -50.89 70.60
CA SER E 163 6.26 -49.74 69.88
C SER E 163 7.62 -49.27 70.36
N SER E 164 7.81 -49.13 71.67
CA SER E 164 9.06 -48.60 72.19
C SER E 164 10.18 -49.62 72.04
N GLY E 165 11.41 -49.12 71.86
CA GLY E 165 12.56 -49.96 71.67
C GLY E 165 12.71 -50.53 70.28
N VAL E 166 11.98 -50.02 69.30
CA VAL E 166 11.98 -50.54 67.93
C VAL E 166 12.80 -49.61 67.05
N HIS E 167 13.67 -50.20 66.21
CA HIS E 167 14.47 -49.46 65.24
C HIS E 167 14.29 -50.13 63.88
N THR E 168 13.37 -49.62 63.08
CA THR E 168 13.13 -50.14 61.74
C THR E 168 14.02 -49.40 60.74
N PHE E 169 14.81 -50.15 59.98
CA PHE E 169 15.79 -49.57 59.08
C PHE E 169 15.18 -49.33 57.70
N PRO E 170 15.66 -48.31 56.99
CA PRO E 170 15.17 -48.06 55.63
C PRO E 170 15.52 -49.19 54.69
N ALA E 171 14.81 -49.22 53.56
CA ALA E 171 15.03 -50.26 52.57
C ALA E 171 16.22 -49.92 51.67
N VAL E 172 16.79 -50.96 51.07
CA VAL E 172 17.95 -50.84 50.20
C VAL E 172 17.63 -51.53 48.87
N LEU E 173 18.22 -51.04 47.80
CA LEU E 173 17.99 -51.56 46.45
C LEU E 173 19.00 -52.67 46.18
N GLN E 174 18.50 -53.91 46.06
CA GLN E 174 19.32 -55.06 45.71
C GLN E 174 18.80 -55.63 44.40
N SER E 175 19.35 -55.13 43.29
CA SER E 175 19.05 -55.62 41.94
C SER E 175 17.56 -55.83 41.70
N ASP E 176 16.81 -54.73 41.62
CA ASP E 176 15.37 -54.71 41.35
C ASP E 176 14.53 -55.34 42.45
N LEU E 177 15.11 -55.59 43.63
CA LEU E 177 14.35 -56.13 44.76
C LEU E 177 14.82 -55.46 46.03
N TYR E 178 13.88 -55.12 46.89
CA TYR E 178 14.17 -54.37 48.11
C TYR E 178 14.42 -55.31 49.29
N THR E 179 15.19 -54.81 50.25
CA THR E 179 15.47 -55.52 51.50
C THR E 179 15.33 -54.55 52.66
N LEU E 180 14.77 -55.04 53.77
CA LEU E 180 14.51 -54.19 54.93
C LEU E 180 14.58 -55.05 56.18
N SER E 181 15.18 -54.49 57.23
CA SER E 181 15.32 -55.17 58.51
C SER E 181 14.80 -54.28 59.63
N SER E 182 14.44 -54.90 60.74
CA SER E 182 13.90 -54.19 61.90
C SER E 182 14.31 -54.92 63.17
N SER E 183 14.54 -54.17 64.24
CA SER E 183 15.01 -54.70 65.50
C SER E 183 14.09 -54.25 66.64
N VAL E 184 14.28 -54.87 67.79
CA VAL E 184 13.54 -54.53 69.00
C VAL E 184 14.32 -55.06 70.20
N THR E 185 14.32 -54.29 71.28
CA THR E 185 15.12 -54.61 72.47
C THR E 185 14.21 -54.60 73.70
N VAL E 186 14.34 -55.63 74.54
CA VAL E 186 13.66 -55.73 75.82
C VAL E 186 14.62 -56.32 76.83
N THR E 187 14.14 -56.49 78.06
CA THR E 187 14.95 -57.10 79.12
C THR E 187 14.94 -58.63 78.98
N SER E 188 15.84 -59.27 79.73
CA SER E 188 15.94 -60.72 79.70
C SER E 188 14.73 -61.43 80.28
N SER E 189 13.86 -60.71 80.98
CA SER E 189 12.69 -61.33 81.60
C SER E 189 11.44 -61.26 80.73
N THR E 190 11.39 -60.34 79.77
CA THR E 190 10.22 -60.24 78.89
C THR E 190 10.17 -61.37 77.87
N TRP E 191 11.33 -61.76 77.35
CA TRP E 191 11.44 -62.78 76.31
C TRP E 191 12.31 -63.93 76.80
N PRO E 192 12.02 -65.18 76.40
CA PRO E 192 10.93 -65.59 75.51
C PRO E 192 9.65 -65.96 76.24
N SER E 193 9.52 -65.53 77.50
CA SER E 193 8.36 -65.89 78.31
C SER E 193 7.06 -65.35 77.72
N GLN E 194 7.12 -64.34 76.85
CA GLN E 194 5.93 -63.75 76.26
C GLN E 194 6.01 -63.78 74.75
N SER E 195 4.85 -63.89 74.11
CA SER E 195 4.77 -64.01 72.66
C SER E 195 5.01 -62.67 71.98
N ILE E 196 5.78 -62.70 70.90
CA ILE E 196 6.08 -61.51 70.09
C ILE E 196 6.08 -61.92 68.62
N THR E 197 5.31 -61.20 67.81
CA THR E 197 5.13 -61.50 66.39
C THR E 197 5.58 -60.32 65.54
N CYS E 198 6.22 -60.63 64.40
CA CYS E 198 6.65 -59.63 63.42
C CYS E 198 5.61 -59.57 62.31
N ASN E 199 4.89 -58.45 62.22
CA ASN E 199 3.83 -58.26 61.24
C ASN E 199 4.34 -57.42 60.08
N VAL E 200 4.12 -57.90 58.86
CA VAL E 200 4.54 -57.22 57.64
C VAL E 200 3.36 -57.19 56.67
N ALA E 201 3.15 -56.03 56.03
CA ALA E 201 2.08 -55.85 55.07
C ALA E 201 2.65 -55.31 53.77
N HIS E 202 2.15 -55.81 52.65
CA HIS E 202 2.59 -55.41 51.32
C HIS E 202 1.37 -55.17 50.44
N PRO E 203 0.95 -53.92 50.26
CA PRO E 203 -0.30 -53.65 49.52
C PRO E 203 -0.28 -54.12 48.08
N ALA E 204 0.89 -54.19 47.45
CA ALA E 204 0.95 -54.48 46.02
C ALA E 204 0.46 -55.89 45.72
N SER E 205 1.01 -56.88 46.43
CA SER E 205 0.59 -58.27 46.24
C SER E 205 -0.53 -58.68 47.18
N SER E 206 -1.01 -57.76 48.03
CA SER E 206 -2.10 -58.03 48.96
C SER E 206 -1.79 -59.22 49.86
N THR E 207 -0.71 -59.09 50.63
CA THR E 207 -0.28 -60.14 51.55
C THR E 207 0.09 -59.52 52.88
N LYS E 208 -0.25 -60.23 53.96
CA LYS E 208 0.01 -59.79 55.32
C LYS E 208 0.70 -60.89 56.12
N VAL E 209 1.77 -61.44 55.56
CA VAL E 209 2.49 -62.52 56.23
C VAL E 209 3.11 -62.00 57.51
N ASP E 210 3.03 -62.81 58.57
CA ASP E 210 3.62 -62.45 59.86
C ASP E 210 4.14 -63.72 60.52
N LYS E 211 5.44 -63.73 60.83
CA LYS E 211 6.10 -64.89 61.42
C LYS E 211 6.42 -64.60 62.88
N LYS E 212 6.05 -65.53 63.76
CA LYS E 212 6.34 -65.40 65.18
C LYS E 212 7.82 -65.66 65.43
N ILE E 213 8.40 -64.89 66.35
CA ILE E 213 9.82 -64.99 66.66
C ILE E 213 10.04 -66.20 67.56
N GLU E 214 11.01 -67.05 67.18
CA GLU E 214 11.28 -68.28 67.92
C GLU E 214 12.71 -68.28 68.44
N PRO E 215 12.94 -68.86 69.61
CA PRO E 215 14.29 -68.93 70.17
C PRO E 215 15.09 -70.08 69.55
N ARG E 216 16.38 -70.09 69.85
CA ARG E 216 17.26 -71.14 69.37
C ARG E 216 17.72 -72.04 70.52
N ASP F 1 28.56 -23.47 33.80
CA ASP F 1 27.73 -23.58 34.99
C ASP F 1 28.47 -23.08 36.22
N ILE F 2 27.71 -22.64 37.22
CA ILE F 2 28.26 -22.08 38.45
C ILE F 2 28.21 -23.15 39.54
N LEU F 3 29.32 -23.33 40.24
CA LEU F 3 29.38 -24.28 41.35
C LEU F 3 29.11 -23.55 42.66
N MET F 4 28.24 -24.12 43.49
CA MET F 4 27.88 -23.57 44.80
C MET F 4 28.50 -24.46 45.88
N THR F 5 29.64 -24.04 46.41
CA THR F 5 30.31 -24.77 47.48
C THR F 5 29.68 -24.36 48.80
N GLN F 6 28.85 -25.23 49.36
CA GLN F 6 28.13 -24.96 50.59
C GLN F 6 28.82 -25.68 51.75
N SER F 7 29.24 -24.91 52.75
CA SER F 7 29.94 -25.44 53.91
C SER F 7 29.20 -25.07 55.19
N PRO F 8 29.16 -25.96 56.19
CA PRO F 8 29.76 -27.30 56.12
C PRO F 8 28.76 -28.35 55.61
N SER F 9 29.25 -29.57 55.41
CA SER F 9 28.35 -30.66 55.02
C SER F 9 27.34 -30.98 56.12
N SER F 10 27.73 -30.83 57.38
CA SER F 10 26.85 -31.08 58.51
C SER F 10 27.45 -30.42 59.74
N MET F 11 26.58 -30.15 60.72
CA MET F 11 27.00 -29.54 61.97
C MET F 11 26.09 -30.04 63.09
N SER F 12 26.68 -30.26 64.26
CA SER F 12 25.97 -30.74 65.44
C SER F 12 25.94 -29.62 66.47
N VAL F 13 24.75 -29.13 66.78
CA VAL F 13 24.56 -28.00 67.68
C VAL F 13 23.33 -28.24 68.54
N SER F 14 23.18 -27.44 69.58
CA SER F 14 22.12 -27.58 70.57
C SER F 14 21.12 -26.43 70.45
N LEU F 15 20.08 -26.48 71.28
CA LEU F 15 19.07 -25.45 71.30
C LEU F 15 19.62 -24.15 71.88
N GLY F 16 19.09 -23.03 71.41
CA GLY F 16 19.54 -21.72 71.83
C GLY F 16 20.80 -21.22 71.18
N ASP F 17 21.57 -22.10 70.53
CA ASP F 17 22.79 -21.67 69.85
C ASP F 17 22.45 -20.89 68.58
N THR F 18 23.35 -19.98 68.23
CA THR F 18 23.24 -19.16 67.02
C THR F 18 24.30 -19.64 66.03
N VAL F 19 23.86 -20.23 64.92
CA VAL F 19 24.76 -20.86 63.96
C VAL F 19 24.64 -20.17 62.62
N SER F 20 25.68 -20.31 61.80
CA SER F 20 25.74 -19.75 60.47
C SER F 20 26.11 -20.82 59.46
N ILE F 21 25.73 -20.60 58.21
CA ILE F 21 26.02 -21.53 57.11
C ILE F 21 26.54 -20.71 55.94
N THR F 22 27.74 -21.05 55.47
CA THR F 22 28.33 -20.36 54.33
C THR F 22 27.94 -21.05 53.02
N CYS F 23 28.00 -20.28 51.94
CA CYS F 23 27.70 -20.80 50.60
C CYS F 23 28.50 -19.97 49.62
N HIS F 24 29.49 -20.60 48.97
CA HIS F 24 30.45 -19.91 48.12
C HIS F 24 30.22 -20.28 46.66
N ALA F 25 30.21 -19.27 45.80
CA ALA F 25 30.02 -19.45 44.36
C ALA F 25 31.34 -19.28 43.63
N SER F 26 31.45 -19.95 42.48
CA SER F 26 32.67 -19.85 41.67
C SER F 26 32.92 -18.43 41.18
N GLN F 27 31.88 -17.61 41.09
CA GLN F 27 32.02 -16.23 40.64
C GLN F 27 30.98 -15.38 41.36
N GLY F 28 31.08 -14.06 41.17
CA GLY F 28 30.15 -13.16 41.82
C GLY F 28 28.73 -13.31 41.27
N ILE F 29 27.75 -13.12 42.15
CA ILE F 29 26.36 -13.30 41.76
C ILE F 29 25.50 -12.15 42.28
N SER F 30 26.13 -11.16 42.89
CA SER F 30 25.49 -9.91 43.30
C SER F 30 24.16 -10.14 44.01
N SER F 31 24.23 -10.92 45.09
CA SER F 31 23.12 -11.20 45.98
C SER F 31 21.96 -11.94 45.30
N ASN F 32 22.17 -12.49 44.10
CA ASN F 32 21.13 -13.25 43.41
C ASN F 32 21.17 -14.70 43.91
N ILE F 33 20.79 -14.87 45.17
CA ILE F 33 20.84 -16.16 45.85
C ILE F 33 19.61 -16.32 46.74
N GLY F 34 19.17 -17.56 46.90
CA GLY F 34 18.09 -17.87 47.80
C GLY F 34 18.46 -19.06 48.68
N TRP F 35 17.74 -19.19 49.79
CA TRP F 35 17.95 -20.27 50.75
C TRP F 35 16.67 -21.06 50.92
N LEU F 36 16.83 -22.36 51.17
CA LEU F 36 15.73 -23.31 51.24
C LEU F 36 15.87 -24.20 52.45
N GLN F 37 14.73 -24.74 52.90
CA GLN F 37 14.67 -25.64 54.05
C GLN F 37 13.79 -26.84 53.70
N GLN F 38 14.25 -28.03 54.08
CA GLN F 38 13.50 -29.27 53.88
C GLN F 38 13.43 -30.01 55.21
N LYS F 39 12.30 -29.88 55.91
CA LYS F 39 12.12 -30.59 57.16
C LYS F 39 12.13 -32.10 56.91
N PRO F 40 12.59 -32.89 57.88
CA PRO F 40 12.72 -34.35 57.66
C PRO F 40 11.44 -35.02 57.17
N GLY F 41 11.52 -35.66 56.01
CA GLY F 41 10.40 -36.39 55.44
C GLY F 41 9.41 -35.55 54.65
N LYS F 42 9.51 -34.23 54.71
CA LYS F 42 8.58 -33.34 54.03
C LYS F 42 9.28 -32.64 52.85
N SER F 43 8.60 -31.65 52.29
CA SER F 43 9.06 -30.97 51.09
C SER F 43 9.80 -29.68 51.47
N PHE F 44 9.97 -28.77 50.52
CA PHE F 44 10.79 -27.59 50.69
C PHE F 44 9.94 -26.37 51.02
N MET F 45 10.55 -25.40 51.70
CA MET F 45 9.91 -24.15 52.07
C MET F 45 10.90 -23.02 51.85
N GLY F 46 10.41 -21.91 51.29
CA GLY F 46 11.29 -20.79 50.99
C GLY F 46 11.67 -20.04 52.25
N LEU F 47 12.95 -19.69 52.35
CA LEU F 47 13.48 -18.91 53.46
C LEU F 47 13.92 -17.52 53.03
N ILE F 48 14.87 -17.44 52.10
CA ILE F 48 15.47 -16.17 51.68
C ILE F 48 15.42 -16.08 50.16
N TYR F 49 15.29 -14.86 49.66
CA TYR F 49 15.45 -14.57 48.25
C TYR F 49 16.18 -13.25 48.09
N TYR F 50 16.97 -13.15 47.02
CA TYR F 50 17.81 -11.97 46.74
C TYR F 50 18.70 -11.64 47.93
N GLY F 51 19.28 -12.66 48.54
CA GLY F 51 20.32 -12.47 49.53
C GLY F 51 19.85 -12.22 50.95
N THR F 52 19.05 -11.18 51.17
CA THR F 52 18.73 -10.73 52.52
C THR F 52 17.26 -10.71 52.86
N ASN F 53 16.36 -10.81 51.88
CA ASN F 53 14.93 -10.65 52.12
C ASN F 53 14.29 -11.97 52.52
N LEU F 54 13.44 -11.94 53.55
CA LEU F 54 12.76 -13.12 54.03
C LEU F 54 11.51 -13.41 53.20
N VAL F 55 11.18 -14.70 53.08
CA VAL F 55 9.93 -15.11 52.47
C VAL F 55 8.80 -14.91 53.48
N ASP F 56 7.62 -14.53 52.98
CA ASP F 56 6.48 -14.31 53.86
C ASP F 56 6.18 -15.56 54.67
N GLY F 57 6.02 -15.37 55.99
CA GLY F 57 5.77 -16.46 56.91
C GLY F 57 7.00 -17.01 57.61
N VAL F 58 8.19 -16.58 57.20
CA VAL F 58 9.41 -17.10 57.82
C VAL F 58 9.70 -16.30 59.08
N PRO F 59 9.98 -16.96 60.21
CA PRO F 59 10.29 -16.23 61.44
C PRO F 59 11.47 -15.30 61.27
N SER F 60 11.48 -14.21 62.06
CA SER F 60 12.53 -13.20 61.98
C SER F 60 13.88 -13.68 62.48
N ARG F 61 13.92 -14.83 63.18
CA ARG F 61 15.21 -15.34 63.66
C ARG F 61 16.12 -15.77 62.53
N PHE F 62 15.58 -16.00 61.33
CA PHE F 62 16.40 -16.24 60.15
C PHE F 62 16.89 -14.91 59.60
N SER F 63 18.07 -14.95 58.96
CA SER F 63 18.66 -13.72 58.43
C SER F 63 19.70 -14.08 57.38
N GLY F 64 19.62 -13.42 56.23
CA GLY F 64 20.59 -13.59 55.15
C GLY F 64 21.50 -12.40 55.07
N SER F 65 22.75 -12.64 54.65
CA SER F 65 23.75 -11.59 54.56
C SER F 65 24.82 -12.02 53.56
N GLY F 66 25.67 -11.07 53.19
CA GLY F 66 26.80 -11.33 52.33
C GLY F 66 26.75 -10.53 51.05
N SER F 67 27.85 -10.63 50.30
CA SER F 67 27.98 -9.92 49.03
C SER F 67 29.07 -10.61 48.22
N GLY F 68 29.17 -10.21 46.95
CA GLY F 68 30.17 -10.77 46.05
C GLY F 68 29.95 -12.22 45.71
N ALA F 69 30.75 -13.10 46.34
CA ALA F 69 30.62 -14.54 46.14
C ALA F 69 30.50 -15.31 47.44
N ASP F 70 30.24 -14.63 48.56
CA ASP F 70 30.18 -15.25 49.87
C ASP F 70 28.92 -14.76 50.59
N TYR F 71 28.05 -15.70 50.96
CA TYR F 71 26.78 -15.38 51.59
C TYR F 71 26.53 -16.39 52.70
N SER F 72 25.78 -15.95 53.72
CA SER F 72 25.60 -16.76 54.92
C SER F 72 24.18 -16.66 55.43
N LEU F 73 23.58 -17.81 55.71
CA LEU F 73 22.28 -17.90 56.38
C LEU F 73 22.50 -18.17 57.86
N THR F 74 21.90 -17.33 58.71
CA THR F 74 22.13 -17.36 60.14
C THR F 74 20.81 -17.59 60.87
N ILE F 75 20.81 -18.52 61.82
CA ILE F 75 19.65 -18.80 62.66
C ILE F 75 20.01 -18.45 64.09
N SER F 76 19.26 -17.52 64.68
CA SER F 76 19.45 -17.11 66.06
C SER F 76 18.49 -17.87 66.95
N SER F 77 19.03 -18.44 68.04
CA SER F 77 18.24 -19.25 68.97
C SER F 77 17.54 -20.39 68.26
N LEU F 78 18.26 -21.49 68.03
CA LEU F 78 17.71 -22.61 67.27
C LEU F 78 16.49 -23.20 67.95
N ASP F 79 15.51 -23.59 67.14
CA ASP F 79 14.29 -24.22 67.59
C ASP F 79 14.24 -25.68 67.14
N SER F 80 13.37 -26.45 67.77
CA SER F 80 13.18 -27.85 67.42
C SER F 80 12.86 -28.02 65.93
N GLU F 81 12.14 -27.06 65.34
CA GLU F 81 11.78 -27.15 63.94
C GLU F 81 12.97 -26.89 63.01
N ASP F 82 13.97 -26.14 63.49
CA ASP F 82 15.09 -25.75 62.64
C ASP F 82 16.02 -26.91 62.31
N PHE F 83 15.87 -28.06 62.96
CA PHE F 83 16.71 -29.23 62.68
C PHE F 83 16.22 -29.86 61.37
N ALA F 84 16.90 -29.53 60.28
CA ALA F 84 16.51 -30.03 58.96
C ALA F 84 17.68 -29.79 58.00
N ASP F 85 17.45 -30.08 56.72
CA ASP F 85 18.43 -29.83 55.67
C ASP F 85 18.21 -28.44 55.08
N TYR F 86 19.31 -27.79 54.71
CA TYR F 86 19.28 -26.46 54.11
C TYR F 86 20.10 -26.46 52.82
N TYR F 87 19.56 -25.80 51.81
CA TYR F 87 20.21 -25.73 50.49
C TYR F 87 20.19 -24.30 50.00
N CYS F 88 21.33 -23.83 49.50
CA CYS F 88 21.43 -22.53 48.83
C CYS F 88 21.33 -22.72 47.33
N VAL F 89 20.63 -21.81 46.67
CA VAL F 89 20.41 -21.87 45.23
C VAL F 89 20.74 -20.50 44.63
N GLN F 90 21.48 -20.50 43.53
CA GLN F 90 21.79 -19.28 42.80
C GLN F 90 20.99 -19.25 41.50
N TYR F 91 20.54 -18.06 41.12
CA TYR F 91 19.84 -17.86 39.86
C TYR F 91 20.39 -16.65 39.12
N ALA F 92 21.67 -16.34 39.32
CA ALA F 92 22.29 -15.27 38.57
C ALA F 92 22.54 -15.67 37.12
N GLN F 93 22.70 -16.97 36.85
CA GLN F 93 22.92 -17.47 35.51
C GLN F 93 22.16 -18.77 35.31
N LEU F 94 21.67 -18.96 34.09
CA LEU F 94 21.14 -20.27 33.73
C LEU F 94 22.27 -21.18 33.26
N PRO F 95 22.26 -22.47 33.66
CA PRO F 95 21.24 -23.11 34.49
C PRO F 95 21.35 -22.75 35.96
N TYR F 96 20.22 -22.77 36.66
CA TYR F 96 20.24 -22.64 38.11
C TYR F 96 21.02 -23.81 38.71
N THR F 97 21.72 -23.54 39.80
CA THR F 97 22.52 -24.56 40.46
C THR F 97 22.28 -24.49 41.96
N PHE F 98 22.45 -25.64 42.61
CA PHE F 98 22.21 -25.79 44.03
C PHE F 98 23.52 -26.07 44.77
N GLY F 99 23.46 -25.92 46.10
CA GLY F 99 24.60 -26.26 46.93
C GLY F 99 24.58 -27.71 47.37
N GLY F 100 25.69 -28.13 47.98
CA GLY F 100 25.80 -29.50 48.44
C GLY F 100 24.80 -29.84 49.54
N GLY F 101 24.39 -28.85 50.31
CA GLY F 101 23.45 -29.05 51.39
C GLY F 101 24.14 -29.03 52.75
N THR F 102 23.34 -28.75 53.78
CA THR F 102 23.82 -28.68 55.15
C THR F 102 22.84 -29.42 56.06
N LYS F 103 23.37 -30.33 56.86
CA LYS F 103 22.57 -31.13 57.78
C LYS F 103 22.75 -30.59 59.20
N LEU F 104 21.64 -30.38 59.90
CA LEU F 104 21.66 -29.89 61.26
C LEU F 104 21.32 -31.04 62.20
N GLU F 105 22.32 -31.50 62.95
CA GLU F 105 22.18 -32.60 63.89
C GLU F 105 22.22 -32.06 65.32
N ILE F 106 21.72 -32.89 66.25
CA ILE F 106 21.65 -32.52 67.65
C ILE F 106 22.93 -32.97 68.35
N LYS F 107 23.57 -32.05 69.08
CA LYS F 107 24.78 -32.37 69.81
C LYS F 107 24.44 -33.02 71.14
N ARG F 108 25.24 -34.00 71.54
CA ARG F 108 25.03 -34.72 72.78
C ARG F 108 26.32 -35.44 73.15
N ALA F 109 26.30 -36.11 74.31
CA ALA F 109 27.44 -36.88 74.75
C ALA F 109 27.65 -38.10 73.86
N ASP F 110 28.92 -38.39 73.57
CA ASP F 110 29.25 -39.52 72.73
C ASP F 110 28.77 -40.83 73.37
N ALA F 111 28.40 -41.79 72.53
CA ALA F 111 27.87 -43.06 73.00
C ALA F 111 28.36 -44.18 72.09
N ALA F 112 28.80 -45.29 72.71
CA ALA F 112 29.29 -46.45 72.00
C ALA F 112 28.13 -47.29 71.47
N PRO F 113 28.35 -48.02 70.37
CA PRO F 113 27.26 -48.80 69.78
C PRO F 113 26.99 -50.09 70.56
N THR F 114 25.89 -50.74 70.19
CA THR F 114 25.47 -52.01 70.78
C THR F 114 25.39 -53.05 69.67
N VAL F 115 26.44 -53.85 69.53
CA VAL F 115 26.53 -54.80 68.43
C VAL F 115 25.75 -56.07 68.78
N SER F 116 25.15 -56.67 67.75
CA SER F 116 24.39 -57.91 67.92
C SER F 116 24.46 -58.70 66.62
N ILE F 117 24.93 -59.94 66.70
CA ILE F 117 25.15 -60.79 65.54
C ILE F 117 24.00 -61.79 65.41
N PHE F 118 23.60 -62.08 64.18
CA PHE F 118 22.48 -62.98 63.91
C PHE F 118 22.80 -63.91 62.74
N PRO F 119 22.66 -65.22 62.90
CA PRO F 119 22.85 -66.13 61.78
C PRO F 119 21.56 -66.32 61.01
N PRO F 120 21.59 -66.98 59.85
CA PRO F 120 20.35 -67.21 59.11
C PRO F 120 19.39 -68.09 59.89
N SER F 121 18.10 -67.95 59.58
CA SER F 121 17.05 -68.71 60.25
C SER F 121 16.72 -69.98 59.46
N SER F 122 16.03 -70.91 60.12
CA SER F 122 15.74 -72.20 59.52
C SER F 122 14.84 -72.05 58.29
N GLU F 123 13.75 -71.27 58.42
CA GLU F 123 12.85 -71.08 57.29
C GLU F 123 13.57 -70.44 56.10
N GLN F 124 14.62 -69.67 56.36
CA GLN F 124 15.39 -69.06 55.27
C GLN F 124 16.37 -70.05 54.66
N LEU F 125 17.04 -70.86 55.50
CA LEU F 125 18.02 -71.83 55.00
C LEU F 125 17.40 -72.87 54.10
N THR F 126 16.08 -73.10 54.20
CA THR F 126 15.40 -74.08 53.37
C THR F 126 15.02 -73.55 52.00
N SER F 127 15.17 -72.25 51.76
CA SER F 127 14.88 -71.65 50.45
C SER F 127 16.11 -71.55 49.57
N GLY F 128 17.21 -72.21 49.94
CA GLY F 128 18.44 -72.14 49.17
C GLY F 128 19.27 -70.91 49.39
N GLY F 129 18.99 -70.12 50.44
CA GLY F 129 19.74 -68.91 50.70
C GLY F 129 20.05 -68.77 52.18
N ALA F 130 20.90 -67.79 52.48
CA ALA F 130 21.33 -67.53 53.84
C ALA F 130 21.86 -66.10 53.92
N SER F 131 21.59 -65.44 55.05
CA SER F 131 21.98 -64.05 55.23
C SER F 131 22.44 -63.82 56.66
N VAL F 132 23.49 -63.00 56.81
CA VAL F 132 24.08 -62.69 58.10
C VAL F 132 23.82 -61.22 58.42
N VAL F 133 23.48 -60.93 59.68
CA VAL F 133 23.16 -59.58 60.13
C VAL F 133 24.09 -59.23 61.29
N CYS F 134 24.41 -57.94 61.42
CA CYS F 134 25.23 -57.44 62.53
C CYS F 134 24.75 -56.00 62.80
N PHE F 135 23.77 -55.88 63.70
CA PHE F 135 23.18 -54.60 64.05
C PHE F 135 24.14 -53.74 64.87
N LEU F 136 23.95 -52.43 64.81
CA LEU F 136 24.69 -51.47 65.63
C LEU F 136 23.71 -50.36 66.03
N ASN F 137 23.15 -50.48 67.23
CA ASN F 137 22.06 -49.63 67.67
C ASN F 137 22.55 -48.59 68.69
N ASN F 138 22.01 -47.37 68.57
CA ASN F 138 22.18 -46.30 69.55
C ASN F 138 23.65 -45.95 69.76
N PHE F 139 24.17 -45.03 68.95
CA PHE F 139 25.53 -44.56 69.10
C PHE F 139 25.64 -43.13 68.61
N TYR F 140 26.73 -42.47 68.98
CA TYR F 140 26.98 -41.09 68.57
C TYR F 140 28.47 -40.83 68.64
N PRO F 141 29.07 -40.15 67.64
CA PRO F 141 28.43 -39.57 66.46
C PRO F 141 28.02 -40.58 65.39
N LYS F 142 27.50 -40.09 64.28
CA LYS F 142 27.05 -40.95 63.19
C LYS F 142 28.20 -41.72 62.55
N ASP F 143 29.42 -41.20 62.65
CA ASP F 143 30.56 -41.80 61.95
C ASP F 143 30.89 -43.16 62.54
N ILE F 144 30.95 -44.17 61.67
CA ILE F 144 31.29 -45.53 62.09
C ILE F 144 31.64 -46.33 60.84
N ASN F 145 32.41 -47.40 61.02
CA ASN F 145 32.85 -48.27 59.94
C ASN F 145 32.66 -49.72 60.35
N VAL F 146 32.30 -50.56 59.38
CA VAL F 146 32.05 -51.97 59.59
C VAL F 146 32.98 -52.77 58.68
N LYS F 147 33.63 -53.79 59.25
CA LYS F 147 34.54 -54.65 58.51
C LYS F 147 34.22 -56.10 58.82
N TRP F 148 34.19 -56.92 57.77
CA TRP F 148 33.92 -58.35 57.90
C TRP F 148 35.22 -59.14 57.72
N LYS F 149 35.25 -60.33 58.32
CA LYS F 149 36.44 -61.18 58.28
C LYS F 149 35.99 -62.64 58.26
N ILE F 150 36.13 -63.30 57.12
CA ILE F 150 35.84 -64.72 57.00
C ILE F 150 37.09 -65.49 57.37
N ASP F 151 37.08 -66.14 58.53
CA ASP F 151 38.25 -66.84 59.07
C ASP F 151 39.47 -65.93 59.12
N GLY F 152 39.24 -64.64 59.37
CA GLY F 152 40.26 -63.63 59.35
C GLY F 152 40.36 -62.87 58.04
N SER F 153 40.06 -63.53 56.93
CA SER F 153 40.15 -62.90 55.61
C SER F 153 38.97 -61.96 55.40
N GLU F 154 39.27 -60.71 55.04
CA GLU F 154 38.24 -59.71 54.85
C GLU F 154 37.33 -60.05 53.67
N ARG F 155 36.09 -59.57 53.73
CA ARG F 155 35.12 -59.76 52.67
C ARG F 155 34.34 -58.47 52.47
N GLN F 156 34.28 -58.01 51.22
CA GLN F 156 33.59 -56.76 50.90
C GLN F 156 32.45 -56.93 49.89
N ASN F 157 32.37 -58.06 49.19
CA ASN F 157 31.34 -58.28 48.19
C ASN F 157 30.15 -59.00 48.81
N GLY F 158 28.95 -58.51 48.51
CA GLY F 158 27.74 -59.04 49.09
C GLY F 158 27.25 -58.32 50.34
N VAL F 159 27.81 -57.15 50.64
CA VAL F 159 27.46 -56.40 51.85
C VAL F 159 26.38 -55.39 51.50
N LEU F 160 25.37 -55.29 52.36
CA LEU F 160 24.25 -54.36 52.18
C LEU F 160 24.03 -53.63 53.50
N ASN F 161 24.40 -52.35 53.54
CA ASN F 161 24.26 -51.53 54.74
C ASN F 161 23.04 -50.63 54.65
N SER F 162 22.59 -50.16 55.81
CA SER F 162 21.43 -49.29 55.89
C SER F 162 21.46 -48.54 57.21
N TRP F 163 21.31 -47.22 57.15
CA TRP F 163 21.34 -46.36 58.32
C TRP F 163 19.98 -45.72 58.55
N THR F 164 19.76 -45.29 59.80
CA THR F 164 18.55 -44.58 60.20
C THR F 164 18.88 -43.10 60.42
N ASP F 165 17.84 -42.32 60.69
CA ASP F 165 17.99 -40.93 61.06
C ASP F 165 18.13 -40.82 62.58
N GLN F 166 18.64 -39.66 63.02
CA GLN F 166 18.81 -39.40 64.44
C GLN F 166 17.48 -39.54 65.16
N ASP F 167 17.34 -40.62 65.93
CA ASP F 167 16.08 -40.91 66.62
C ASP F 167 15.65 -39.72 67.47
N SER F 168 14.35 -39.43 67.46
CA SER F 168 13.84 -38.31 68.23
C SER F 168 13.80 -38.62 69.72
N LYS F 169 13.72 -39.90 70.08
CA LYS F 169 13.52 -40.30 71.46
C LYS F 169 14.79 -40.18 72.29
N ASP F 170 15.95 -40.46 71.69
CA ASP F 170 17.21 -40.39 72.41
C ASP F 170 18.34 -39.72 71.64
N SER F 171 18.08 -39.22 70.44
CA SER F 171 19.08 -38.52 69.62
C SER F 171 20.29 -39.41 69.33
N THR F 172 20.03 -40.68 69.04
CA THR F 172 21.06 -41.63 68.67
C THR F 172 20.76 -42.20 67.29
N TYR F 173 21.80 -42.72 66.65
CA TYR F 173 21.70 -43.36 65.34
C TYR F 173 21.78 -44.87 65.49
N SER F 174 21.20 -45.56 64.51
CA SER F 174 21.24 -47.01 64.43
C SER F 174 21.66 -47.43 63.03
N MET F 175 22.30 -48.60 62.94
CA MET F 175 22.85 -49.08 61.68
C MET F 175 22.51 -50.54 61.48
N SER F 176 22.33 -50.93 60.21
CA SER F 176 22.03 -52.30 59.83
C SER F 176 23.03 -52.77 58.79
N SER F 177 23.28 -54.08 58.78
CA SER F 177 24.23 -54.67 57.86
C SER F 177 23.75 -56.07 57.47
N THR F 178 24.10 -56.48 56.26
CA THR F 178 23.68 -57.79 55.74
C THR F 178 24.71 -58.30 54.75
N LEU F 179 25.30 -59.46 55.07
CA LEU F 179 26.23 -60.14 54.18
C LEU F 179 25.53 -61.39 53.64
N THR F 180 25.16 -61.36 52.36
CA THR F 180 24.35 -62.39 51.75
C THR F 180 25.21 -63.24 50.81
N LEU F 181 25.16 -64.56 51.02
CA LEU F 181 25.86 -65.51 50.17
C LEU F 181 24.97 -66.73 49.94
N THR F 182 25.41 -67.60 49.05
CA THR F 182 24.64 -68.80 48.75
C THR F 182 24.72 -69.80 49.90
N LYS F 183 23.70 -70.65 49.99
CA LYS F 183 23.72 -71.73 50.98
C LYS F 183 24.91 -72.65 50.77
N ASP F 184 25.42 -72.73 49.55
CA ASP F 184 26.57 -73.58 49.27
C ASP F 184 27.86 -72.97 49.81
N GLU F 185 28.03 -71.65 49.67
CA GLU F 185 29.25 -70.99 50.13
C GLU F 185 29.26 -70.77 51.63
N TYR F 186 28.08 -70.68 52.26
CA TYR F 186 28.02 -70.46 53.70
C TYR F 186 28.50 -71.68 54.47
N GLU F 187 28.28 -72.88 53.94
CA GLU F 187 28.72 -74.13 54.56
C GLU F 187 30.18 -74.47 54.26
N ARG F 188 31.05 -73.46 54.16
CA ARG F 188 32.45 -73.67 53.81
C ARG F 188 33.41 -73.28 54.93
N HIS F 189 33.20 -72.12 55.54
CA HIS F 189 34.12 -71.59 56.53
C HIS F 189 33.62 -71.85 57.95
N ASN F 190 34.49 -71.59 58.92
CA ASN F 190 34.22 -71.88 60.33
C ASN F 190 33.70 -70.66 61.05
N SER F 191 34.58 -69.69 61.30
CA SER F 191 34.26 -68.53 62.14
C SER F 191 34.00 -67.30 61.29
N TYR F 192 33.03 -66.49 61.71
CA TYR F 192 32.68 -65.24 61.04
C TYR F 192 32.64 -64.11 62.05
N THR F 193 33.19 -62.96 61.67
CA THR F 193 33.38 -61.82 62.55
C THR F 193 32.87 -60.55 61.88
N CYS F 194 32.31 -59.63 62.68
CA CYS F 194 32.01 -58.27 62.21
C CYS F 194 32.63 -57.26 63.16
N GLU F 195 33.70 -56.60 62.70
CA GLU F 195 34.37 -55.56 63.46
C GLU F 195 33.74 -54.20 63.21
N ALA F 196 33.79 -53.35 64.24
CA ALA F 196 33.21 -52.01 64.17
C ALA F 196 34.12 -51.03 64.90
N THR F 197 34.46 -49.93 64.21
CA THR F 197 35.38 -48.93 64.74
C THR F 197 34.64 -47.64 64.98
N HIS F 198 34.83 -47.06 66.17
CA HIS F 198 34.18 -45.81 66.55
C HIS F 198 35.16 -44.97 67.36
N LYS F 199 34.87 -43.67 67.49
CA LYS F 199 35.76 -42.79 68.21
C LYS F 199 35.70 -43.01 69.72
N THR F 200 34.62 -43.59 70.24
CA THR F 200 34.52 -43.90 71.66
C THR F 200 35.27 -45.17 72.04
N SER F 201 35.68 -45.98 71.07
CA SER F 201 36.36 -47.25 71.32
C SER F 201 37.61 -47.31 70.45
N THR F 202 38.78 -47.23 71.08
CA THR F 202 40.03 -47.31 70.33
C THR F 202 40.13 -48.62 69.57
N SER F 203 39.91 -49.74 70.26
CA SER F 203 39.94 -51.06 69.64
C SER F 203 38.56 -51.40 69.07
N PRO F 204 38.52 -52.01 67.89
CA PRO F 204 37.22 -52.33 67.26
C PRO F 204 36.41 -53.30 68.11
N ILE F 205 35.10 -53.08 68.12
CA ILE F 205 34.16 -53.95 68.83
C ILE F 205 33.83 -55.13 67.95
N VAL F 206 33.79 -56.32 68.55
CA VAL F 206 33.75 -57.58 67.83
C VAL F 206 32.58 -58.42 68.32
N LYS F 207 31.93 -59.14 67.40
CA LYS F 207 30.90 -60.13 67.72
C LYS F 207 31.02 -61.27 66.72
N SER F 208 31.35 -62.46 67.21
CA SER F 208 31.64 -63.61 66.37
C SER F 208 30.66 -64.75 66.63
N PHE F 209 30.72 -65.76 65.78
CA PHE F 209 29.91 -66.97 65.90
C PHE F 209 30.44 -68.02 64.94
N ASN F 210 30.46 -69.27 65.38
CA ASN F 210 30.86 -70.38 64.55
C ASN F 210 29.64 -71.02 63.88
N ARG F 211 29.84 -71.51 62.66
CA ARG F 211 28.73 -72.05 61.88
C ARG F 211 28.22 -73.34 62.51
N ASN F 212 26.91 -73.43 62.65
CA ASN F 212 26.23 -74.63 63.16
C ASN F 212 26.86 -75.13 64.46
N GLU F 213 26.60 -74.45 65.59
CA GLU F 213 27.13 -74.86 66.87
C GLU F 213 26.07 -74.87 67.96
N CYS F 214 24.80 -74.88 67.59
CA CYS F 214 23.69 -74.88 68.55
C CYS F 214 22.34 -75.02 67.83
N GLU G 1 -24.36 14.37 -36.69
CA GLU G 1 -23.91 15.21 -37.80
C GLU G 1 -22.86 16.21 -37.34
N VAL G 2 -21.80 16.35 -38.12
CA VAL G 2 -20.70 17.26 -37.78
C VAL G 2 -21.08 18.67 -38.19
N GLN G 3 -21.17 19.56 -37.20
CA GLN G 3 -21.45 20.97 -37.42
C GLN G 3 -20.44 21.81 -36.66
N LEU G 4 -19.90 22.84 -37.30
CA LEU G 4 -18.94 23.75 -36.69
C LEU G 4 -19.63 25.11 -36.55
N GLN G 5 -19.97 25.46 -35.31
CA GLN G 5 -20.76 26.65 -35.01
C GLN G 5 -19.80 27.75 -34.54
N GLN G 6 -19.49 28.67 -35.44
CA GLN G 6 -18.57 29.76 -35.12
C GLN G 6 -19.31 30.90 -34.44
N SER G 7 -18.54 31.84 -33.89
CA SER G 7 -19.10 32.98 -33.17
C SER G 7 -19.83 33.91 -34.14
N GLY G 8 -20.45 34.94 -33.56
CA GLY G 8 -21.13 35.94 -34.37
C GLY G 8 -20.16 36.93 -34.99
N ALA G 9 -20.70 37.75 -35.90
CA ALA G 9 -19.89 38.74 -36.58
C ALA G 9 -19.30 39.73 -35.59
N GLU G 10 -18.08 40.18 -35.85
CA GLU G 10 -17.36 41.08 -34.96
C GLU G 10 -17.04 42.38 -35.67
N LEU G 11 -17.17 43.49 -34.94
CA LEU G 11 -16.83 44.82 -35.44
C LEU G 11 -16.00 45.52 -34.38
N VAL G 12 -14.73 45.78 -34.69
CA VAL G 12 -13.77 46.28 -33.73
C VAL G 12 -12.99 47.44 -34.35
N LYS G 13 -12.16 48.10 -33.50
CA LYS G 13 -11.39 49.27 -33.86
C LYS G 13 -9.96 48.89 -34.25
N PRO G 14 -9.32 49.69 -35.11
CA PRO G 14 -7.94 49.38 -35.52
C PRO G 14 -6.99 49.44 -34.34
N GLY G 15 -6.18 48.39 -34.20
CA GLY G 15 -5.23 48.27 -33.12
C GLY G 15 -5.73 47.48 -31.92
N ALA G 16 -6.98 47.04 -31.93
CA ALA G 16 -7.54 46.27 -30.84
C ALA G 16 -7.29 44.77 -31.09
N SER G 17 -7.93 43.92 -30.29
CA SER G 17 -7.81 42.48 -30.41
C SER G 17 -9.19 41.84 -30.33
N VAL G 18 -9.39 40.80 -31.15
CA VAL G 18 -10.64 40.06 -31.20
C VAL G 18 -10.32 38.57 -31.10
N LYS G 19 -11.25 37.82 -30.50
CA LYS G 19 -11.07 36.39 -30.29
C LYS G 19 -12.28 35.66 -30.86
N LEU G 20 -12.08 34.93 -31.95
CA LEU G 20 -13.13 34.17 -32.59
C LEU G 20 -13.19 32.77 -32.00
N SER G 21 -14.39 32.20 -31.95
CA SER G 21 -14.62 30.87 -31.40
C SER G 21 -15.23 29.96 -32.46
N CYS G 22 -15.07 28.64 -32.24
CA CYS G 22 -15.54 27.60 -33.16
C CYS G 22 -15.95 26.41 -32.31
N THR G 23 -17.19 26.44 -31.83
CA THR G 23 -17.70 25.37 -30.97
C THR G 23 -18.14 24.18 -31.81
N ALA G 24 -17.77 22.98 -31.35
CA ALA G 24 -18.10 21.74 -32.04
C ALA G 24 -19.43 21.20 -31.56
N SER G 25 -20.22 20.69 -32.51
CA SER G 25 -21.55 20.14 -32.21
C SER G 25 -21.73 18.86 -33.00
N GLY G 26 -21.93 17.75 -32.30
CA GLY G 26 -22.06 16.44 -32.91
C GLY G 26 -20.83 15.57 -32.81
N PHE G 27 -19.77 16.04 -32.16
CA PHE G 27 -18.53 15.30 -32.02
C PHE G 27 -17.69 16.01 -30.98
N ASN G 28 -16.53 15.43 -30.67
CA ASN G 28 -15.60 16.00 -29.69
C ASN G 28 -14.52 16.78 -30.43
N ILE G 29 -14.30 18.03 -30.00
CA ILE G 29 -13.27 18.86 -30.63
C ILE G 29 -11.90 18.20 -30.55
N LYS G 30 -11.70 17.31 -29.57
CA LYS G 30 -10.45 16.61 -29.36
C LYS G 30 -10.12 15.63 -30.49
N ASP G 31 -11.07 15.35 -31.38
CA ASP G 31 -10.89 14.26 -32.33
C ASP G 31 -9.78 14.58 -33.32
N THR G 32 -9.97 15.60 -34.15
CA THR G 32 -9.12 15.84 -35.31
C THR G 32 -8.42 17.19 -35.21
N TYR G 33 -7.53 17.43 -36.17
CA TYR G 33 -6.96 18.75 -36.37
C TYR G 33 -8.06 19.77 -36.60
N VAL G 34 -7.79 21.03 -36.23
CA VAL G 34 -8.70 22.13 -36.48
C VAL G 34 -7.89 23.25 -37.12
N HIS G 35 -8.30 23.67 -38.31
CA HIS G 35 -7.61 24.69 -39.08
C HIS G 35 -8.42 25.98 -39.10
N TRP G 36 -7.75 27.07 -39.46
CA TRP G 36 -8.38 28.37 -39.65
C TRP G 36 -7.98 28.92 -41.00
N VAL G 37 -8.95 29.47 -41.72
CA VAL G 37 -8.77 29.96 -43.08
C VAL G 37 -9.34 31.37 -43.18
N LYS G 38 -8.60 32.25 -43.85
CA LYS G 38 -8.99 33.64 -44.07
C LYS G 38 -9.39 33.81 -45.53
N GLN G 39 -10.50 34.52 -45.76
CA GLN G 39 -11.04 34.70 -47.10
C GLN G 39 -11.27 36.18 -47.39
N ARG G 40 -10.60 36.70 -48.42
CA ARG G 40 -10.80 38.06 -48.89
C ARG G 40 -11.27 38.05 -50.34
N PRO G 41 -12.08 39.04 -50.75
CA PRO G 41 -12.60 39.03 -52.12
C PRO G 41 -11.52 39.10 -53.19
N GLU G 42 -10.52 39.97 -53.01
CA GLU G 42 -9.47 40.09 -54.02
C GLU G 42 -8.38 39.03 -53.83
N GLN G 43 -7.87 38.90 -52.60
CA GLN G 43 -6.72 38.04 -52.37
C GLN G 43 -7.10 36.57 -52.39
N GLY G 44 -8.35 36.24 -52.08
CA GLY G 44 -8.78 34.86 -52.10
C GLY G 44 -8.66 34.16 -50.76
N LEU G 45 -8.34 32.87 -50.78
CA LEU G 45 -8.27 32.05 -49.59
C LEU G 45 -6.82 31.92 -49.12
N GLU G 46 -6.60 32.15 -47.82
CA GLU G 46 -5.29 31.99 -47.20
C GLU G 46 -5.42 31.09 -45.99
N TRP G 47 -4.45 30.20 -45.83
CA TRP G 47 -4.40 29.29 -44.69
C TRP G 47 -3.64 29.95 -43.55
N ILE G 48 -4.29 30.03 -42.38
CA ILE G 48 -3.69 30.67 -41.21
C ILE G 48 -2.86 29.65 -40.45
N GLY G 49 -3.50 28.58 -40.00
CA GLY G 49 -2.79 27.57 -39.25
C GLY G 49 -3.73 26.49 -38.77
N ARG G 50 -3.17 25.54 -38.02
CA ARG G 50 -3.92 24.43 -37.47
C ARG G 50 -3.56 24.26 -36.00
N ILE G 51 -4.31 23.41 -35.31
CA ILE G 51 -4.07 23.07 -33.92
C ILE G 51 -4.59 21.67 -33.65
N ASP G 52 -3.87 20.92 -32.82
CA ASP G 52 -4.34 19.65 -32.29
C ASP G 52 -4.94 19.91 -30.91
N PRO G 53 -6.26 19.99 -30.78
CA PRO G 53 -6.86 20.31 -29.48
C PRO G 53 -6.56 19.28 -28.39
N ALA G 54 -6.11 18.08 -28.76
CA ALA G 54 -5.80 17.07 -27.75
C ALA G 54 -4.56 17.45 -26.95
N ASN G 55 -3.54 18.01 -27.61
CA ASN G 55 -2.30 18.37 -26.95
C ASN G 55 -1.97 19.85 -27.00
N GLY G 56 -2.55 20.61 -27.92
CA GLY G 56 -2.36 22.04 -27.98
C GLY G 56 -1.35 22.53 -28.99
N TYR G 57 -0.52 21.64 -29.53
CA TYR G 57 0.52 22.06 -30.47
C TYR G 57 -0.10 22.70 -31.71
N THR G 58 0.59 23.70 -32.26
CA THR G 58 0.05 24.51 -33.33
C THR G 58 1.06 24.61 -34.47
N LYS G 59 0.55 25.05 -35.63
CA LYS G 59 1.35 25.34 -36.82
C LYS G 59 0.76 26.57 -37.49
N TYR G 60 1.62 27.41 -38.06
CA TYR G 60 1.15 28.65 -38.69
C TYR G 60 1.87 28.86 -40.01
N ASP G 61 1.21 29.62 -40.88
CA ASP G 61 1.89 30.20 -42.03
C ASP G 61 2.76 31.36 -41.55
N PRO G 62 4.06 31.39 -41.92
CA PRO G 62 4.94 32.47 -41.44
C PRO G 62 4.38 33.88 -41.61
N LYS G 63 3.45 34.06 -42.54
CA LYS G 63 2.85 35.37 -42.75
C LYS G 63 2.04 35.81 -41.53
N PHE G 64 1.24 34.91 -40.96
CA PHE G 64 0.36 35.25 -39.84
C PHE G 64 1.03 35.11 -38.49
N GLN G 65 2.31 34.77 -38.44
CA GLN G 65 2.99 34.60 -37.16
C GLN G 65 3.12 35.94 -36.45
N GLY G 66 2.65 35.99 -35.20
CA GLY G 66 2.59 37.20 -34.41
C GLY G 66 1.24 37.88 -34.41
N LYS G 67 0.45 37.69 -35.47
CA LYS G 67 -0.89 38.26 -35.56
C LYS G 67 -1.98 37.27 -35.15
N ALA G 68 -1.81 35.99 -35.48
CA ALA G 68 -2.79 34.97 -35.19
C ALA G 68 -2.33 34.09 -34.03
N THR G 69 -3.26 33.77 -33.13
CA THR G 69 -2.98 32.91 -31.98
C THR G 69 -4.14 31.92 -31.85
N ILE G 70 -3.86 30.66 -32.14
CA ILE G 70 -4.87 29.60 -32.10
C ILE G 70 -4.75 28.85 -30.78
N THR G 71 -5.88 28.66 -30.10
CA THR G 71 -5.94 27.91 -28.86
C THR G 71 -7.18 27.02 -28.89
N ALA G 72 -7.29 26.15 -27.89
CA ALA G 72 -8.40 25.21 -27.82
C ALA G 72 -8.62 24.79 -26.38
N ASP G 73 -9.88 24.56 -26.03
CA ASP G 73 -10.28 24.15 -24.68
C ASP G 73 -11.25 22.98 -24.82
N THR G 74 -10.77 21.77 -24.53
CA THR G 74 -11.59 20.56 -24.67
C THR G 74 -12.77 20.54 -23.71
N SER G 75 -12.69 21.28 -22.59
CA SER G 75 -13.80 21.33 -21.65
C SER G 75 -15.05 21.88 -22.32
N SER G 76 -14.99 23.13 -22.80
CA SER G 76 -16.10 23.73 -23.50
C SER G 76 -16.21 23.27 -24.96
N ASN G 77 -15.31 22.39 -25.40
CA ASN G 77 -15.39 21.77 -26.73
C ASN G 77 -15.32 22.81 -27.84
N THR G 78 -14.39 23.75 -27.71
CA THR G 78 -14.31 24.89 -28.61
C THR G 78 -12.86 25.20 -28.94
N ALA G 79 -12.64 25.68 -30.17
CA ALA G 79 -11.35 26.16 -30.63
C ALA G 79 -11.44 27.65 -30.93
N TYR G 80 -10.33 28.37 -30.71
CA TYR G 80 -10.32 29.82 -30.78
C TYR G 80 -9.23 30.31 -31.72
N LEU G 81 -9.49 31.46 -32.34
CA LEU G 81 -8.52 32.17 -33.17
C LEU G 81 -8.51 33.63 -32.74
N GLN G 82 -7.40 34.06 -32.14
CA GLN G 82 -7.25 35.42 -31.65
C GLN G 82 -6.37 36.22 -32.60
N LEU G 83 -6.83 37.43 -32.93
CA LEU G 83 -6.08 38.35 -33.78
C LEU G 83 -5.75 39.60 -33.00
N SER G 84 -4.52 40.09 -33.17
CA SER G 84 -4.03 41.23 -32.43
C SER G 84 -3.45 42.27 -33.39
N SER G 85 -3.44 43.53 -32.94
CA SER G 85 -2.99 44.67 -33.73
C SER G 85 -3.68 44.68 -35.08
N LEU G 86 -4.99 44.90 -35.03
CA LEU G 86 -5.84 44.75 -36.19
C LEU G 86 -5.64 45.89 -37.18
N THR G 87 -5.94 45.60 -38.44
CA THR G 87 -5.76 46.53 -39.54
C THR G 87 -6.91 46.34 -40.53
N SER G 88 -7.08 47.32 -41.42
CA SER G 88 -7.98 47.14 -42.54
C SER G 88 -7.62 45.94 -43.39
N GLU G 89 -6.36 45.51 -43.36
CA GLU G 89 -5.94 44.30 -44.06
C GLU G 89 -6.50 43.04 -43.41
N ASP G 90 -6.87 43.11 -42.13
CA ASP G 90 -7.45 41.96 -41.43
C ASP G 90 -8.97 41.91 -41.55
N THR G 91 -9.57 42.72 -42.42
CA THR G 91 -11.01 42.71 -42.65
C THR G 91 -11.33 41.59 -43.64
N ALA G 92 -11.88 40.50 -43.14
CA ALA G 92 -12.15 39.32 -43.95
C ALA G 92 -13.10 38.41 -43.19
N VAL G 93 -13.43 37.28 -43.81
CA VAL G 93 -14.22 36.22 -43.19
C VAL G 93 -13.27 35.11 -42.77
N TYR G 94 -13.52 34.51 -41.62
CA TYR G 94 -12.67 33.48 -41.05
C TYR G 94 -13.46 32.21 -40.83
N TYR G 95 -12.94 31.08 -41.29
CA TYR G 95 -13.59 29.78 -41.20
C TYR G 95 -12.69 28.82 -40.41
N CYS G 96 -13.32 27.96 -39.62
CA CYS G 96 -12.63 26.84 -38.98
C CYS G 96 -12.97 25.56 -39.73
N VAL G 97 -11.95 24.71 -39.91
CA VAL G 97 -12.03 23.56 -40.80
C VAL G 97 -11.45 22.34 -40.09
N ARG G 98 -12.12 21.20 -40.24
CA ARG G 98 -11.63 19.91 -39.78
C ARG G 98 -11.79 18.90 -40.91
N PRO G 99 -11.02 17.82 -40.88
CA PRO G 99 -11.13 16.79 -41.92
C PRO G 99 -12.27 15.83 -41.63
N LEU G 100 -12.61 15.05 -42.67
CA LEU G 100 -13.62 13.98 -42.54
C LEU G 100 -12.94 12.68 -42.13
N TYR G 101 -12.14 12.11 -43.02
CA TYR G 101 -11.40 10.88 -42.75
C TYR G 101 -9.90 11.12 -42.78
N ASP G 102 -9.37 11.63 -43.89
CA ASP G 102 -7.94 11.86 -44.03
C ASP G 102 -7.45 12.85 -42.99
N TYR G 103 -6.39 12.47 -42.27
CA TYR G 103 -5.85 13.31 -41.19
C TYR G 103 -5.56 14.73 -41.66
N TYR G 104 -5.11 14.89 -42.91
CA TYR G 104 -4.59 16.17 -43.39
C TYR G 104 -5.57 16.87 -44.33
N ALA G 105 -6.84 16.51 -44.32
CA ALA G 105 -7.80 17.03 -45.28
C ALA G 105 -8.50 18.27 -44.74
N MET G 106 -9.33 18.90 -45.59
CA MET G 106 -10.07 20.13 -45.28
C MET G 106 -11.48 19.95 -45.85
N ASP G 107 -12.30 19.19 -45.14
CA ASP G 107 -13.60 18.75 -45.65
C ASP G 107 -14.80 19.39 -44.98
N TYR G 108 -14.77 19.56 -43.66
CA TYR G 108 -15.88 20.17 -42.94
C TYR G 108 -15.55 21.62 -42.60
N TRP G 109 -16.48 22.52 -42.91
CA TRP G 109 -16.26 23.96 -42.75
C TRP G 109 -17.37 24.57 -41.92
N GLY G 110 -16.99 25.46 -41.00
CA GLY G 110 -17.96 26.25 -40.28
C GLY G 110 -18.63 27.26 -41.20
N GLN G 111 -19.68 27.90 -40.66
CA GLN G 111 -20.38 28.90 -41.44
C GLN G 111 -19.56 30.17 -41.65
N GLY G 112 -18.54 30.39 -40.83
CA GLY G 112 -17.67 31.54 -40.98
C GLY G 112 -18.06 32.68 -40.06
N THR G 113 -17.08 33.53 -39.78
CA THR G 113 -17.26 34.72 -38.95
C THR G 113 -16.68 35.92 -39.68
N SER G 114 -17.48 36.95 -39.87
CA SER G 114 -17.06 38.14 -40.57
C SER G 114 -16.48 39.16 -39.59
N VAL G 115 -15.29 39.67 -39.91
CA VAL G 115 -14.60 40.65 -39.08
C VAL G 115 -14.45 41.93 -39.89
N THR G 116 -14.82 43.05 -39.29
CA THR G 116 -14.67 44.37 -39.90
C THR G 116 -13.88 45.26 -38.96
N VAL G 117 -12.85 45.90 -39.49
CA VAL G 117 -11.95 46.75 -38.71
C VAL G 117 -12.08 48.17 -39.24
N SER G 118 -12.66 49.05 -38.43
CA SER G 118 -12.79 50.46 -38.79
C SER G 118 -12.98 51.27 -37.51
N SER G 119 -12.51 52.52 -37.55
CA SER G 119 -12.63 53.42 -36.41
C SER G 119 -13.86 54.32 -36.50
N ALA G 120 -14.57 54.31 -37.63
CA ALA G 120 -15.72 55.19 -37.80
C ALA G 120 -16.84 54.82 -36.82
N LYS G 121 -17.63 55.82 -36.45
CA LYS G 121 -18.72 55.65 -35.52
C LYS G 121 -20.03 55.37 -36.27
N THR G 122 -21.06 55.01 -35.51
CA THR G 122 -22.37 54.76 -36.09
C THR G 122 -22.93 56.03 -36.72
N THR G 123 -23.23 55.96 -38.01
CA THR G 123 -23.73 57.10 -38.77
C THR G 123 -25.00 56.72 -39.51
N ALA G 124 -25.99 57.61 -39.46
CA ALA G 124 -27.27 57.35 -40.10
C ALA G 124 -27.16 57.57 -41.61
N PRO G 125 -27.82 56.72 -42.41
CA PRO G 125 -27.70 56.85 -43.87
C PRO G 125 -28.51 58.04 -44.39
N SER G 126 -27.87 58.82 -45.26
CA SER G 126 -28.57 59.89 -45.97
C SER G 126 -29.27 59.30 -47.18
N VAL G 127 -30.61 59.44 -47.21
CA VAL G 127 -31.42 58.86 -48.28
C VAL G 127 -31.78 59.95 -49.27
N TYR G 128 -31.54 59.68 -50.55
CA TYR G 128 -31.73 60.66 -51.61
C TYR G 128 -32.58 60.05 -52.72
N PRO G 129 -33.66 60.71 -53.14
CA PRO G 129 -34.47 60.19 -54.24
C PRO G 129 -33.84 60.51 -55.59
N LEU G 130 -34.08 59.63 -56.56
CA LEU G 130 -33.53 59.77 -57.89
C LEU G 130 -34.66 59.72 -58.91
N ALA G 131 -34.88 60.84 -59.61
CA ALA G 131 -35.95 60.97 -60.58
C ALA G 131 -35.41 61.24 -61.97
N PRO G 132 -36.06 60.73 -63.02
CA PRO G 132 -35.50 60.85 -64.37
C PRO G 132 -35.50 62.28 -64.91
N VAL G 133 -34.99 62.44 -66.12
CA VAL G 133 -34.82 63.73 -66.74
C VAL G 133 -35.99 64.00 -67.67
N CYS G 134 -36.26 65.28 -67.91
CA CYS G 134 -37.28 65.70 -68.86
C CYS G 134 -36.98 65.15 -70.25
N THR G 135 -40.06 59.30 -70.73
CA THR G 135 -40.63 59.73 -71.99
C THR G 135 -40.72 58.56 -72.97
N GLY G 136 -40.06 57.45 -72.63
CA GLY G 136 -40.06 56.27 -73.47
C GLY G 136 -41.27 55.39 -73.23
N SER G 137 -41.09 54.08 -73.45
CA SER G 137 -42.14 53.11 -73.19
C SER G 137 -42.10 52.60 -71.76
N SER G 138 -40.95 52.66 -71.10
CA SER G 138 -40.81 52.28 -69.70
C SER G 138 -39.99 53.34 -68.99
N VAL G 139 -40.05 53.32 -67.66
CA VAL G 139 -39.40 54.31 -66.83
C VAL G 139 -38.66 53.59 -65.71
N THR G 140 -37.58 54.22 -65.21
CA THR G 140 -36.76 53.67 -64.15
C THR G 140 -36.51 54.73 -63.10
N LEU G 141 -36.73 54.39 -61.84
CA LEU G 141 -36.47 55.26 -60.71
C LEU G 141 -35.31 54.71 -59.88
N GLY G 142 -34.84 55.52 -58.93
CA GLY G 142 -33.68 55.14 -58.14
C GLY G 142 -33.75 55.68 -56.73
N CYS G 143 -32.90 55.12 -55.88
CA CYS G 143 -32.83 55.50 -54.47
C CYS G 143 -31.40 55.36 -54.00
N LEU G 144 -30.81 56.47 -53.56
CA LEU G 144 -29.41 56.51 -53.14
C LEU G 144 -29.31 56.56 -51.63
N VAL G 145 -28.49 55.67 -51.07
CA VAL G 145 -28.27 55.56 -49.63
C VAL G 145 -26.78 55.78 -49.40
N LYS G 146 -26.41 56.95 -48.91
CA LYS G 146 -25.01 57.36 -48.85
C LYS G 146 -24.62 57.75 -47.44
N GLY G 147 -23.42 57.35 -47.03
CA GLY G 147 -22.84 57.76 -45.77
C GLY G 147 -23.43 57.11 -44.53
N TYR G 148 -23.26 55.80 -44.39
CA TYR G 148 -23.74 55.08 -43.23
C TYR G 148 -22.70 54.07 -42.78
N PHE G 149 -22.79 53.70 -41.49
CA PHE G 149 -21.90 52.73 -40.88
C PHE G 149 -22.47 52.30 -39.54
N PRO G 150 -22.41 51.01 -39.19
CA PRO G 150 -21.90 49.95 -40.06
C PRO G 150 -23.00 49.31 -40.90
N GLU G 151 -22.68 48.21 -41.56
CA GLU G 151 -23.64 47.46 -42.35
C GLU G 151 -24.47 46.54 -41.46
N PRO G 152 -25.62 46.05 -41.95
CA PRO G 152 -26.24 46.32 -43.25
C PRO G 152 -27.46 47.25 -43.19
N VAL G 153 -28.06 47.48 -44.36
CA VAL G 153 -29.29 48.23 -44.48
C VAL G 153 -30.24 47.44 -45.38
N THR G 154 -31.53 47.50 -45.06
CA THR G 154 -32.56 46.80 -45.81
C THR G 154 -33.39 47.84 -46.57
N LEU G 155 -33.40 47.72 -47.90
CA LEU G 155 -34.13 48.63 -48.76
C LEU G 155 -35.30 47.90 -49.40
N THR G 156 -36.47 48.53 -49.39
CA THR G 156 -37.67 47.99 -50.01
C THR G 156 -38.45 49.13 -50.65
N TRP G 157 -39.21 48.80 -51.70
CA TRP G 157 -40.07 49.75 -52.37
C TRP G 157 -41.51 49.50 -51.98
N ASN G 158 -42.22 50.56 -51.58
CA ASN G 158 -43.62 50.48 -51.16
C ASN G 158 -43.81 49.47 -50.03
N SER G 159 -42.84 49.43 -49.11
CA SER G 159 -42.88 48.54 -47.95
C SER G 159 -42.98 47.08 -48.37
N GLY G 160 -42.20 46.70 -49.37
CA GLY G 160 -42.18 45.33 -49.84
C GLY G 160 -43.25 44.98 -50.87
N SER G 161 -44.08 45.94 -51.26
CA SER G 161 -45.12 45.66 -52.25
C SER G 161 -44.51 45.44 -53.63
N LEU G 162 -43.67 46.37 -54.08
CA LEU G 162 -43.04 46.29 -55.39
C LEU G 162 -41.72 45.55 -55.24
N SER G 163 -41.73 44.24 -55.50
CA SER G 163 -40.53 43.41 -55.42
C SER G 163 -39.96 43.05 -56.78
N SER G 164 -40.81 42.72 -57.75
CA SER G 164 -40.35 42.33 -59.07
C SER G 164 -39.90 43.54 -59.87
N GLY G 165 -38.82 43.37 -60.64
CA GLY G 165 -38.27 44.46 -61.43
C GLY G 165 -37.38 45.41 -60.65
N VAL G 166 -36.79 44.96 -59.54
CA VAL G 166 -36.00 45.79 -58.66
C VAL G 166 -34.56 45.28 -58.64
N HIS G 167 -33.61 46.19 -58.58
CA HIS G 167 -32.19 45.87 -58.49
C HIS G 167 -31.56 46.67 -57.36
N THR G 168 -31.20 45.99 -56.28
CA THR G 168 -30.46 46.59 -55.17
C THR G 168 -29.01 46.16 -55.27
N PHE G 169 -28.09 47.13 -55.32
CA PHE G 169 -26.68 46.85 -55.55
C PHE G 169 -25.94 46.68 -54.24
N PRO G 170 -24.86 45.89 -54.24
CA PRO G 170 -24.05 45.73 -53.03
C PRO G 170 -23.43 47.05 -52.59
N ALA G 171 -23.26 47.20 -51.29
CA ALA G 171 -22.70 48.42 -50.75
C ALA G 171 -21.21 48.52 -51.06
N VAL G 172 -20.72 49.76 -51.15
CA VAL G 172 -19.32 50.04 -51.41
C VAL G 172 -18.80 50.94 -50.30
N LEU G 173 -17.58 50.64 -49.83
CA LEU G 173 -16.98 51.38 -48.71
C LEU G 173 -16.21 52.57 -49.26
N GLN G 174 -16.79 53.77 -49.13
CA GLN G 174 -16.16 55.00 -49.58
C GLN G 174 -15.68 55.77 -48.35
N SER G 175 -14.40 55.59 -48.02
CA SER G 175 -13.74 56.28 -46.91
C SER G 175 -14.52 56.10 -45.60
N ASP G 176 -14.45 54.88 -45.10
CA ASP G 176 -14.98 54.47 -43.80
C ASP G 176 -16.50 54.62 -43.69
N LEU G 177 -17.19 54.86 -44.81
CA LEU G 177 -18.65 54.94 -44.81
C LEU G 177 -19.18 54.25 -46.06
N TYR G 178 -20.27 53.52 -45.92
CA TYR G 178 -20.81 52.72 -47.00
C TYR G 178 -21.81 53.52 -47.84
N THR G 179 -21.96 53.09 -49.09
CA THR G 179 -22.91 53.69 -50.03
C THR G 179 -23.63 52.58 -50.76
N LEU G 180 -24.95 52.74 -50.92
CA LEU G 180 -25.78 51.72 -51.54
C LEU G 180 -26.83 52.41 -52.42
N SER G 181 -27.14 51.79 -53.56
CA SER G 181 -28.12 52.31 -54.50
C SER G 181 -29.07 51.20 -54.92
N SER G 182 -30.22 51.60 -55.45
CA SER G 182 -31.25 50.65 -55.87
C SER G 182 -32.07 51.28 -57.00
N SER G 183 -32.54 50.43 -57.90
CA SER G 183 -33.32 50.86 -59.05
C SER G 183 -34.61 50.05 -59.13
N VAL G 184 -35.48 50.45 -60.05
CA VAL G 184 -36.77 49.79 -60.26
C VAL G 184 -37.35 50.28 -61.59
N THR G 185 -37.97 49.37 -62.34
CA THR G 185 -38.49 49.66 -63.67
C THR G 185 -39.96 49.28 -63.75
N VAL G 186 -40.77 50.19 -64.30
CA VAL G 186 -42.19 49.97 -64.55
C VAL G 186 -42.53 50.59 -65.91
N THR G 187 -43.81 50.51 -66.29
CA THR G 187 -44.27 51.11 -67.53
C THR G 187 -44.43 52.61 -67.36
N SER G 188 -44.48 53.31 -68.50
CA SER G 188 -44.58 54.76 -68.49
C SER G 188 -45.91 55.26 -67.96
N SER G 189 -46.94 54.41 -67.92
CA SER G 189 -48.24 54.78 -67.39
C SER G 189 -48.38 54.52 -65.90
N THR G 190 -47.46 53.74 -65.31
CA THR G 190 -47.53 53.46 -63.88
C THR G 190 -47.05 54.65 -63.06
N TRP G 191 -46.05 55.38 -63.55
CA TRP G 191 -45.48 56.50 -62.85
C TRP G 191 -45.51 57.73 -63.74
N PRO G 192 -45.75 58.93 -63.19
CA PRO G 192 -45.98 59.22 -61.76
C PRO G 192 -47.44 59.06 -61.35
N SER G 193 -48.26 58.44 -62.19
CA SER G 193 -49.67 58.27 -61.89
C SER G 193 -49.90 57.53 -60.58
N GLN G 194 -48.94 56.73 -60.13
CA GLN G 194 -49.02 56.00 -58.87
C GLN G 194 -47.81 56.34 -58.01
N SER G 195 -48.04 56.47 -56.70
CA SER G 195 -46.98 56.87 -55.79
C SER G 195 -46.01 55.72 -55.55
N ILE G 196 -44.72 56.06 -55.47
CA ILE G 196 -43.66 55.09 -55.23
C ILE G 196 -42.69 55.70 -54.21
N THR G 197 -42.46 54.99 -53.11
CA THR G 197 -41.61 55.45 -52.03
C THR G 197 -40.49 54.45 -51.78
N CYS G 198 -39.30 54.97 -51.46
CA CYS G 198 -38.14 54.16 -51.12
C CYS G 198 -38.02 54.04 -49.61
N ASN G 199 -38.11 52.82 -49.10
CA ASN G 199 -38.04 52.55 -47.67
C ASN G 199 -36.66 51.98 -47.33
N VAL G 200 -35.91 52.71 -46.50
CA VAL G 200 -34.57 52.30 -46.07
C VAL G 200 -34.57 52.19 -44.56
N ALA G 201 -33.95 51.13 -44.05
CA ALA G 201 -33.88 50.87 -42.61
C ALA G 201 -32.45 50.65 -42.20
N HIS G 202 -32.03 51.33 -41.12
CA HIS G 202 -30.69 51.20 -40.56
C HIS G 202 -30.83 50.91 -39.08
N PRO G 203 -30.86 49.62 -38.70
CA PRO G 203 -31.11 49.28 -37.29
C PRO G 203 -30.08 49.83 -36.32
N ALA G 204 -28.86 50.08 -36.77
CA ALA G 204 -27.81 50.55 -35.86
C ALA G 204 -28.18 51.89 -35.24
N SER G 205 -28.61 52.84 -36.06
CA SER G 205 -29.04 54.15 -35.59
C SER G 205 -30.53 54.23 -35.34
N SER G 206 -31.27 53.14 -35.55
CA SER G 206 -32.71 53.07 -35.32
C SER G 206 -33.45 54.13 -36.15
N THR G 207 -33.35 53.96 -37.47
CA THR G 207 -33.99 54.88 -38.41
C THR G 207 -34.57 54.09 -39.58
N LYS G 208 -35.85 54.34 -39.87
CA LYS G 208 -36.48 53.78 -41.07
C LYS G 208 -37.01 54.91 -41.95
N VAL G 209 -36.09 55.75 -42.46
CA VAL G 209 -36.47 56.89 -43.27
C VAL G 209 -37.03 56.43 -44.61
N ASP G 210 -37.93 57.23 -45.18
CA ASP G 210 -38.55 56.91 -46.46
C ASP G 210 -38.79 58.18 -47.25
N LYS G 211 -38.43 58.16 -48.53
CA LYS G 211 -38.58 59.31 -49.43
C LYS G 211 -39.43 58.92 -50.62
N LYS G 212 -40.38 59.78 -50.98
CA LYS G 212 -41.18 59.60 -52.18
C LYS G 212 -40.47 60.21 -53.38
N ILE G 213 -40.61 59.57 -54.54
CA ILE G 213 -39.97 60.02 -55.78
C ILE G 213 -40.86 61.06 -56.44
N GLU G 214 -40.26 62.20 -56.80
CA GLU G 214 -41.02 63.30 -57.39
C GLU G 214 -40.43 63.69 -58.75
N PRO G 215 -41.28 63.99 -59.73
CA PRO G 215 -40.77 64.40 -61.05
C PRO G 215 -40.06 65.74 -61.01
N ARG G 216 -39.56 66.17 -62.17
CA ARG G 216 -38.86 67.45 -62.28
C ARG G 216 -39.60 68.39 -63.21
N ASP H 1 6.65 27.81 -50.11
CA ASP H 1 5.21 27.66 -50.32
C ASP H 1 4.91 27.15 -51.73
N ILE H 2 3.83 26.39 -51.87
CA ILE H 2 3.42 25.81 -53.14
C ILE H 2 2.33 26.68 -53.74
N LEU H 3 2.52 27.09 -54.99
CA LEU H 3 1.54 27.91 -55.70
C LEU H 3 0.54 27.02 -56.42
N MET H 4 -0.74 27.38 -56.35
CA MET H 4 -1.82 26.64 -56.97
C MET H 4 -2.44 27.50 -58.07
N THR H 5 -2.14 27.17 -59.32
CA THR H 5 -2.69 27.88 -60.47
C THR H 5 -3.93 27.15 -60.94
N GLN H 6 -5.10 27.73 -60.65
CA GLN H 6 -6.39 27.14 -61.00
C GLN H 6 -6.97 27.86 -62.20
N SER H 7 -7.29 27.11 -63.25
CA SER H 7 -7.82 27.67 -64.48
C SER H 7 -9.10 26.94 -64.88
N PRO H 8 -10.08 27.64 -65.46
CA PRO H 8 -10.05 29.10 -65.67
C PRO H 8 -10.68 29.88 -64.52
N SER H 9 -10.63 31.21 -64.60
CA SER H 9 -11.24 32.03 -63.56
C SER H 9 -12.77 31.93 -63.59
N SER H 10 -13.34 31.70 -64.77
CA SER H 10 -14.78 31.62 -64.91
C SER H 10 -15.11 30.92 -66.23
N MET H 11 -16.34 30.42 -66.30
CA MET H 11 -16.85 29.80 -67.52
C MET H 11 -18.37 29.88 -67.51
N SER H 12 -18.94 30.21 -68.66
CA SER H 12 -20.38 30.32 -68.82
C SER H 12 -20.88 29.07 -69.56
N VAL H 13 -21.66 28.25 -68.85
CA VAL H 13 -22.09 26.95 -69.35
C VAL H 13 -23.57 26.78 -69.03
N SER H 14 -24.17 25.77 -69.67
CA SER H 14 -25.58 25.48 -69.53
C SER H 14 -25.78 24.17 -68.80
N LEU H 15 -27.04 23.89 -68.46
CA LEU H 15 -27.38 22.66 -67.76
C LEU H 15 -27.12 21.44 -68.65
N GLY H 16 -26.76 20.34 -68.01
CA GLY H 16 -26.46 19.10 -68.72
C GLY H 16 -25.06 19.01 -69.29
N ASP H 17 -24.29 20.11 -69.29
CA ASP H 17 -22.94 20.08 -69.83
C ASP H 17 -22.00 19.33 -68.89
N THR H 18 -20.87 18.91 -69.45
CA THR H 18 -19.81 18.25 -68.70
C THR H 18 -18.59 19.16 -68.74
N VAL H 19 -18.31 19.83 -67.62
CA VAL H 19 -17.22 20.79 -67.53
C VAL H 19 -16.11 20.21 -66.69
N SER H 20 -14.91 20.73 -66.91
CA SER H 20 -13.71 20.32 -66.17
C SER H 20 -12.96 21.54 -65.67
N ILE H 21 -12.27 21.39 -64.55
CA ILE H 21 -11.52 22.46 -63.92
C ILE H 21 -10.12 21.94 -63.60
N THR H 22 -9.11 22.55 -64.21
CA THR H 22 -7.73 22.17 -63.96
C THR H 22 -7.16 22.93 -62.77
N CYS H 23 -6.13 22.36 -62.15
CA CYS H 23 -5.44 22.99 -61.03
C CYS H 23 -4.00 22.51 -61.04
N HIS H 24 -3.08 23.41 -61.37
CA HIS H 24 -1.67 23.09 -61.56
C HIS H 24 -0.87 23.58 -60.36
N ALA H 25 -0.02 22.70 -59.83
CA ALA H 25 0.77 23.01 -58.64
C ALA H 25 2.20 23.37 -59.02
N SER H 26 2.86 24.11 -58.13
CA SER H 26 4.24 24.50 -58.35
C SER H 26 5.16 23.28 -58.43
N GLN H 27 4.76 22.17 -57.81
CA GLN H 27 5.55 20.94 -57.83
C GLN H 27 4.60 19.78 -57.57
N GLY H 28 5.13 18.56 -57.68
CA GLY H 28 4.31 17.38 -57.47
C GLY H 28 3.77 17.32 -56.05
N ILE H 29 2.55 16.79 -55.92
CA ILE H 29 1.86 16.75 -54.63
C ILE H 29 1.19 15.40 -54.40
N SER H 30 1.45 14.45 -55.30
CA SER H 30 1.08 13.04 -55.14
C SER H 30 -0.35 12.88 -54.62
N SER H 31 -1.28 13.47 -55.37
CA SER H 31 -2.72 13.36 -55.16
C SER H 31 -3.17 13.96 -53.83
N ASN H 32 -2.32 14.72 -53.14
CA ASN H 32 -2.70 15.34 -51.87
C ASN H 32 -3.38 16.68 -52.15
N ILE H 33 -4.60 16.57 -52.69
CA ILE H 33 -5.36 17.74 -53.12
C ILE H 33 -6.82 17.55 -52.74
N GLY H 34 -7.52 18.67 -52.53
CA GLY H 34 -8.94 18.63 -52.25
C GLY H 34 -9.66 19.74 -52.98
N TRP H 35 -10.94 19.49 -53.24
CA TRP H 35 -11.80 20.42 -53.97
C TRP H 35 -12.95 20.88 -53.08
N LEU H 36 -13.29 22.16 -53.19
CA LEU H 36 -14.26 22.78 -52.31
C LEU H 36 -15.31 23.53 -53.14
N GLN H 37 -16.52 23.64 -52.59
CA GLN H 37 -17.63 24.32 -53.22
C GLN H 37 -18.23 25.33 -52.26
N GLN H 38 -18.46 26.55 -52.72
CA GLN H 38 -19.07 27.61 -51.93
C GLN H 38 -20.26 28.17 -52.71
N LYS H 39 -21.46 27.72 -52.36
CA LYS H 39 -22.65 28.23 -53.02
C LYS H 39 -22.78 29.73 -52.77
N PRO H 40 -23.32 30.49 -53.72
CA PRO H 40 -23.33 31.95 -53.59
C PRO H 40 -23.94 32.41 -52.28
N GLY H 41 -23.18 33.22 -51.55
CA GLY H 41 -23.65 33.76 -50.28
C GLY H 41 -23.75 32.75 -49.15
N LYS H 42 -23.11 31.61 -49.30
CA LYS H 42 -23.11 30.57 -48.29
C LYS H 42 -21.67 30.21 -47.93
N SER H 43 -21.51 29.15 -47.14
CA SER H 43 -20.20 28.71 -46.68
C SER H 43 -19.68 27.60 -47.58
N PHE H 44 -18.63 26.92 -47.14
CA PHE H 44 -17.94 25.94 -47.96
C PHE H 44 -18.45 24.53 -47.69
N MET H 45 -18.26 23.68 -48.69
CA MET H 45 -18.63 22.27 -48.62
C MET H 45 -17.52 21.44 -49.25
N GLY H 46 -17.19 20.32 -48.62
CA GLY H 46 -16.14 19.46 -49.13
C GLY H 46 -16.65 18.59 -50.27
N LEU H 47 -15.88 18.55 -51.36
CA LEU H 47 -16.20 17.73 -52.52
C LEU H 47 -15.27 16.52 -52.63
N ILE H 48 -13.97 16.75 -52.75
CA ILE H 48 -12.99 15.70 -52.97
C ILE H 48 -11.88 15.81 -51.93
N TYR H 49 -11.35 14.67 -51.53
CA TYR H 49 -10.14 14.60 -50.74
C TYR H 49 -9.24 13.51 -51.30
N TYR H 50 -7.93 13.67 -51.08
CA TYR H 50 -6.91 12.80 -51.66
C TYR H 50 -7.13 12.60 -53.16
N GLY H 51 -7.42 13.68 -53.86
CA GLY H 51 -7.49 13.63 -55.32
C GLY H 51 -8.71 13.02 -55.99
N THR H 52 -9.11 11.83 -55.57
CA THR H 52 -10.16 11.09 -56.26
C THR H 52 -11.33 10.68 -55.38
N ASN H 53 -11.20 10.76 -54.06
CA ASN H 53 -12.24 10.26 -53.16
C ASN H 53 -13.27 11.34 -52.87
N LEU H 54 -14.54 10.97 -52.94
CA LEU H 54 -15.64 11.90 -52.72
C LEU H 54 -15.97 12.00 -51.24
N VAL H 55 -16.36 13.20 -50.82
CA VAL H 55 -16.83 13.41 -49.46
C VAL H 55 -18.24 12.83 -49.33
N ASP H 56 -18.52 12.22 -48.17
CA ASP H 56 -19.82 11.60 -47.94
C ASP H 56 -20.95 12.59 -48.16
N GLY H 57 -21.91 12.19 -48.99
CA GLY H 57 -23.05 13.02 -49.33
C GLY H 57 -22.94 13.74 -50.66
N VAL H 58 -21.77 13.74 -51.28
CA VAL H 58 -21.58 14.47 -52.54
C VAL H 58 -22.07 13.58 -53.68
N PRO H 59 -22.88 14.11 -54.59
CA PRO H 59 -23.37 13.29 -55.71
C PRO H 59 -22.23 12.75 -56.56
N SER H 60 -22.50 11.61 -57.22
CA SER H 60 -21.48 10.91 -57.99
C SER H 60 -21.13 11.60 -59.29
N ARG H 61 -21.88 12.64 -59.70
CA ARG H 61 -21.53 13.37 -60.91
C ARG H 61 -20.23 14.15 -60.76
N PHE H 62 -19.77 14.36 -59.54
CA PHE H 62 -18.45 14.94 -59.30
C PHE H 62 -17.39 13.84 -59.34
N SER H 63 -16.20 14.22 -59.81
CA SER H 63 -15.09 13.28 -59.90
C SER H 63 -13.79 14.04 -60.03
N GLY H 64 -12.80 13.68 -59.22
CA GLY H 64 -11.48 14.25 -59.31
C GLY H 64 -10.50 13.27 -59.95
N SER H 65 -9.51 13.83 -60.66
CA SER H 65 -8.54 13.01 -61.36
C SER H 65 -7.24 13.79 -61.49
N GLY H 66 -6.23 13.13 -62.01
CA GLY H 66 -4.93 13.72 -62.23
C GLY H 66 -3.87 13.14 -61.30
N SER H 67 -2.63 13.49 -61.61
CA SER H 67 -1.48 13.03 -60.83
C SER H 67 -0.34 14.01 -61.05
N GLY H 68 0.72 13.83 -60.25
CA GLY H 68 1.88 14.70 -60.32
C GLY H 68 1.59 16.11 -59.88
N ALA H 69 1.53 17.05 -60.83
CA ALA H 69 1.22 18.44 -60.52
C ALA H 69 0.04 18.99 -61.32
N ASP H 70 -0.77 18.13 -61.94
CA ASP H 70 -1.88 18.55 -62.78
C ASP H 70 -3.10 17.73 -62.39
N TYR H 71 -4.18 18.42 -62.02
CA TYR H 71 -5.37 17.76 -61.50
C TYR H 71 -6.61 18.41 -62.07
N SER H 72 -7.71 17.66 -62.10
CA SER H 72 -8.92 18.11 -62.76
C SER H 72 -10.15 17.66 -61.97
N LEU H 73 -11.08 18.59 -61.77
CA LEU H 73 -12.40 18.29 -61.21
C LEU H 73 -13.42 18.36 -62.33
N THR H 74 -14.23 17.30 -62.47
CA THR H 74 -15.16 17.17 -63.58
C THR H 74 -16.58 16.97 -63.04
N ILE H 75 -17.52 17.73 -63.57
CA ILE H 75 -18.93 17.63 -63.21
C ILE H 75 -19.69 17.17 -64.46
N SER H 76 -20.30 15.99 -64.38
CA SER H 76 -21.10 15.46 -65.48
C SER H 76 -22.56 15.86 -65.29
N SER H 77 -23.17 16.37 -66.36
CA SER H 77 -24.56 16.82 -66.34
C SER H 77 -24.79 17.85 -65.25
N LEU H 78 -24.47 19.11 -65.54
CA LEU H 78 -24.54 20.16 -64.54
C LEU H 78 -25.97 20.35 -64.03
N ASP H 79 -26.09 20.60 -62.74
CA ASP H 79 -27.36 20.82 -62.07
C ASP H 79 -27.47 22.26 -61.61
N SER H 80 -28.70 22.65 -61.26
CA SER H 80 -28.99 24.04 -60.89
C SER H 80 -28.13 24.49 -59.71
N GLU H 81 -27.95 23.63 -58.71
CA GLU H 81 -27.17 24.01 -57.53
C GLU H 81 -25.67 24.07 -57.81
N ASP H 82 -25.21 23.45 -58.90
CA ASP H 82 -23.78 23.39 -59.19
C ASP H 82 -23.19 24.75 -59.57
N PHE H 83 -24.02 25.73 -59.92
CA PHE H 83 -23.52 27.06 -60.27
C PHE H 83 -23.04 27.77 -59.01
N ALA H 84 -21.74 27.70 -58.74
CA ALA H 84 -21.15 28.28 -57.54
C ALA H 84 -19.65 28.41 -57.76
N ASP H 85 -18.93 28.71 -56.68
CA ASP H 85 -17.48 28.82 -56.73
C ASP H 85 -16.83 27.49 -56.37
N TYR H 86 -15.67 27.23 -56.97
CA TYR H 86 -14.93 26.00 -56.75
C TYR H 86 -13.46 26.32 -56.56
N TYR H 87 -12.86 25.77 -55.50
CA TYR H 87 -11.47 26.03 -55.15
C TYR H 87 -10.74 24.71 -54.94
N CYS H 88 -9.47 24.67 -55.35
CA CYS H 88 -8.59 23.54 -55.07
C CYS H 88 -7.62 23.92 -53.96
N VAL H 89 -7.31 22.96 -53.09
CA VAL H 89 -6.40 23.15 -51.97
C VAL H 89 -5.43 21.99 -51.93
N GLN H 90 -4.15 22.29 -51.72
CA GLN H 90 -3.13 21.28 -51.56
C GLN H 90 -2.69 21.22 -50.11
N TYR H 91 -2.42 20.01 -49.63
CA TYR H 91 -1.90 19.81 -48.29
C TYR H 91 -0.70 18.86 -48.29
N ALA H 92 0.02 18.80 -49.41
CA ALA H 92 1.25 18.02 -49.44
C ALA H 92 2.34 18.67 -48.59
N GLN H 93 2.36 20.00 -48.53
CA GLN H 93 3.32 20.74 -47.72
C GLN H 93 2.63 21.83 -46.92
N LEU H 94 3.20 22.15 -45.78
CA LEU H 94 2.77 23.31 -45.01
C LEU H 94 3.57 24.54 -45.43
N PRO H 95 2.94 25.71 -45.55
CA PRO H 95 1.51 25.95 -45.29
C PRO H 95 0.60 25.45 -46.41
N TYR H 96 -0.64 25.11 -46.07
CA TYR H 96 -1.63 24.79 -47.09
C TYR H 96 -1.86 26.02 -47.96
N THR H 97 -2.13 25.79 -49.24
CA THR H 97 -2.36 26.88 -50.18
C THR H 97 -3.56 26.53 -51.05
N PHE H 98 -4.25 27.58 -51.51
CA PHE H 98 -5.48 27.44 -52.27
C PHE H 98 -5.30 27.95 -53.69
N GLY H 99 -6.18 27.48 -54.58
CA GLY H 99 -6.20 27.98 -55.94
C GLY H 99 -7.01 29.24 -56.08
N GLY H 100 -6.81 29.93 -57.19
CA GLY H 100 -7.49 31.20 -57.42
C GLY H 100 -9.01 31.09 -57.38
N GLY H 101 -9.54 29.95 -57.77
CA GLY H 101 -10.98 29.75 -57.73
C GLY H 101 -11.60 29.84 -59.11
N THR H 102 -12.69 29.11 -59.30
CA THR H 102 -13.43 29.09 -60.55
C THR H 102 -14.90 29.37 -60.26
N LYS H 103 -15.50 30.25 -61.05
CA LYS H 103 -16.90 30.63 -60.89
C LYS H 103 -17.69 30.11 -62.08
N LEU H 104 -18.73 29.33 -61.82
CA LEU H 104 -19.60 28.78 -62.85
C LEU H 104 -20.81 29.68 -63.02
N GLU H 105 -20.99 30.22 -64.22
CA GLU H 105 -22.07 31.14 -64.53
C GLU H 105 -22.99 30.54 -65.58
N ILE H 106 -24.22 31.03 -65.60
CA ILE H 106 -25.24 30.53 -66.52
C ILE H 106 -25.08 31.23 -67.85
N LYS H 107 -25.05 30.45 -68.94
CA LYS H 107 -24.93 31.01 -70.28
C LYS H 107 -26.31 31.32 -70.84
N ARG H 108 -26.39 32.40 -71.61
CA ARG H 108 -27.63 32.82 -72.24
C ARG H 108 -27.29 33.72 -73.44
N ALA H 109 -28.32 34.16 -74.13
CA ALA H 109 -28.14 35.04 -75.28
C ALA H 109 -27.65 36.41 -74.83
N ASP H 110 -26.80 37.02 -75.65
CA ASP H 110 -26.27 38.34 -75.33
C ASP H 110 -27.40 39.36 -75.25
N ALA H 111 -27.20 40.38 -74.41
CA ALA H 111 -28.20 41.42 -74.20
C ALA H 111 -27.50 42.74 -73.93
N ALA H 112 -27.95 43.79 -74.62
CA ALA H 112 -27.38 45.11 -74.44
C ALA H 112 -27.89 45.74 -73.14
N PRO H 113 -27.11 46.64 -72.53
CA PRO H 113 -27.54 47.24 -71.27
C PRO H 113 -28.66 48.25 -71.49
N THR H 114 -29.35 48.55 -70.39
CA THR H 114 -30.43 49.55 -70.36
C THR H 114 -29.95 50.69 -69.47
N VAL H 115 -29.33 51.70 -70.08
CA VAL H 115 -28.70 52.78 -69.33
C VAL H 115 -29.76 53.83 -68.98
N SER H 116 -29.55 54.50 -67.84
CA SER H 116 -30.41 55.59 -67.41
C SER H 116 -29.64 56.44 -66.40
N ILE H 117 -29.56 57.75 -66.65
CA ILE H 117 -28.77 58.66 -65.83
C ILE H 117 -29.71 59.45 -64.93
N PHE H 118 -29.22 59.81 -63.75
CA PHE H 118 -30.02 60.49 -62.74
C PHE H 118 -29.23 61.65 -62.14
N PRO H 119 -29.71 62.88 -62.28
CA PRO H 119 -29.01 64.03 -61.69
C PRO H 119 -29.10 64.01 -60.17
N PRO H 120 -28.38 64.89 -59.48
CA PRO H 120 -28.50 64.94 -58.02
C PRO H 120 -29.91 65.32 -57.58
N SER H 121 -30.22 64.99 -56.33
CA SER H 121 -31.53 65.24 -55.77
C SER H 121 -31.57 66.61 -55.09
N SER H 122 -32.80 67.05 -54.79
CA SER H 122 -32.98 68.31 -54.07
C SER H 122 -32.37 68.21 -52.67
N GLU H 123 -32.68 67.13 -51.94
CA GLU H 123 -32.17 66.99 -50.58
C GLU H 123 -30.65 66.96 -50.54
N GLN H 124 -30.01 66.42 -51.59
CA GLN H 124 -28.55 66.31 -51.59
C GLN H 124 -27.89 67.62 -52.00
N LEU H 125 -28.42 68.27 -53.04
CA LEU H 125 -27.81 69.51 -53.52
C LEU H 125 -27.79 70.58 -52.44
N THR H 126 -28.81 70.63 -51.60
CA THR H 126 -28.87 71.63 -50.53
C THR H 126 -27.95 71.30 -49.35
N SER H 127 -27.25 70.16 -49.38
CA SER H 127 -26.35 69.76 -48.31
C SER H 127 -24.89 69.97 -48.67
N GLY H 128 -24.59 70.66 -49.77
CA GLY H 128 -23.22 70.90 -50.17
C GLY H 128 -22.57 69.78 -50.95
N GLY H 129 -23.35 68.80 -51.41
CA GLY H 129 -22.79 67.71 -52.21
C GLY H 129 -23.68 67.42 -53.39
N ALA H 130 -23.13 66.63 -54.32
CA ALA H 130 -23.84 66.29 -55.55
C ALA H 130 -23.35 64.95 -56.06
N SER H 131 -24.28 64.08 -56.45
CA SER H 131 -23.95 62.75 -56.95
C SER H 131 -24.79 62.46 -58.18
N VAL H 132 -24.12 62.06 -59.27
CA VAL H 132 -24.79 61.62 -60.49
C VAL H 132 -24.72 60.10 -60.56
N VAL H 133 -25.87 59.46 -60.79
CA VAL H 133 -25.97 58.01 -60.80
C VAL H 133 -26.27 57.56 -62.24
N CYS H 134 -25.73 56.39 -62.59
CA CYS H 134 -25.87 55.83 -63.94
C CYS H 134 -26.07 54.33 -63.79
N PHE H 135 -27.31 53.88 -63.94
CA PHE H 135 -27.66 52.46 -63.83
C PHE H 135 -27.54 51.77 -65.19
N LEU H 136 -26.93 50.59 -65.18
CA LEU H 136 -26.76 49.77 -66.37
C LEU H 136 -27.31 48.38 -66.04
N ASN H 137 -28.56 48.13 -66.44
CA ASN H 137 -29.33 46.99 -65.96
C ASN H 137 -29.48 45.92 -67.04
N ASN H 138 -29.40 44.66 -66.60
CA ASN H 138 -29.74 43.49 -67.41
C ASN H 138 -28.95 43.42 -68.71
N PHE H 139 -27.76 42.84 -68.67
CA PHE H 139 -26.94 42.68 -69.86
C PHE H 139 -26.14 41.38 -69.74
N TYR H 140 -25.55 40.98 -70.87
CA TYR H 140 -24.74 39.77 -70.94
C TYR H 140 -23.78 39.90 -72.10
N PRO H 141 -22.51 39.50 -71.95
CA PRO H 141 -21.90 38.91 -70.75
C PRO H 141 -21.61 39.93 -69.65
N LYS H 142 -20.94 39.47 -68.59
CA LYS H 142 -20.61 40.35 -67.47
C LYS H 142 -19.62 41.46 -67.86
N ASP H 143 -18.85 41.25 -68.92
CA ASP H 143 -17.86 42.24 -69.34
C ASP H 143 -18.55 43.53 -69.78
N ILE H 144 -18.14 44.64 -69.17
CA ILE H 144 -18.74 45.94 -69.45
C ILE H 144 -17.80 47.02 -68.94
N ASN H 145 -17.90 48.21 -69.52
CA ASN H 145 -17.05 49.34 -69.16
C ASN H 145 -17.88 50.62 -69.15
N VAL H 146 -17.65 51.45 -68.15
CA VAL H 146 -18.37 52.72 -67.98
C VAL H 146 -17.35 53.85 -67.95
N LYS H 147 -17.69 54.98 -68.57
CA LYS H 147 -16.84 56.15 -68.62
C LYS H 147 -17.69 57.40 -68.40
N TRP H 148 -17.25 58.26 -67.50
CA TRP H 148 -17.94 59.52 -67.22
C TRP H 148 -17.30 60.66 -68.01
N LYS H 149 -18.11 61.66 -68.34
CA LYS H 149 -17.65 62.81 -69.12
C LYS H 149 -18.32 64.07 -68.60
N ILE H 150 -17.49 65.01 -68.15
CA ILE H 150 -17.94 66.33 -67.71
C ILE H 150 -17.59 67.32 -68.82
N ASP H 151 -18.62 67.92 -69.43
CA ASP H 151 -18.45 68.82 -70.58
C ASP H 151 -17.68 68.15 -71.71
N GLY H 152 -17.87 66.84 -71.89
CA GLY H 152 -17.21 66.07 -72.92
C GLY H 152 -15.89 65.47 -72.50
N SER H 153 -15.19 66.06 -71.53
CA SER H 153 -13.90 65.57 -71.09
C SER H 153 -14.08 64.47 -70.04
N GLU H 154 -13.25 63.43 -70.15
CA GLU H 154 -13.35 62.28 -69.27
C GLU H 154 -13.08 62.67 -67.82
N ARG H 155 -13.70 61.94 -66.89
CA ARG H 155 -13.50 62.13 -65.46
C ARG H 155 -13.30 60.76 -64.82
N GLN H 156 -12.23 60.63 -64.04
CA GLN H 156 -11.89 59.37 -63.39
C GLN H 156 -11.93 59.41 -61.87
N ASN H 157 -11.84 60.59 -61.26
CA ASN H 157 -11.73 60.71 -59.81
C ASN H 157 -13.11 60.90 -59.19
N GLY H 158 -13.40 60.14 -58.14
CA GLY H 158 -14.68 60.24 -57.46
C GLY H 158 -15.75 59.31 -57.96
N VAL H 159 -15.39 58.21 -58.62
CA VAL H 159 -16.35 57.26 -59.18
C VAL H 159 -16.43 56.04 -58.29
N LEU H 160 -17.65 55.56 -58.04
CA LEU H 160 -17.90 54.41 -57.19
C LEU H 160 -18.79 53.43 -57.94
N ASN H 161 -18.22 52.30 -58.34
CA ASN H 161 -18.92 51.29 -59.11
C ASN H 161 -19.36 50.13 -58.22
N SER H 162 -20.39 49.43 -58.66
CA SER H 162 -20.93 48.29 -57.93
C SER H 162 -21.68 47.39 -58.89
N TRP H 163 -21.35 46.10 -58.88
CA TRP H 163 -21.96 45.11 -59.74
C TRP H 163 -22.79 44.14 -58.92
N THR H 164 -23.73 43.48 -59.58
CA THR H 164 -24.60 42.49 -58.96
C THR H 164 -24.20 41.09 -59.40
N ASP H 165 -24.70 40.11 -58.66
CA ASP H 165 -24.56 38.71 -59.07
C ASP H 165 -25.55 38.40 -60.18
N GLN H 166 -25.28 37.31 -60.90
CA GLN H 166 -26.14 36.89 -62.00
C GLN H 166 -27.56 36.65 -61.50
N ASP H 167 -28.50 37.49 -61.95
CA ASP H 167 -29.89 37.38 -61.51
C ASP H 167 -30.43 35.98 -61.80
N SER H 168 -31.32 35.52 -60.93
CA SER H 168 -31.72 34.12 -60.96
C SER H 168 -32.72 33.84 -62.09
N LYS H 169 -33.70 34.71 -62.29
CA LYS H 169 -34.80 34.41 -63.18
C LYS H 169 -34.58 34.84 -64.63
N ASP H 170 -33.48 35.56 -64.92
CA ASP H 170 -33.17 35.89 -66.30
C ASP H 170 -31.67 35.82 -66.61
N SER H 171 -30.83 35.51 -65.63
CA SER H 171 -29.39 35.28 -65.85
C SER H 171 -28.70 36.51 -66.46
N THR H 172 -29.02 37.69 -65.92
CA THR H 172 -28.44 38.93 -66.38
C THR H 172 -27.69 39.62 -65.25
N TYR H 173 -26.78 40.51 -65.62
CA TYR H 173 -26.00 41.30 -64.68
C TYR H 173 -26.42 42.76 -64.74
N SER H 174 -26.23 43.47 -63.63
CA SER H 174 -26.53 44.90 -63.54
C SER H 174 -25.37 45.60 -62.86
N MET H 175 -25.21 46.88 -63.18
CA MET H 175 -24.10 47.67 -62.68
C MET H 175 -24.60 49.04 -62.22
N SER H 176 -23.94 49.58 -61.21
CA SER H 176 -24.23 50.91 -60.68
C SER H 176 -22.95 51.72 -60.64
N SER H 177 -23.05 53.00 -61.03
CA SER H 177 -21.92 53.92 -61.03
C SER H 177 -22.38 55.25 -60.46
N THR H 178 -21.54 55.84 -59.60
CA THR H 178 -21.90 57.06 -58.89
C THR H 178 -20.72 58.02 -58.92
N LEU H 179 -20.87 59.14 -59.62
CA LEU H 179 -19.89 60.21 -59.63
C LEU H 179 -20.27 61.22 -58.55
N THR H 180 -19.45 61.31 -57.51
CA THR H 180 -19.73 62.18 -56.37
C THR H 180 -18.86 63.42 -56.46
N LEU H 181 -19.49 64.58 -56.61
CA LEU H 181 -18.81 65.86 -56.64
C LEU H 181 -19.33 66.75 -55.52
N THR H 182 -18.61 67.84 -55.26
CA THR H 182 -19.11 68.86 -54.36
C THR H 182 -20.15 69.72 -55.08
N LYS H 183 -21.05 70.32 -54.30
CA LYS H 183 -22.02 71.23 -54.90
C LYS H 183 -21.34 72.38 -55.61
N ASP H 184 -20.18 72.82 -55.11
CA ASP H 184 -19.45 73.92 -55.73
C ASP H 184 -18.85 73.51 -57.06
N GLU H 185 -18.19 72.34 -57.10
CA GLU H 185 -17.60 71.87 -58.34
C GLU H 185 -18.65 71.43 -59.35
N TYR H 186 -19.80 70.92 -58.86
CA TYR H 186 -20.85 70.49 -59.78
C TYR H 186 -21.43 71.66 -60.57
N GLU H 187 -21.44 72.85 -59.99
CA GLU H 187 -22.00 74.03 -60.64
C GLU H 187 -20.96 74.81 -61.45
N ARG H 188 -19.79 74.22 -61.69
CA ARG H 188 -18.81 74.83 -62.60
C ARG H 188 -19.04 74.41 -64.04
N HIS H 189 -19.57 73.21 -64.26
CA HIS H 189 -19.77 72.66 -65.58
C HIS H 189 -21.26 72.48 -65.86
N ASN H 190 -21.58 72.19 -67.12
CA ASN H 190 -22.96 72.12 -67.58
C ASN H 190 -23.42 70.70 -67.90
N SER H 191 -22.69 69.98 -68.75
CA SER H 191 -23.13 68.71 -69.28
C SER H 191 -22.45 67.54 -68.56
N TYR H 192 -23.20 66.46 -68.36
CA TYR H 192 -22.72 65.26 -67.69
C TYR H 192 -23.16 64.04 -68.47
N THR H 193 -22.24 63.10 -68.68
CA THR H 193 -22.45 61.95 -69.54
C THR H 193 -21.83 60.70 -68.91
N CYS H 194 -22.49 59.55 -69.12
CA CYS H 194 -21.91 58.26 -68.77
C CYS H 194 -22.03 57.34 -69.98
N GLU H 195 -20.89 57.00 -70.59
CA GLU H 195 -20.86 56.12 -71.75
C GLU H 195 -20.63 54.68 -71.32
N ALA H 196 -21.29 53.75 -72.02
CA ALA H 196 -21.22 52.33 -71.72
C ALA H 196 -20.73 51.56 -72.94
N THR H 197 -19.69 50.77 -72.75
CA THR H 197 -19.10 49.97 -73.82
C THR H 197 -19.37 48.50 -73.57
N HIS H 198 -19.92 47.82 -74.58
CA HIS H 198 -20.25 46.41 -74.49
C HIS H 198 -19.92 45.75 -75.82
N LYS H 199 -19.69 44.43 -75.77
CA LYS H 199 -19.41 43.69 -77.00
C LYS H 199 -20.60 43.66 -77.94
N THR H 200 -21.81 43.94 -77.44
CA THR H 200 -23.00 43.95 -78.27
C THR H 200 -23.12 45.18 -79.16
N SER H 201 -22.29 46.20 -78.94
CA SER H 201 -22.36 47.43 -79.73
C SER H 201 -20.95 47.95 -79.96
N THR H 202 -20.57 48.08 -81.24
CA THR H 202 -19.31 48.72 -81.58
C THR H 202 -19.30 50.17 -81.13
N SER H 203 -20.44 50.86 -81.24
CA SER H 203 -20.57 52.24 -80.81
C SER H 203 -21.12 52.30 -79.39
N PRO H 204 -20.52 53.09 -78.50
CA PRO H 204 -20.95 53.09 -77.10
C PRO H 204 -22.37 53.62 -76.94
N ILE H 205 -23.01 53.19 -75.86
CA ILE H 205 -24.34 53.68 -75.48
C ILE H 205 -24.15 54.90 -74.59
N VAL H 206 -24.87 55.98 -74.89
CA VAL H 206 -24.67 57.28 -74.27
C VAL H 206 -25.98 57.79 -73.71
N LYS H 207 -25.93 58.40 -72.52
CA LYS H 207 -27.08 59.07 -71.94
C LYS H 207 -26.58 60.24 -71.11
N SER H 208 -26.95 61.45 -71.49
CA SER H 208 -26.48 62.68 -70.87
C SER H 208 -27.64 63.49 -70.31
N PHE H 209 -27.31 64.60 -69.65
CA PHE H 209 -28.28 65.58 -69.18
C PHE H 209 -27.53 66.87 -68.90
N ASN H 210 -28.18 67.99 -69.18
CA ASN H 210 -27.58 69.30 -68.96
C ASN H 210 -28.11 69.92 -67.67
N ARG H 211 -27.22 70.56 -66.93
CA ARG H 211 -27.60 71.25 -65.71
C ARG H 211 -28.50 72.44 -66.03
N ASN H 212 -29.44 72.73 -65.12
CA ASN H 212 -30.45 73.76 -65.27
C ASN H 212 -31.45 73.40 -66.37
N GLU H 213 -30.96 73.10 -67.58
CA GLU H 213 -31.83 72.75 -68.69
C GLU H 213 -32.62 71.48 -68.38
N CYS H 214 -33.92 71.53 -68.70
CA CYS H 214 -34.79 70.36 -68.60
C CYS H 214 -36.09 70.61 -69.37
N GLY I 3 11.38 2.15 -19.11
CA GLY I 3 12.18 1.41 -20.11
C GLY I 3 13.66 1.01 -19.80
N ASP I 4 14.57 0.65 -20.78
CA ASP I 4 15.98 0.27 -20.47
C ASP I 4 16.83 1.57 -20.15
N TRP I 5 16.63 2.33 -18.96
CA TRP I 5 17.34 3.55 -18.51
C TRP I 5 17.35 3.44 -17.00
N PRO I 6 18.37 3.90 -16.08
CA PRO I 6 18.33 3.76 -14.61
C PRO I 6 17.15 4.49 -13.99
N CYS I 7 16.77 4.35 -12.65
CA CYS I 7 15.60 5.10 -12.21
C CYS I 7 16.01 6.42 -11.52
N GLY J 3 2.29 0.16 13.36
CA GLY J 3 3.55 0.92 13.49
C GLY J 3 4.18 1.59 12.22
N ASP J 4 5.47 2.11 12.20
CA ASP J 4 6.06 2.75 10.99
C ASP J 4 6.52 1.62 9.95
N TRP J 5 5.63 1.06 8.98
CA TRP J 5 5.93 0.00 7.97
C TRP J 5 4.69 -0.11 7.09
N PRO J 6 4.62 -0.51 5.71
CA PRO J 6 3.39 -0.64 4.89
C PRO J 6 2.47 -1.77 5.38
N CYS J 7 1.45 -2.33 4.60
CA CYS J 7 0.66 -3.41 5.22
C CYS J 7 0.47 -4.63 4.28
#